data_8BUD
#
_entry.id   8BUD
#
_cell.length_a   249.626
_cell.length_b   249.626
_cell.length_c   218.222
_cell.angle_alpha   90.000
_cell.angle_beta   90.000
_cell.angle_gamma   120.000
#
_symmetry.space_group_name_H-M   'P 31 2 1'
#
loop_
_entity.id
_entity.type
_entity.pdbx_description
1 polymer 'DNA damage-binding protein 1'
2 polymer 'Cyclin-dependent kinase 12'
3 polymer Cyclin-K
4 non-polymer 'SULFATE ION'
5 non-polymer ~{N}-(5-bromanylpyridin-2-yl)-3-(4-oxidanylidenequinazolin-3-yl)propanamide
#
loop_
_entity_poly.entity_id
_entity_poly.type
_entity_poly.pdbx_seq_one_letter_code
_entity_poly.pdbx_strand_id
1 'polypeptide(L)'
;GGGRMSYNYVVTAQKPTAVNGCVTGHFTSAEDLNLLIAKNTRLEIYVVTAEGLRPVKEVGMYGKIAVMELFRPKGESKDL
LFILTAKYNACILEYKQSGESIDIITRAHGNVQDRIGRPSETGIIGIIDPECRMIGLRLYDGLFKVIPLDRDNKELKAFN
IRLEELHVIDVKFLYGCQAPTICFVYQDPQGRHVKTYEVSLREKEFNKGPWKQENVEAEASMVIAVPEPFGGAIIIGQES
ITYHNGDKYLAIAPPIIKQSTIVCHNRVDPNGSRYLLGDMEGRLFMLLLEKEEQMDGTVTLKDLRVELLGETSIAECLTY
LDNGVVFVGSRLGDSQLVKLNVDSNEQGSYVVAMETFTNLGPIVDMCVVDLERQGQGQLVTCSGAFKEGSLRIIRNGIGG
NGNSGEIQKLHIRTVPLYESPRKICYQEVSQCFGVLSSRIEVQDTSGGTTALRPSASTQALSSSVSSSKLFSSSTAPHET
SFGEEVEVHNLLIIDQHTFEVLHAHQFLQNEYALSLVSCKLGKDPNTYFIVGTAMVYPEEAEPKQGRIVVFQYSDGKLQT
VAEKEVKGAVYSMVEFNGKLLASINSTVRLYEWTTEKELRTECNHYNNIMALYLKTKGDFILVGDLMRSVLLLAYKPMEG
NFEEIARDFNPNWMSAVEILDDDNFLGAENAFNLFVCQKDSAATTDEERQHLQEVGLFHLGEFVNVFCHGSLVMQNLGET
STPTQGSVLFGTVNGMIGLVTSLSESWYNLLLDMQNRLNKVIKSVGKIEHSFWRSFHTERKTEPATGFIDGDLIESFLDI
SRPKMQEVVANLQYDDGSGMKREATADDLIKVVEELTRIH
;
A,D,G
2 'polypeptide(L)'
;GGGRRQTESDWGKRCVDKFDIIGIIGEGTYGQVYKAKDKDTGELVALKKVRLDNEKEGFPITAIREIKILRQLIHRSVVN
MKEIVTDKQDALDFKKDKGAFYLVFEYMDHDLMGLLESGLVHFSEDHIKSFMKQLMEGLEYCHKKNFLHRDIKCSNILLN
NSGQIKLADFGLARLYNSEESRPY(TPO)NKVITLWYRPPELLLGEERYTPAIDVWSCGCILGELFTKKPIFQANLELAQ
LELISRLCGSPCPAVWPDVIRLPYFNTMKPKKQYRRRLREEFSFIPSAALDLLDHMLTLDPSKRCTAEQTLQSDFLKDVE
LSKMAPPDLPHWQDCHELWSKKRRRQRQ
;
B,E,H
3 'polypeptide(L)'
;GGGRMKENKENSSPSVTSANLDHTKPCWYWDKKDLAHTPSQLEGLDPATEARYRREGARFIFDVGTRLGLHYDTLATGII
YFHRFYMFHSFKQFPRYVTGACCLFLAGKVEETPKKCKDIIKTARSLLNDVQFGQFGDDPKEEVMVLERILLQTIKFDLQ
VEHPYQFLLKYAKQLKGDKNKIQKLVQMAWTFVNDSLCTTLSLQWEPEIIAVAVMYLAGRLCKFEIQEWTSKPMYRRWWE
QFVQDVPVDVLEDICHQILDLYSQGKQQMPH
;
C,F,I
#
# COMPACT_ATOMS: atom_id res chain seq x y z
N MET A 5 -43.12 -35.77 24.89
CA MET A 5 -42.65 -35.38 26.25
C MET A 5 -41.44 -36.24 26.63
N SER A 6 -40.74 -35.87 27.69
CA SER A 6 -39.64 -36.66 28.22
C SER A 6 -39.81 -36.87 29.72
N TYR A 7 -39.18 -37.92 30.24
CA TYR A 7 -39.36 -38.36 31.62
C TYR A 7 -37.99 -38.55 32.25
N ASN A 8 -37.75 -37.83 33.35
CA ASN A 8 -36.46 -37.80 34.01
C ASN A 8 -36.63 -37.87 35.53
N TYR A 9 -35.53 -38.21 36.19
CA TYR A 9 -35.48 -38.50 37.63
C TYR A 9 -34.31 -37.74 38.23
N VAL A 10 -34.53 -37.06 39.35
CA VAL A 10 -33.50 -36.26 40.01
C VAL A 10 -33.40 -36.70 41.47
N VAL A 11 -32.20 -37.10 41.89
CA VAL A 11 -31.97 -37.57 43.26
C VAL A 11 -30.76 -36.82 43.81
N THR A 12 -30.69 -36.76 45.15
CA THR A 12 -29.64 -36.03 45.86
C THR A 12 -28.63 -37.02 46.41
N ALA A 13 -27.41 -37.01 45.84
CA ALA A 13 -26.38 -37.91 46.33
C ALA A 13 -25.79 -37.43 47.66
N GLN A 14 -25.47 -36.14 47.76
CA GLN A 14 -24.98 -35.55 49.00
C GLN A 14 -25.84 -34.34 49.32
N LYS A 15 -26.31 -34.24 50.56
CA LYS A 15 -27.17 -33.14 50.97
C LYS A 15 -26.36 -31.84 51.09
N PRO A 16 -27.05 -30.71 51.02
CA PRO A 16 -26.36 -29.42 51.17
C PRO A 16 -25.58 -29.37 52.47
N THR A 17 -24.32 -28.93 52.37
CA THR A 17 -23.41 -28.86 53.50
C THR A 17 -23.12 -27.43 53.97
N ALA A 18 -23.46 -26.43 53.17
CA ALA A 18 -23.18 -25.05 53.55
C ALA A 18 -24.14 -24.62 54.65
N VAL A 19 -23.60 -23.94 55.65
CA VAL A 19 -24.41 -23.47 56.76
C VAL A 19 -24.97 -22.10 56.38
N ASN A 20 -26.31 -22.03 56.28
CA ASN A 20 -26.97 -20.78 55.90
C ASN A 20 -27.36 -19.93 57.10
N GLY A 21 -27.51 -20.56 58.27
CA GLY A 21 -27.82 -19.83 59.49
C GLY A 21 -27.77 -20.71 60.71
N CYS A 22 -27.42 -20.13 61.85
CA CYS A 22 -27.39 -20.88 63.10
C CYS A 22 -27.93 -20.01 64.22
N VAL A 23 -28.75 -20.62 65.08
CA VAL A 23 -29.32 -19.94 66.24
C VAL A 23 -29.25 -20.90 67.43
N THR A 24 -29.26 -20.32 68.63
CA THR A 24 -29.28 -21.09 69.87
C THR A 24 -30.52 -20.75 70.67
N GLY A 25 -30.81 -21.60 71.65
CA GLY A 25 -31.97 -21.40 72.49
C GLY A 25 -32.35 -22.68 73.19
N HIS A 26 -33.62 -22.75 73.55
CA HIS A 26 -34.19 -23.83 74.37
C HIS A 26 -35.40 -24.37 73.61
N PHE A 27 -35.13 -25.08 72.53
CA PHE A 27 -36.15 -25.52 71.59
C PHE A 27 -36.68 -26.92 71.88
N THR A 28 -35.79 -27.87 72.20
CA THR A 28 -36.24 -29.24 72.43
C THR A 28 -36.81 -29.42 73.83
N SER A 29 -36.29 -28.69 74.81
CA SER A 29 -36.79 -28.71 76.17
C SER A 29 -36.46 -27.35 76.78
N ALA A 30 -37.28 -26.91 77.74
CA ALA A 30 -36.98 -25.65 78.39
C ALA A 30 -35.65 -25.70 79.13
N GLU A 31 -35.08 -26.90 79.29
CA GLU A 31 -33.88 -27.17 80.06
C GLU A 31 -32.62 -27.26 79.21
N ASP A 32 -32.67 -27.94 78.06
CA ASP A 32 -31.51 -28.12 77.22
C ASP A 32 -31.11 -26.84 76.48
N LEU A 33 -29.81 -26.69 76.25
CA LEU A 33 -29.30 -25.67 75.35
C LEU A 33 -29.20 -26.28 73.95
N ASN A 34 -29.89 -25.66 73.00
CA ASN A 34 -29.96 -26.19 71.65
C ASN A 34 -29.10 -25.36 70.71
N LEU A 35 -28.71 -25.99 69.61
CA LEU A 35 -28.09 -25.33 68.47
C LEU A 35 -28.87 -25.82 67.25
N LEU A 36 -29.57 -24.90 66.59
CA LEU A 36 -30.27 -25.20 65.34
C LEU A 36 -29.40 -24.67 64.21
N ILE A 37 -29.00 -25.56 63.32
CA ILE A 37 -28.19 -25.20 62.16
C ILE A 37 -29.05 -25.37 60.93
N ALA A 38 -29.09 -24.33 60.10
CA ALA A 38 -29.87 -24.35 58.86
C ALA A 38 -28.92 -24.52 57.67
N LYS A 39 -29.14 -25.57 56.89
CA LYS A 39 -28.57 -25.73 55.57
C LYS A 39 -29.72 -25.63 54.56
N ASN A 40 -29.38 -25.33 53.31
CA ASN A 40 -30.46 -25.08 52.36
C ASN A 40 -31.44 -26.24 52.42
N THR A 41 -32.70 -25.95 52.76
CA THR A 41 -33.81 -26.90 52.83
C THR A 41 -33.68 -27.89 53.99
N ARG A 42 -32.59 -27.87 54.75
CA ARG A 42 -32.35 -28.83 55.83
C ARG A 42 -32.19 -28.11 57.18
N LEU A 43 -32.87 -28.62 58.20
CA LEU A 43 -32.73 -28.12 59.57
C LEU A 43 -32.13 -29.21 60.45
N GLU A 44 -31.00 -28.89 61.10
CA GLU A 44 -30.32 -29.81 62.01
C GLU A 44 -30.46 -29.30 63.44
N ILE A 45 -30.90 -30.16 64.35
CA ILE A 45 -31.09 -29.80 65.75
C ILE A 45 -30.06 -30.53 66.58
N TYR A 46 -29.32 -29.79 67.41
CA TYR A 46 -28.29 -30.35 68.26
C TYR A 46 -28.55 -29.94 69.70
N VAL A 47 -27.95 -30.68 70.63
CA VAL A 47 -27.95 -30.32 72.05
C VAL A 47 -26.51 -30.12 72.51
N VAL A 48 -26.29 -29.03 73.24
CA VAL A 48 -24.95 -28.57 73.61
C VAL A 48 -24.45 -29.29 74.85
N THR A 49 -23.49 -30.19 74.68
CA THR A 49 -22.76 -30.85 75.76
C THR A 49 -21.45 -30.13 76.10
N ALA A 50 -20.75 -30.67 77.10
CA ALA A 50 -19.43 -30.15 77.46
C ALA A 50 -18.35 -30.50 76.45
N GLU A 51 -18.50 -31.60 75.71
CA GLU A 51 -17.52 -32.01 74.72
C GLU A 51 -17.78 -31.44 73.32
N GLY A 52 -19.04 -31.19 73.01
CA GLY A 52 -19.45 -30.93 71.64
C GLY A 52 -20.96 -30.98 71.54
N LEU A 53 -21.43 -31.19 70.32
CA LEU A 53 -22.85 -31.28 70.03
C LEU A 53 -23.36 -32.72 70.04
N ARG A 54 -24.55 -32.90 70.59
CA ARG A 54 -25.23 -34.19 70.48
C ARG A 54 -26.38 -34.03 69.47
N PRO A 55 -26.32 -34.66 68.29
CA PRO A 55 -27.45 -34.57 67.36
C PRO A 55 -28.68 -35.23 67.96
N VAL A 56 -29.85 -34.67 67.66
CA VAL A 56 -31.11 -35.20 68.19
C VAL A 56 -32.14 -35.38 67.08
N LYS A 57 -32.13 -34.52 66.07
CA LYS A 57 -33.16 -34.57 65.04
C LYS A 57 -32.75 -33.76 63.83
N GLU A 58 -33.11 -34.25 62.64
CA GLU A 58 -32.96 -33.50 61.40
C GLU A 58 -34.21 -33.66 60.55
N VAL A 59 -34.73 -32.54 60.05
CA VAL A 59 -35.91 -32.55 59.18
C VAL A 59 -35.58 -31.82 57.90
N GLY A 60 -36.28 -32.19 56.84
CA GLY A 60 -36.28 -31.43 55.61
C GLY A 60 -37.55 -30.61 55.50
N MET A 61 -37.45 -29.48 54.78
CA MET A 61 -38.59 -28.63 54.50
C MET A 61 -38.70 -28.43 53.00
N TYR A 62 -39.93 -28.27 52.51
CA TYR A 62 -40.14 -28.08 51.07
C TYR A 62 -40.00 -26.59 50.74
N GLY A 63 -38.78 -26.11 50.93
CA GLY A 63 -38.47 -24.70 50.76
C GLY A 63 -37.06 -24.36 51.21
N LYS A 64 -36.49 -23.28 50.64
CA LYS A 64 -35.21 -22.77 51.10
C LYS A 64 -35.44 -21.93 52.36
N ILE A 65 -34.69 -22.24 53.42
CA ILE A 65 -34.88 -21.58 54.71
C ILE A 65 -34.25 -20.18 54.63
N ALA A 66 -35.10 -19.15 54.64
CA ALA A 66 -34.66 -17.76 54.57
C ALA A 66 -34.55 -17.11 55.95
N VAL A 67 -35.55 -17.30 56.81
CA VAL A 67 -35.55 -16.75 58.16
C VAL A 67 -35.61 -17.92 59.12
N MET A 68 -34.80 -17.87 60.19
CA MET A 68 -34.85 -18.87 61.25
C MET A 68 -34.57 -18.17 62.58
N GLU A 69 -35.55 -18.20 63.48
CA GLU A 69 -35.43 -17.51 64.76
C GLU A 69 -36.20 -18.28 65.83
N LEU A 70 -35.65 -18.29 67.05
CA LEU A 70 -36.29 -18.89 68.20
C LEU A 70 -36.84 -17.81 69.12
N PHE A 71 -38.03 -18.05 69.68
CA PHE A 71 -38.68 -17.10 70.58
C PHE A 71 -39.54 -17.89 71.56
N ARG A 72 -39.87 -17.24 72.68
CA ARG A 72 -40.69 -17.89 73.71
C ARG A 72 -41.78 -16.93 74.19
N PRO A 73 -42.99 -17.04 73.65
CA PRO A 73 -44.07 -16.14 74.09
C PRO A 73 -44.56 -16.50 75.48
N LYS A 74 -45.04 -15.49 76.21
CA LYS A 74 -45.57 -15.70 77.54
C LYS A 74 -46.62 -16.81 77.51
N GLY A 75 -46.46 -17.78 78.41
CA GLY A 75 -47.33 -18.92 78.50
C GLY A 75 -46.73 -20.20 77.97
N GLU A 76 -45.67 -20.12 77.18
CA GLU A 76 -44.98 -21.30 76.67
C GLU A 76 -43.86 -21.70 77.62
N SER A 77 -43.64 -23.01 77.76
CA SER A 77 -42.55 -23.49 78.60
C SER A 77 -41.20 -23.39 77.90
N LYS A 78 -41.18 -23.43 76.58
CA LYS A 78 -39.94 -23.56 75.83
C LYS A 78 -40.05 -22.75 74.55
N ASP A 79 -38.91 -22.62 73.87
CA ASP A 79 -38.83 -21.77 72.69
C ASP A 79 -39.58 -22.38 71.51
N LEU A 80 -40.21 -21.53 70.72
CA LEU A 80 -40.81 -21.90 69.45
C LEU A 80 -39.94 -21.36 68.33
N LEU A 81 -40.08 -21.95 67.14
CA LEU A 81 -39.24 -21.62 66.00
C LEU A 81 -40.09 -21.07 64.86
N PHE A 82 -39.63 -19.96 64.28
CA PHE A 82 -40.24 -19.40 63.08
C PHE A 82 -39.29 -19.64 61.91
N ILE A 83 -39.83 -20.18 60.81
CA ILE A 83 -39.08 -20.36 59.57
C ILE A 83 -39.93 -19.78 58.46
N LEU A 84 -39.31 -18.94 57.63
CA LEU A 84 -39.92 -18.37 56.44
C LEU A 84 -39.10 -18.86 55.26
N THR A 85 -39.75 -19.44 54.27
CA THR A 85 -38.98 -19.94 53.14
C THR A 85 -38.82 -18.83 52.11
N ALA A 86 -37.91 -19.04 51.17
CA ALA A 86 -37.65 -18.04 50.15
C ALA A 86 -38.83 -17.85 49.21
N LYS A 87 -39.74 -18.83 49.14
CA LYS A 87 -40.99 -18.66 48.41
C LYS A 87 -42.10 -18.09 49.30
N TYR A 88 -41.73 -17.59 50.48
CA TYR A 88 -42.61 -16.87 51.39
C TYR A 88 -43.58 -17.81 52.12
N ASN A 89 -43.18 -19.05 52.35
CA ASN A 89 -43.93 -19.96 53.21
C ASN A 89 -43.50 -19.72 54.64
N ALA A 90 -44.43 -19.27 55.49
CA ALA A 90 -44.16 -18.99 56.90
C ALA A 90 -44.80 -20.05 57.78
N CYS A 91 -44.17 -20.29 58.93
CA CYS A 91 -44.71 -21.26 59.88
C CYS A 91 -44.06 -21.07 61.24
N ILE A 92 -44.77 -21.55 62.28
CA ILE A 92 -44.25 -21.63 63.64
C ILE A 92 -44.22 -23.11 64.03
N LEU A 93 -43.07 -23.57 64.50
CA LEU A 93 -42.84 -24.99 64.74
C LEU A 93 -42.57 -25.29 66.21
N GLU A 94 -42.98 -26.48 66.65
CA GLU A 94 -42.74 -26.94 68.00
C GLU A 94 -42.14 -28.35 68.00
N TYR A 95 -41.16 -28.55 68.88
CA TYR A 95 -40.55 -29.86 69.13
C TYR A 95 -41.37 -30.59 70.19
N LYS A 96 -41.72 -31.85 69.90
CA LYS A 96 -42.47 -32.68 70.83
C LYS A 96 -41.88 -34.09 70.80
N GLN A 97 -41.62 -34.66 71.98
CA GLN A 97 -40.97 -35.95 72.09
C GLN A 97 -41.80 -36.82 73.03
N SER A 98 -42.12 -38.03 72.58
CA SER A 98 -42.91 -38.97 73.36
C SER A 98 -42.02 -40.20 73.55
N GLY A 99 -41.20 -40.18 74.59
CA GLY A 99 -40.26 -41.28 74.74
C GLY A 99 -39.28 -41.26 73.59
N GLU A 100 -39.32 -42.33 72.80
CA GLU A 100 -38.43 -42.53 71.66
C GLU A 100 -38.93 -41.85 70.39
N SER A 101 -40.19 -41.39 70.35
CA SER A 101 -40.79 -40.82 69.15
C SER A 101 -40.59 -39.31 69.11
N ILE A 102 -39.81 -38.82 68.15
CA ILE A 102 -39.57 -37.39 67.98
C ILE A 102 -40.30 -36.92 66.72
N ASP A 103 -41.12 -35.88 66.87
CA ASP A 103 -41.84 -35.28 65.74
C ASP A 103 -41.81 -33.76 65.87
N ILE A 104 -42.08 -33.08 64.76
CA ILE A 104 -42.13 -31.61 64.70
C ILE A 104 -43.55 -31.12 64.41
N ILE A 105 -44.06 -30.27 65.30
CA ILE A 105 -45.44 -29.79 65.25
C ILE A 105 -45.50 -28.49 64.46
N THR A 106 -46.48 -28.37 63.58
CA THR A 106 -46.73 -27.14 62.84
C THR A 106 -47.82 -26.37 63.58
N ARG A 107 -47.42 -25.37 64.38
CA ARG A 107 -48.41 -24.64 65.18
C ARG A 107 -49.21 -23.66 64.34
N ALA A 108 -48.58 -23.00 63.37
CA ALA A 108 -49.26 -22.06 62.49
C ALA A 108 -48.57 -22.12 61.13
N HIS A 109 -49.31 -21.80 60.07
CA HIS A 109 -48.75 -21.84 58.73
C HIS A 109 -49.46 -20.85 57.83
N GLY A 110 -48.70 -20.33 56.87
CA GLY A 110 -49.26 -19.44 55.88
C GLY A 110 -48.20 -18.91 54.93
N ASN A 111 -48.67 -18.44 53.77
CA ASN A 111 -47.82 -17.84 52.75
C ASN A 111 -48.09 -16.34 52.74
N VAL A 112 -47.02 -15.55 52.91
CA VAL A 112 -47.16 -14.13 53.17
C VAL A 112 -46.82 -13.29 51.93
N GLN A 113 -46.82 -13.91 50.75
CA GLN A 113 -46.46 -13.21 49.53
C GLN A 113 -47.53 -12.16 49.19
N ASP A 114 -47.06 -11.00 48.72
CA ASP A 114 -47.93 -9.93 48.28
C ASP A 114 -48.09 -9.97 46.77
N ARG A 115 -49.31 -9.71 46.29
CA ARG A 115 -49.56 -9.66 44.86
C ARG A 115 -48.66 -8.64 44.17
N ILE A 116 -48.41 -7.52 44.84
CA ILE A 116 -47.60 -6.44 44.29
C ILE A 116 -46.51 -6.08 45.30
N GLY A 117 -45.27 -6.00 44.83
CA GLY A 117 -44.17 -5.58 45.69
C GLY A 117 -42.82 -5.73 45.00
N ARG A 118 -41.84 -4.89 45.37
CA ARG A 118 -40.52 -5.00 44.77
C ARG A 118 -39.59 -5.70 45.74
N PRO A 119 -39.08 -6.88 45.41
CA PRO A 119 -38.10 -7.57 46.29
C PRO A 119 -36.87 -6.70 46.57
N SER A 120 -36.48 -6.66 47.84
CA SER A 120 -35.41 -5.77 48.29
C SER A 120 -34.02 -6.29 47.94
N GLU A 121 -33.07 -5.35 47.82
CA GLU A 121 -31.70 -5.71 47.45
C GLU A 121 -31.02 -6.54 48.52
N THR A 122 -31.17 -6.15 49.79
CA THR A 122 -30.54 -6.84 50.90
C THR A 122 -31.32 -8.07 51.34
N GLY A 123 -32.30 -8.51 50.57
CA GLY A 123 -32.94 -9.79 50.81
C GLY A 123 -33.97 -9.75 51.91
N ILE A 124 -34.60 -10.91 52.11
CA ILE A 124 -35.59 -11.05 53.17
C ILE A 124 -34.93 -10.85 54.52
N ILE A 125 -35.53 -10.02 55.36
CA ILE A 125 -35.11 -9.87 56.75
C ILE A 125 -36.28 -10.22 57.65
N GLY A 126 -36.02 -11.02 58.67
CA GLY A 126 -37.03 -11.35 59.66
C GLY A 126 -36.51 -11.15 61.08
N ILE A 127 -37.28 -10.45 61.90
CA ILE A 127 -36.90 -10.15 63.28
C ILE A 127 -38.14 -10.33 64.15
N ILE A 128 -37.90 -10.59 65.43
CA ILE A 128 -38.98 -10.79 66.38
C ILE A 128 -38.79 -9.88 67.58
N ASP A 129 -39.90 -9.33 68.05
CA ASP A 129 -39.93 -8.42 69.17
C ASP A 129 -39.39 -9.07 70.44
N PRO A 130 -38.68 -8.31 71.29
CA PRO A 130 -38.21 -8.91 72.56
C PRO A 130 -39.35 -9.39 73.45
N GLU A 131 -40.52 -8.76 73.40
CA GLU A 131 -41.68 -9.24 74.12
C GLU A 131 -42.50 -10.24 73.29
N CYS A 132 -41.95 -10.68 72.16
CA CYS A 132 -42.61 -11.65 71.30
C CYS A 132 -44.06 -11.27 71.02
N ARG A 133 -44.27 -9.98 70.74
CA ARG A 133 -45.59 -9.50 70.39
C ARG A 133 -45.85 -9.54 68.88
N MET A 134 -44.80 -9.51 68.07
CA MET A 134 -44.94 -9.49 66.63
C MET A 134 -43.67 -10.03 65.98
N ILE A 135 -43.84 -10.47 64.73
CA ILE A 135 -42.74 -10.85 63.84
C ILE A 135 -42.67 -9.79 62.74
N GLY A 136 -41.50 -9.20 62.56
CA GLY A 136 -41.28 -8.21 61.52
C GLY A 136 -40.63 -8.84 60.30
N LEU A 137 -41.18 -8.50 59.13
CA LEU A 137 -40.64 -8.98 57.86
C LEU A 137 -40.43 -7.82 56.91
N ARG A 138 -39.21 -7.68 56.39
CA ARG A 138 -38.89 -6.71 55.34
C ARG A 138 -38.70 -7.55 54.07
N LEU A 139 -39.79 -7.69 53.31
CA LEU A 139 -39.77 -8.46 52.07
C LEU A 139 -39.64 -7.57 50.84
N TYR A 140 -40.30 -6.41 50.83
CA TYR A 140 -40.35 -5.56 49.65
C TYR A 140 -39.91 -4.15 49.98
N ASP A 141 -39.34 -3.48 48.98
CA ASP A 141 -38.95 -2.09 49.12
C ASP A 141 -40.17 -1.23 49.43
N GLY A 142 -40.06 -0.43 50.48
CA GLY A 142 -41.12 0.49 50.82
C GLY A 142 -42.21 -0.06 51.70
N LEU A 143 -42.10 -1.31 52.12
CA LEU A 143 -43.12 -1.92 52.96
C LEU A 143 -42.53 -2.69 54.13
N PHE A 144 -43.22 -2.65 55.27
CA PHE A 144 -42.91 -3.44 56.45
C PHE A 144 -44.14 -4.28 56.76
N LYS A 145 -43.97 -5.60 56.85
CA LYS A 145 -45.08 -6.50 57.14
C LYS A 145 -44.96 -6.93 58.60
N VAL A 146 -46.06 -6.78 59.34
CA VAL A 146 -46.10 -7.12 60.76
C VAL A 146 -47.06 -8.29 60.90
N ILE A 147 -46.56 -9.41 61.40
CA ILE A 147 -47.39 -10.53 61.76
C ILE A 147 -47.69 -10.43 63.25
N PRO A 148 -48.93 -10.18 63.66
CA PRO A 148 -49.22 -10.14 65.09
C PRO A 148 -49.05 -11.53 65.70
N LEU A 149 -48.26 -11.60 66.78
CA LEU A 149 -48.07 -12.88 67.45
C LEU A 149 -49.07 -13.05 68.60
N ASP A 150 -50.34 -13.15 68.22
CA ASP A 150 -51.40 -13.46 69.16
C ASP A 150 -51.80 -14.92 68.98
N ARG A 151 -52.27 -15.52 70.07
CA ARG A 151 -52.73 -16.92 69.99
C ARG A 151 -53.78 -17.14 68.91
N ASP A 152 -54.39 -16.07 68.39
CA ASP A 152 -55.46 -16.23 67.42
C ASP A 152 -54.96 -16.25 65.98
N ASN A 153 -53.76 -15.74 65.70
CA ASN A 153 -53.25 -15.73 64.34
C ASN A 153 -52.51 -17.04 64.01
N LYS A 154 -53.28 -18.06 63.67
CA LYS A 154 -52.68 -19.31 63.24
C LYS A 154 -52.50 -19.42 61.73
N GLU A 155 -53.17 -18.57 60.96
CA GLU A 155 -52.92 -18.46 59.53
C GLU A 155 -51.78 -17.49 59.23
N LEU A 156 -51.15 -16.96 60.27
CA LEU A 156 -50.04 -16.00 60.15
C LEU A 156 -50.38 -14.89 59.16
N LYS A 157 -51.63 -14.42 59.20
CA LYS A 157 -52.04 -13.25 58.43
C LYS A 157 -51.41 -11.99 59.03
N ALA A 158 -51.15 -11.02 58.16
CA ALA A 158 -50.38 -9.85 58.59
C ALA A 158 -50.80 -8.63 57.77
N PHE A 159 -50.35 -7.46 58.24
CA PHE A 159 -50.62 -6.18 57.60
C PHE A 159 -49.32 -5.49 57.23
N ASN A 160 -49.41 -4.64 56.21
CA ASN A 160 -48.28 -3.88 55.72
C ASN A 160 -48.41 -2.43 56.16
N ILE A 161 -47.34 -1.91 56.75
CA ILE A 161 -47.21 -0.49 57.06
C ILE A 161 -46.37 0.16 55.96
N ARG A 162 -46.78 1.36 55.54
CA ARG A 162 -46.02 2.04 54.52
C ARG A 162 -44.72 2.54 55.13
N LEU A 163 -43.61 2.29 54.44
CA LEU A 163 -42.29 2.72 54.85
C LEU A 163 -41.78 3.74 53.85
N GLU A 164 -41.54 4.96 54.33
CA GLU A 164 -41.05 6.01 53.44
C GLU A 164 -39.67 5.68 52.91
N GLU A 165 -38.81 5.09 53.75
CA GLU A 165 -37.43 4.80 53.39
C GLU A 165 -37.40 3.55 52.52
N LEU A 166 -37.18 3.74 51.22
CA LEU A 166 -37.34 2.63 50.29
C LEU A 166 -36.18 1.64 50.35
N HIS A 167 -34.96 2.13 50.51
CA HIS A 167 -33.76 1.29 50.54
C HIS A 167 -33.30 1.09 51.99
N VAL A 168 -33.67 -0.06 52.55
CA VAL A 168 -33.29 -0.43 53.92
C VAL A 168 -32.14 -1.42 53.88
N ILE A 169 -31.10 -1.15 54.65
CA ILE A 169 -29.94 -2.05 54.71
C ILE A 169 -30.14 -3.16 55.72
N ASP A 170 -30.51 -2.81 56.95
CA ASP A 170 -30.75 -3.81 57.99
C ASP A 170 -31.66 -3.22 59.05
N VAL A 171 -32.41 -4.09 59.72
CA VAL A 171 -33.33 -3.68 60.78
C VAL A 171 -33.34 -4.71 61.90
N LYS A 172 -33.53 -4.21 63.12
CA LYS A 172 -33.67 -5.03 64.30
C LYS A 172 -34.74 -4.43 65.20
N PHE A 173 -35.35 -5.28 66.03
CA PHE A 173 -36.22 -4.79 67.10
C PHE A 173 -35.34 -4.41 68.29
N LEU A 174 -35.48 -3.18 68.77
CA LEU A 174 -34.65 -2.67 69.85
C LEU A 174 -35.17 -3.13 71.21
N TYR A 175 -34.26 -3.11 72.20
CA TYR A 175 -34.58 -3.53 73.57
C TYR A 175 -34.84 -2.29 74.43
N GLY A 176 -35.63 -2.46 75.48
CA GLY A 176 -35.78 -1.41 76.45
C GLY A 176 -36.72 -0.29 76.09
N CYS A 177 -37.69 -0.54 75.20
CA CYS A 177 -38.58 0.50 74.74
C CYS A 177 -39.99 0.35 75.28
N GLN A 178 -40.65 1.51 75.43
CA GLN A 178 -42.01 1.54 75.96
C GLN A 178 -43.01 0.88 75.01
N ALA A 179 -42.73 0.93 73.71
CA ALA A 179 -43.50 0.26 72.68
C ALA A 179 -42.55 -0.53 71.79
N PRO A 180 -43.07 -1.52 71.05
CA PRO A 180 -42.21 -2.19 70.06
C PRO A 180 -41.55 -1.16 69.14
N THR A 181 -40.23 -1.23 69.04
CA THR A 181 -39.46 -0.24 68.30
C THR A 181 -38.44 -0.89 67.39
N ILE A 182 -38.30 -0.35 66.18
CA ILE A 182 -37.36 -0.85 65.18
C ILE A 182 -36.23 0.15 64.98
N CYS A 183 -35.03 -0.36 64.74
CA CYS A 183 -33.87 0.45 64.38
C CYS A 183 -33.40 -0.02 63.01
N PHE A 184 -33.35 0.89 62.03
CA PHE A 184 -33.01 0.47 60.67
C PHE A 184 -32.03 1.47 60.07
N VAL A 185 -30.98 0.93 59.42
CA VAL A 185 -30.09 1.72 58.59
C VAL A 185 -30.64 1.72 57.16
N TYR A 186 -30.79 2.89 56.57
CA TYR A 186 -31.35 3.01 55.24
C TYR A 186 -30.43 3.88 54.38
N GLN A 187 -30.63 3.79 53.08
CA GLN A 187 -29.85 4.58 52.12
C GLN A 187 -30.78 5.39 51.23
N ASP A 188 -30.45 6.66 51.05
CA ASP A 188 -31.09 7.59 50.12
C ASP A 188 -29.95 8.35 49.45
N PRO A 189 -30.23 9.30 48.56
CA PRO A 189 -29.12 9.95 47.84
C PRO A 189 -28.14 10.69 48.73
N GLN A 190 -28.50 11.02 49.97
CA GLN A 190 -27.62 11.80 50.83
C GLN A 190 -26.68 10.92 51.65
N GLY A 191 -26.66 9.62 51.43
CA GLY A 191 -25.83 8.74 52.23
C GLY A 191 -26.65 7.71 52.98
N ARG A 192 -26.08 7.17 54.05
CA ARG A 192 -26.79 6.24 54.92
C ARG A 192 -27.09 6.86 56.26
N HIS A 193 -28.18 6.41 56.86
CA HIS A 193 -28.71 6.98 58.08
C HIS A 193 -29.27 5.86 58.94
N VAL A 194 -29.28 6.11 60.25
CA VAL A 194 -29.90 5.21 61.22
C VAL A 194 -31.14 5.96 61.70
N LYS A 195 -32.27 5.26 61.76
CA LYS A 195 -33.55 5.84 62.12
C LYS A 195 -34.32 4.84 62.97
N THR A 196 -35.28 5.34 63.76
CA THR A 196 -36.10 4.50 64.62
C THR A 196 -37.58 4.83 64.45
N TYR A 197 -38.42 3.78 64.50
CA TYR A 197 -39.87 3.93 64.50
C TYR A 197 -40.47 3.02 65.57
N GLU A 198 -41.61 3.42 66.11
CA GLU A 198 -42.41 2.56 66.98
C GLU A 198 -43.51 1.88 66.14
N VAL A 199 -43.89 0.66 66.54
CA VAL A 199 -44.85 -0.14 65.78
C VAL A 199 -46.10 -0.32 66.61
N SER A 200 -47.24 0.13 66.09
CA SER A 200 -48.52 0.05 66.80
C SER A 200 -49.42 -1.00 66.16
N LEU A 201 -49.63 -2.11 66.90
CA LEU A 201 -50.58 -3.12 66.43
C LEU A 201 -52.01 -2.59 66.47
N ARG A 202 -52.32 -1.72 67.42
CA ARG A 202 -53.68 -1.18 67.54
C ARG A 202 -53.99 -0.25 66.36
N GLU A 203 -53.08 0.66 66.04
CA GLU A 203 -53.26 1.59 64.93
C GLU A 203 -52.77 1.04 63.58
N LYS A 204 -51.97 -0.03 63.58
CA LYS A 204 -51.46 -0.64 62.35
C LYS A 204 -50.72 0.41 61.50
N GLU A 205 -49.81 1.14 62.15
CA GLU A 205 -48.97 2.14 61.49
C GLU A 205 -47.74 2.39 62.37
N PHE A 206 -46.84 3.21 61.85
CA PHE A 206 -45.64 3.64 62.57
C PHE A 206 -45.94 4.94 63.32
N ASN A 207 -45.37 5.08 64.52
CA ASN A 207 -45.33 6.34 65.25
C ASN A 207 -43.88 6.77 65.40
N LYS A 208 -43.68 8.07 65.67
CA LYS A 208 -42.33 8.64 65.70
C LYS A 208 -41.47 7.91 66.74
N GLY A 209 -40.25 7.57 66.33
CA GLY A 209 -39.39 6.70 67.11
C GLY A 209 -38.68 7.40 68.24
N PRO A 210 -38.10 6.58 69.13
CA PRO A 210 -37.47 7.16 70.34
C PRO A 210 -36.27 8.06 70.08
N TRP A 211 -35.29 7.65 69.29
CA TRP A 211 -34.09 8.47 69.19
C TRP A 211 -33.82 8.96 67.78
N LYS A 212 -33.16 10.12 67.74
CA LYS A 212 -33.01 10.91 66.55
C LYS A 212 -32.22 10.16 65.48
N GLN A 213 -32.46 10.57 64.24
CA GLN A 213 -31.68 10.03 63.15
C GLN A 213 -30.26 10.53 63.29
N GLU A 214 -29.29 9.66 63.04
CA GLU A 214 -27.90 10.04 62.86
C GLU A 214 -27.53 9.53 61.47
N ASN A 215 -26.82 10.33 60.69
CA ASN A 215 -26.30 9.85 59.42
C ASN A 215 -24.99 9.10 59.70
N VAL A 216 -24.87 7.92 59.11
CA VAL A 216 -23.84 6.97 59.51
C VAL A 216 -22.88 6.70 58.37
N GLU A 217 -21.89 5.85 58.63
CA GLU A 217 -20.90 5.47 57.63
C GLU A 217 -21.57 5.05 56.33
N ALA A 218 -20.94 5.42 55.21
CA ALA A 218 -21.52 5.15 53.90
C ALA A 218 -21.74 3.66 53.67
N GLU A 219 -20.88 2.80 54.23
CA GLU A 219 -21.01 1.36 54.10
C GLU A 219 -21.44 0.70 55.41
N ALA A 220 -22.28 1.39 56.19
CA ALA A 220 -22.89 0.79 57.37
C ALA A 220 -23.66 -0.45 56.96
N SER A 221 -23.32 -1.60 57.54
CA SER A 221 -23.84 -2.89 57.07
C SER A 221 -24.77 -3.59 58.05
N MET A 222 -24.50 -3.59 59.35
CA MET A 222 -25.28 -4.42 60.26
C MET A 222 -25.73 -3.64 61.49
N VAL A 223 -26.90 -4.03 62.01
CA VAL A 223 -27.50 -3.43 63.19
C VAL A 223 -27.53 -4.47 64.31
N ILE A 224 -26.98 -4.11 65.46
CA ILE A 224 -26.99 -4.96 66.65
C ILE A 224 -27.88 -4.30 67.70
N ALA A 225 -28.88 -5.05 68.19
CA ALA A 225 -29.76 -4.58 69.25
C ALA A 225 -29.13 -4.98 70.59
N VAL A 226 -28.65 -4.00 71.33
CA VAL A 226 -27.93 -4.26 72.58
C VAL A 226 -28.94 -4.44 73.71
N PRO A 227 -28.71 -5.37 74.63
CA PRO A 227 -29.72 -5.66 75.67
C PRO A 227 -29.86 -4.53 76.69
N GLU A 228 -30.85 -4.70 77.56
CA GLU A 228 -31.34 -3.58 78.37
C GLU A 228 -30.28 -3.01 79.32
N PRO A 229 -29.31 -3.77 79.85
CA PRO A 229 -28.32 -3.13 80.73
C PRO A 229 -27.73 -1.86 80.11
N PHE A 230 -27.48 -1.88 78.80
CA PHE A 230 -27.08 -0.70 78.06
C PHE A 230 -28.24 -0.07 77.29
N GLY A 231 -28.90 -0.88 76.46
CA GLY A 231 -29.96 -0.40 75.58
C GLY A 231 -29.38 0.21 74.31
N GLY A 232 -30.26 0.42 73.34
CA GLY A 232 -29.83 1.07 72.12
C GLY A 232 -29.32 0.11 71.07
N ALA A 233 -28.44 0.59 70.18
CA ALA A 233 -27.96 -0.23 69.06
C ALA A 233 -26.50 0.07 68.74
N ILE A 234 -25.85 -0.91 68.11
CA ILE A 234 -24.50 -0.77 67.56
C ILE A 234 -24.58 -0.94 66.05
N ILE A 235 -23.86 -0.09 65.32
CA ILE A 235 -23.85 -0.10 63.87
C ILE A 235 -22.44 -0.46 63.41
N ILE A 236 -22.33 -1.52 62.62
CA ILE A 236 -21.05 -2.04 62.15
C ILE A 236 -20.87 -1.60 60.71
N GLY A 237 -19.72 -1.04 60.39
CA GLY A 237 -19.42 -0.67 59.01
C GLY A 237 -18.17 -1.32 58.45
N GLN A 238 -17.51 -0.65 57.50
CA GLN A 238 -16.25 -1.09 56.95
C GLN A 238 -15.08 -0.54 57.75
N GLU A 239 -15.19 0.71 58.21
CA GLU A 239 -14.14 1.36 58.97
C GLU A 239 -14.47 1.62 60.43
N SER A 240 -15.75 1.73 60.79
CA SER A 240 -16.08 2.17 62.14
C SER A 240 -17.25 1.39 62.74
N ILE A 241 -17.25 1.33 64.07
CA ILE A 241 -18.34 0.78 64.85
C ILE A 241 -18.87 1.91 65.73
N THR A 242 -20.18 2.10 65.73
CA THR A 242 -20.80 3.18 66.48
C THR A 242 -21.94 2.62 67.33
N TYR A 243 -22.16 3.27 68.48
CA TYR A 243 -23.26 2.94 69.38
C TYR A 243 -24.14 4.17 69.48
N HIS A 244 -25.44 3.99 69.25
CA HIS A 244 -26.41 5.06 69.30
C HIS A 244 -27.51 4.67 70.28
N ASN A 245 -27.67 5.44 71.37
CA ASN A 245 -28.84 5.32 72.23
C ASN A 245 -29.24 6.69 72.72
N GLY A 246 -30.41 7.17 72.26
CA GLY A 246 -30.87 8.48 72.68
C GLY A 246 -29.86 9.53 72.25
N ASP A 247 -29.44 10.37 73.20
CA ASP A 247 -28.37 11.35 72.93
C ASP A 247 -26.96 10.76 72.97
N LYS A 248 -26.78 9.53 73.46
CA LYS A 248 -25.45 8.97 73.64
C LYS A 248 -24.92 8.54 72.28
N TYR A 249 -23.68 8.93 71.97
CA TYR A 249 -23.06 8.55 70.71
C TYR A 249 -21.60 8.22 70.95
N LEU A 250 -21.17 7.05 70.49
CA LEU A 250 -19.80 6.62 70.59
C LEU A 250 -19.33 6.17 69.21
N ALA A 251 -18.01 6.26 68.96
CA ALA A 251 -17.47 5.77 67.70
C ALA A 251 -16.02 5.35 67.92
N ILE A 252 -15.74 4.08 67.61
CA ILE A 252 -14.39 3.54 67.58
C ILE A 252 -14.11 3.15 66.13
N ALA A 253 -12.92 3.48 65.65
CA ALA A 253 -12.52 3.20 64.27
C ALA A 253 -11.12 2.61 64.30
N PRO A 254 -10.97 1.40 64.83
CA PRO A 254 -9.64 0.81 64.95
C PRO A 254 -9.14 0.37 63.58
N PRO A 255 -7.87 0.63 63.25
CA PRO A 255 -7.41 0.34 61.88
C PRO A 255 -7.47 -1.13 61.51
N ILE A 256 -7.63 -2.03 62.49
CA ILE A 256 -7.52 -3.45 62.18
C ILE A 256 -8.72 -3.90 61.36
N ILE A 257 -9.91 -3.37 61.64
CA ILE A 257 -11.09 -3.84 60.93
C ILE A 257 -11.19 -3.29 59.50
N LYS A 258 -10.52 -2.16 59.19
CA LYS A 258 -10.57 -1.63 57.84
C LYS A 258 -10.05 -2.64 56.81
N GLN A 259 -9.23 -3.59 57.25
CA GLN A 259 -8.56 -4.51 56.34
C GLN A 259 -9.53 -5.47 55.66
N SER A 260 -10.46 -6.04 56.41
CA SER A 260 -11.37 -7.02 55.84
C SER A 260 -12.79 -6.73 56.26
N THR A 261 -13.72 -6.96 55.34
CA THR A 261 -15.12 -6.65 55.55
C THR A 261 -15.74 -7.58 56.58
N ILE A 262 -16.46 -7.00 57.53
CA ILE A 262 -17.10 -7.74 58.61
C ILE A 262 -18.46 -8.23 58.13
N VAL A 263 -18.71 -9.53 58.32
CA VAL A 263 -19.90 -10.15 57.77
C VAL A 263 -20.88 -10.64 58.84
N CYS A 264 -20.44 -10.93 60.06
CA CYS A 264 -21.37 -11.48 61.06
C CYS A 264 -21.09 -10.97 62.46
N HIS A 265 -22.11 -11.10 63.31
CA HIS A 265 -22.04 -10.64 64.68
C HIS A 265 -22.91 -11.54 65.55
N ASN A 266 -22.47 -11.75 66.80
CA ASN A 266 -23.23 -12.54 67.77
C ASN A 266 -22.96 -12.03 69.17
N ARG A 267 -23.89 -12.31 70.09
CA ARG A 267 -23.81 -11.86 71.48
C ARG A 267 -23.23 -12.95 72.37
N VAL A 268 -22.19 -12.59 73.10
CA VAL A 268 -21.56 -13.54 74.02
C VAL A 268 -22.20 -13.49 75.40
N ASP A 269 -22.25 -12.31 76.00
CA ASP A 269 -22.74 -12.12 77.35
C ASP A 269 -24.16 -11.58 77.26
N PRO A 270 -25.16 -12.26 77.82
CA PRO A 270 -26.54 -11.74 77.70
C PRO A 270 -26.72 -10.31 78.19
N ASN A 271 -25.85 -9.83 79.07
CA ASN A 271 -25.90 -8.43 79.48
C ASN A 271 -25.49 -7.47 78.35
N GLY A 272 -24.82 -7.96 77.32
CA GLY A 272 -24.42 -7.14 76.20
C GLY A 272 -23.00 -6.63 76.28
N SER A 273 -22.26 -7.05 77.31
CA SER A 273 -20.91 -6.53 77.52
C SER A 273 -19.99 -6.94 76.37
N ARG A 274 -20.19 -8.13 75.81
CA ARG A 274 -19.27 -8.68 74.82
C ARG A 274 -20.02 -9.22 73.61
N TYR A 275 -19.53 -8.88 72.43
CA TYR A 275 -20.07 -9.33 71.16
C TYR A 275 -18.94 -9.88 70.29
N LEU A 276 -19.24 -10.90 69.51
CA LEU A 276 -18.28 -11.47 68.57
C LEU A 276 -18.49 -10.91 67.17
N LEU A 277 -17.39 -10.65 66.46
CA LEU A 277 -17.42 -10.12 65.10
C LEU A 277 -16.48 -10.96 64.22
N GLY A 278 -16.90 -11.18 62.98
CA GLY A 278 -16.10 -11.93 62.04
C GLY A 278 -15.99 -11.22 60.70
N ASP A 279 -14.88 -11.46 60.01
CA ASP A 279 -14.58 -10.80 58.74
C ASP A 279 -14.27 -11.86 57.68
N MET A 280 -14.12 -11.41 56.44
CA MET A 280 -14.04 -12.30 55.30
C MET A 280 -12.68 -12.96 55.13
N GLU A 281 -11.67 -12.59 55.92
CA GLU A 281 -10.39 -13.28 55.92
C GLU A 281 -10.29 -14.25 57.08
N GLY A 282 -11.42 -14.54 57.72
CA GLY A 282 -11.49 -15.48 58.81
C GLY A 282 -11.15 -14.92 60.18
N ARG A 283 -10.81 -13.63 60.27
CA ARG A 283 -10.43 -13.09 61.57
C ARG A 283 -11.67 -12.94 62.45
N LEU A 284 -11.52 -13.39 63.70
CA LEU A 284 -12.56 -13.34 64.71
C LEU A 284 -12.16 -12.31 65.76
N PHE A 285 -13.07 -11.38 66.03
CA PHE A 285 -12.82 -10.30 66.97
C PHE A 285 -13.75 -10.42 68.17
N MET A 286 -13.39 -9.72 69.23
CA MET A 286 -14.26 -9.51 70.38
C MET A 286 -14.54 -8.02 70.51
N LEU A 287 -15.82 -7.66 70.48
CA LEU A 287 -16.27 -6.29 70.72
C LEU A 287 -16.67 -6.19 72.18
N LEU A 288 -16.08 -5.22 72.88
CA LEU A 288 -16.26 -5.09 74.32
C LEU A 288 -16.98 -3.80 74.66
N LEU A 289 -18.02 -3.91 75.48
CA LEU A 289 -18.77 -2.75 75.95
C LEU A 289 -18.29 -2.44 77.37
N GLU A 290 -17.56 -1.35 77.52
CA GLU A 290 -16.94 -0.96 78.78
C GLU A 290 -17.94 -0.14 79.59
N LYS A 291 -18.44 -0.71 80.67
CA LYS A 291 -19.48 -0.08 81.47
C LYS A 291 -18.91 0.99 82.41
N GLU A 292 -19.79 1.89 82.83
CA GLU A 292 -19.48 2.95 83.79
C GLU A 292 -20.74 3.25 84.58
N GLU A 293 -20.79 2.86 85.86
CA GLU A 293 -21.95 3.11 86.70
C GLU A 293 -21.88 4.47 87.41
N GLN A 294 -22.88 5.32 87.16
CA GLN A 294 -22.95 6.62 87.80
C GLN A 294 -23.58 6.47 89.19
N MET A 295 -23.40 7.49 90.04
CA MET A 295 -23.97 7.43 91.39
C MET A 295 -25.50 7.35 91.39
N ASP A 296 -26.14 7.77 90.29
CA ASP A 296 -27.58 7.64 90.12
C ASP A 296 -28.05 6.20 90.25
N GLY A 297 -27.12 5.25 90.21
CA GLY A 297 -27.44 3.83 90.11
C GLY A 297 -27.51 3.35 88.68
N THR A 298 -27.48 4.27 87.73
CA THR A 298 -27.52 4.00 86.31
C THR A 298 -26.17 3.56 85.75
N VAL A 299 -26.24 2.73 84.72
CA VAL A 299 -25.08 2.20 84.01
C VAL A 299 -25.09 2.80 82.61
N THR A 300 -24.03 3.52 82.26
CA THR A 300 -23.87 4.09 80.93
C THR A 300 -22.80 3.30 80.17
N LEU A 301 -22.81 3.44 78.85
CA LEU A 301 -21.77 2.84 78.02
C LEU A 301 -20.62 3.82 77.92
N LYS A 302 -19.47 3.45 78.47
CA LYS A 302 -18.31 4.34 78.53
C LYS A 302 -17.57 4.40 77.20
N ASP A 303 -17.25 3.24 76.65
CA ASP A 303 -16.40 3.18 75.47
C ASP A 303 -16.56 1.81 74.82
N LEU A 304 -16.08 1.71 73.59
CA LEU A 304 -16.03 0.46 72.85
C LEU A 304 -14.57 0.14 72.57
N ARG A 305 -14.25 -1.16 72.58
CA ARG A 305 -12.91 -1.68 72.32
C ARG A 305 -13.08 -2.87 71.40
N VAL A 306 -12.11 -3.07 70.52
CA VAL A 306 -12.08 -4.22 69.63
C VAL A 306 -10.76 -4.95 69.84
N GLU A 307 -10.83 -6.26 70.04
CA GLU A 307 -9.67 -7.09 70.30
C GLU A 307 -9.70 -8.29 69.36
N LEU A 308 -8.56 -8.54 68.69
CA LEU A 308 -8.43 -9.68 67.78
C LEU A 308 -8.16 -10.97 68.55
N LEU A 309 -8.99 -11.99 68.29
CA LEU A 309 -8.86 -13.27 68.98
C LEU A 309 -8.05 -14.30 68.22
N GLY A 310 -8.27 -14.43 66.92
CA GLY A 310 -7.58 -15.45 66.14
C GLY A 310 -8.21 -15.62 64.78
N GLU A 311 -8.13 -16.86 64.26
CA GLU A 311 -8.63 -17.15 62.93
C GLU A 311 -9.61 -18.31 62.97
N THR A 312 -10.72 -18.14 62.26
CA THR A 312 -11.70 -19.19 62.03
C THR A 312 -11.87 -19.36 60.52
N SER A 313 -12.77 -20.27 60.12
CA SER A 313 -13.16 -20.33 58.71
C SER A 313 -14.05 -19.14 58.37
N ILE A 314 -13.90 -18.65 57.13
CA ILE A 314 -14.72 -17.53 56.67
C ILE A 314 -16.17 -17.89 56.97
N ALA A 315 -16.81 -17.16 57.87
CA ALA A 315 -18.09 -17.61 58.44
C ALA A 315 -19.26 -16.74 58.01
N GLU A 316 -20.35 -17.40 57.64
CA GLU A 316 -21.62 -16.71 57.41
C GLU A 316 -22.30 -16.38 58.74
N CYS A 317 -22.34 -17.35 59.63
CA CYS A 317 -22.97 -17.19 60.94
C CYS A 317 -22.05 -17.68 62.04
N LEU A 318 -22.16 -17.01 63.18
CA LEU A 318 -21.43 -17.33 64.40
C LEU A 318 -22.43 -17.49 65.53
N THR A 319 -22.18 -18.46 66.39
CA THR A 319 -22.96 -18.57 67.61
C THR A 319 -22.07 -19.04 68.76
N TYR A 320 -22.22 -18.36 69.90
CA TYR A 320 -21.51 -18.71 71.12
C TYR A 320 -22.39 -19.69 71.88
N LEU A 321 -21.85 -20.86 72.17
CA LEU A 321 -22.61 -21.91 72.85
C LEU A 321 -22.48 -21.78 74.37
N ASP A 322 -21.32 -22.12 74.91
CA ASP A 322 -21.16 -22.05 76.35
C ASP A 322 -19.70 -22.31 76.67
N ASN A 323 -19.30 -21.86 77.85
CA ASN A 323 -17.91 -22.00 78.28
C ASN A 323 -17.12 -21.26 77.21
N GLY A 324 -16.08 -21.86 76.63
CA GLY A 324 -15.30 -21.22 75.61
C GLY A 324 -15.62 -21.62 74.19
N VAL A 325 -16.78 -22.23 73.91
CA VAL A 325 -17.02 -22.82 72.60
C VAL A 325 -17.92 -21.93 71.76
N VAL A 326 -17.51 -21.77 70.50
CA VAL A 326 -18.23 -20.99 69.49
C VAL A 326 -18.41 -21.90 68.28
N PHE A 327 -19.56 -21.81 67.63
CA PHE A 327 -19.79 -22.56 66.40
C PHE A 327 -19.63 -21.63 65.19
N VAL A 328 -18.66 -21.97 64.32
CA VAL A 328 -18.35 -21.20 63.13
C VAL A 328 -19.09 -21.86 61.97
N GLY A 329 -20.26 -21.34 61.63
CA GLY A 329 -20.97 -21.86 60.47
C GLY A 329 -20.48 -21.22 59.18
N SER A 330 -19.87 -22.02 58.30
CA SER A 330 -19.23 -21.47 57.11
C SER A 330 -19.98 -21.90 55.88
N ARG A 331 -20.10 -20.97 54.94
CA ARG A 331 -20.69 -21.19 53.63
C ARG A 331 -19.64 -21.41 52.54
N LEU A 332 -18.45 -20.86 52.75
CA LEU A 332 -17.37 -20.92 51.80
C LEU A 332 -16.31 -21.92 52.18
N GLY A 333 -16.31 -22.38 53.44
CA GLY A 333 -15.35 -23.36 53.90
C GLY A 333 -15.92 -24.28 54.96
N ASP A 334 -15.08 -25.12 55.56
CA ASP A 334 -15.57 -26.05 56.57
C ASP A 334 -16.08 -25.32 57.80
N SER A 335 -17.24 -25.73 58.28
CA SER A 335 -17.73 -25.21 59.54
C SER A 335 -16.89 -25.80 60.68
N GLN A 336 -16.92 -25.13 61.82
CA GLN A 336 -15.95 -25.46 62.86
C GLN A 336 -16.58 -25.28 64.25
N LEU A 337 -15.99 -25.98 65.21
CA LEU A 337 -16.21 -25.74 66.63
C LEU A 337 -14.86 -25.32 67.20
N VAL A 338 -14.77 -24.09 67.71
CA VAL A 338 -13.50 -23.53 68.16
C VAL A 338 -13.65 -23.06 69.61
N LYS A 339 -12.60 -23.23 70.40
CA LYS A 339 -12.62 -22.84 71.80
C LYS A 339 -11.81 -21.55 71.98
N LEU A 340 -12.42 -20.58 72.67
CA LEU A 340 -11.77 -19.33 72.99
C LEU A 340 -11.12 -19.46 74.36
N ASN A 341 -9.83 -19.17 74.43
CA ASN A 341 -9.09 -19.29 75.68
C ASN A 341 -8.83 -17.91 76.26
N VAL A 342 -8.68 -17.87 77.59
CA VAL A 342 -8.37 -16.61 78.26
C VAL A 342 -6.90 -16.24 78.02
N ASP A 343 -6.02 -17.23 78.03
CA ASP A 343 -4.60 -17.04 77.75
C ASP A 343 -4.33 -17.35 76.29
N SER A 344 -3.53 -16.51 75.65
CA SER A 344 -3.12 -16.75 74.27
C SER A 344 -2.10 -17.88 74.22
N ASN A 345 -1.99 -18.50 73.05
CA ASN A 345 -0.97 -19.51 72.84
C ASN A 345 0.32 -18.80 72.45
N GLU A 346 1.38 -19.57 72.18
CA GLU A 346 2.67 -18.96 71.92
C GLU A 346 2.72 -18.16 70.63
N GLN A 347 1.73 -18.31 69.75
CA GLN A 347 1.67 -17.54 68.52
C GLN A 347 0.87 -16.26 68.68
N GLY A 348 0.25 -16.05 69.85
CA GLY A 348 -0.58 -14.90 70.09
C GLY A 348 -2.06 -15.11 69.87
N SER A 349 -2.49 -16.33 69.57
CA SER A 349 -3.89 -16.61 69.26
C SER A 349 -4.63 -17.12 70.48
N TYR A 350 -5.89 -16.69 70.60
CA TYR A 350 -6.77 -17.21 71.64
C TYR A 350 -7.75 -18.26 71.13
N VAL A 351 -7.64 -18.66 69.87
CA VAL A 351 -8.62 -19.54 69.24
C VAL A 351 -7.92 -20.84 68.88
N VAL A 352 -8.49 -21.96 69.36
CA VAL A 352 -7.97 -23.29 69.08
C VAL A 352 -9.10 -24.15 68.54
N ALA A 353 -8.78 -25.00 67.56
CA ALA A 353 -9.77 -25.76 66.82
C ALA A 353 -10.16 -27.05 67.56
N MET A 354 -11.46 -27.24 67.74
CA MET A 354 -12.01 -28.45 68.33
C MET A 354 -12.45 -29.49 67.32
N GLU A 355 -13.33 -29.12 66.39
CA GLU A 355 -13.86 -30.05 65.41
C GLU A 355 -13.96 -29.37 64.06
N THR A 356 -13.92 -30.17 63.00
CA THR A 356 -14.07 -29.69 61.63
C THR A 356 -15.18 -30.48 60.97
N PHE A 357 -16.23 -29.77 60.56
CA PHE A 357 -17.40 -30.34 59.90
C PHE A 357 -17.28 -30.09 58.40
N THR A 358 -17.29 -31.16 57.61
CA THR A 358 -17.01 -31.02 56.19
C THR A 358 -18.08 -30.22 55.47
N ASN A 359 -17.63 -29.28 54.65
CA ASN A 359 -18.45 -28.45 53.79
C ASN A 359 -17.84 -28.52 52.41
N LEU A 360 -18.54 -29.13 51.46
CA LEU A 360 -18.05 -29.15 50.08
C LEU A 360 -17.99 -27.75 49.46
N GLY A 361 -18.46 -26.73 50.16
CA GLY A 361 -18.32 -25.35 49.76
C GLY A 361 -18.92 -25.15 48.39
N PRO A 362 -18.71 -23.98 47.79
CA PRO A 362 -19.14 -23.79 46.40
C PRO A 362 -18.38 -24.75 45.49
N ILE A 363 -19.12 -25.58 44.75
CA ILE A 363 -18.50 -26.48 43.78
C ILE A 363 -18.46 -25.70 42.47
N VAL A 364 -17.30 -25.11 42.18
CA VAL A 364 -17.18 -24.29 40.97
C VAL A 364 -17.10 -25.17 39.73
N ASP A 365 -16.36 -26.26 39.80
CA ASP A 365 -16.27 -27.23 38.70
C ASP A 365 -16.05 -28.61 39.31
N MET A 366 -16.05 -29.63 38.45
CA MET A 366 -15.72 -30.99 38.88
C MET A 366 -15.45 -31.90 37.68
N CYS A 367 -14.67 -32.95 37.95
CA CYS A 367 -14.34 -33.99 36.98
C CYS A 367 -14.55 -35.35 37.63
N VAL A 368 -14.99 -36.34 36.86
CA VAL A 368 -15.16 -37.71 37.34
C VAL A 368 -14.05 -38.57 36.74
N VAL A 369 -13.24 -39.19 37.60
CA VAL A 369 -12.12 -40.03 37.16
C VAL A 369 -12.05 -41.27 38.04
N ASP A 370 -11.71 -42.41 37.42
CA ASP A 370 -11.44 -43.64 38.16
C ASP A 370 -9.96 -43.67 38.54
N LEU A 371 -9.63 -42.96 39.63
CA LEU A 371 -8.22 -42.85 39.99
C LEU A 371 -7.64 -44.16 40.52
N GLU A 372 -8.37 -44.83 41.39
CA GLU A 372 -7.91 -46.07 42.02
C GLU A 372 -8.17 -47.32 41.19
N ARG A 373 -8.74 -47.18 39.99
CA ARG A 373 -9.08 -48.30 39.11
C ARG A 373 -10.14 -49.21 39.72
N GLN A 374 -10.86 -48.70 40.72
CA GLN A 374 -11.91 -49.48 41.37
C GLN A 374 -13.13 -49.74 40.48
N GLY A 375 -13.10 -49.30 39.22
CA GLY A 375 -14.23 -49.51 38.34
C GLY A 375 -15.43 -48.67 38.75
N GLN A 376 -15.41 -48.14 39.96
CA GLN A 376 -16.46 -47.28 40.50
C GLN A 376 -16.48 -45.88 39.91
N GLY A 377 -15.43 -45.12 40.17
CA GLY A 377 -15.36 -43.75 39.74
C GLY A 377 -15.29 -42.82 40.93
N GLN A 378 -14.50 -41.76 40.80
CA GLN A 378 -14.30 -40.79 41.86
C GLN A 378 -14.58 -39.40 41.33
N LEU A 379 -14.99 -38.52 42.23
CA LEU A 379 -15.33 -37.14 41.92
C LEU A 379 -14.32 -36.22 42.60
N VAL A 380 -13.56 -35.49 41.79
CA VAL A 380 -12.69 -34.44 42.29
C VAL A 380 -13.40 -33.11 42.03
N THR A 381 -13.59 -32.31 43.07
CA THR A 381 -14.39 -31.09 42.98
C THR A 381 -13.52 -29.87 43.24
N CYS A 382 -13.84 -28.79 42.54
CA CYS A 382 -13.30 -27.47 42.84
C CYS A 382 -14.20 -26.85 43.89
N SER A 383 -13.77 -26.93 45.15
CA SER A 383 -14.62 -26.59 46.28
C SER A 383 -13.97 -25.49 47.12
N GLY A 384 -14.82 -24.66 47.70
CA GLY A 384 -14.37 -23.61 48.60
C GLY A 384 -14.01 -22.33 47.86
N ALA A 385 -13.75 -21.29 48.65
CA ALA A 385 -13.33 -20.00 48.11
C ALA A 385 -12.24 -19.43 49.00
N PHE A 386 -11.36 -18.64 48.38
CA PHE A 386 -10.32 -17.88 49.06
C PHE A 386 -9.48 -18.83 49.89
N LYS A 387 -9.19 -18.52 51.16
CA LYS A 387 -8.33 -19.35 51.99
C LYS A 387 -8.93 -20.73 52.23
N GLU A 388 -10.25 -20.84 52.13
CA GLU A 388 -10.96 -22.10 52.31
C GLU A 388 -11.00 -22.93 51.03
N GLY A 389 -10.31 -22.49 49.98
CA GLY A 389 -10.31 -23.24 48.74
C GLY A 389 -9.61 -24.59 48.87
N SER A 390 -10.20 -25.60 48.22
CA SER A 390 -9.68 -26.94 48.32
C SER A 390 -10.15 -27.75 47.13
N LEU A 391 -9.49 -28.89 46.91
CA LEU A 391 -9.96 -29.93 46.02
C LEU A 391 -10.45 -31.06 46.92
N ARG A 392 -11.62 -31.61 46.60
CA ARG A 392 -12.22 -32.66 47.42
C ARG A 392 -12.45 -33.89 46.57
N ILE A 393 -11.87 -35.01 46.96
CA ILE A 393 -12.03 -36.28 46.25
C ILE A 393 -13.07 -37.11 46.98
N ILE A 394 -14.14 -37.48 46.28
CA ILE A 394 -15.31 -38.13 46.85
C ILE A 394 -15.53 -39.47 46.16
N ARG A 395 -15.65 -40.54 46.95
CA ARG A 395 -15.95 -41.87 46.43
C ARG A 395 -17.09 -42.47 47.25
N ASN A 396 -17.90 -43.30 46.59
CA ASN A 396 -19.08 -43.90 47.21
C ASN A 396 -18.77 -45.25 47.86
N GLY A 397 -17.87 -45.24 48.84
CA GLY A 397 -17.47 -46.45 49.51
C GLY A 397 -18.44 -46.96 50.58
N GLN A 408 -22.18 -47.37 54.97
CA GLN A 408 -22.76 -46.53 53.93
C GLN A 408 -22.57 -45.05 54.25
N LYS A 409 -21.65 -44.44 53.52
CA LYS A 409 -21.25 -43.04 53.64
C LYS A 409 -20.45 -42.69 52.40
N LEU A 410 -20.16 -41.40 52.24
CA LEU A 410 -19.27 -40.94 51.19
C LEU A 410 -17.91 -40.65 51.83
N HIS A 411 -16.85 -41.18 51.23
CA HIS A 411 -15.50 -40.91 51.71
C HIS A 411 -14.94 -39.69 51.01
N ILE A 412 -14.51 -38.70 51.77
CA ILE A 412 -14.15 -37.39 51.23
C ILE A 412 -12.75 -37.08 51.73
N ARG A 413 -11.79 -37.06 50.82
CA ARG A 413 -10.44 -36.57 51.09
C ARG A 413 -10.38 -35.10 50.71
N THR A 414 -9.72 -34.30 51.53
CA THR A 414 -9.65 -32.85 51.32
C THR A 414 -8.21 -32.44 51.03
N VAL A 415 -8.05 -31.60 50.01
CA VAL A 415 -6.75 -31.12 49.56
C VAL A 415 -6.74 -29.60 49.66
N PRO A 416 -6.21 -29.04 50.75
CA PRO A 416 -6.26 -27.57 50.91
C PRO A 416 -5.37 -26.84 49.90
N LEU A 417 -5.93 -25.77 49.32
CA LEU A 417 -5.24 -24.90 48.37
C LEU A 417 -5.02 -23.48 48.87
N TYR A 418 -5.85 -22.99 49.80
CA TYR A 418 -5.73 -21.64 50.37
C TYR A 418 -5.89 -20.55 49.31
N GLU A 419 -6.42 -20.91 48.14
CA GLU A 419 -6.74 -19.97 47.07
C GLU A 419 -7.96 -20.53 46.35
N SER A 420 -8.57 -19.72 45.49
CA SER A 420 -9.86 -20.10 44.89
C SER A 420 -9.65 -21.00 43.67
N PRO A 421 -10.19 -22.22 43.67
CA PRO A 421 -10.16 -23.05 42.45
C PRO A 421 -11.33 -22.69 41.54
N ARG A 422 -11.08 -22.74 40.24
CA ARG A 422 -12.06 -22.28 39.25
C ARG A 422 -12.51 -23.34 38.28
N LYS A 423 -11.58 -24.09 37.69
CA LYS A 423 -11.91 -25.15 36.75
C LYS A 423 -10.92 -26.29 36.94
N ILE A 424 -11.37 -27.53 36.78
CA ILE A 424 -10.52 -28.70 36.91
C ILE A 424 -10.73 -29.62 35.71
N CYS A 425 -9.64 -30.17 35.20
CA CYS A 425 -9.64 -31.14 34.11
C CYS A 425 -8.59 -32.22 34.42
N TYR A 426 -8.72 -33.38 33.78
CA TYR A 426 -7.84 -34.51 34.04
C TYR A 426 -7.05 -34.90 32.79
N GLN A 427 -5.73 -35.02 32.95
CA GLN A 427 -4.81 -35.50 31.92
C GLN A 427 -4.25 -36.85 32.38
N GLU A 428 -4.73 -37.93 31.77
CA GLU A 428 -4.28 -39.25 32.20
C GLU A 428 -2.85 -39.56 31.77
N VAL A 429 -2.45 -39.08 30.58
CA VAL A 429 -1.11 -39.38 30.07
C VAL A 429 -0.05 -38.94 31.07
N SER A 430 -0.33 -37.87 31.81
CA SER A 430 0.63 -37.28 32.73
C SER A 430 0.34 -37.61 34.19
N GLN A 431 -0.63 -38.49 34.46
CA GLN A 431 -0.97 -38.87 35.83
C GLN A 431 -1.16 -37.67 36.75
N CYS A 432 -1.78 -36.62 36.22
CA CYS A 432 -1.97 -35.38 36.98
C CYS A 432 -3.30 -34.72 36.66
N PHE A 433 -3.64 -33.72 37.47
CA PHE A 433 -4.84 -32.88 37.28
C PHE A 433 -4.41 -31.44 36.96
N GLY A 434 -5.13 -30.78 36.03
CA GLY A 434 -4.97 -29.36 35.81
C GLY A 434 -6.07 -28.58 36.50
N VAL A 435 -5.69 -27.65 37.35
CA VAL A 435 -6.64 -26.84 38.12
C VAL A 435 -6.32 -25.37 37.91
N LEU A 436 -7.32 -24.61 37.48
CA LEU A 436 -7.20 -23.15 37.37
C LEU A 436 -7.57 -22.53 38.71
N SER A 437 -6.74 -21.59 39.18
CA SER A 437 -6.96 -21.00 40.49
C SER A 437 -6.69 -19.51 40.42
N SER A 438 -7.27 -18.78 41.38
CA SER A 438 -7.01 -17.35 41.52
C SER A 438 -6.83 -17.02 42.99
N ARG A 439 -5.84 -16.19 43.27
CA ARG A 439 -5.51 -15.74 44.62
C ARG A 439 -5.56 -14.23 44.68
N ILE A 440 -5.85 -13.71 45.86
CA ILE A 440 -6.00 -12.28 46.08
C ILE A 440 -4.67 -11.71 46.57
N GLU A 441 -4.12 -10.74 45.84
CA GLU A 441 -3.01 -9.93 46.31
C GLU A 441 -3.49 -8.49 46.42
N VAL A 442 -2.75 -7.66 47.16
CA VAL A 442 -3.17 -6.28 47.44
C VAL A 442 -2.07 -5.33 46.99
N GLN A 443 -2.47 -4.21 46.38
CA GLN A 443 -1.48 -3.23 45.92
C GLN A 443 -0.69 -2.74 47.13
N ASP A 444 0.62 -2.86 47.07
CA ASP A 444 1.46 -2.52 48.22
C ASP A 444 2.35 -1.34 47.87
N THR A 445 3.13 -0.89 48.85
CA THR A 445 3.91 0.33 48.68
C THR A 445 4.99 0.21 47.61
N SER A 446 5.33 -1.00 47.18
CA SER A 446 6.34 -1.14 46.15
C SER A 446 5.83 -0.74 44.77
N GLY A 447 4.52 -0.66 44.59
CA GLY A 447 3.92 -0.55 43.29
C GLY A 447 3.40 -1.87 42.76
N GLY A 448 3.92 -2.96 43.27
CA GLY A 448 3.42 -4.29 42.96
C GLY A 448 2.32 -4.68 43.93
N THR A 449 2.19 -6.00 44.13
CA THR A 449 1.17 -6.53 45.02
C THR A 449 1.79 -7.60 45.91
N THR A 450 1.12 -7.85 47.05
CA THR A 450 1.59 -8.77 48.07
C THR A 450 0.46 -9.69 48.48
N ALA A 451 0.70 -10.99 48.49
CA ALA A 451 -0.33 -11.95 48.86
C ALA A 451 -0.51 -12.00 50.37
N LEU A 452 -1.78 -12.13 50.79
CA LEU A 452 -2.12 -12.12 52.21
C LEU A 452 -1.62 -13.36 52.93
N ARG A 453 -1.41 -14.46 52.20
CA ARG A 453 -0.98 -15.73 52.76
C ARG A 453 -0.42 -16.58 51.63
N PRO A 454 0.51 -17.49 51.92
CA PRO A 454 0.98 -18.42 50.89
C PRO A 454 -0.11 -19.41 50.50
N SER A 455 -0.09 -19.84 49.24
CA SER A 455 -1.13 -20.73 48.71
C SER A 455 -0.57 -21.59 47.58
N ALA A 456 -1.46 -22.43 47.04
CA ALA A 456 -1.04 -23.46 46.08
C ALA A 456 -0.20 -22.89 44.96
N SER A 457 -0.60 -21.75 44.39
CA SER A 457 0.12 -21.21 43.25
C SER A 457 1.51 -20.69 43.64
N THR A 458 1.75 -20.46 44.94
CA THR A 458 3.05 -20.00 45.43
C THR A 458 3.87 -21.11 46.05
N GLN A 459 3.26 -22.24 46.41
CA GLN A 459 3.96 -23.37 47.01
C GLN A 459 4.18 -24.51 46.02
N ALA A 460 4.13 -24.22 44.72
CA ALA A 460 4.40 -25.23 43.70
C ALA A 460 5.87 -25.61 43.69
N LEU A 461 6.17 -26.85 43.31
CA LEU A 461 7.56 -27.28 43.25
C LEU A 461 8.34 -26.44 42.23
N SER A 462 7.89 -26.43 40.98
CA SER A 462 8.44 -25.59 39.92
C SER A 462 7.38 -24.59 39.49
N SER A 463 7.84 -23.46 38.91
CA SER A 463 6.89 -22.41 38.55
C SER A 463 7.35 -21.67 37.30
N SER A 464 6.38 -21.01 36.65
CA SER A 464 6.60 -20.24 35.44
C SER A 464 5.60 -19.08 35.39
N VAL A 465 5.98 -18.03 34.66
CA VAL A 465 5.14 -16.85 34.49
C VAL A 465 5.05 -16.53 33.00
N SER A 466 3.86 -16.18 32.53
CA SER A 466 3.67 -15.99 31.09
C SER A 466 4.49 -14.82 30.59
N SER A 467 5.11 -15.00 29.43
CA SER A 467 5.89 -13.96 28.78
C SER A 467 5.23 -13.40 27.53
N SER A 468 3.94 -13.67 27.33
CA SER A 468 3.28 -13.26 26.11
C SER A 468 3.36 -11.75 25.95
N LYS A 469 3.61 -11.31 24.72
CA LYS A 469 3.66 -9.89 24.41
C LYS A 469 2.47 -9.46 23.56
N LEU A 470 1.42 -10.29 23.53
CA LEU A 470 0.28 -10.05 22.67
C LEU A 470 -0.38 -8.70 22.97
N PHE A 471 -0.68 -8.44 24.23
CA PHE A 471 -1.28 -7.21 24.71
C PHE A 471 -0.27 -6.18 25.18
N SER A 472 1.01 -6.51 25.17
CA SER A 472 2.05 -5.62 25.69
C SER A 472 2.14 -4.26 25.00
N SER A 473 1.38 -4.01 23.93
CA SER A 473 1.49 -2.68 23.32
C SER A 473 0.74 -1.67 24.17
N SER A 474 -0.23 -2.14 24.95
CA SER A 474 -1.00 -1.34 25.89
C SER A 474 -1.29 0.08 25.45
N THR A 475 -0.69 1.07 26.10
CA THR A 475 -1.02 2.51 25.92
C THR A 475 -2.39 2.82 26.52
N ALA A 476 -2.97 1.89 27.26
CA ALA A 476 -4.23 2.02 27.99
C ALA A 476 -3.94 2.14 29.48
N PRO A 477 -4.26 3.28 30.13
CA PRO A 477 -3.83 3.48 31.52
C PRO A 477 -4.80 2.86 32.53
N HIS A 478 -4.25 2.13 33.49
CA HIS A 478 -5.04 1.55 34.58
C HIS A 478 -4.35 1.92 35.89
N GLU A 479 -4.85 2.93 36.58
CA GLU A 479 -4.22 3.42 37.81
C GLU A 479 -4.51 2.55 39.02
N THR A 480 -3.50 2.42 39.88
CA THR A 480 -3.55 1.58 41.07
C THR A 480 -3.47 2.43 42.32
N SER A 481 -4.34 2.14 43.29
CA SER A 481 -4.32 2.79 44.59
C SER A 481 -3.91 1.75 45.63
N PHE A 482 -3.05 2.15 46.56
CA PHE A 482 -2.58 1.22 47.58
C PHE A 482 -3.76 0.65 48.35
N GLY A 483 -3.75 -0.67 48.58
CA GLY A 483 -4.80 -1.33 49.32
C GLY A 483 -5.87 -2.00 48.48
N GLU A 484 -5.94 -1.72 47.18
CA GLU A 484 -6.96 -2.31 46.34
C GLU A 484 -6.62 -3.78 46.05
N GLU A 485 -7.65 -4.61 45.92
CA GLU A 485 -7.43 -6.02 45.63
C GLU A 485 -7.29 -6.28 44.14
N VAL A 486 -6.57 -7.35 43.82
CA VAL A 486 -6.43 -7.87 42.45
C VAL A 486 -6.49 -9.39 42.51
N GLU A 487 -6.98 -10.01 41.45
CA GLU A 487 -6.92 -11.46 41.33
C GLU A 487 -5.69 -11.86 40.51
N VAL A 488 -4.98 -12.89 40.96
CA VAL A 488 -3.86 -13.44 40.23
C VAL A 488 -4.21 -14.87 39.88
N HIS A 489 -4.22 -15.18 38.59
CA HIS A 489 -4.74 -16.44 38.09
C HIS A 489 -3.59 -17.36 37.69
N ASN A 490 -3.76 -18.65 37.97
CA ASN A 490 -2.70 -19.62 37.74
C ASN A 490 -3.29 -20.87 37.14
N LEU A 491 -2.44 -21.65 36.48
CA LEU A 491 -2.73 -23.03 36.13
C LEU A 491 -1.86 -23.90 37.03
N LEU A 492 -2.50 -24.80 37.79
CA LEU A 492 -1.82 -25.68 38.71
C LEU A 492 -1.76 -27.08 38.11
N ILE A 493 -0.58 -27.71 38.17
CA ILE A 493 -0.41 -29.11 37.81
C ILE A 493 -0.27 -29.91 39.10
N ILE A 494 -1.22 -30.81 39.34
CA ILE A 494 -1.39 -31.51 40.62
C ILE A 494 -1.36 -33.01 40.37
N ASP A 495 -0.54 -33.71 41.16
CA ASP A 495 -0.36 -35.15 41.00
C ASP A 495 -1.62 -35.89 41.44
N GLN A 496 -1.98 -36.94 40.68
CA GLN A 496 -3.24 -37.63 40.91
C GLN A 496 -3.20 -38.53 42.14
N HIS A 497 -2.01 -38.88 42.64
CA HIS A 497 -1.90 -39.75 43.80
C HIS A 497 -1.59 -38.98 45.08
N THR A 498 -0.59 -38.12 45.06
CA THR A 498 -0.20 -37.34 46.23
C THR A 498 -0.92 -36.01 46.33
N PHE A 499 -1.40 -35.47 45.20
CA PHE A 499 -2.01 -34.14 45.15
C PHE A 499 -1.01 -33.09 45.61
N GLU A 500 0.24 -33.31 45.26
CA GLU A 500 1.29 -32.31 45.39
C GLU A 500 1.18 -31.35 44.22
N VAL A 501 1.34 -30.06 44.50
CA VAL A 501 1.33 -29.09 43.41
C VAL A 501 2.68 -29.17 42.72
N LEU A 502 2.71 -29.83 41.56
CA LEU A 502 3.97 -30.02 40.88
C LEU A 502 4.40 -28.77 40.13
N HIS A 503 3.45 -28.02 39.57
CA HIS A 503 3.80 -26.84 38.81
C HIS A 503 2.70 -25.81 38.96
N ALA A 504 3.06 -24.55 38.71
CA ALA A 504 2.11 -23.46 38.73
C ALA A 504 2.58 -22.42 37.71
N HIS A 505 1.69 -22.03 36.81
CA HIS A 505 1.96 -21.03 35.79
C HIS A 505 1.08 -19.82 36.09
N GLN A 506 1.70 -18.66 36.31
CA GLN A 506 0.97 -17.44 36.58
C GLN A 506 0.68 -16.71 35.27
N PHE A 507 -0.58 -16.34 35.05
CA PHE A 507 -0.94 -15.65 33.83
C PHE A 507 -0.61 -14.16 33.92
N LEU A 508 -0.76 -13.48 32.79
CA LEU A 508 -0.39 -12.07 32.68
C LEU A 508 -1.20 -11.24 33.68
N GLN A 509 -0.69 -10.05 33.98
CA GLN A 509 -1.41 -9.15 34.86
C GLN A 509 -2.77 -8.78 34.28
N ASN A 510 -3.79 -8.86 35.13
CA ASN A 510 -5.18 -8.59 34.73
C ASN A 510 -5.70 -9.61 33.72
N GLU A 511 -5.18 -10.84 33.76
CA GLU A 511 -5.66 -11.91 32.90
C GLU A 511 -6.41 -12.91 33.78
N TYR A 512 -7.66 -13.21 33.39
CA TYR A 512 -8.47 -14.19 34.09
C TYR A 512 -8.48 -15.48 33.29
N ALA A 513 -8.23 -16.60 33.97
CA ALA A 513 -8.35 -17.92 33.36
C ALA A 513 -9.78 -18.39 33.56
N LEU A 514 -10.47 -18.68 32.47
CA LEU A 514 -11.89 -19.02 32.51
C LEU A 514 -12.21 -20.44 32.06
N SER A 515 -11.35 -21.08 31.26
CA SER A 515 -11.68 -22.38 30.70
C SER A 515 -10.42 -23.23 30.54
N LEU A 516 -10.57 -24.53 30.80
CA LEU A 516 -9.46 -25.47 30.73
C LEU A 516 -9.93 -26.77 30.12
N VAL A 517 -9.16 -27.30 29.17
CA VAL A 517 -9.42 -28.61 28.57
C VAL A 517 -8.07 -29.31 28.36
N SER A 518 -8.07 -30.63 28.52
CA SER A 518 -6.93 -31.49 28.23
C SER A 518 -7.35 -32.35 27.04
N CYS A 519 -6.70 -32.15 25.90
CA CYS A 519 -7.10 -32.85 24.70
C CYS A 519 -5.88 -33.00 23.78
N LYS A 520 -6.00 -33.93 22.84
CA LYS A 520 -5.10 -34.02 21.70
C LYS A 520 -5.85 -33.42 20.51
N LEU A 521 -5.13 -32.72 19.64
CA LEU A 521 -5.78 -32.08 18.50
C LEU A 521 -5.11 -32.52 17.20
N GLY A 522 -5.94 -32.69 16.17
CA GLY A 522 -5.45 -33.00 14.85
C GLY A 522 -4.64 -34.28 14.79
N LYS A 523 -3.53 -34.21 14.04
CA LYS A 523 -2.57 -35.29 13.91
C LYS A 523 -1.42 -35.15 14.91
N ASP A 524 -1.64 -34.43 16.00
CA ASP A 524 -0.59 -34.17 16.96
C ASP A 524 -0.60 -35.26 18.02
N PRO A 525 0.49 -36.03 18.17
CA PRO A 525 0.51 -37.08 19.21
C PRO A 525 0.48 -36.51 20.61
N ASN A 526 1.06 -35.33 20.84
CA ASN A 526 1.19 -34.78 22.16
C ASN A 526 -0.16 -34.37 22.72
N THR A 527 -0.37 -34.67 23.99
CA THR A 527 -1.57 -34.32 24.72
C THR A 527 -1.31 -33.04 25.52
N TYR A 528 -2.19 -32.05 25.35
CA TYR A 528 -1.93 -30.70 25.84
C TYR A 528 -2.93 -30.24 26.89
N PHE A 529 -2.53 -29.18 27.61
CA PHE A 529 -3.39 -28.39 28.48
C PHE A 529 -3.72 -27.10 27.74
N ILE A 530 -4.98 -26.83 27.49
CA ILE A 530 -5.36 -25.61 26.77
C ILE A 530 -6.23 -24.75 27.68
N VAL A 531 -5.81 -23.50 27.86
CA VAL A 531 -6.45 -22.57 28.80
C VAL A 531 -6.99 -21.39 28.00
N GLY A 532 -8.18 -20.93 28.35
CA GLY A 532 -8.77 -19.74 27.75
C GLY A 532 -8.87 -18.60 28.76
N THR A 533 -8.48 -17.41 28.31
CA THR A 533 -8.34 -16.28 29.22
C THR A 533 -9.13 -15.07 28.72
N ALA A 534 -9.25 -14.07 29.61
CA ALA A 534 -9.89 -12.79 29.31
C ALA A 534 -9.13 -11.69 30.02
N MET A 535 -8.80 -10.62 29.30
CA MET A 535 -8.16 -9.44 29.91
C MET A 535 -9.24 -8.57 30.54
N VAL A 536 -9.25 -8.51 31.86
CA VAL A 536 -10.30 -7.86 32.63
C VAL A 536 -9.74 -6.54 33.18
N TYR A 537 -10.31 -5.42 32.74
CA TYR A 537 -9.98 -4.13 33.31
C TYR A 537 -11.21 -3.49 33.98
N PRO A 538 -11.05 -2.83 35.13
CA PRO A 538 -12.23 -2.37 35.88
C PRO A 538 -13.09 -1.42 35.05
N GLU A 539 -12.56 -0.91 33.94
CA GLU A 539 -13.28 0.00 33.07
C GLU A 539 -14.24 -0.71 32.12
N GLU A 540 -13.91 -1.93 31.68
CA GLU A 540 -14.68 -2.61 30.64
C GLU A 540 -15.98 -3.23 31.12
N ALA A 541 -17.05 -3.01 30.32
CA ALA A 541 -18.30 -3.69 30.58
C ALA A 541 -18.23 -5.17 30.18
N GLU A 542 -17.56 -5.48 29.06
CA GLU A 542 -17.34 -6.84 28.59
C GLU A 542 -15.90 -6.94 28.08
N PRO A 543 -15.16 -7.98 28.46
CA PRO A 543 -13.76 -8.06 28.05
C PRO A 543 -13.64 -8.06 26.54
N LYS A 544 -12.65 -7.31 26.03
CA LYS A 544 -12.42 -7.24 24.59
C LYS A 544 -11.10 -7.83 24.16
N GLN A 545 -10.32 -8.36 25.09
CA GLN A 545 -9.06 -9.00 24.76
C GLN A 545 -8.99 -10.32 25.52
N GLY A 546 -8.40 -11.31 24.90
CA GLY A 546 -8.23 -12.62 25.50
C GLY A 546 -7.34 -13.46 24.62
N ARG A 547 -6.83 -14.55 25.18
CA ARG A 547 -5.99 -15.44 24.41
C ARG A 547 -6.33 -16.89 24.77
N ILE A 548 -6.10 -17.77 23.81
CA ILE A 548 -6.18 -19.21 24.00
C ILE A 548 -4.76 -19.74 23.88
N VAL A 549 -4.24 -20.28 24.97
CA VAL A 549 -2.83 -20.66 25.05
C VAL A 549 -2.74 -22.16 25.29
N VAL A 550 -1.87 -22.82 24.52
CA VAL A 550 -1.62 -24.26 24.61
C VAL A 550 -0.33 -24.53 25.38
N PHE A 551 -0.39 -25.47 26.30
CA PHE A 551 0.70 -25.81 27.21
C PHE A 551 0.96 -27.30 27.09
N GLN A 552 2.21 -27.71 27.31
CA GLN A 552 2.53 -29.13 27.42
C GLN A 552 3.19 -29.38 28.76
N TYR A 553 2.57 -30.23 29.56
CA TYR A 553 3.21 -30.67 30.81
C TYR A 553 4.10 -31.85 30.47
N SER A 554 5.41 -31.64 30.54
CA SER A 554 6.38 -32.68 30.20
C SER A 554 7.55 -32.59 31.18
N ASP A 555 7.89 -33.72 31.79
CA ASP A 555 9.08 -33.82 32.62
C ASP A 555 9.12 -32.73 33.68
N GLY A 556 7.99 -32.55 34.36
CA GLY A 556 7.93 -31.65 35.49
C GLY A 556 7.92 -30.18 35.16
N LYS A 557 7.90 -29.83 33.88
CA LYS A 557 7.83 -28.43 33.47
C LYS A 557 6.70 -28.26 32.47
N LEU A 558 5.99 -27.14 32.60
CA LEU A 558 4.96 -26.76 31.65
C LEU A 558 5.60 -25.85 30.60
N GLN A 559 5.40 -26.19 29.33
CA GLN A 559 5.97 -25.44 28.22
C GLN A 559 4.83 -24.74 27.48
N THR A 560 5.14 -23.68 26.78
CA THR A 560 4.11 -22.90 26.08
C THR A 560 4.21 -23.20 24.59
N VAL A 561 3.29 -24.04 24.11
CA VAL A 561 3.36 -24.54 22.73
C VAL A 561 2.92 -23.48 21.72
N ALA A 562 1.79 -22.82 21.98
CA ALA A 562 1.28 -21.85 21.03
C ALA A 562 0.24 -20.98 21.74
N GLU A 563 0.04 -19.78 21.20
CA GLU A 563 -1.00 -18.87 21.68
C GLU A 563 -1.78 -18.29 20.51
N LYS A 564 -3.08 -18.10 20.72
CA LYS A 564 -3.99 -17.51 19.76
C LYS A 564 -4.67 -16.33 20.43
N GLU A 565 -4.54 -15.14 19.84
CA GLU A 565 -5.20 -13.98 20.40
C GLU A 565 -6.66 -13.98 19.95
N VAL A 566 -7.57 -13.68 20.88
CA VAL A 566 -8.98 -13.55 20.55
C VAL A 566 -9.45 -12.21 21.07
N LYS A 567 -10.48 -11.66 20.44
CA LYS A 567 -10.99 -10.33 20.78
C LYS A 567 -12.19 -10.45 21.72
N GLY A 568 -11.96 -11.10 22.85
CA GLY A 568 -13.01 -11.31 23.82
C GLY A 568 -12.55 -12.29 24.88
N ALA A 569 -13.48 -12.62 25.77
CA ALA A 569 -13.24 -13.61 26.82
C ALA A 569 -13.63 -14.98 26.28
N VAL A 570 -12.74 -15.97 26.44
CA VAL A 570 -13.03 -17.34 26.03
C VAL A 570 -13.63 -18.05 27.27
N TYR A 571 -14.96 -18.03 27.33
CA TYR A 571 -15.65 -18.52 28.52
C TYR A 571 -15.63 -20.05 28.61
N SER A 572 -15.69 -20.72 27.47
CA SER A 572 -15.78 -22.17 27.49
C SER A 572 -15.10 -22.72 26.24
N MET A 573 -14.37 -23.82 26.44
CA MET A 573 -13.69 -24.53 25.36
C MET A 573 -14.01 -26.00 25.54
N VAL A 574 -14.20 -26.71 24.43
CA VAL A 574 -14.52 -28.13 24.46
C VAL A 574 -13.89 -28.76 23.21
N GLU A 575 -13.44 -30.00 23.36
CA GLU A 575 -12.80 -30.68 22.25
C GLU A 575 -13.84 -31.26 21.31
N PHE A 576 -13.63 -31.04 20.01
CA PHE A 576 -14.62 -31.40 18.98
C PHE A 576 -13.90 -32.24 17.93
N ASN A 577 -13.86 -33.55 18.13
CA ASN A 577 -13.39 -34.45 17.09
C ASN A 577 -12.03 -34.00 16.57
N GLY A 578 -11.11 -33.79 17.49
CA GLY A 578 -9.77 -33.34 17.17
C GLY A 578 -9.62 -31.86 16.86
N LYS A 579 -10.69 -31.09 16.96
CA LYS A 579 -10.67 -29.65 16.74
C LYS A 579 -11.02 -28.96 18.06
N LEU A 580 -10.80 -27.65 18.12
CA LEU A 580 -11.04 -26.90 19.35
C LEU A 580 -12.25 -25.99 19.17
N LEU A 581 -13.28 -26.23 19.96
CA LEU A 581 -14.50 -25.42 19.98
C LEU A 581 -14.40 -24.43 21.14
N ALA A 582 -14.53 -23.15 20.84
CA ALA A 582 -14.37 -22.11 21.84
C ALA A 582 -15.48 -21.08 21.69
N SER A 583 -15.91 -20.51 22.83
CA SER A 583 -16.91 -19.45 22.86
C SER A 583 -16.18 -18.17 23.25
N ILE A 584 -16.06 -17.24 22.31
CA ILE A 584 -15.47 -15.93 22.56
C ILE A 584 -16.60 -14.91 22.54
N ASN A 585 -17.00 -14.45 23.72
CA ASN A 585 -18.09 -13.47 23.90
C ASN A 585 -19.34 -14.00 23.23
N SER A 586 -19.88 -13.31 22.21
CA SER A 586 -21.05 -13.73 21.45
C SER A 586 -20.74 -14.83 20.43
N THR A 587 -19.48 -15.01 20.06
CA THR A 587 -19.08 -15.89 18.97
C THR A 587 -18.78 -17.31 19.48
N VAL A 588 -19.20 -18.31 18.71
CA VAL A 588 -18.81 -19.70 18.91
C VAL A 588 -17.92 -20.10 17.73
N ARG A 589 -16.71 -20.58 18.02
CA ARG A 589 -15.72 -20.82 16.99
C ARG A 589 -15.16 -22.24 17.04
N LEU A 590 -14.82 -22.78 15.87
CA LEU A 590 -14.13 -24.05 15.72
C LEU A 590 -12.76 -23.81 15.11
N TYR A 591 -11.71 -24.24 15.81
CA TYR A 591 -10.33 -24.08 15.37
C TYR A 591 -9.77 -25.44 14.96
N GLU A 592 -8.89 -25.44 13.96
CA GLU A 592 -8.14 -26.64 13.61
C GLU A 592 -6.68 -26.48 14.06
N TRP A 593 -6.08 -27.60 14.44
CA TRP A 593 -4.68 -27.64 14.88
C TRP A 593 -3.82 -28.08 13.70
N THR A 594 -2.98 -27.16 13.22
CA THR A 594 -2.23 -27.40 12.01
C THR A 594 -0.99 -28.25 12.31
N THR A 595 -0.34 -28.70 11.23
CA THR A 595 0.94 -29.37 11.36
C THR A 595 2.02 -28.45 11.89
N GLU A 596 1.82 -27.13 11.83
CA GLU A 596 2.75 -26.17 12.38
C GLU A 596 2.47 -25.85 13.86
N LYS A 597 1.59 -26.61 14.50
CA LYS A 597 1.29 -26.44 15.92
C LYS A 597 0.81 -25.03 16.23
N GLU A 598 -0.13 -24.55 15.41
CA GLU A 598 -0.85 -23.31 15.65
C GLU A 598 -2.32 -23.59 15.42
N LEU A 599 -3.17 -22.75 16.02
CA LEU A 599 -4.61 -22.87 15.90
C LEU A 599 -5.08 -22.09 14.69
N ARG A 600 -5.94 -22.70 13.88
CA ARG A 600 -6.46 -22.06 12.68
C ARG A 600 -7.98 -22.14 12.72
N THR A 601 -8.63 -21.01 12.51
CA THR A 601 -10.08 -20.94 12.55
C THR A 601 -10.68 -21.65 11.34
N GLU A 602 -11.71 -22.47 11.58
CA GLU A 602 -12.46 -23.07 10.50
C GLU A 602 -13.80 -22.36 10.27
N CYS A 603 -14.64 -22.27 11.30
CA CYS A 603 -15.96 -21.66 11.14
C CYS A 603 -16.40 -20.98 12.43
N ASN A 604 -17.36 -20.05 12.27
CA ASN A 604 -17.89 -19.25 13.38
C ASN A 604 -19.41 -19.22 13.38
N HIS A 605 -19.98 -19.00 14.57
CA HIS A 605 -21.41 -18.71 14.76
C HIS A 605 -21.55 -17.46 15.63
N TYR A 606 -22.41 -16.53 15.21
CA TYR A 606 -22.48 -15.23 15.87
C TYR A 606 -23.80 -14.90 16.56
N ASN A 607 -24.85 -15.72 16.43
CA ASN A 607 -26.15 -15.36 16.98
C ASN A 607 -26.25 -15.77 18.45
N ASN A 608 -25.49 -15.06 19.28
CA ASN A 608 -25.53 -15.22 20.74
C ASN A 608 -25.34 -13.89 21.45
N ILE A 609 -26.03 -13.74 22.58
CA ILE A 609 -25.78 -12.61 23.47
C ILE A 609 -24.46 -12.80 24.21
N MET A 610 -24.25 -14.00 24.76
CA MET A 610 -22.98 -14.32 25.41
C MET A 610 -22.93 -15.84 25.57
N ALA A 611 -22.07 -16.50 24.79
CA ALA A 611 -21.99 -17.97 24.80
C ALA A 611 -21.19 -18.42 26.02
N LEU A 612 -21.88 -18.65 27.11
CA LEU A 612 -21.22 -18.94 28.38
C LEU A 612 -20.88 -20.41 28.55
N TYR A 613 -21.63 -21.31 27.92
CA TYR A 613 -21.49 -22.76 28.15
C TYR A 613 -21.55 -23.52 26.84
N LEU A 614 -20.65 -24.50 26.68
CA LEU A 614 -20.60 -25.35 25.50
C LEU A 614 -20.51 -26.81 25.92
N LYS A 615 -21.27 -27.66 25.23
CA LYS A 615 -21.21 -29.12 25.36
C LYS A 615 -21.40 -29.74 23.98
N THR A 616 -20.84 -30.93 23.78
CA THR A 616 -20.90 -31.56 22.47
C THR A 616 -21.30 -33.03 22.56
N LYS A 617 -21.79 -33.55 21.43
CA LYS A 617 -22.07 -34.98 21.27
C LYS A 617 -22.07 -35.23 19.77
N GLY A 618 -20.99 -35.83 19.28
CA GLY A 618 -20.89 -36.07 17.83
C GLY A 618 -20.62 -34.78 17.15
N ASP A 619 -21.40 -34.47 16.12
CA ASP A 619 -21.29 -33.20 15.42
C ASP A 619 -22.30 -32.16 15.90
N PHE A 620 -22.90 -32.37 17.07
CA PHE A 620 -23.90 -31.49 17.63
C PHE A 620 -23.31 -30.71 18.81
N ILE A 621 -23.65 -29.44 18.91
CA ILE A 621 -23.17 -28.56 19.96
C ILE A 621 -24.37 -27.93 20.65
N LEU A 622 -24.36 -27.91 21.99
CA LEU A 622 -25.36 -27.21 22.78
C LEU A 622 -24.72 -25.96 23.40
N VAL A 623 -25.31 -24.80 23.14
CA VAL A 623 -24.77 -23.52 23.61
C VAL A 623 -25.66 -22.97 24.73
N GLY A 624 -25.01 -22.46 25.78
CA GLY A 624 -25.69 -21.80 26.89
C GLY A 624 -25.45 -20.30 26.92
N ASP A 625 -26.52 -19.52 26.86
CA ASP A 625 -26.47 -18.07 26.74
C ASP A 625 -26.84 -17.38 28.05
N LEU A 626 -26.42 -16.12 28.17
CA LEU A 626 -26.69 -15.36 29.39
C LEU A 626 -28.19 -15.16 29.58
N MET A 627 -28.93 -14.96 28.48
CA MET A 627 -30.35 -14.69 28.59
C MET A 627 -31.21 -15.42 27.56
N ARG A 628 -30.63 -16.12 26.59
CA ARG A 628 -31.42 -16.74 25.52
C ARG A 628 -31.49 -18.25 25.68
N SER A 629 -31.19 -18.77 26.89
CA SER A 629 -31.38 -20.17 27.22
C SER A 629 -30.44 -21.07 26.41
N VAL A 630 -30.95 -22.06 25.68
CA VAL A 630 -30.11 -23.09 25.06
C VAL A 630 -30.35 -23.10 23.55
N LEU A 631 -29.27 -23.29 22.79
CA LEU A 631 -29.31 -23.33 21.33
C LEU A 631 -28.58 -24.58 20.88
N LEU A 632 -29.25 -25.39 20.05
CA LEU A 632 -28.63 -26.57 19.44
C LEU A 632 -28.03 -26.20 18.08
N LEU A 633 -26.71 -26.35 17.98
CA LEU A 633 -25.93 -25.99 16.80
C LEU A 633 -25.23 -27.24 16.27
N ALA A 634 -25.12 -27.36 14.95
CA ALA A 634 -24.51 -28.55 14.35
C ALA A 634 -23.44 -28.18 13.34
N TYR A 635 -22.38 -29.00 13.31
CA TYR A 635 -21.27 -28.86 12.38
C TYR A 635 -21.55 -29.67 11.11
N LYS A 636 -21.55 -29.00 9.96
CA LYS A 636 -21.79 -29.69 8.71
C LYS A 636 -20.45 -30.03 8.06
N PRO A 637 -19.92 -31.24 8.23
CA PRO A 637 -18.55 -31.48 7.72
C PRO A 637 -18.45 -31.32 6.22
N MET A 638 -19.52 -31.64 5.49
CA MET A 638 -19.48 -31.51 4.05
C MET A 638 -19.20 -30.08 3.64
N GLU A 639 -19.64 -29.12 4.46
CA GLU A 639 -19.56 -27.71 4.12
C GLU A 639 -18.50 -26.93 4.89
N GLY A 640 -18.06 -27.41 6.04
CA GLY A 640 -17.08 -26.70 6.84
C GLY A 640 -17.63 -25.48 7.54
N ASN A 641 -18.85 -25.57 8.07
CA ASN A 641 -19.49 -24.43 8.74
C ASN A 641 -20.41 -24.94 9.83
N PHE A 642 -21.18 -24.02 10.44
CA PHE A 642 -22.17 -24.32 11.48
C PHE A 642 -23.60 -24.17 10.96
N GLU A 643 -24.53 -24.91 11.60
CA GLU A 643 -25.95 -24.75 11.33
C GLU A 643 -26.75 -24.71 12.63
N GLU A 644 -27.80 -23.89 12.66
CA GLU A 644 -28.66 -23.76 13.83
C GLU A 644 -29.77 -24.81 13.71
N ILE A 645 -29.69 -25.87 14.51
CA ILE A 645 -30.72 -26.91 14.44
C ILE A 645 -32.01 -26.45 15.13
N ALA A 646 -31.92 -25.98 16.37
CA ALA A 646 -33.11 -25.60 17.13
C ALA A 646 -32.69 -24.74 18.32
N ARG A 647 -33.46 -23.69 18.57
CA ARG A 647 -33.22 -22.77 19.68
C ARG A 647 -34.45 -22.73 20.59
N ASP A 648 -34.19 -22.72 21.90
CA ASP A 648 -35.22 -22.46 22.89
C ASP A 648 -35.53 -20.97 22.93
N PHE A 649 -36.80 -20.62 22.79
CA PHE A 649 -37.22 -19.22 22.75
C PHE A 649 -37.83 -18.73 24.07
N ASN A 650 -37.67 -19.48 25.17
CA ASN A 650 -38.09 -19.02 26.49
C ASN A 650 -36.92 -18.32 27.18
N PRO A 651 -37.11 -17.13 27.74
CA PRO A 651 -35.97 -16.36 28.24
C PRO A 651 -35.53 -16.92 29.59
N ASN A 652 -34.34 -17.54 29.61
CA ASN A 652 -33.79 -18.08 30.85
C ASN A 652 -32.32 -17.71 30.97
N TRP A 653 -31.90 -17.43 32.20
CA TRP A 653 -30.50 -17.15 32.53
C TRP A 653 -29.82 -18.45 32.96
N MET A 654 -28.85 -18.90 32.18
CA MET A 654 -28.25 -20.22 32.36
C MET A 654 -27.12 -20.19 33.38
N SER A 655 -27.04 -21.26 34.19
CA SER A 655 -25.91 -21.51 35.08
C SER A 655 -25.09 -22.72 34.65
N ALA A 656 -25.70 -23.68 33.96
CA ALA A 656 -25.00 -24.84 33.45
C ALA A 656 -25.92 -25.54 32.46
N VAL A 657 -25.33 -26.23 31.49
CA VAL A 657 -26.07 -26.96 30.48
C VAL A 657 -25.44 -28.35 30.36
N GLU A 658 -26.27 -29.32 29.99
CA GLU A 658 -25.79 -30.67 29.70
C GLU A 658 -26.63 -31.30 28.60
N ILE A 659 -26.00 -32.20 27.84
CA ILE A 659 -26.66 -33.00 26.83
C ILE A 659 -27.01 -34.35 27.45
N LEU A 660 -28.29 -34.71 27.41
CA LEU A 660 -28.73 -36.01 27.93
C LEU A 660 -28.65 -37.12 26.89
N ASP A 661 -29.16 -36.85 25.69
CA ASP A 661 -29.08 -37.79 24.56
C ASP A 661 -29.25 -36.95 23.29
N ASP A 662 -29.28 -37.62 22.14
CA ASP A 662 -29.28 -36.87 20.89
C ASP A 662 -30.45 -35.92 20.76
N ASP A 663 -31.52 -36.11 21.56
CA ASP A 663 -32.72 -35.30 21.47
C ASP A 663 -33.06 -34.48 22.70
N ASN A 664 -32.63 -34.87 23.90
CA ASN A 664 -33.01 -34.18 25.13
C ASN A 664 -31.83 -33.39 25.70
N PHE A 665 -32.12 -32.17 26.16
CA PHE A 665 -31.08 -31.27 26.64
C PHE A 665 -31.45 -30.68 27.99
N LEU A 666 -30.50 -30.67 28.91
CA LEU A 666 -30.72 -30.29 30.30
C LEU A 666 -30.07 -28.94 30.60
N GLY A 667 -30.79 -28.10 31.33
CA GLY A 667 -30.31 -26.77 31.65
C GLY A 667 -30.63 -26.42 33.09
N ALA A 668 -29.87 -25.46 33.62
CA ALA A 668 -30.04 -25.00 34.99
C ALA A 668 -30.17 -23.48 34.98
N GLU A 669 -31.14 -22.97 35.72
CA GLU A 669 -31.48 -21.55 35.69
C GLU A 669 -30.86 -20.91 36.91
N ASN A 670 -30.64 -19.60 36.84
CA ASN A 670 -30.11 -18.87 37.99
C ASN A 670 -31.13 -18.71 39.11
N ALA A 671 -32.38 -19.09 38.86
CA ALA A 671 -33.45 -19.03 39.85
C ALA A 671 -33.57 -20.31 40.65
N PHE A 672 -32.60 -21.22 40.54
CA PHE A 672 -32.62 -22.51 41.22
C PHE A 672 -33.61 -23.47 40.57
N ASN A 673 -33.75 -23.40 39.24
CA ASN A 673 -34.64 -24.26 38.47
C ASN A 673 -33.91 -25.07 37.42
N LEU A 674 -34.46 -26.26 37.13
CA LEU A 674 -34.00 -27.14 36.07
C LEU A 674 -35.05 -27.29 34.98
N PHE A 675 -34.58 -27.47 33.74
CA PHE A 675 -35.50 -27.74 32.62
C PHE A 675 -34.82 -28.61 31.56
N VAL A 676 -35.66 -29.30 30.79
CA VAL A 676 -35.23 -30.16 29.69
C VAL A 676 -35.98 -29.78 28.43
N CYS A 677 -35.24 -29.65 27.33
CA CYS A 677 -35.78 -29.29 26.03
C CYS A 677 -35.51 -30.43 25.05
N GLN A 678 -36.49 -30.72 24.19
CA GLN A 678 -36.35 -31.76 23.18
C GLN A 678 -36.67 -31.18 21.80
N LYS A 679 -35.95 -31.64 20.78
CA LYS A 679 -36.33 -31.35 19.40
C LYS A 679 -37.78 -31.78 19.20
N ASP A 680 -38.56 -31.01 18.44
CA ASP A 680 -39.98 -31.37 18.36
C ASP A 680 -40.19 -32.75 17.73
N SER A 681 -39.20 -33.28 17.02
CA SER A 681 -39.23 -34.60 16.40
C SER A 681 -40.43 -34.81 15.47
N ALA A 682 -41.14 -33.75 15.11
CA ALA A 682 -42.27 -33.77 14.17
C ALA A 682 -41.87 -32.77 13.11
N ALA A 683 -41.57 -33.24 11.90
CA ALA A 683 -41.06 -32.37 10.86
C ALA A 683 -42.10 -31.95 9.83
N THR A 684 -43.22 -31.38 10.29
CA THR A 684 -44.21 -30.88 9.35
C THR A 684 -43.76 -29.55 8.78
N THR A 685 -43.14 -28.71 9.62
CA THR A 685 -42.69 -27.38 9.22
C THR A 685 -41.27 -27.12 9.71
N ASP A 686 -40.53 -26.32 8.95
CA ASP A 686 -39.18 -25.93 9.36
C ASP A 686 -39.20 -25.21 10.71
N GLU A 687 -40.23 -24.40 10.96
CA GLU A 687 -40.34 -23.69 12.23
C GLU A 687 -40.46 -24.67 13.40
N GLU A 688 -41.18 -25.77 13.19
CA GLU A 688 -41.37 -26.72 14.30
C GLU A 688 -40.04 -27.36 14.69
N ARG A 689 -39.24 -27.74 13.68
CA ARG A 689 -37.95 -28.37 13.96
C ARG A 689 -37.03 -27.41 14.70
N GLN A 690 -37.03 -26.15 14.29
CA GLN A 690 -36.15 -25.15 14.88
C GLN A 690 -36.63 -24.66 16.23
N HIS A 691 -37.59 -25.35 16.82
CA HIS A 691 -38.11 -25.03 18.14
C HIS A 691 -37.67 -26.09 19.13
N LEU A 692 -37.02 -25.67 20.20
CA LEU A 692 -36.75 -26.55 21.32
C LEU A 692 -37.93 -26.37 22.28
N GLN A 693 -38.70 -27.43 22.49
CA GLN A 693 -39.89 -27.37 23.31
C GLN A 693 -39.52 -27.72 24.74
N GLU A 694 -39.75 -26.79 25.68
CA GLU A 694 -39.56 -27.08 27.09
C GLU A 694 -40.48 -28.24 27.42
N VAL A 695 -39.88 -29.38 27.77
CA VAL A 695 -40.64 -30.61 28.01
C VAL A 695 -40.64 -31.06 29.48
N GLY A 696 -39.67 -30.63 30.26
CA GLY A 696 -39.59 -30.88 31.68
C GLY A 696 -39.24 -29.60 32.40
N LEU A 697 -39.95 -29.32 33.50
CA LEU A 697 -39.71 -28.14 34.32
C LEU A 697 -39.69 -28.56 35.78
N PHE A 698 -38.72 -28.05 36.54
CA PHE A 698 -38.51 -28.53 37.91
C PHE A 698 -37.77 -27.48 38.74
N HIS A 699 -38.27 -27.22 39.95
CA HIS A 699 -37.58 -26.33 40.88
C HIS A 699 -36.67 -27.15 41.79
N LEU A 700 -35.35 -27.06 41.56
CA LEU A 700 -34.40 -27.84 42.34
C LEU A 700 -34.19 -27.27 43.73
N GLY A 701 -34.07 -25.95 43.85
CA GLY A 701 -33.74 -25.32 45.11
C GLY A 701 -32.25 -25.10 45.34
N GLU A 702 -31.41 -25.46 44.38
CA GLU A 702 -29.97 -25.27 44.45
C GLU A 702 -29.49 -24.56 43.19
N PHE A 703 -28.30 -23.98 43.28
CA PHE A 703 -27.65 -23.31 42.15
C PHE A 703 -26.65 -24.29 41.54
N VAL A 704 -26.88 -24.72 40.32
CA VAL A 704 -26.07 -25.75 39.68
C VAL A 704 -24.95 -25.07 38.89
N ASN A 705 -23.71 -25.24 39.33
CA ASN A 705 -22.59 -24.69 38.57
C ASN A 705 -22.08 -25.62 37.47
N VAL A 706 -22.14 -26.94 37.68
CA VAL A 706 -21.50 -27.89 36.77
C VAL A 706 -22.34 -29.14 36.63
N PHE A 707 -22.49 -29.59 35.38
CA PHE A 707 -23.07 -30.88 35.05
C PHE A 707 -21.94 -31.76 34.53
N CYS A 708 -21.86 -33.00 35.02
CA CYS A 708 -20.78 -33.91 34.64
C CYS A 708 -21.37 -35.31 34.46
N HIS A 709 -21.05 -35.96 33.34
CA HIS A 709 -21.53 -37.32 33.10
C HIS A 709 -20.71 -38.33 33.89
N GLY A 710 -21.39 -39.17 34.67
CA GLY A 710 -20.69 -40.22 35.41
C GLY A 710 -21.45 -40.66 36.64
N SER A 711 -20.89 -41.69 37.29
CA SER A 711 -21.42 -42.16 38.57
C SER A 711 -20.28 -42.67 39.43
N LEU A 712 -20.50 -42.61 40.75
CA LEU A 712 -19.56 -43.11 41.74
C LEU A 712 -19.84 -44.53 42.16
N VAL A 713 -20.93 -45.13 41.65
CA VAL A 713 -21.33 -46.48 42.00
C VAL A 713 -20.53 -47.46 41.16
N MET A 714 -20.32 -48.65 41.70
CA MET A 714 -19.63 -49.69 40.96
C MET A 714 -20.63 -50.42 40.06
N GLN A 715 -20.37 -50.45 38.76
CA GLN A 715 -21.30 -51.09 37.83
C GLN A 715 -20.73 -52.18 36.93
N ASN A 716 -19.46 -52.56 37.06
CA ASN A 716 -18.89 -53.54 36.17
C ASN A 716 -19.00 -54.97 36.71
N LEU A 717 -19.00 -55.92 35.79
CA LEU A 717 -19.07 -57.36 36.08
C LEU A 717 -20.38 -57.77 36.76
N GLY A 718 -21.49 -57.32 36.17
CA GLY A 718 -22.79 -57.83 36.58
C GLY A 718 -23.47 -57.17 37.75
N GLU A 719 -22.98 -56.03 38.25
CA GLU A 719 -23.71 -55.34 39.31
C GLU A 719 -25.07 -54.95 38.71
N THR A 720 -26.15 -55.31 39.38
CA THR A 720 -27.48 -55.15 38.78
C THR A 720 -27.79 -53.71 38.41
N SER A 721 -28.22 -53.51 37.16
CA SER A 721 -28.57 -52.20 36.66
C SER A 721 -30.00 -51.88 37.10
N THR A 722 -30.47 -50.69 36.74
CA THR A 722 -31.77 -50.22 37.23
C THR A 722 -32.73 -49.83 36.10
N PRO A 723 -33.99 -49.51 36.44
CA PRO A 723 -34.89 -48.97 35.40
C PRO A 723 -34.37 -47.69 34.75
N THR A 724 -33.76 -46.83 35.55
CA THR A 724 -33.26 -45.55 35.08
C THR A 724 -32.08 -45.73 34.13
N GLN A 725 -31.99 -44.85 33.13
CA GLN A 725 -30.89 -44.89 32.17
C GLN A 725 -30.19 -43.52 32.14
N GLY A 726 -28.87 -43.55 32.24
CA GLY A 726 -28.01 -42.38 32.22
C GLY A 726 -27.57 -41.96 33.63
N SER A 727 -26.51 -41.16 33.67
CA SER A 727 -26.02 -40.65 34.95
C SER A 727 -25.33 -39.31 34.67
N VAL A 728 -26.04 -38.23 35.02
CA VAL A 728 -25.47 -36.88 34.99
C VAL A 728 -25.40 -36.43 36.44
N LEU A 729 -24.20 -36.09 36.89
CA LEU A 729 -23.97 -35.59 38.24
C LEU A 729 -23.89 -34.06 38.20
N PHE A 730 -24.45 -33.39 39.20
CA PHE A 730 -24.37 -31.94 39.22
C PHE A 730 -23.90 -31.43 40.58
N GLY A 731 -23.09 -30.39 40.54
CA GLY A 731 -22.57 -29.73 41.73
C GLY A 731 -23.17 -28.35 41.88
N THR A 732 -23.34 -27.91 43.13
CA THR A 732 -24.06 -26.68 43.43
C THR A 732 -23.26 -25.80 44.38
N VAL A 733 -23.76 -24.58 44.57
CA VAL A 733 -23.08 -23.63 45.43
C VAL A 733 -23.12 -24.05 46.89
N ASN A 734 -24.22 -24.66 47.33
CA ASN A 734 -24.34 -25.05 48.73
C ASN A 734 -23.71 -26.42 49.04
N GLY A 735 -22.94 -26.97 48.11
CA GLY A 735 -22.27 -28.24 48.30
C GLY A 735 -23.09 -29.45 47.96
N MET A 736 -24.35 -29.28 47.59
CA MET A 736 -25.20 -30.41 47.24
C MET A 736 -24.69 -31.03 45.94
N ILE A 737 -24.58 -32.35 45.91
CA ILE A 737 -24.27 -33.10 44.69
C ILE A 737 -25.50 -33.94 44.35
N GLY A 738 -25.88 -33.96 43.06
CA GLY A 738 -27.10 -34.63 42.65
C GLY A 738 -26.93 -35.39 41.34
N LEU A 739 -27.95 -36.18 41.03
CA LEU A 739 -27.95 -37.06 39.86
C LEU A 739 -29.25 -36.88 39.09
N VAL A 740 -29.12 -36.73 37.77
CA VAL A 740 -30.25 -36.65 36.86
C VAL A 740 -30.17 -37.87 35.95
N THR A 741 -31.25 -38.64 35.87
CA THR A 741 -31.30 -39.81 35.00
C THR A 741 -32.68 -39.87 34.34
N SER A 742 -32.77 -40.67 33.27
CA SER A 742 -33.97 -40.79 32.47
C SER A 742 -34.79 -42.03 32.82
N LEU A 743 -36.07 -41.99 32.45
CA LEU A 743 -37.03 -43.04 32.72
C LEU A 743 -37.79 -43.38 31.44
N SER A 744 -38.39 -44.58 31.42
CA SER A 744 -39.34 -44.91 30.37
C SER A 744 -40.71 -44.33 30.72
N GLU A 745 -41.56 -44.15 29.70
CA GLU A 745 -42.88 -43.58 29.95
C GLU A 745 -43.62 -44.38 31.03
N SER A 746 -43.52 -45.71 30.97
CA SER A 746 -44.18 -46.55 31.94
C SER A 746 -43.64 -46.31 33.35
N TRP A 747 -42.33 -46.21 33.49
CA TRP A 747 -41.74 -46.06 34.82
C TRP A 747 -42.06 -44.70 35.43
N TYR A 748 -42.08 -43.65 34.60
CA TYR A 748 -42.44 -42.32 35.08
C TYR A 748 -43.86 -42.30 35.64
N ASN A 749 -44.83 -42.79 34.87
CA ASN A 749 -46.22 -42.72 35.32
C ASN A 749 -46.42 -43.51 36.60
N LEU A 750 -45.72 -44.64 36.74
CA LEU A 750 -45.78 -45.36 38.01
C LEU A 750 -45.23 -44.52 39.14
N LEU A 751 -44.06 -43.91 38.93
CA LEU A 751 -43.45 -43.14 40.00
C LEU A 751 -44.16 -41.81 40.22
N LEU A 752 -44.71 -41.21 39.15
CA LEU A 752 -45.46 -39.98 39.32
C LEU A 752 -46.77 -40.24 40.08
N ASP A 753 -47.52 -41.25 39.66
CA ASP A 753 -48.75 -41.60 40.37
C ASP A 753 -48.45 -41.89 41.84
N MET A 754 -47.30 -42.49 42.11
CA MET A 754 -46.91 -42.78 43.49
C MET A 754 -46.59 -41.50 44.25
N GLN A 755 -45.98 -40.52 43.61
CA GLN A 755 -45.73 -39.26 44.31
C GLN A 755 -47.04 -38.66 44.80
N ASN A 756 -48.03 -38.55 43.92
CA ASN A 756 -49.31 -37.96 44.29
C ASN A 756 -49.92 -38.69 45.47
N ARG A 757 -49.69 -40.00 45.55
CA ARG A 757 -50.16 -40.78 46.68
C ARG A 757 -49.30 -40.49 47.91
N LEU A 758 -47.98 -40.41 47.73
CA LEU A 758 -47.12 -40.12 48.87
C LEU A 758 -47.38 -38.73 49.44
N ASN A 759 -47.66 -37.75 48.58
CA ASN A 759 -47.87 -36.40 49.09
C ASN A 759 -49.12 -36.32 49.95
N LYS A 760 -50.13 -37.14 49.67
CA LYS A 760 -51.31 -37.16 50.52
C LYS A 760 -51.02 -37.80 51.87
N VAL A 761 -50.04 -38.70 51.92
CA VAL A 761 -49.76 -39.48 53.13
C VAL A 761 -48.73 -38.79 54.02
N ILE A 762 -47.67 -38.23 53.43
CA ILE A 762 -46.54 -37.74 54.22
C ILE A 762 -46.86 -36.35 54.74
N LYS A 763 -46.57 -36.13 56.03
CA LYS A 763 -46.81 -34.86 56.69
C LYS A 763 -45.60 -33.95 56.49
N SER A 764 -45.84 -32.76 55.95
CA SER A 764 -44.76 -31.83 55.65
C SER A 764 -44.51 -30.89 56.83
N VAL A 765 -43.25 -30.53 57.03
CA VAL A 765 -42.93 -29.53 58.04
C VAL A 765 -43.40 -28.16 57.55
N GLY A 766 -44.15 -27.46 58.39
CA GLY A 766 -44.74 -26.21 57.98
C GLY A 766 -45.96 -26.35 57.12
N LYS A 767 -46.42 -27.58 56.86
CA LYS A 767 -47.58 -27.83 56.03
C LYS A 767 -47.40 -27.17 54.66
N ILE A 768 -46.22 -27.38 54.08
CA ILE A 768 -45.90 -26.85 52.75
C ILE A 768 -46.27 -27.92 51.72
N GLU A 769 -47.12 -27.53 50.76
CA GLU A 769 -47.49 -28.45 49.68
C GLU A 769 -46.27 -28.81 48.83
N HIS A 770 -46.03 -30.11 48.67
CA HIS A 770 -44.89 -30.55 47.88
C HIS A 770 -45.02 -30.05 46.44
N SER A 771 -46.24 -30.13 45.88
CA SER A 771 -46.45 -29.67 44.52
C SER A 771 -46.07 -28.20 44.36
N PHE A 772 -46.34 -27.39 45.39
CA PHE A 772 -45.94 -25.97 45.35
C PHE A 772 -44.43 -25.83 45.34
N TRP A 773 -43.74 -26.53 46.24
CA TRP A 773 -42.30 -26.42 46.39
C TRP A 773 -41.57 -26.67 45.09
N ARG A 774 -41.93 -27.74 44.38
CA ARG A 774 -41.24 -28.07 43.15
C ARG A 774 -41.73 -27.30 41.92
N SER A 775 -42.74 -26.43 42.07
CA SER A 775 -43.21 -25.66 40.93
C SER A 775 -42.08 -24.75 40.43
N PHE A 776 -41.90 -24.72 39.10
CA PHE A 776 -40.93 -23.81 38.49
C PHE A 776 -41.22 -22.40 38.98
N HIS A 777 -40.17 -21.68 39.40
CA HIS A 777 -40.41 -20.38 40.03
C HIS A 777 -39.32 -19.37 39.71
N THR A 778 -39.73 -18.28 39.10
CA THR A 778 -38.99 -17.04 38.97
C THR A 778 -39.83 -15.91 39.55
N GLU A 779 -39.24 -14.71 39.65
CA GLU A 779 -40.02 -13.59 40.15
C GLU A 779 -41.21 -13.30 39.25
N ARG A 780 -41.18 -13.78 38.00
CA ARG A 780 -42.19 -13.45 37.01
C ARG A 780 -43.04 -14.64 36.60
N LYS A 781 -42.66 -15.86 36.96
CA LYS A 781 -43.43 -17.04 36.59
C LYS A 781 -43.50 -18.04 37.73
N THR A 782 -44.60 -18.79 37.75
CA THR A 782 -44.71 -20.00 38.57
C THR A 782 -45.49 -21.01 37.72
N GLU A 783 -44.82 -22.07 37.29
CA GLU A 783 -45.47 -23.10 36.51
C GLU A 783 -45.31 -24.43 37.23
N PRO A 784 -46.33 -25.29 37.18
CA PRO A 784 -46.22 -26.59 37.86
C PRO A 784 -45.16 -27.45 37.21
N ALA A 785 -44.51 -28.26 38.05
CA ALA A 785 -43.42 -29.10 37.57
C ALA A 785 -43.91 -30.11 36.55
N THR A 786 -43.03 -30.43 35.59
CA THR A 786 -43.34 -31.36 34.52
C THR A 786 -42.11 -32.18 34.16
N GLY A 787 -42.32 -33.47 33.92
CA GLY A 787 -41.27 -34.31 33.36
C GLY A 787 -40.19 -34.77 34.31
N PHE A 788 -40.31 -34.47 35.59
CA PHE A 788 -39.27 -34.79 36.57
C PHE A 788 -39.91 -35.47 37.78
N ILE A 789 -39.29 -36.55 38.23
CA ILE A 789 -39.72 -37.26 39.43
C ILE A 789 -38.76 -36.90 40.57
N ASP A 790 -39.32 -36.36 41.66
CA ASP A 790 -38.52 -36.01 42.83
C ASP A 790 -38.06 -37.29 43.51
N GLY A 791 -36.84 -37.71 43.21
CA GLY A 791 -36.36 -38.97 43.76
C GLY A 791 -36.39 -38.99 45.28
N ASP A 792 -36.17 -37.85 45.91
CA ASP A 792 -36.16 -37.79 47.37
C ASP A 792 -37.53 -38.04 47.97
N LEU A 793 -38.59 -37.73 47.24
CA LEU A 793 -39.91 -38.17 47.68
C LEU A 793 -40.04 -39.68 47.53
N ILE A 794 -39.61 -40.21 46.39
CA ILE A 794 -39.71 -41.65 46.14
C ILE A 794 -38.87 -42.44 47.14
N GLU A 795 -37.66 -41.97 47.43
CA GLU A 795 -36.80 -42.69 48.37
C GLU A 795 -37.25 -42.53 49.82
N SER A 796 -38.26 -41.70 50.07
CA SER A 796 -38.81 -41.55 51.41
C SER A 796 -39.90 -42.57 51.72
N PHE A 797 -40.45 -43.24 50.70
CA PHE A 797 -41.40 -44.31 50.92
C PHE A 797 -40.84 -45.35 51.89
N LEU A 798 -39.54 -45.59 51.81
CA LEU A 798 -38.91 -46.60 52.66
C LEU A 798 -38.83 -46.19 54.12
N ASP A 799 -39.12 -44.93 54.44
CA ASP A 799 -39.01 -44.45 55.82
C ASP A 799 -40.35 -44.20 56.48
N ILE A 800 -41.46 -44.36 55.76
CA ILE A 800 -42.78 -44.13 56.34
C ILE A 800 -43.26 -45.41 57.00
N SER A 801 -44.11 -45.27 58.01
CA SER A 801 -44.56 -46.42 58.78
C SER A 801 -45.40 -47.36 57.92
N ARG A 802 -45.46 -48.63 58.36
CA ARG A 802 -46.18 -49.63 57.57
C ARG A 802 -47.63 -49.26 57.29
N PRO A 803 -48.42 -48.77 58.27
CA PRO A 803 -49.80 -48.37 57.94
C PRO A 803 -49.84 -47.39 56.77
N LYS A 804 -48.87 -46.50 56.72
CA LYS A 804 -48.81 -45.49 55.67
C LYS A 804 -48.41 -46.10 54.33
N MET A 805 -47.49 -47.08 54.35
CA MET A 805 -47.07 -47.75 53.12
C MET A 805 -48.26 -48.41 52.43
N GLN A 806 -49.04 -49.17 53.19
CA GLN A 806 -50.18 -49.89 52.62
C GLN A 806 -51.25 -48.90 52.15
N GLU A 807 -51.40 -47.77 52.87
CA GLU A 807 -52.31 -46.72 52.43
C GLU A 807 -51.89 -46.17 51.08
N VAL A 808 -50.59 -46.05 50.85
CA VAL A 808 -50.09 -45.49 49.59
C VAL A 808 -50.39 -46.42 48.42
N VAL A 809 -50.25 -47.74 48.62
CA VAL A 809 -50.37 -48.68 47.50
C VAL A 809 -51.80 -49.07 47.18
N ALA A 810 -52.78 -48.59 47.95
CA ALA A 810 -54.17 -48.92 47.68
C ALA A 810 -54.57 -48.45 46.29
N ASN A 811 -55.19 -49.33 45.53
CA ASN A 811 -55.72 -49.00 44.21
C ASN A 811 -54.63 -48.50 43.26
N LEU A 812 -53.43 -49.07 43.35
CA LEU A 812 -52.32 -48.67 42.49
C LEU A 812 -52.12 -49.73 41.43
N GLN A 813 -52.09 -49.29 40.18
CA GLN A 813 -52.01 -50.15 39.00
C GLN A 813 -50.82 -49.79 38.12
N TYR A 814 -50.09 -50.81 37.66
CA TYR A 814 -48.94 -50.64 36.78
C TYR A 814 -49.45 -50.61 35.32
N ASP A 815 -48.58 -50.20 34.39
CA ASP A 815 -48.97 -50.13 32.98
C ASP A 815 -47.80 -50.48 32.06
N ASP A 816 -48.14 -50.82 30.81
CA ASP A 816 -47.18 -51.14 29.75
C ASP A 816 -46.13 -52.14 30.21
N GLY A 817 -46.59 -53.20 30.86
CA GLY A 817 -45.67 -54.17 31.43
C GLY A 817 -45.97 -55.55 30.83
N SER A 818 -45.40 -56.63 31.37
CA SER A 818 -45.82 -57.96 30.95
C SER A 818 -47.30 -58.13 31.21
N GLY A 819 -47.80 -57.57 32.30
CA GLY A 819 -49.22 -57.54 32.60
C GLY A 819 -49.69 -56.10 32.48
N MET A 820 -50.64 -55.82 31.58
CA MET A 820 -51.00 -54.43 31.33
C MET A 820 -51.49 -53.72 32.58
N LYS A 821 -52.34 -54.36 33.38
CA LYS A 821 -52.74 -53.81 34.68
C LYS A 821 -52.35 -54.80 35.77
N ARG A 822 -51.53 -54.33 36.72
CA ARG A 822 -51.07 -55.15 37.83
C ARG A 822 -51.13 -54.33 39.10
N GLU A 823 -51.82 -54.85 40.10
CA GLU A 823 -51.92 -54.20 41.40
C GLU A 823 -50.57 -54.20 42.13
N ALA A 824 -50.37 -53.20 42.98
CA ALA A 824 -49.13 -53.05 43.74
C ALA A 824 -49.37 -53.28 45.24
N THR A 825 -48.51 -54.09 45.85
CA THR A 825 -48.47 -54.27 47.30
C THR A 825 -47.35 -53.42 47.88
N ALA A 826 -47.39 -53.21 49.20
CA ALA A 826 -46.34 -52.41 49.84
C ALA A 826 -44.96 -53.02 49.63
N ASP A 827 -44.86 -54.35 49.66
CA ASP A 827 -43.57 -55.01 49.52
C ASP A 827 -43.02 -54.91 48.10
N ASP A 828 -43.89 -54.85 47.09
CA ASP A 828 -43.39 -54.72 45.72
C ASP A 828 -42.64 -53.41 45.54
N LEU A 829 -43.22 -52.31 46.04
CA LEU A 829 -42.60 -51.00 45.92
C LEU A 829 -41.34 -50.89 46.76
N ILE A 830 -41.29 -51.56 47.92
CA ILE A 830 -40.08 -51.50 48.73
C ILE A 830 -38.88 -52.01 47.95
N LYS A 831 -39.09 -53.01 47.08
CA LYS A 831 -38.01 -53.51 46.24
C LYS A 831 -37.67 -52.49 45.15
N VAL A 832 -38.68 -51.87 44.54
CA VAL A 832 -38.43 -50.92 43.46
C VAL A 832 -37.63 -49.72 43.99
N VAL A 833 -38.05 -49.17 45.12
CA VAL A 833 -37.36 -48.00 45.66
C VAL A 833 -35.95 -48.37 46.09
N GLU A 834 -35.79 -49.55 46.71
CA GLU A 834 -34.44 -49.99 47.10
C GLU A 834 -33.54 -50.12 45.88
N GLU A 835 -34.08 -50.50 44.73
CA GLU A 835 -33.28 -50.49 43.49
C GLU A 835 -32.84 -49.07 43.15
N LEU A 836 -33.76 -48.11 43.25
CA LEU A 836 -33.47 -46.72 42.94
C LEU A 836 -32.46 -46.11 43.90
N THR A 837 -32.33 -46.66 45.13
CA THR A 837 -31.31 -46.17 46.05
C THR A 837 -29.89 -46.56 45.63
N ARG A 838 -29.74 -47.44 44.63
CA ARG A 838 -28.43 -47.86 44.15
C ARG A 838 -27.85 -46.90 43.14
N ILE A 839 -28.67 -46.08 42.50
CA ILE A 839 -28.13 -45.14 41.53
C ILE A 839 -27.31 -44.06 42.24
N HIS A 840 -27.61 -43.78 43.50
CA HIS A 840 -26.98 -42.68 44.23
C HIS A 840 -26.00 -43.33 45.22
N THR B 7 -34.41 2.43 -7.94
CA THR B 7 -34.42 3.43 -6.87
C THR B 7 -34.68 2.72 -5.54
N GLU B 8 -34.53 3.45 -4.44
CA GLU B 8 -34.74 2.90 -3.10
C GLU B 8 -36.18 2.43 -2.89
N SER B 9 -37.12 2.95 -3.68
CA SER B 9 -38.54 2.71 -3.48
C SER B 9 -39.05 1.42 -4.12
N ASP B 10 -38.30 0.84 -5.06
CA ASP B 10 -38.77 -0.31 -5.84
C ASP B 10 -38.64 -1.59 -5.02
N TRP B 11 -39.56 -1.76 -4.08
CA TRP B 11 -39.52 -2.88 -3.16
C TRP B 11 -40.00 -4.17 -3.80
N GLY B 12 -39.60 -5.28 -3.18
CA GLY B 12 -40.01 -6.60 -3.61
C GLY B 12 -39.16 -7.24 -4.67
N LYS B 13 -38.20 -6.52 -5.25
CA LYS B 13 -37.35 -7.05 -6.30
C LYS B 13 -35.98 -7.49 -5.80
N ARG B 14 -35.33 -6.72 -4.93
CA ARG B 14 -34.00 -7.08 -4.46
C ARG B 14 -34.04 -8.45 -3.80
N CYS B 15 -32.98 -9.23 -3.99
CA CYS B 15 -32.97 -10.59 -3.47
C CYS B 15 -32.41 -10.66 -2.05
N VAL B 16 -32.85 -11.66 -1.30
CA VAL B 16 -32.31 -11.88 0.05
C VAL B 16 -30.87 -12.34 0.03
N ASP B 17 -30.32 -12.61 -1.17
CA ASP B 17 -28.90 -12.91 -1.26
C ASP B 17 -28.07 -11.79 -0.64
N LYS B 18 -28.60 -10.58 -0.67
CA LYS B 18 -27.86 -9.40 -0.25
C LYS B 18 -27.65 -9.35 1.26
N PHE B 19 -28.16 -10.32 1.99
CA PHE B 19 -27.99 -10.40 3.43
C PHE B 19 -27.33 -11.73 3.80
N ASP B 20 -26.33 -11.65 4.66
CA ASP B 20 -25.74 -12.83 5.28
C ASP B 20 -26.56 -13.13 6.52
N ILE B 21 -27.21 -14.31 6.54
CA ILE B 21 -28.10 -14.64 7.65
C ILE B 21 -27.25 -15.05 8.85
N ILE B 22 -27.48 -14.42 9.99
CA ILE B 22 -26.71 -14.72 11.19
C ILE B 22 -27.38 -15.80 12.03
N GLY B 23 -28.70 -15.74 12.17
CA GLY B 23 -29.39 -16.72 12.98
C GLY B 23 -30.87 -16.39 13.04
N ILE B 24 -31.57 -17.13 13.89
CA ILE B 24 -33.01 -16.95 14.07
C ILE B 24 -33.22 -16.23 15.39
N ILE B 25 -33.84 -15.05 15.34
CA ILE B 25 -34.09 -14.24 16.54
C ILE B 25 -35.51 -14.42 17.06
N GLY B 26 -36.28 -15.34 16.50
CA GLY B 26 -37.57 -15.64 17.09
C GLY B 26 -38.54 -16.25 16.12
N GLU B 27 -39.56 -16.90 16.71
CA GLU B 27 -40.68 -17.43 15.96
C GLU B 27 -41.71 -16.31 15.82
N GLY B 28 -42.12 -15.98 14.59
CA GLY B 28 -43.05 -14.91 14.34
C GLY B 28 -44.43 -15.44 14.01
N THR B 29 -45.32 -14.52 13.67
CA THR B 29 -46.68 -14.94 13.36
C THR B 29 -46.75 -15.61 11.99
N TYR B 30 -46.30 -14.90 10.95
CA TYR B 30 -46.37 -15.39 9.57
C TYR B 30 -45.11 -16.13 9.15
N GLY B 31 -44.05 -16.02 9.93
CA GLY B 31 -42.82 -16.73 9.64
C GLY B 31 -41.79 -16.37 10.67
N GLN B 32 -40.62 -16.99 10.53
CA GLN B 32 -39.59 -16.78 11.53
C GLN B 32 -38.87 -15.48 11.25
N VAL B 33 -38.29 -14.91 12.30
CA VAL B 33 -37.55 -13.67 12.23
C VAL B 33 -36.08 -14.02 12.36
N TYR B 34 -35.26 -13.50 11.46
CA TYR B 34 -33.84 -13.82 11.39
C TYR B 34 -33.01 -12.55 11.56
N LYS B 35 -31.90 -12.66 12.29
CA LYS B 35 -30.88 -11.62 12.31
C LYS B 35 -29.97 -11.79 11.10
N ALA B 36 -29.55 -10.66 10.51
CA ALA B 36 -28.74 -10.73 9.32
C ALA B 36 -27.88 -9.48 9.20
N LYS B 37 -26.85 -9.57 8.36
CA LYS B 37 -25.95 -8.47 8.09
C LYS B 37 -26.04 -8.15 6.60
N ASP B 38 -26.20 -6.87 6.28
CA ASP B 38 -26.20 -6.43 4.89
C ASP B 38 -24.80 -6.59 4.31
N LYS B 39 -24.69 -7.30 3.18
CA LYS B 39 -23.37 -7.53 2.61
C LYS B 39 -22.72 -6.25 2.11
N ASP B 40 -23.52 -5.29 1.62
CA ASP B 40 -22.98 -4.08 1.01
C ASP B 40 -22.57 -3.05 2.04
N THR B 41 -23.39 -2.84 3.06
CA THR B 41 -23.18 -1.79 4.04
C THR B 41 -22.69 -2.30 5.38
N GLY B 42 -22.87 -3.59 5.68
CA GLY B 42 -22.55 -4.11 6.98
C GLY B 42 -23.61 -3.88 8.03
N GLU B 43 -24.72 -3.21 7.69
CA GLU B 43 -25.74 -2.90 8.67
C GLU B 43 -26.40 -4.20 9.14
N LEU B 44 -26.60 -4.31 10.46
CA LEU B 44 -27.36 -5.43 10.97
C LEU B 44 -28.85 -5.15 10.82
N VAL B 45 -29.58 -6.13 10.29
CA VAL B 45 -31.01 -6.01 10.02
C VAL B 45 -31.72 -7.20 10.62
N ALA B 46 -33.04 -7.16 10.57
CA ALA B 46 -33.88 -8.27 11.00
C ALA B 46 -34.85 -8.56 9.86
N LEU B 47 -34.93 -9.83 9.47
CA LEU B 47 -35.75 -10.27 8.34
C LEU B 47 -36.92 -11.09 8.88
N LYS B 48 -38.14 -10.66 8.59
CA LYS B 48 -39.37 -11.38 8.92
C LYS B 48 -39.84 -12.11 7.68
N LYS B 49 -39.94 -13.43 7.74
CA LYS B 49 -40.29 -14.24 6.58
C LYS B 49 -41.80 -14.28 6.41
N VAL B 50 -42.28 -13.98 5.21
CA VAL B 50 -43.70 -14.07 4.87
C VAL B 50 -43.89 -15.24 3.92
N ARG B 51 -44.74 -16.19 4.29
CA ARG B 51 -44.95 -17.39 3.49
C ARG B 51 -46.30 -17.31 2.77
N LEU B 52 -46.24 -17.23 1.45
CA LEU B 52 -47.42 -17.29 0.61
C LEU B 52 -47.71 -18.70 0.14
N ASP B 53 -46.90 -19.67 0.57
CA ASP B 53 -47.04 -21.05 0.12
C ASP B 53 -48.32 -21.71 0.65
N ASN B 54 -48.86 -21.25 1.77
CA ASN B 54 -50.15 -21.78 2.22
C ASN B 54 -51.27 -21.45 1.24
N GLU B 55 -51.33 -20.23 0.74
CA GLU B 55 -52.25 -19.87 -0.33
C GLU B 55 -53.71 -20.13 0.02
N LYS B 56 -54.02 -20.35 1.30
CA LYS B 56 -55.40 -20.31 1.76
C LYS B 56 -56.03 -18.94 1.51
N GLU B 57 -55.31 -17.87 1.88
CA GLU B 57 -55.72 -16.50 1.63
C GLU B 57 -54.52 -15.70 1.13
N GLY B 58 -53.56 -16.37 0.51
CA GLY B 58 -52.46 -15.65 -0.09
C GLY B 58 -51.61 -14.95 0.96
N PHE B 59 -51.14 -13.77 0.61
CA PHE B 59 -50.32 -12.98 1.53
C PHE B 59 -51.11 -12.79 2.83
N PRO B 60 -50.51 -13.08 3.99
CA PRO B 60 -51.26 -12.93 5.24
C PRO B 60 -51.51 -11.46 5.55
N ILE B 61 -52.69 -11.18 6.08
CA ILE B 61 -53.06 -9.79 6.38
C ILE B 61 -52.22 -9.21 7.51
N THR B 62 -51.79 -10.04 8.47
CA THR B 62 -50.94 -9.53 9.54
C THR B 62 -49.73 -8.80 8.97
N ALA B 63 -49.13 -9.36 7.92
CA ALA B 63 -47.99 -8.71 7.27
C ALA B 63 -48.44 -7.53 6.41
N ILE B 64 -49.64 -7.60 5.82
CA ILE B 64 -50.13 -6.50 5.02
C ILE B 64 -50.33 -5.25 5.88
N ARG B 65 -50.84 -5.44 7.10
CA ARG B 65 -51.03 -4.32 8.00
C ARG B 65 -49.68 -3.70 8.39
N GLU B 66 -48.68 -4.54 8.64
CA GLU B 66 -47.37 -4.06 9.05
C GLU B 66 -46.65 -3.36 7.89
N ILE B 67 -46.90 -3.80 6.66
CA ILE B 67 -46.33 -3.11 5.50
C ILE B 67 -47.05 -1.80 5.24
N LYS B 68 -48.39 -1.81 5.35
CA LYS B 68 -49.21 -0.62 5.10
C LYS B 68 -48.94 0.48 6.12
N ILE B 69 -48.85 0.11 7.40
CA ILE B 69 -48.78 1.11 8.45
C ILE B 69 -47.35 1.62 8.64
N LEU B 70 -46.38 0.71 8.65
CA LEU B 70 -45.01 1.12 8.96
C LEU B 70 -44.35 1.89 7.82
N ARG B 71 -44.89 1.86 6.61
CA ARG B 71 -44.38 2.78 5.58
C ARG B 71 -44.99 4.17 5.69
N GLN B 72 -46.02 4.34 6.52
CA GLN B 72 -46.58 5.66 6.80
C GLN B 72 -45.98 6.30 8.04
N LEU B 73 -45.62 5.48 9.03
CA LEU B 73 -45.23 5.98 10.34
C LEU B 73 -43.71 6.19 10.37
N ILE B 74 -43.32 7.42 10.74
CA ILE B 74 -41.91 7.80 10.84
C ILE B 74 -41.75 8.49 12.20
N HIS B 75 -41.33 7.72 13.21
CA HIS B 75 -41.05 8.27 14.53
C HIS B 75 -39.84 7.53 15.08
N ARG B 76 -39.11 8.19 15.98
CA ARG B 76 -37.91 7.58 16.54
C ARG B 76 -38.23 6.35 17.37
N SER B 77 -39.44 6.31 17.92
CA SER B 77 -39.90 5.25 18.81
C SER B 77 -40.80 4.27 18.07
N VAL B 78 -40.70 4.25 16.74
CA VAL B 78 -41.45 3.32 15.89
C VAL B 78 -40.45 2.67 14.95
N VAL B 79 -40.44 1.33 14.95
CA VAL B 79 -39.44 0.61 14.15
C VAL B 79 -39.66 0.91 12.67
N ASN B 80 -38.56 1.02 11.94
CA ASN B 80 -38.58 1.35 10.53
C ASN B 80 -38.42 0.07 9.70
N MET B 81 -39.37 -0.19 8.82
CA MET B 81 -39.19 -1.22 7.80
C MET B 81 -38.28 -0.65 6.73
N LYS B 82 -37.14 -1.29 6.49
CA LYS B 82 -36.20 -0.68 5.55
C LYS B 82 -36.56 -1.02 4.11
N GLU B 83 -36.95 -2.26 3.85
CA GLU B 83 -37.38 -2.67 2.51
C GLU B 83 -38.00 -4.06 2.60
N ILE B 84 -38.38 -4.60 1.44
CA ILE B 84 -38.90 -5.96 1.33
C ILE B 84 -38.11 -6.65 0.22
N VAL B 85 -37.58 -7.83 0.53
CA VAL B 85 -36.74 -8.58 -0.39
C VAL B 85 -37.31 -9.98 -0.53
N THR B 86 -36.87 -10.68 -1.58
CA THR B 86 -37.45 -11.95 -1.96
C THR B 86 -36.40 -13.04 -2.13
N ASP B 87 -36.88 -14.28 -2.06
CA ASP B 87 -36.06 -15.44 -2.41
C ASP B 87 -35.78 -15.42 -3.91
N LYS B 88 -34.66 -16.02 -4.32
CA LYS B 88 -34.40 -16.17 -5.75
C LYS B 88 -35.59 -16.91 -6.32
N GLN B 89 -36.30 -16.30 -7.28
CA GLN B 89 -37.53 -16.95 -7.76
C GLN B 89 -37.19 -18.25 -8.49
N ASP B 90 -36.13 -18.25 -9.29
CA ASP B 90 -35.65 -19.42 -10.00
C ASP B 90 -36.71 -20.06 -10.90
N ALA B 91 -37.81 -19.34 -11.15
CA ALA B 91 -38.88 -19.84 -12.00
C ALA B 91 -39.26 -18.75 -13.00
N LEU B 92 -39.20 -19.09 -14.29
CA LEU B 92 -39.66 -18.16 -15.32
C LEU B 92 -41.17 -17.95 -15.22
N ASP B 93 -41.89 -19.02 -14.91
CA ASP B 93 -43.34 -18.97 -14.75
C ASP B 93 -43.66 -18.55 -13.33
N PHE B 94 -44.50 -17.52 -13.19
CA PHE B 94 -44.85 -17.03 -11.86
C PHE B 94 -45.74 -18.00 -11.09
N LYS B 95 -46.51 -18.86 -11.78
CA LYS B 95 -47.33 -19.85 -11.09
C LYS B 95 -46.50 -20.85 -10.31
N LYS B 96 -45.37 -21.30 -10.87
CA LYS B 96 -44.53 -22.26 -10.16
C LYS B 96 -43.91 -21.64 -8.91
N ASP B 97 -43.54 -20.36 -8.97
CA ASP B 97 -42.84 -19.70 -7.87
C ASP B 97 -43.64 -19.79 -6.58
N LYS B 98 -43.01 -20.36 -5.54
CA LYS B 98 -43.55 -20.35 -4.19
C LYS B 98 -42.62 -19.61 -3.22
N GLY B 99 -41.64 -18.88 -3.73
CA GLY B 99 -40.69 -18.24 -2.85
C GLY B 99 -41.37 -17.28 -1.89
N ALA B 100 -40.68 -17.01 -0.79
CA ALA B 100 -41.24 -16.18 0.25
C ALA B 100 -40.68 -14.77 0.14
N PHE B 101 -41.28 -13.87 0.91
CA PHE B 101 -40.86 -12.48 0.98
C PHE B 101 -40.33 -12.22 2.38
N TYR B 102 -39.34 -11.32 2.48
CA TYR B 102 -38.75 -10.98 3.76
C TYR B 102 -38.95 -9.49 4.00
N LEU B 103 -39.42 -9.15 5.20
CA LEU B 103 -39.59 -7.76 5.61
C LEU B 103 -38.35 -7.31 6.37
N VAL B 104 -37.63 -6.34 5.82
CA VAL B 104 -36.38 -5.88 6.43
C VAL B 104 -36.69 -4.81 7.48
N PHE B 105 -36.10 -4.98 8.67
CA PHE B 105 -36.27 -4.03 9.76
C PHE B 105 -34.90 -3.75 10.36
N GLU B 106 -34.79 -2.59 11.02
CA GLU B 106 -33.57 -2.28 11.77
C GLU B 106 -33.42 -3.24 12.93
N TYR B 107 -32.21 -3.77 13.12
CA TYR B 107 -31.98 -4.70 14.22
C TYR B 107 -31.96 -3.95 15.54
N MET B 108 -32.61 -4.51 16.55
CA MET B 108 -32.62 -3.97 17.90
C MET B 108 -31.93 -4.98 18.81
N ASP B 109 -31.09 -4.48 19.70
CA ASP B 109 -30.22 -5.36 20.46
C ASP B 109 -31.00 -6.24 21.42
N HIS B 110 -32.02 -5.70 22.07
CA HIS B 110 -32.76 -6.44 23.08
C HIS B 110 -34.24 -6.10 23.02
N ASP B 111 -35.04 -6.94 23.67
CA ASP B 111 -36.45 -6.71 23.91
C ASP B 111 -36.70 -6.69 25.41
N LEU B 112 -37.71 -5.93 25.83
CA LEU B 112 -37.91 -5.73 27.27
C LEU B 112 -38.15 -7.05 28.00
N MET B 113 -38.97 -7.93 27.42
CA MET B 113 -39.23 -9.20 28.09
C MET B 113 -37.93 -9.94 28.35
N GLY B 114 -37.04 -9.98 27.35
CA GLY B 114 -35.78 -10.67 27.53
C GLY B 114 -34.96 -10.07 28.64
N LEU B 115 -34.99 -8.75 28.78
CA LEU B 115 -34.18 -8.10 29.80
C LEU B 115 -34.75 -8.32 31.19
N LEU B 116 -36.07 -8.29 31.33
CA LEU B 116 -36.68 -8.44 32.65
C LEU B 116 -36.77 -9.91 33.05
N GLU B 117 -37.14 -10.78 32.10
CA GLU B 117 -37.34 -12.20 32.42
C GLU B 117 -36.05 -12.84 32.92
N SER B 118 -34.91 -12.55 32.28
CA SER B 118 -33.62 -13.05 32.75
C SER B 118 -33.17 -12.38 34.05
N GLY B 119 -33.90 -11.37 34.52
CA GLY B 119 -33.56 -10.77 35.80
C GLY B 119 -32.29 -9.97 35.76
N LEU B 120 -31.84 -9.61 34.57
CA LEU B 120 -30.50 -9.09 34.38
C LEU B 120 -30.46 -7.57 34.37
N VAL B 121 -31.60 -6.90 34.49
CA VAL B 121 -31.60 -5.45 34.41
C VAL B 121 -32.25 -4.89 35.66
N HIS B 122 -31.94 -3.63 35.92
CA HIS B 122 -32.52 -2.79 36.95
C HIS B 122 -32.79 -1.44 36.34
N PHE B 123 -34.01 -0.94 36.52
CA PHE B 123 -34.42 0.35 36.00
C PHE B 123 -34.53 1.33 37.16
N SER B 124 -33.75 2.42 37.09
CA SER B 124 -33.89 3.53 38.01
C SER B 124 -35.05 4.42 37.58
N GLU B 125 -35.44 5.36 38.44
CA GLU B 125 -36.53 6.25 38.05
C GLU B 125 -36.19 6.97 36.74
N ASP B 126 -34.96 7.49 36.63
CA ASP B 126 -34.58 8.24 35.43
C ASP B 126 -34.52 7.32 34.21
N HIS B 127 -34.26 6.03 34.41
CA HIS B 127 -34.36 5.11 33.28
C HIS B 127 -35.82 4.97 32.83
N ILE B 128 -36.71 4.78 33.79
CA ILE B 128 -38.12 4.60 33.49
C ILE B 128 -38.67 5.84 32.82
N LYS B 129 -38.26 7.01 33.29
CA LYS B 129 -38.69 8.26 32.64
C LYS B 129 -38.29 8.26 31.17
N SER B 130 -37.01 7.97 30.89
CA SER B 130 -36.55 7.96 29.51
C SER B 130 -37.27 6.89 28.71
N PHE B 131 -37.49 5.72 29.32
CA PHE B 131 -38.18 4.63 28.64
C PHE B 131 -39.63 5.02 28.33
N MET B 132 -40.35 5.53 29.33
CA MET B 132 -41.77 5.78 29.14
C MET B 132 -42.00 6.99 28.24
N LYS B 133 -41.10 7.97 28.28
CA LYS B 133 -41.28 9.14 27.42
C LYS B 133 -41.20 8.72 25.95
N GLN B 134 -40.21 7.90 25.60
CA GLN B 134 -40.10 7.42 24.23
C GLN B 134 -41.34 6.59 23.86
N LEU B 135 -41.71 5.64 24.74
CA LEU B 135 -42.85 4.78 24.44
C LEU B 135 -44.12 5.60 24.23
N MET B 136 -44.40 6.53 25.15
CA MET B 136 -45.64 7.27 25.04
C MET B 136 -45.58 8.31 23.93
N GLU B 137 -44.39 8.85 23.64
CA GLU B 137 -44.29 9.73 22.48
C GLU B 137 -44.59 8.98 21.18
N GLY B 138 -44.03 7.79 21.04
CA GLY B 138 -44.33 6.99 19.87
C GLY B 138 -45.79 6.62 19.80
N LEU B 139 -46.37 6.21 20.94
CA LEU B 139 -47.79 5.86 20.95
C LEU B 139 -48.64 7.07 20.60
N GLU B 140 -48.21 8.26 21.03
CA GLU B 140 -48.90 9.48 20.63
C GLU B 140 -48.84 9.67 19.12
N TYR B 141 -47.66 9.53 18.52
CA TYR B 141 -47.56 9.69 17.07
C TYR B 141 -48.55 8.77 16.37
N CYS B 142 -48.61 7.52 16.82
CA CYS B 142 -49.51 6.55 16.21
C CYS B 142 -50.97 6.91 16.46
N HIS B 143 -51.31 7.26 17.69
CA HIS B 143 -52.71 7.59 17.98
C HIS B 143 -53.15 8.85 17.23
N LYS B 144 -52.28 9.85 17.12
CA LYS B 144 -52.63 11.06 16.39
C LYS B 144 -52.84 10.75 14.90
N LYS B 145 -52.17 9.72 14.38
CA LYS B 145 -52.37 9.25 13.02
C LYS B 145 -53.54 8.26 12.90
N ASN B 146 -54.33 8.12 13.98
CA ASN B 146 -55.52 7.26 14.04
C ASN B 146 -55.18 5.79 13.78
N PHE B 147 -54.14 5.31 14.44
CA PHE B 147 -53.75 3.90 14.40
C PHE B 147 -53.74 3.34 15.83
N LEU B 148 -54.23 2.11 15.98
CA LEU B 148 -54.24 1.42 17.27
C LEU B 148 -53.27 0.25 17.19
N HIS B 149 -52.32 0.18 18.13
CA HIS B 149 -51.36 -0.92 18.10
C HIS B 149 -52.05 -2.26 18.39
N ARG B 150 -52.83 -2.33 19.46
CA ARG B 150 -53.74 -3.41 19.81
C ARG B 150 -53.00 -4.63 20.30
N ASP B 151 -51.67 -4.57 20.42
CA ASP B 151 -50.92 -5.64 21.05
C ASP B 151 -49.65 -5.13 21.73
N ILE B 152 -49.78 -4.30 22.76
CA ILE B 152 -48.62 -3.80 23.49
C ILE B 152 -48.27 -4.80 24.60
N LYS B 153 -47.05 -5.32 24.54
CA LYS B 153 -46.55 -6.24 25.55
C LYS B 153 -45.04 -6.03 25.63
N CYS B 154 -44.43 -6.54 26.68
CA CYS B 154 -42.99 -6.33 26.85
C CYS B 154 -42.19 -6.90 25.69
N SER B 155 -42.63 -8.00 25.09
CA SER B 155 -41.91 -8.56 23.95
C SER B 155 -41.85 -7.57 22.80
N ASN B 156 -42.92 -6.82 22.58
CA ASN B 156 -43.02 -5.92 21.44
C ASN B 156 -42.29 -4.60 21.64
N ILE B 157 -41.75 -4.32 22.81
CA ILE B 157 -41.04 -3.09 23.07
C ILE B 157 -39.55 -3.40 22.94
N LEU B 158 -38.95 -3.00 21.83
CA LEU B 158 -37.54 -3.22 21.59
C LEU B 158 -36.72 -2.05 22.13
N LEU B 159 -35.51 -2.37 22.59
CA LEU B 159 -34.65 -1.43 23.26
C LEU B 159 -33.25 -1.64 22.71
N ASN B 160 -32.63 -0.57 22.24
CA ASN B 160 -31.25 -0.63 21.79
C ASN B 160 -30.34 -0.42 22.99
N ASN B 161 -29.07 -0.81 22.83
CA ASN B 161 -28.19 -0.74 24.00
C ASN B 161 -27.98 0.69 24.43
N SER B 162 -28.17 1.65 23.52
CA SER B 162 -28.02 3.06 23.82
C SER B 162 -29.15 3.62 24.66
N GLY B 163 -30.28 2.93 24.73
CA GLY B 163 -31.43 3.42 25.43
C GLY B 163 -32.56 3.91 24.57
N GLN B 164 -32.57 3.58 23.29
CA GLN B 164 -33.60 4.03 22.37
C GLN B 164 -34.69 2.98 22.37
N ILE B 165 -35.93 3.41 22.52
CA ILE B 165 -37.09 2.53 22.59
C ILE B 165 -37.80 2.62 21.25
N LYS B 166 -38.23 1.47 20.72
CA LYS B 166 -39.00 1.42 19.48
C LYS B 166 -40.13 0.41 19.64
N LEU B 167 -41.33 0.78 19.20
CA LEU B 167 -42.48 -0.13 19.16
C LEU B 167 -42.42 -0.92 17.85
N ALA B 168 -42.84 -2.20 17.87
CA ALA B 168 -42.48 -3.03 16.71
C ALA B 168 -43.50 -4.06 16.20
N ASP B 169 -44.53 -4.47 16.93
CA ASP B 169 -45.42 -5.52 16.38
C ASP B 169 -46.75 -4.86 15.96
N PHE B 170 -46.78 -4.37 14.72
CA PHE B 170 -47.99 -3.75 14.16
C PHE B 170 -48.80 -4.74 13.32
N GLY B 171 -48.80 -6.02 13.69
CA GLY B 171 -49.54 -7.01 12.92
C GLY B 171 -51.03 -6.97 13.20
N LEU B 172 -51.40 -6.55 14.41
CA LEU B 172 -52.79 -6.41 14.81
C LEU B 172 -53.27 -4.96 14.82
N ALA B 173 -52.53 -4.07 14.15
CA ALA B 173 -52.85 -2.64 14.16
C ALA B 173 -53.86 -2.27 13.08
N ARG B 174 -54.81 -1.41 13.44
CA ARG B 174 -55.89 -0.98 12.55
C ARG B 174 -56.26 0.48 12.79
N LEU B 175 -56.99 1.04 11.83
CA LEU B 175 -57.41 2.44 11.84
C LEU B 175 -58.55 2.65 12.81
N TYR B 176 -58.59 3.85 13.40
CA TYR B 176 -59.61 4.20 14.39
C TYR B 176 -60.32 5.46 13.91
N ASN B 177 -61.65 5.45 13.92
CA ASN B 177 -62.42 6.65 13.61
C ASN B 177 -63.21 7.03 14.85
N SER B 178 -62.98 8.25 15.33
CA SER B 178 -63.73 8.80 16.46
C SER B 178 -65.14 9.18 16.04
N GLU B 179 -65.36 9.35 14.72
CA GLU B 179 -66.68 9.64 14.17
C GLU B 179 -67.49 8.34 14.01
N GLU B 180 -67.17 7.53 13.01
CA GLU B 180 -67.88 6.27 12.78
C GLU B 180 -67.32 5.16 13.67
N SER B 181 -68.05 4.81 14.71
CA SER B 181 -67.70 3.66 15.55
C SER B 181 -67.86 2.37 14.74
N ARG B 182 -66.78 1.57 14.68
CA ARG B 182 -66.81 0.39 13.84
C ARG B 182 -66.75 -0.89 14.67
N PRO B 183 -67.36 -1.98 14.18
CA PRO B 183 -67.23 -3.26 14.90
C PRO B 183 -65.79 -3.78 14.77
N TYR B 184 -65.25 -4.24 15.88
CA TYR B 184 -63.87 -4.74 15.89
C TYR B 184 -63.73 -6.15 16.50
N ASN B 186 -62.80 -8.38 19.42
CA ASN B 186 -62.68 -8.12 20.85
C ASN B 186 -61.39 -8.59 21.52
N LYS B 187 -61.06 -9.87 21.37
CA LYS B 187 -59.87 -10.44 22.02
C LYS B 187 -58.64 -10.14 21.16
N VAL B 188 -58.11 -8.93 21.30
CA VAL B 188 -56.99 -8.53 20.45
C VAL B 188 -55.65 -8.37 21.22
N ILE B 189 -55.66 -8.17 22.55
CA ILE B 189 -54.43 -8.01 23.32
C ILE B 189 -54.14 -9.21 24.23
N THR B 190 -52.85 -9.40 24.56
CA THR B 190 -52.47 -10.47 25.49
C THR B 190 -53.11 -10.24 26.85
N LEU B 191 -53.54 -11.33 27.50
CA LEU B 191 -54.37 -11.18 28.69
C LEU B 191 -53.65 -10.39 29.78
N TRP B 192 -52.35 -10.63 29.96
CA TRP B 192 -51.63 -9.93 31.01
C TRP B 192 -51.66 -8.42 30.82
N TYR B 193 -51.82 -7.97 29.57
CA TYR B 193 -51.83 -6.55 29.26
C TYR B 193 -53.15 -6.13 28.59
N ARG B 194 -54.26 -6.80 28.92
CA ARG B 194 -55.52 -6.49 28.25
C ARG B 194 -56.38 -5.55 29.10
N PRO B 195 -57.07 -4.59 28.49
CA PRO B 195 -57.84 -3.61 29.29
C PRO B 195 -59.16 -4.20 29.77
N PRO B 196 -59.73 -3.65 30.84
CA PRO B 196 -61.01 -4.19 31.34
C PRO B 196 -62.15 -4.13 30.34
N GLU B 197 -62.20 -3.08 29.49
CA GLU B 197 -63.26 -2.99 28.49
C GLU B 197 -63.23 -4.23 27.56
N LEU B 198 -62.03 -4.62 27.10
CA LEU B 198 -61.92 -5.75 26.20
C LEU B 198 -62.17 -7.08 26.92
N LEU B 199 -62.04 -7.12 28.26
CA LEU B 199 -62.43 -8.32 28.98
C LEU B 199 -63.93 -8.47 29.05
N LEU B 200 -64.64 -7.35 29.18
CA LEU B 200 -66.09 -7.32 29.16
C LEU B 200 -66.62 -7.20 27.73
N GLY B 201 -65.75 -7.16 26.72
CA GLY B 201 -66.21 -7.38 25.36
C GLY B 201 -66.72 -6.14 24.65
N GLU B 202 -66.03 -5.01 24.69
CA GLU B 202 -66.61 -3.81 24.07
C GLU B 202 -66.74 -3.95 22.56
N GLU B 203 -65.69 -4.42 21.90
CA GLU B 203 -65.66 -4.58 20.45
C GLU B 203 -65.71 -3.23 19.74
N ARG B 204 -66.00 -2.17 20.50
CA ARG B 204 -66.03 -0.81 19.99
C ARG B 204 -64.90 -0.11 20.72
N TYR B 205 -63.68 -0.64 20.61
CA TYR B 205 -62.66 -0.21 21.54
C TYR B 205 -62.10 1.14 21.11
N THR B 206 -61.67 1.91 22.10
CA THR B 206 -61.07 3.21 21.90
C THR B 206 -59.57 3.05 21.77
N PRO B 207 -58.85 4.13 21.44
CA PRO B 207 -57.38 4.04 21.48
C PRO B 207 -56.82 3.98 22.89
N ALA B 208 -57.67 4.08 23.91
CA ALA B 208 -57.23 3.97 25.29
C ALA B 208 -57.00 2.53 25.71
N ILE B 209 -57.20 1.56 24.81
CA ILE B 209 -56.80 0.18 25.10
C ILE B 209 -55.29 0.08 25.18
N ASP B 210 -54.58 0.80 24.32
CA ASP B 210 -53.12 0.76 24.32
C ASP B 210 -52.56 1.48 25.55
N VAL B 211 -53.26 2.50 26.04
CA VAL B 211 -52.79 3.20 27.22
C VAL B 211 -52.78 2.26 28.42
N TRP B 212 -53.84 1.46 28.58
CA TRP B 212 -53.89 0.51 29.70
C TRP B 212 -52.66 -0.39 29.69
N SER B 213 -52.32 -0.92 28.51
CA SER B 213 -51.16 -1.80 28.40
C SER B 213 -49.90 -1.11 28.90
N CYS B 214 -49.66 0.13 28.43
CA CYS B 214 -48.46 0.84 28.84
C CYS B 214 -48.44 1.10 30.33
N GLY B 215 -49.60 1.31 30.92
CA GLY B 215 -49.65 1.46 32.38
C GLY B 215 -49.23 0.20 33.10
N CYS B 216 -49.68 -0.96 32.62
CA CYS B 216 -49.22 -2.23 33.16
C CYS B 216 -47.70 -2.32 33.12
N ILE B 217 -47.10 -1.88 32.00
CA ILE B 217 -45.66 -1.86 31.86
C ILE B 217 -45.04 -0.87 32.83
N LEU B 218 -45.64 0.32 32.96
CA LEU B 218 -45.13 1.29 33.91
C LEU B 218 -45.03 0.67 35.30
N GLY B 219 -46.11 0.03 35.74
CA GLY B 219 -46.04 -0.68 37.02
C GLY B 219 -45.01 -1.79 37.00
N GLU B 220 -44.98 -2.57 35.92
CA GLU B 220 -44.05 -3.70 35.84
C GLU B 220 -42.60 -3.25 35.92
N LEU B 221 -42.28 -2.10 35.35
CA LEU B 221 -40.90 -1.61 35.41
C LEU B 221 -40.49 -1.22 36.83
N PHE B 222 -41.46 -1.00 37.72
CA PHE B 222 -41.18 -0.66 39.12
C PHE B 222 -41.19 -1.88 40.04
N THR B 223 -41.78 -2.99 39.62
CA THR B 223 -41.78 -4.22 40.40
C THR B 223 -40.89 -5.29 39.79
N LYS B 224 -40.59 -5.22 38.48
CA LYS B 224 -39.88 -6.25 37.74
C LYS B 224 -40.73 -7.50 37.58
N LYS B 225 -42.03 -7.43 37.93
CA LYS B 225 -43.02 -8.49 37.75
C LYS B 225 -44.31 -7.92 37.16
N PRO B 226 -44.91 -8.56 36.17
CA PRO B 226 -46.18 -8.07 35.64
C PRO B 226 -47.24 -7.94 36.72
N ILE B 227 -48.19 -7.03 36.50
CA ILE B 227 -49.15 -6.69 37.56
C ILE B 227 -50.34 -7.65 37.59
N PHE B 228 -50.90 -7.97 36.43
CA PHE B 228 -52.12 -8.77 36.36
C PHE B 228 -51.75 -10.03 35.58
N GLN B 229 -51.25 -11.02 36.28
CA GLN B 229 -50.83 -12.27 35.68
C GLN B 229 -51.93 -13.28 35.96
N ALA B 230 -52.61 -13.72 34.91
CA ALA B 230 -53.70 -14.66 35.06
C ALA B 230 -53.75 -15.55 33.83
N ASN B 231 -54.48 -16.65 33.95
CA ASN B 231 -54.56 -17.60 32.85
C ASN B 231 -55.87 -17.49 32.09
N LEU B 232 -56.94 -17.00 32.74
CA LEU B 232 -58.27 -16.94 32.16
C LEU B 232 -58.89 -15.56 32.36
N GLU B 233 -59.80 -15.23 31.45
CA GLU B 233 -60.30 -13.86 31.35
C GLU B 233 -60.98 -13.40 32.63
N LEU B 234 -61.72 -14.29 33.31
CA LEU B 234 -62.39 -13.86 34.52
C LEU B 234 -61.39 -13.55 35.64
N ALA B 235 -60.39 -14.41 35.83
CA ALA B 235 -59.41 -14.19 36.88
C ALA B 235 -58.66 -12.88 36.69
N GLN B 236 -58.39 -12.50 35.45
CA GLN B 236 -57.74 -11.22 35.21
C GLN B 236 -58.62 -10.08 35.72
N LEU B 237 -59.90 -10.12 35.34
CA LEU B 237 -60.85 -9.11 35.82
C LEU B 237 -60.87 -9.09 37.34
N GLU B 238 -60.74 -10.26 37.97
CA GLU B 238 -60.64 -10.33 39.43
C GLU B 238 -59.37 -9.64 39.93
N LEU B 239 -58.23 -9.90 39.28
CA LEU B 239 -57.00 -9.28 39.74
C LEU B 239 -57.02 -7.78 39.52
N ILE B 240 -57.48 -7.34 38.35
CA ILE B 240 -57.64 -5.91 38.09
C ILE B 240 -58.57 -5.30 39.13
N SER B 241 -59.67 -5.99 39.44
CA SER B 241 -60.63 -5.45 40.39
C SER B 241 -60.05 -5.39 41.79
N ARG B 242 -59.25 -6.39 42.19
CA ARG B 242 -58.65 -6.31 43.51
C ARG B 242 -57.82 -5.05 43.68
N LEU B 243 -57.24 -4.55 42.58
CA LEU B 243 -56.36 -3.40 42.62
C LEU B 243 -57.08 -2.10 42.24
N CYS B 244 -57.76 -2.10 41.10
CA CYS B 244 -58.37 -0.89 40.57
C CYS B 244 -59.79 -0.65 41.06
N GLY B 245 -60.40 -1.64 41.69
CA GLY B 245 -61.81 -1.56 42.03
C GLY B 245 -62.67 -2.31 41.04
N SER B 246 -63.80 -2.78 41.52
CA SER B 246 -64.70 -3.53 40.67
C SER B 246 -65.39 -2.59 39.68
N PRO B 247 -65.57 -3.01 38.43
CA PRO B 247 -66.40 -2.21 37.52
C PRO B 247 -67.78 -2.02 38.15
N CYS B 248 -68.15 -0.76 38.33
CA CYS B 248 -69.45 -0.43 38.87
C CYS B 248 -69.91 0.79 38.12
N PRO B 249 -71.22 0.94 37.90
CA PRO B 249 -71.70 2.09 37.12
C PRO B 249 -71.33 3.43 37.72
N ALA B 250 -71.01 3.46 39.02
CA ALA B 250 -70.64 4.71 39.68
C ALA B 250 -69.31 5.28 39.15
N VAL B 251 -68.37 4.42 38.79
CA VAL B 251 -67.08 4.87 38.29
C VAL B 251 -66.99 4.73 36.77
N TRP B 252 -67.88 3.94 36.17
CA TRP B 252 -67.86 3.64 34.73
C TRP B 252 -69.31 3.56 34.29
N PRO B 253 -69.97 4.72 34.09
CA PRO B 253 -71.44 4.68 33.92
C PRO B 253 -71.91 3.81 32.78
N ASP B 254 -71.09 3.59 31.75
CA ASP B 254 -71.49 2.82 30.60
C ASP B 254 -71.11 1.35 30.70
N VAL B 255 -70.67 0.91 31.88
CA VAL B 255 -70.27 -0.49 32.06
C VAL B 255 -71.47 -1.40 31.83
N ILE B 256 -72.68 -0.92 32.15
CA ILE B 256 -73.89 -1.71 31.97
C ILE B 256 -74.11 -2.03 30.50
N ARG B 257 -73.58 -1.19 29.61
CA ARG B 257 -73.76 -1.42 28.17
C ARG B 257 -72.83 -2.49 27.63
N LEU B 258 -71.77 -2.85 28.39
CA LEU B 258 -70.84 -3.82 27.85
C LEU B 258 -71.45 -5.23 27.91
N PRO B 259 -71.20 -6.06 26.90
CA PRO B 259 -71.94 -7.33 26.82
C PRO B 259 -71.84 -8.22 28.05
N TYR B 260 -70.67 -8.38 28.65
CA TYR B 260 -70.47 -9.39 29.69
C TYR B 260 -70.50 -8.81 31.10
N PHE B 261 -71.03 -7.60 31.28
CA PHE B 261 -70.97 -6.97 32.61
C PHE B 261 -71.75 -7.79 33.64
N ASN B 262 -72.98 -8.19 33.31
CA ASN B 262 -73.75 -9.02 34.23
C ASN B 262 -73.16 -10.43 34.32
N THR B 263 -72.65 -10.94 33.21
CA THR B 263 -72.08 -12.29 33.20
C THR B 263 -70.83 -12.36 34.07
N MET B 264 -69.87 -11.48 33.79
CA MET B 264 -68.57 -11.47 34.45
C MET B 264 -68.60 -10.47 35.61
N LYS B 265 -68.47 -10.99 36.84
CA LYS B 265 -68.44 -10.15 38.03
C LYS B 265 -67.34 -10.61 38.98
N PRO B 266 -66.63 -9.69 39.61
CA PRO B 266 -65.63 -10.10 40.61
C PRO B 266 -66.27 -10.59 41.90
N LYS B 267 -65.48 -11.36 42.66
CA LYS B 267 -65.95 -11.93 43.92
C LYS B 267 -66.67 -10.90 44.78
N LYS B 268 -66.13 -9.69 44.83
CA LYS B 268 -66.68 -8.61 45.63
C LYS B 268 -66.80 -7.38 44.75
N GLN B 269 -67.39 -6.32 45.30
CA GLN B 269 -67.30 -4.99 44.72
C GLN B 269 -66.14 -4.32 45.45
N TYR B 270 -64.94 -4.54 44.91
CA TYR B 270 -63.72 -4.11 45.60
C TYR B 270 -63.55 -2.60 45.53
N ARG B 271 -62.97 -2.03 46.58
CA ARG B 271 -62.51 -0.65 46.53
C ARG B 271 -61.14 -0.58 45.86
N ARG B 272 -60.84 0.58 45.30
CA ARG B 272 -59.57 0.79 44.63
C ARG B 272 -58.47 0.95 45.68
N ARG B 273 -57.39 0.19 45.52
CA ARG B 273 -56.24 0.23 46.41
C ARG B 273 -54.95 0.55 45.67
N LEU B 274 -55.04 1.00 44.41
CA LEU B 274 -53.85 1.14 43.58
C LEU B 274 -52.79 1.96 44.29
N ARG B 275 -53.19 3.08 44.91
CA ARG B 275 -52.20 3.89 45.61
C ARG B 275 -51.65 3.21 46.84
N GLU B 276 -52.44 2.35 47.50
CA GLU B 276 -51.90 1.67 48.67
C GLU B 276 -50.89 0.59 48.28
N GLU B 277 -51.25 -0.28 47.32
CA GLU B 277 -50.37 -1.38 46.97
C GLU B 277 -49.16 -0.90 46.18
N PHE B 278 -49.18 0.33 45.66
CA PHE B 278 -48.02 0.91 44.99
C PHE B 278 -47.40 2.07 45.78
N SER B 279 -47.50 2.05 47.11
CA SER B 279 -46.97 3.15 47.92
C SER B 279 -45.45 3.28 47.83
N PHE B 280 -44.76 2.32 47.22
CA PHE B 280 -43.31 2.35 47.08
C PHE B 280 -42.85 3.04 45.80
N ILE B 281 -43.77 3.59 45.02
CA ILE B 281 -43.47 4.26 43.76
C ILE B 281 -43.41 5.78 43.96
N PRO B 282 -42.54 6.48 43.22
CA PRO B 282 -42.56 7.96 43.27
C PRO B 282 -43.93 8.52 42.92
N SER B 283 -44.26 9.64 43.59
CA SER B 283 -45.60 10.22 43.45
C SER B 283 -45.89 10.58 42.01
N ALA B 284 -44.95 11.22 41.33
CA ALA B 284 -45.17 11.59 39.93
C ALA B 284 -45.59 10.37 39.10
N ALA B 285 -44.98 9.22 39.38
CA ALA B 285 -45.32 8.00 38.67
C ALA B 285 -46.64 7.42 39.18
N LEU B 286 -46.85 7.42 40.49
CA LEU B 286 -48.08 6.85 41.02
C LEU B 286 -49.31 7.55 40.42
N ASP B 287 -49.25 8.88 40.26
CA ASP B 287 -50.34 9.59 39.59
C ASP B 287 -50.45 9.18 38.13
N LEU B 288 -49.32 8.99 37.44
CA LEU B 288 -49.37 8.50 36.07
C LEU B 288 -50.00 7.11 36.02
N LEU B 289 -49.57 6.22 36.91
CA LEU B 289 -50.13 4.87 36.93
C LEU B 289 -51.63 4.91 37.25
N ASP B 290 -52.00 5.66 38.28
CA ASP B 290 -53.40 5.72 38.69
C ASP B 290 -54.30 6.17 37.55
N HIS B 291 -53.83 7.13 36.75
CA HIS B 291 -54.64 7.64 35.67
C HIS B 291 -54.63 6.72 34.46
N MET B 292 -53.50 6.04 34.22
CA MET B 292 -53.42 5.12 33.10
C MET B 292 -54.23 3.85 33.36
N LEU B 293 -54.32 3.43 34.62
CA LEU B 293 -55.06 2.23 34.99
C LEU B 293 -56.44 2.60 35.52
N THR B 294 -57.10 3.50 34.79
CA THR B 294 -58.46 3.92 35.08
C THR B 294 -59.43 2.98 34.38
N LEU B 295 -60.47 2.54 35.10
CA LEU B 295 -61.34 1.51 34.55
C LEU B 295 -62.08 2.01 33.33
N ASP B 296 -62.67 3.20 33.42
CA ASP B 296 -63.48 3.74 32.33
C ASP B 296 -62.58 4.28 31.22
N PRO B 297 -62.61 3.69 30.02
CA PRO B 297 -61.71 4.18 28.96
C PRO B 297 -61.93 5.64 28.58
N SER B 298 -63.11 6.20 28.85
CA SER B 298 -63.38 7.61 28.58
C SER B 298 -62.86 8.52 29.67
N LYS B 299 -62.45 7.96 30.81
CA LYS B 299 -61.81 8.71 31.89
C LYS B 299 -60.33 8.41 31.98
N ARG B 300 -59.88 7.35 31.31
CA ARG B 300 -58.46 7.03 31.23
C ARG B 300 -57.73 8.10 30.43
N CYS B 301 -56.50 8.38 30.84
CA CYS B 301 -55.72 9.43 30.21
C CYS B 301 -55.37 9.07 28.75
N THR B 302 -55.04 10.12 27.99
CA THR B 302 -54.58 9.95 26.62
C THR B 302 -53.06 9.78 26.64
N ALA B 303 -52.50 9.46 25.47
CA ALA B 303 -51.04 9.41 25.38
C ALA B 303 -50.43 10.79 25.62
N GLU B 304 -50.99 11.81 24.97
CA GLU B 304 -50.46 13.17 25.14
C GLU B 304 -50.51 13.59 26.61
N GLN B 305 -51.62 13.27 27.29
CA GLN B 305 -51.75 13.68 28.68
C GLN B 305 -50.64 13.09 29.53
N THR B 306 -50.19 11.87 29.20
CA THR B 306 -49.08 11.27 29.93
C THR B 306 -47.79 12.06 29.71
N LEU B 307 -47.58 12.53 28.48
CA LEU B 307 -46.38 13.33 28.18
C LEU B 307 -46.41 14.69 28.85
N GLN B 308 -47.59 15.22 29.13
CA GLN B 308 -47.78 16.48 29.85
C GLN B 308 -48.06 16.23 31.32
N SER B 309 -47.35 15.27 31.90
CA SER B 309 -47.43 14.90 33.31
C SER B 309 -46.17 15.36 34.06
N ASP B 310 -46.31 15.51 35.38
CA ASP B 310 -45.16 15.83 36.20
C ASP B 310 -44.05 14.80 36.02
N PHE B 311 -44.42 13.55 35.73
CA PHE B 311 -43.42 12.50 35.63
C PHE B 311 -42.61 12.60 34.34
N LEU B 312 -43.28 12.86 33.21
CA LEU B 312 -42.62 12.84 31.91
C LEU B 312 -42.41 14.22 31.28
N LYS B 313 -43.10 15.25 31.78
CA LYS B 313 -43.09 16.55 31.13
C LYS B 313 -41.68 17.08 30.92
N ASP B 314 -40.86 17.02 31.97
CA ASP B 314 -39.56 17.66 31.96
C ASP B 314 -38.42 16.68 31.74
N VAL B 315 -38.71 15.46 31.31
CA VAL B 315 -37.65 14.54 30.95
C VAL B 315 -37.01 15.03 29.66
N GLU B 316 -35.70 15.18 29.65
CA GLU B 316 -34.99 15.61 28.46
C GLU B 316 -34.39 14.37 27.83
N LEU B 317 -34.81 14.06 26.60
CA LEU B 317 -34.35 12.83 25.97
C LEU B 317 -32.96 12.94 25.36
N SER B 318 -32.37 14.13 25.28
CA SER B 318 -30.96 14.20 24.93
C SER B 318 -30.12 13.39 25.91
N LYS B 319 -30.46 13.46 27.19
CA LYS B 319 -29.82 12.65 28.23
C LYS B 319 -30.53 11.30 28.36
N MET B 320 -30.46 10.53 27.29
CA MET B 320 -31.05 9.19 27.34
C MET B 320 -30.33 8.34 28.38
N ALA B 321 -31.07 7.44 29.00
CA ALA B 321 -30.53 6.62 30.08
C ALA B 321 -30.50 5.15 29.67
N PRO B 322 -29.32 4.58 29.39
CA PRO B 322 -29.26 3.14 29.16
C PRO B 322 -29.62 2.39 30.37
N PRO B 323 -30.26 1.20 30.24
CA PRO B 323 -30.50 0.33 31.39
C PRO B 323 -29.16 -0.20 31.92
N ASP B 324 -29.22 -0.82 33.11
CA ASP B 324 -27.98 -1.27 33.73
C ASP B 324 -27.27 -2.27 32.81
N LEU B 325 -28.00 -3.29 32.37
CA LEU B 325 -27.56 -4.30 31.41
C LEU B 325 -26.08 -4.75 31.72
N PRO B 326 -25.88 -5.29 32.92
CA PRO B 326 -24.52 -5.79 33.19
C PRO B 326 -24.19 -6.92 32.22
N HIS B 327 -22.99 -6.87 31.65
CA HIS B 327 -22.53 -7.93 30.76
C HIS B 327 -21.24 -8.60 31.22
N TRP B 328 -20.66 -8.19 32.35
CA TRP B 328 -19.52 -8.91 32.92
C TRP B 328 -19.62 -8.96 34.43
N GLN B 329 -18.97 -9.97 35.02
CA GLN B 329 -19.02 -10.30 36.44
C GLN B 329 -20.41 -10.73 36.87
N ASP B 330 -21.34 -10.86 35.91
CA ASP B 330 -22.56 -11.63 36.06
C ASP B 330 -22.35 -13.03 35.51
N CYS B 331 -21.30 -13.19 34.70
CA CYS B 331 -20.83 -14.49 34.23
C CYS B 331 -20.45 -15.39 35.41
N HIS B 332 -19.78 -14.83 36.41
CA HIS B 332 -19.36 -15.55 37.60
C HIS B 332 -20.02 -14.83 38.77
N GLU B 333 -20.78 -15.57 39.57
CA GLU B 333 -21.52 -15.00 40.69
C GLU B 333 -20.58 -14.72 41.86
N LEU B 334 -20.80 -13.59 42.53
CA LEU B 334 -19.95 -13.17 43.65
C LEU B 334 -20.30 -13.89 44.95
N TRP B 335 -19.26 -14.32 45.66
CA TRP B 335 -19.42 -15.08 46.89
C TRP B 335 -19.56 -14.10 48.05
N THR C 24 -37.17 6.59 -1.13
CA THR C 24 -38.19 6.47 -0.09
C THR C 24 -39.50 5.89 -0.61
N LYS C 25 -40.35 6.72 -1.23
CA LYS C 25 -41.63 6.29 -1.77
C LYS C 25 -41.71 6.42 -3.29
N PRO C 26 -42.43 5.51 -3.95
CA PRO C 26 -42.45 5.50 -5.42
C PRO C 26 -43.30 6.60 -6.03
N CYS C 27 -43.01 6.90 -7.30
CA CYS C 27 -43.78 7.87 -8.09
C CYS C 27 -44.82 7.16 -8.96
N TRP C 28 -46.10 7.51 -8.76
CA TRP C 28 -47.19 6.81 -9.43
C TRP C 28 -47.95 7.68 -10.43
N TYR C 29 -47.30 8.69 -11.01
CA TYR C 29 -47.97 9.58 -11.95
C TYR C 29 -47.15 9.75 -13.22
N TRP C 30 -47.84 9.69 -14.36
CA TRP C 30 -47.24 9.81 -15.67
C TRP C 30 -47.87 11.01 -16.40
N ASP C 31 -47.33 11.29 -17.60
CA ASP C 31 -47.88 12.31 -18.47
C ASP C 31 -48.77 11.64 -19.51
N LYS C 32 -49.87 12.30 -19.89
CA LYS C 32 -50.76 11.73 -20.88
C LYS C 32 -49.98 11.21 -22.07
N LYS C 33 -48.98 11.97 -22.52
CA LYS C 33 -48.15 11.57 -23.64
C LYS C 33 -47.46 10.25 -23.38
N ASP C 34 -47.17 9.95 -22.11
CA ASP C 34 -46.44 8.72 -21.81
C ASP C 34 -47.30 7.50 -22.01
N LEU C 35 -48.62 7.66 -22.05
CA LEU C 35 -49.50 6.50 -22.14
C LEU C 35 -49.56 5.89 -23.54
N ALA C 36 -48.96 6.53 -24.54
CA ALA C 36 -48.82 5.92 -25.86
C ALA C 36 -47.70 4.89 -25.90
N HIS C 37 -46.96 4.76 -24.80
CA HIS C 37 -45.82 3.86 -24.69
C HIS C 37 -46.02 2.90 -23.54
N THR C 38 -47.28 2.56 -23.27
CA THR C 38 -47.57 1.50 -22.32
C THR C 38 -47.15 0.17 -22.94
N PRO C 39 -46.88 -0.84 -22.11
CA PRO C 39 -46.53 -2.16 -22.68
C PRO C 39 -47.56 -2.66 -23.69
N SER C 40 -48.84 -2.42 -23.43
CA SER C 40 -49.90 -2.90 -24.30
C SER C 40 -49.85 -2.20 -25.65
N GLN C 41 -49.69 -0.87 -25.65
CA GLN C 41 -49.60 -0.15 -26.91
C GLN C 41 -48.50 -0.72 -27.79
N LEU C 42 -47.36 -1.04 -27.19
CA LEU C 42 -46.20 -1.49 -27.94
C LEU C 42 -46.32 -2.94 -28.42
N GLU C 43 -47.29 -3.70 -27.93
CA GLU C 43 -47.60 -5.01 -28.47
C GLU C 43 -48.67 -4.96 -29.54
N GLY C 44 -48.98 -3.77 -30.05
CA GLY C 44 -49.89 -3.63 -31.17
C GLY C 44 -51.31 -3.30 -30.80
N LEU C 45 -51.60 -3.15 -29.52
CA LEU C 45 -52.91 -2.69 -29.08
C LEU C 45 -53.04 -1.20 -29.36
N ASP C 46 -54.18 -0.80 -29.94
CA ASP C 46 -54.33 0.62 -30.27
C ASP C 46 -54.88 1.38 -29.07
N PRO C 47 -54.76 2.71 -29.07
CA PRO C 47 -55.16 3.48 -27.88
C PRO C 47 -56.61 3.22 -27.49
N ALA C 48 -57.52 3.17 -28.46
CA ALA C 48 -58.92 2.98 -28.13
C ALA C 48 -59.14 1.66 -27.41
N THR C 49 -58.49 0.59 -27.90
CA THR C 49 -58.69 -0.73 -27.31
C THR C 49 -58.18 -0.77 -25.88
N GLU C 50 -56.98 -0.22 -25.63
CA GLU C 50 -56.50 -0.22 -24.25
C GLU C 50 -57.43 0.59 -23.35
N ALA C 51 -57.91 1.73 -23.84
CA ALA C 51 -58.88 2.50 -23.06
C ALA C 51 -60.11 1.67 -22.77
N ARG C 52 -60.62 0.94 -23.77
CA ARG C 52 -61.77 0.08 -23.56
C ARG C 52 -61.48 -0.98 -22.52
N TYR C 53 -60.32 -1.66 -22.67
CA TYR C 53 -59.95 -2.68 -21.70
C TYR C 53 -59.88 -2.09 -20.29
N ARG C 54 -59.36 -0.86 -20.17
CA ARG C 54 -59.26 -0.25 -18.86
C ARG C 54 -60.64 0.00 -18.28
N ARG C 55 -61.59 0.46 -19.10
CA ARG C 55 -62.94 0.71 -18.60
C ARG C 55 -63.61 -0.58 -18.16
N GLU C 56 -63.50 -1.63 -18.98
CA GLU C 56 -64.13 -2.89 -18.68
C GLU C 56 -63.54 -3.50 -17.41
N GLY C 57 -62.21 -3.46 -17.28
CA GLY C 57 -61.60 -3.99 -16.08
C GLY C 57 -61.98 -3.22 -14.84
N ALA C 58 -61.96 -1.89 -14.92
CA ALA C 58 -62.35 -1.10 -13.77
C ALA C 58 -63.81 -1.36 -13.40
N ARG C 59 -64.70 -1.32 -14.39
CA ARG C 59 -66.11 -1.52 -14.12
C ARG C 59 -66.38 -2.94 -13.60
N PHE C 60 -65.64 -3.92 -14.10
CA PHE C 60 -65.69 -5.27 -13.55
C PHE C 60 -65.35 -5.25 -12.06
N ILE C 61 -64.25 -4.58 -11.70
CA ILE C 61 -63.90 -4.48 -10.28
C ILE C 61 -65.02 -3.80 -9.49
N PHE C 62 -65.57 -2.72 -10.04
CA PHE C 62 -66.64 -1.98 -9.35
C PHE C 62 -67.86 -2.86 -9.14
N ASP C 63 -68.32 -3.52 -10.19
CA ASP C 63 -69.56 -4.28 -10.11
C ASP C 63 -69.43 -5.47 -9.19
N VAL C 64 -68.32 -6.21 -9.29
CA VAL C 64 -68.14 -7.37 -8.43
C VAL C 64 -68.14 -6.95 -6.97
N GLY C 65 -67.39 -5.89 -6.65
CA GLY C 65 -67.30 -5.46 -5.26
C GLY C 65 -68.59 -4.88 -4.74
N THR C 66 -69.33 -4.16 -5.58
CA THR C 66 -70.62 -3.64 -5.16
C THR C 66 -71.57 -4.78 -4.82
N ARG C 67 -71.56 -5.85 -5.62
CA ARG C 67 -72.36 -7.03 -5.32
C ARG C 67 -71.94 -7.67 -4.00
N LEU C 68 -70.64 -7.63 -3.71
CA LEU C 68 -70.13 -8.17 -2.45
C LEU C 68 -70.32 -7.21 -1.28
N GLY C 69 -70.85 -6.02 -1.53
CA GLY C 69 -71.09 -5.07 -0.45
C GLY C 69 -69.88 -4.30 -0.01
N LEU C 70 -68.91 -4.08 -0.88
CA LEU C 70 -67.66 -3.48 -0.46
C LEU C 70 -67.73 -1.96 -0.40
N HIS C 71 -67.00 -1.41 0.56
CA HIS C 71 -66.87 0.03 0.75
C HIS C 71 -66.30 0.70 -0.50
N TYR C 72 -66.64 1.98 -0.70
CA TYR C 72 -66.23 2.65 -1.93
C TYR C 72 -64.71 2.75 -2.01
N ASP C 73 -64.03 2.91 -0.87
CA ASP C 73 -62.58 2.97 -0.90
C ASP C 73 -61.98 1.64 -1.34
N THR C 74 -62.59 0.52 -0.94
CA THR C 74 -62.07 -0.78 -1.35
C THR C 74 -62.18 -0.94 -2.86
N LEU C 75 -63.30 -0.51 -3.44
CA LEU C 75 -63.44 -0.58 -4.89
C LEU C 75 -62.39 0.28 -5.58
N ALA C 76 -62.16 1.50 -5.08
CA ALA C 76 -61.22 2.39 -5.74
C ALA C 76 -59.79 1.87 -5.62
N THR C 77 -59.42 1.36 -4.44
CA THR C 77 -58.07 0.82 -4.28
C THR C 77 -57.78 -0.28 -5.27
N GLY C 78 -58.72 -1.21 -5.44
CA GLY C 78 -58.55 -2.24 -6.46
C GLY C 78 -58.39 -1.65 -7.83
N ILE C 79 -59.17 -0.61 -8.14
CA ILE C 79 -59.11 0.01 -9.46
C ILE C 79 -57.78 0.71 -9.67
N ILE C 80 -57.23 1.30 -8.62
CA ILE C 80 -55.93 1.96 -8.74
C ILE C 80 -54.83 0.92 -8.94
N TYR C 81 -54.88 -0.17 -8.17
CA TYR C 81 -53.96 -1.28 -8.42
C TYR C 81 -54.05 -1.75 -9.87
N PHE C 82 -55.28 -1.92 -10.36
CA PHE C 82 -55.49 -2.37 -11.74
C PHE C 82 -54.82 -1.42 -12.74
N HIS C 83 -55.18 -0.12 -12.66
CA HIS C 83 -54.64 0.84 -13.60
C HIS C 83 -53.13 0.91 -13.55
N ARG C 84 -52.55 0.88 -12.36
CA ARG C 84 -51.09 0.92 -12.25
C ARG C 84 -50.47 -0.34 -12.87
N PHE C 85 -51.11 -1.51 -12.63
CA PHE C 85 -50.56 -2.76 -13.13
C PHE C 85 -50.27 -2.70 -14.64
N TYR C 86 -51.22 -2.18 -15.41
CA TYR C 86 -51.12 -2.19 -16.86
C TYR C 86 -50.34 -0.99 -17.40
N MET C 87 -49.68 -0.25 -16.52
CA MET C 87 -48.56 0.60 -16.89
C MET C 87 -47.23 -0.14 -16.85
N PHE C 88 -47.21 -1.36 -16.30
CA PHE C 88 -46.00 -2.17 -16.22
C PHE C 88 -46.13 -3.50 -16.95
N HIS C 89 -47.32 -3.89 -17.40
CA HIS C 89 -47.54 -5.16 -18.09
C HIS C 89 -48.52 -4.93 -19.24
N SER C 90 -48.60 -5.92 -20.12
CA SER C 90 -49.46 -5.83 -21.30
C SER C 90 -50.78 -6.57 -21.10
N PHE C 91 -51.85 -5.99 -21.65
CA PHE C 91 -53.15 -6.66 -21.61
C PHE C 91 -53.16 -7.98 -22.38
N LYS C 92 -52.28 -8.16 -23.37
CA LYS C 92 -52.30 -9.39 -24.15
C LYS C 92 -51.73 -10.58 -23.39
N GLN C 93 -50.93 -10.33 -22.35
CA GLN C 93 -50.34 -11.40 -21.57
C GLN C 93 -50.96 -11.59 -20.19
N PHE C 94 -51.72 -10.63 -19.71
CA PHE C 94 -52.39 -10.74 -18.42
C PHE C 94 -53.88 -10.47 -18.60
N PRO C 95 -54.70 -11.51 -18.67
CA PRO C 95 -56.15 -11.30 -18.87
C PRO C 95 -56.73 -10.37 -17.81
N ARG C 96 -57.54 -9.42 -18.28
CA ARG C 96 -57.86 -8.27 -17.44
C ARG C 96 -58.78 -8.64 -16.30
N TYR C 97 -59.75 -9.52 -16.54
CA TYR C 97 -60.71 -9.82 -15.47
C TYR C 97 -60.06 -10.66 -14.37
N VAL C 98 -59.04 -11.45 -14.70
CA VAL C 98 -58.27 -12.09 -13.65
C VAL C 98 -57.52 -11.04 -12.84
N THR C 99 -56.80 -10.16 -13.52
CA THR C 99 -56.11 -9.07 -12.86
C THR C 99 -57.08 -8.26 -11.98
N GLY C 100 -58.22 -7.89 -12.54
CA GLY C 100 -59.20 -7.15 -11.76
C GLY C 100 -59.59 -7.88 -10.49
N ALA C 101 -59.97 -9.16 -10.63
CA ALA C 101 -60.36 -9.93 -9.46
C ALA C 101 -59.23 -10.00 -8.42
N CYS C 102 -57.99 -10.18 -8.87
CA CYS C 102 -56.87 -10.22 -7.94
C CYS C 102 -56.69 -8.88 -7.23
N CYS C 103 -56.79 -7.78 -7.97
CA CYS C 103 -56.68 -6.46 -7.36
C CYS C 103 -57.74 -6.28 -6.27
N LEU C 104 -59.00 -6.60 -6.58
CA LEU C 104 -60.05 -6.46 -5.59
C LEU C 104 -59.76 -7.34 -4.38
N PHE C 105 -59.31 -8.57 -4.62
CA PHE C 105 -58.98 -9.46 -3.53
C PHE C 105 -57.92 -8.85 -2.62
N LEU C 106 -56.85 -8.31 -3.20
CA LEU C 106 -55.83 -7.68 -2.38
C LEU C 106 -56.36 -6.41 -1.74
N ALA C 107 -57.08 -5.59 -2.51
CA ALA C 107 -57.62 -4.34 -1.97
C ALA C 107 -58.43 -4.62 -0.71
N GLY C 108 -59.22 -5.69 -0.72
CA GLY C 108 -60.00 -6.03 0.46
C GLY C 108 -59.15 -6.25 1.70
N LYS C 109 -58.01 -6.91 1.53
CA LYS C 109 -57.12 -7.09 2.68
C LYS C 109 -56.44 -5.79 3.08
N VAL C 110 -56.06 -4.97 2.11
CA VAL C 110 -55.39 -3.72 2.44
C VAL C 110 -56.33 -2.79 3.20
N GLU C 111 -57.56 -2.64 2.71
CA GLU C 111 -58.53 -1.70 3.27
C GLU C 111 -59.37 -2.30 4.40
N GLU C 112 -59.04 -3.51 4.85
CA GLU C 112 -59.72 -4.18 5.96
C GLU C 112 -61.20 -4.42 5.68
N THR C 113 -61.52 -4.76 4.44
CA THR C 113 -62.85 -5.22 4.06
C THR C 113 -62.68 -6.56 3.33
N PRO C 114 -62.10 -7.54 4.01
CA PRO C 114 -61.60 -8.73 3.30
C PRO C 114 -62.72 -9.60 2.75
N LYS C 115 -62.42 -10.29 1.66
CA LYS C 115 -63.31 -11.27 1.08
C LYS C 115 -62.52 -12.52 0.73
N LYS C 116 -63.18 -13.68 0.79
CA LYS C 116 -62.55 -14.92 0.39
C LYS C 116 -62.46 -14.95 -1.12
N CYS C 117 -61.32 -15.44 -1.62
CA CYS C 117 -61.15 -15.47 -3.07
C CYS C 117 -62.26 -16.25 -3.76
N LYS C 118 -62.70 -17.36 -3.16
CA LYS C 118 -63.77 -18.14 -3.76
C LYS C 118 -65.03 -17.30 -3.94
N ASP C 119 -65.29 -16.37 -3.01
CA ASP C 119 -66.48 -15.53 -3.13
C ASP C 119 -66.34 -14.54 -4.27
N ILE C 120 -65.14 -14.00 -4.49
CA ILE C 120 -64.94 -13.10 -5.62
C ILE C 120 -65.14 -13.85 -6.93
N ILE C 121 -64.62 -15.08 -7.01
CA ILE C 121 -64.80 -15.88 -8.22
C ILE C 121 -66.28 -16.13 -8.47
N LYS C 122 -67.00 -16.58 -7.44
CA LYS C 122 -68.43 -16.84 -7.57
C LYS C 122 -69.13 -15.65 -8.22
N THR C 123 -68.91 -14.47 -7.65
CA THR C 123 -69.58 -13.27 -8.14
C THR C 123 -69.10 -12.94 -9.55
N ALA C 124 -67.81 -13.14 -9.81
CA ALA C 124 -67.29 -12.88 -11.15
C ALA C 124 -68.00 -13.71 -12.20
N ARG C 125 -68.33 -14.96 -11.87
CA ARG C 125 -69.05 -15.81 -12.82
C ARG C 125 -70.39 -15.21 -13.18
N SER C 126 -71.12 -14.70 -12.19
CA SER C 126 -72.45 -14.16 -12.43
C SER C 126 -72.42 -13.02 -13.43
N LEU C 127 -71.41 -12.16 -13.35
CA LEU C 127 -71.34 -10.93 -14.12
C LEU C 127 -70.64 -11.12 -15.45
N LEU C 128 -69.88 -12.21 -15.61
CA LEU C 128 -69.15 -12.45 -16.86
C LEU C 128 -69.85 -13.51 -17.71
N ASN C 129 -69.76 -13.36 -19.04
CA ASN C 129 -70.26 -14.40 -19.92
C ASN C 129 -69.25 -15.55 -19.93
N ASP C 130 -69.58 -16.63 -20.63
CA ASP C 130 -68.74 -17.81 -20.54
C ASP C 130 -67.36 -17.57 -21.14
N VAL C 131 -67.31 -16.82 -22.25
CA VAL C 131 -66.03 -16.50 -22.86
C VAL C 131 -65.17 -15.70 -21.89
N GLN C 132 -65.76 -14.70 -21.24
CA GLN C 132 -65.02 -13.88 -20.31
C GLN C 132 -64.52 -14.70 -19.13
N PHE C 133 -65.36 -15.54 -18.56
CA PHE C 133 -64.91 -16.40 -17.46
C PHE C 133 -63.88 -17.42 -17.92
N GLY C 134 -63.74 -17.61 -19.25
CA GLY C 134 -62.66 -18.43 -19.75
C GLY C 134 -61.29 -17.91 -19.41
N GLN C 135 -61.15 -16.58 -19.27
CA GLN C 135 -59.86 -15.99 -18.91
C GLN C 135 -59.32 -16.61 -17.63
N PHE C 136 -60.21 -17.01 -16.73
CA PHE C 136 -59.82 -17.64 -15.47
C PHE C 136 -59.33 -19.05 -15.65
N GLY C 137 -59.39 -19.57 -16.87
CA GLY C 137 -58.85 -20.88 -17.17
C GLY C 137 -59.62 -21.97 -16.44
N ASP C 138 -58.92 -23.10 -16.28
CA ASP C 138 -59.56 -24.29 -15.74
C ASP C 138 -59.77 -24.17 -14.24
N ASP C 139 -58.92 -23.39 -13.55
CA ASP C 139 -58.96 -23.23 -12.11
C ASP C 139 -58.97 -21.73 -11.82
N PRO C 140 -60.16 -21.12 -11.74
CA PRO C 140 -60.20 -19.65 -11.54
C PRO C 140 -59.48 -19.18 -10.28
N LYS C 141 -59.76 -19.79 -9.12
CA LYS C 141 -59.14 -19.34 -7.88
C LYS C 141 -57.61 -19.36 -8.00
N GLU C 142 -57.07 -20.43 -8.57
CA GLU C 142 -55.62 -20.54 -8.70
C GLU C 142 -55.06 -19.41 -9.56
N GLU C 143 -55.66 -19.17 -10.72
CA GLU C 143 -55.16 -18.12 -11.60
C GLU C 143 -55.08 -16.78 -10.87
N VAL C 144 -56.06 -16.52 -9.98
CA VAL C 144 -56.10 -15.27 -9.23
C VAL C 144 -55.07 -15.27 -8.10
N MET C 145 -55.08 -16.32 -7.26
CA MET C 145 -54.18 -16.33 -6.10
C MET C 145 -52.72 -16.27 -6.55
N VAL C 146 -52.41 -16.93 -7.67
CA VAL C 146 -51.04 -16.94 -8.16
C VAL C 146 -50.59 -15.55 -8.56
N LEU C 147 -51.52 -14.73 -9.03
CA LEU C 147 -51.17 -13.40 -9.53
C LEU C 147 -50.81 -12.44 -8.42
N GLU C 148 -51.25 -12.72 -7.19
CA GLU C 148 -50.97 -11.80 -6.07
C GLU C 148 -49.47 -11.51 -5.96
N ARG C 149 -48.63 -12.52 -6.15
CA ARG C 149 -47.19 -12.27 -6.05
C ARG C 149 -46.75 -11.23 -7.06
N ILE C 150 -47.22 -11.35 -8.31
CA ILE C 150 -46.85 -10.39 -9.34
C ILE C 150 -47.46 -9.02 -9.03
N LEU C 151 -48.68 -8.99 -8.52
CA LEU C 151 -49.31 -7.72 -8.19
C LEU C 151 -48.50 -6.97 -7.14
N LEU C 152 -48.17 -7.62 -6.03
CA LEU C 152 -47.45 -6.96 -4.96
C LEU C 152 -46.11 -6.42 -5.43
N GLN C 153 -45.35 -7.22 -6.17
CA GLN C 153 -44.07 -6.75 -6.68
C GLN C 153 -44.28 -5.60 -7.67
N THR C 154 -45.34 -5.67 -8.48
CA THR C 154 -45.59 -4.62 -9.47
C THR C 154 -45.92 -3.30 -8.79
N ILE C 155 -46.77 -3.35 -7.76
CA ILE C 155 -47.16 -2.12 -7.08
C ILE C 155 -46.11 -1.70 -6.08
N LYS C 156 -44.96 -2.37 -6.11
CA LYS C 156 -43.80 -1.98 -5.31
C LYS C 156 -44.13 -1.94 -3.83
N PHE C 157 -45.09 -2.76 -3.41
CA PHE C 157 -45.55 -2.86 -2.02
C PHE C 157 -46.00 -1.53 -1.43
N ASP C 158 -46.34 -0.55 -2.26
CA ASP C 158 -46.92 0.71 -1.80
C ASP C 158 -48.44 0.52 -1.79
N LEU C 159 -48.95 0.03 -0.66
CA LEU C 159 -50.36 -0.38 -0.58
C LEU C 159 -51.28 0.76 -0.18
N GLN C 160 -50.78 1.74 0.57
CA GLN C 160 -51.62 2.85 1.02
C GLN C 160 -51.94 3.75 -0.16
N VAL C 161 -53.22 4.01 -0.37
CA VAL C 161 -53.69 4.86 -1.45
C VAL C 161 -54.72 5.84 -0.89
N GLU C 162 -54.68 7.07 -1.39
CA GLU C 162 -55.63 8.10 -1.06
C GLU C 162 -56.53 8.31 -2.26
N HIS C 163 -57.80 8.61 -2.02
CA HIS C 163 -58.77 8.67 -3.11
C HIS C 163 -59.48 10.02 -3.11
N PRO C 164 -59.98 10.46 -4.27
CA PRO C 164 -60.64 11.79 -4.33
C PRO C 164 -61.77 11.96 -3.32
N TYR C 165 -62.37 10.86 -2.86
CA TYR C 165 -63.55 10.98 -2.01
C TYR C 165 -63.23 11.74 -0.73
N GLN C 166 -62.13 11.38 -0.05
CA GLN C 166 -61.88 12.00 1.25
C GLN C 166 -61.69 13.51 1.11
N PHE C 167 -61.06 13.95 0.01
CA PHE C 167 -60.82 15.37 -0.19
C PHE C 167 -62.10 16.10 -0.61
N LEU C 168 -62.95 15.44 -1.39
CA LEU C 168 -64.24 16.04 -1.73
C LEU C 168 -65.02 16.38 -0.47
N LEU C 169 -64.98 15.49 0.53
CA LEU C 169 -65.67 15.77 1.79
C LEU C 169 -64.89 16.73 2.67
N LYS C 170 -63.56 16.58 2.74
CA LYS C 170 -62.79 17.50 3.57
C LYS C 170 -62.98 18.94 3.08
N TYR C 171 -62.97 19.14 1.76
CA TYR C 171 -63.13 20.48 1.19
C TYR C 171 -64.57 20.94 1.27
N ALA C 172 -65.53 20.05 1.01
CA ALA C 172 -66.93 20.43 1.07
C ALA C 172 -67.33 20.84 2.48
N LYS C 173 -66.71 20.25 3.51
CA LYS C 173 -67.03 20.62 4.89
C LYS C 173 -66.69 22.08 5.18
N GLN C 174 -65.76 22.66 4.43
CA GLN C 174 -65.34 24.05 4.63
C GLN C 174 -66.17 25.03 3.81
N LEU C 175 -67.14 24.55 3.03
CA LEU C 175 -68.08 25.41 2.34
C LEU C 175 -69.26 25.69 3.24
N LYS C 176 -69.68 26.95 3.31
CA LYS C 176 -70.81 27.36 4.15
C LYS C 176 -71.82 28.03 3.23
N GLY C 177 -73.06 27.58 3.29
CA GLY C 177 -74.08 28.13 2.41
C GLY C 177 -75.32 27.27 2.44
N ASP C 178 -76.14 27.40 1.40
CA ASP C 178 -77.35 26.60 1.31
C ASP C 178 -77.02 25.11 1.33
N LYS C 179 -77.59 24.41 2.31
CA LYS C 179 -77.28 22.97 2.43
C LYS C 179 -77.67 22.22 1.15
N ASN C 180 -78.83 22.54 0.58
CA ASN C 180 -79.29 21.84 -0.60
C ASN C 180 -78.39 22.10 -1.80
N LYS C 181 -77.95 23.34 -1.99
CA LYS C 181 -77.08 23.67 -3.11
C LYS C 181 -75.71 22.99 -2.99
N ILE C 182 -75.13 22.98 -1.78
CA ILE C 182 -73.83 22.32 -1.60
C ILE C 182 -73.96 20.81 -1.73
N GLN C 183 -75.00 20.22 -1.15
CA GLN C 183 -75.19 18.78 -1.27
C GLN C 183 -75.35 18.38 -2.73
N LYS C 184 -76.07 19.18 -3.53
CA LYS C 184 -76.14 18.88 -4.97
C LYS C 184 -74.75 18.91 -5.60
N LEU C 185 -73.91 19.87 -5.18
CA LEU C 185 -72.55 19.93 -5.68
C LEU C 185 -71.79 18.65 -5.30
N VAL C 186 -71.88 18.24 -4.04
CA VAL C 186 -71.14 17.07 -3.60
C VAL C 186 -71.58 15.81 -4.36
N GLN C 187 -72.88 15.57 -4.45
CA GLN C 187 -73.31 14.33 -5.08
C GLN C 187 -72.94 14.28 -6.56
N MET C 188 -73.11 15.40 -7.27
CA MET C 188 -72.69 15.40 -8.67
C MET C 188 -71.19 15.15 -8.79
N ALA C 189 -70.40 15.83 -7.95
CA ALA C 189 -68.95 15.63 -7.97
C ALA C 189 -68.60 14.19 -7.60
N TRP C 190 -69.29 13.63 -6.60
CA TRP C 190 -69.07 12.24 -6.23
C TRP C 190 -69.30 11.32 -7.42
N THR C 191 -70.35 11.56 -8.20
CA THR C 191 -70.59 10.79 -9.41
C THR C 191 -69.44 10.94 -10.40
N PHE C 192 -68.88 12.14 -10.50
CA PHE C 192 -67.75 12.34 -11.40
C PHE C 192 -66.51 11.57 -10.92
N VAL C 193 -66.33 11.45 -9.60
CA VAL C 193 -65.24 10.64 -9.09
C VAL C 193 -65.42 9.18 -9.50
N ASN C 194 -66.62 8.63 -9.25
CA ASN C 194 -66.87 7.23 -9.60
C ASN C 194 -66.59 6.99 -11.09
N ASP C 195 -66.91 7.98 -11.92
CA ASP C 195 -66.74 7.85 -13.36
C ASP C 195 -65.28 7.95 -13.75
N SER C 196 -64.52 8.79 -13.05
CA SER C 196 -63.09 8.97 -13.36
C SER C 196 -62.26 7.72 -13.07
N LEU C 197 -62.80 6.76 -12.31
CA LEU C 197 -62.06 5.53 -12.02
C LEU C 197 -61.90 4.68 -13.28
N CYS C 198 -62.76 4.88 -14.28
CA CYS C 198 -62.64 4.16 -15.55
C CYS C 198 -61.56 4.72 -16.46
N THR C 199 -60.93 5.82 -16.07
CA THR C 199 -59.96 6.52 -16.87
C THR C 199 -58.58 6.48 -16.24
N THR C 200 -57.59 6.96 -17.01
CA THR C 200 -56.21 7.04 -16.55
C THR C 200 -55.92 8.31 -15.75
N LEU C 201 -56.96 9.09 -15.42
CA LEU C 201 -56.73 10.25 -14.58
C LEU C 201 -56.11 9.86 -13.26
N SER C 202 -56.46 8.68 -12.73
CA SER C 202 -55.86 8.19 -11.49
C SER C 202 -54.35 8.04 -11.63
N LEU C 203 -53.85 7.97 -12.86
CA LEU C 203 -52.44 7.79 -13.15
C LEU C 203 -51.77 9.09 -13.57
N GLN C 204 -52.52 10.19 -13.66
CA GLN C 204 -51.99 11.46 -14.10
C GLN C 204 -52.00 12.55 -13.03
N TRP C 205 -52.96 12.55 -12.12
CA TRP C 205 -53.13 13.63 -11.17
C TRP C 205 -53.37 13.06 -9.78
N GLU C 206 -52.78 13.71 -8.77
CA GLU C 206 -53.01 13.28 -7.40
C GLU C 206 -54.50 13.35 -7.09
N PRO C 207 -54.97 12.57 -6.11
CA PRO C 207 -56.41 12.61 -5.78
C PRO C 207 -56.88 13.99 -5.36
N GLU C 208 -56.07 14.75 -4.63
CA GLU C 208 -56.49 16.08 -4.20
C GLU C 208 -56.95 16.92 -5.39
N ILE C 209 -56.21 16.87 -6.50
CA ILE C 209 -56.56 17.64 -7.69
C ILE C 209 -57.85 17.12 -8.28
N ILE C 210 -58.03 15.80 -8.30
CA ILE C 210 -59.26 15.23 -8.85
C ILE C 210 -60.46 15.75 -8.08
N ALA C 211 -60.38 15.77 -6.75
CA ALA C 211 -61.51 16.24 -5.96
C ALA C 211 -61.85 17.67 -6.31
N VAL C 212 -60.85 18.53 -6.45
CA VAL C 212 -61.10 19.91 -6.83
C VAL C 212 -61.70 19.96 -8.22
N ALA C 213 -61.11 19.19 -9.16
CA ALA C 213 -61.59 19.21 -10.54
C ALA C 213 -63.07 18.85 -10.60
N VAL C 214 -63.49 17.84 -9.84
CA VAL C 214 -64.91 17.44 -9.89
C VAL C 214 -65.79 18.48 -9.23
N MET C 215 -65.31 19.13 -8.16
CA MET C 215 -66.06 20.26 -7.60
C MET C 215 -66.22 21.36 -8.63
N TYR C 216 -65.13 21.68 -9.33
CA TYR C 216 -65.13 22.69 -10.39
C TYR C 216 -66.12 22.34 -11.48
N LEU C 217 -66.14 21.09 -11.92
CA LEU C 217 -67.06 20.69 -12.98
C LEU C 217 -68.51 20.80 -12.51
N ALA C 218 -68.82 20.24 -11.33
CA ALA C 218 -70.19 20.34 -10.82
C ALA C 218 -70.63 21.80 -10.72
N GLY C 219 -69.75 22.68 -10.26
CA GLY C 219 -70.10 24.09 -10.16
C GLY C 219 -70.44 24.71 -11.50
N ARG C 220 -69.60 24.47 -12.51
CA ARG C 220 -69.90 25.01 -13.83
C ARG C 220 -71.25 24.50 -14.32
N LEU C 221 -71.50 23.19 -14.18
CA LEU C 221 -72.74 22.59 -14.65
C LEU C 221 -73.94 23.07 -13.84
N CYS C 222 -73.78 23.26 -12.54
CA CYS C 222 -74.89 23.72 -11.69
C CYS C 222 -75.02 25.24 -11.64
N LYS C 223 -74.17 25.98 -12.35
CA LYS C 223 -74.17 27.45 -12.34
C LYS C 223 -74.06 27.99 -10.91
N PHE C 224 -73.15 27.39 -10.13
CA PHE C 224 -72.85 27.83 -8.77
C PHE C 224 -71.49 28.53 -8.75
N GLU C 225 -71.35 29.58 -7.94
CA GLU C 225 -70.06 30.24 -7.74
C GLU C 225 -69.52 29.89 -6.36
N ILE C 226 -68.70 28.84 -6.32
CA ILE C 226 -68.22 28.27 -5.07
C ILE C 226 -67.41 29.29 -4.29
N GLN C 227 -66.85 30.29 -4.96
CA GLN C 227 -66.02 31.26 -4.26
C GLN C 227 -66.76 31.87 -3.07
N GLU C 228 -68.08 32.03 -3.19
CA GLU C 228 -68.84 32.72 -2.16
C GLU C 228 -68.97 31.90 -0.89
N TRP C 229 -68.94 30.57 -0.98
CA TRP C 229 -69.02 29.73 0.20
C TRP C 229 -67.69 29.54 0.91
N THR C 230 -66.59 30.02 0.33
CA THR C 230 -65.28 29.84 0.93
C THR C 230 -65.04 30.94 1.97
N SER C 231 -64.02 30.72 2.81
CA SER C 231 -63.66 31.73 3.81
C SER C 231 -63.19 33.02 3.16
N LYS C 232 -62.71 32.95 1.91
CA LYS C 232 -62.21 34.10 1.16
C LYS C 232 -63.16 34.37 0.00
N PRO C 233 -64.22 35.17 0.20
CA PRO C 233 -65.26 35.28 -0.85
C PRO C 233 -64.81 35.98 -2.10
N MET C 234 -63.71 36.76 -2.06
CA MET C 234 -63.21 37.43 -3.24
C MET C 234 -62.03 36.69 -3.86
N TYR C 235 -61.76 35.48 -3.41
CA TYR C 235 -60.70 34.67 -4.00
C TYR C 235 -61.37 33.87 -5.11
N ARG C 236 -61.30 34.38 -6.34
CA ARG C 236 -62.03 33.74 -7.43
C ARG C 236 -61.48 32.36 -7.71
N ARG C 237 -60.18 32.16 -7.47
CA ARG C 237 -59.57 30.83 -7.54
C ARG C 237 -59.68 30.14 -6.19
N TRP C 238 -60.91 29.70 -5.91
CA TRP C 238 -61.21 29.13 -4.60
C TRP C 238 -60.40 27.86 -4.33
N TRP C 239 -60.09 27.10 -5.38
CA TRP C 239 -59.38 25.84 -5.17
C TRP C 239 -57.98 26.05 -4.61
N GLU C 240 -57.41 27.26 -4.77
CA GLU C 240 -56.05 27.50 -4.29
C GLU C 240 -55.95 27.42 -2.76
N GLN C 241 -57.05 27.62 -2.03
CA GLN C 241 -57.03 27.46 -0.58
C GLN C 241 -57.14 26.00 -0.13
N PHE C 242 -57.36 25.07 -1.06
CA PHE C 242 -57.39 23.64 -0.77
C PHE C 242 -56.22 22.89 -1.39
N VAL C 243 -55.83 23.27 -2.60
CA VAL C 243 -54.78 22.60 -3.35
C VAL C 243 -53.89 23.69 -3.93
N GLN C 244 -52.68 23.80 -3.41
CA GLN C 244 -51.77 24.83 -3.89
C GLN C 244 -51.16 24.42 -5.22
N ASP C 245 -50.94 25.42 -6.06
CA ASP C 245 -50.21 25.27 -7.32
C ASP C 245 -50.99 24.48 -8.36
N VAL C 246 -52.30 24.68 -8.46
CA VAL C 246 -53.04 23.97 -9.50
C VAL C 246 -53.57 24.98 -10.51
N PRO C 247 -53.07 24.96 -11.74
CA PRO C 247 -53.61 25.86 -12.75
C PRO C 247 -54.96 25.38 -13.26
N VAL C 248 -55.74 26.33 -13.77
CA VAL C 248 -57.00 25.97 -14.43
C VAL C 248 -56.73 25.03 -15.60
N ASP C 249 -55.58 25.18 -16.26
CA ASP C 249 -55.26 24.28 -17.37
C ASP C 249 -55.50 22.84 -16.94
N VAL C 250 -55.00 22.48 -15.76
CA VAL C 250 -55.15 21.11 -15.26
C VAL C 250 -56.61 20.81 -14.98
N LEU C 251 -57.27 21.66 -14.19
CA LEU C 251 -58.65 21.36 -13.80
C LEU C 251 -59.56 21.22 -15.02
N GLU C 252 -59.22 21.93 -16.11
CA GLU C 252 -60.01 21.83 -17.33
C GLU C 252 -59.67 20.61 -18.17
N ASP C 253 -58.39 20.24 -18.24
CA ASP C 253 -58.05 18.99 -18.90
C ASP C 253 -58.80 17.84 -18.24
N ILE C 254 -58.86 17.84 -16.90
CA ILE C 254 -59.57 16.80 -16.18
C ILE C 254 -61.05 16.85 -16.52
N CYS C 255 -61.64 18.05 -16.48
CA CYS C 255 -63.05 18.15 -16.85
C CYS C 255 -63.30 17.64 -18.26
N HIS C 256 -62.45 18.04 -19.21
CA HIS C 256 -62.60 17.57 -20.58
C HIS C 256 -62.59 16.06 -20.63
N GLN C 257 -61.65 15.43 -19.92
CA GLN C 257 -61.54 13.97 -19.93
C GLN C 257 -62.76 13.31 -19.30
N ILE C 258 -63.31 13.89 -18.22
CA ILE C 258 -64.48 13.27 -17.59
C ILE C 258 -65.70 13.35 -18.51
N LEU C 259 -65.96 14.52 -19.07
CA LEU C 259 -67.14 14.67 -19.92
C LEU C 259 -67.03 13.87 -21.21
N ASP C 260 -65.82 13.56 -21.67
CA ASP C 260 -65.67 12.75 -22.88
C ASP C 260 -66.32 11.38 -22.70
N LEU C 261 -66.16 10.79 -21.51
CA LEU C 261 -66.81 9.52 -21.23
C LEU C 261 -68.31 9.62 -21.45
N TYR C 262 -68.93 10.72 -21.00
CA TYR C 262 -70.38 10.86 -21.15
C TYR C 262 -70.77 11.05 -22.62
N SER C 263 -69.97 11.81 -23.38
CA SER C 263 -70.30 12.08 -24.78
C SER C 263 -70.13 10.82 -25.63
N GLN C 264 -69.05 10.07 -25.40
CA GLN C 264 -68.85 8.82 -26.12
C GLN C 264 -69.98 7.83 -25.83
N GLY C 265 -70.29 7.65 -24.55
CA GLY C 265 -71.41 6.81 -24.17
C GLY C 265 -72.73 7.48 -24.48
N LYS C 266 -73.81 6.74 -24.23
CA LYS C 266 -75.15 7.29 -24.44
C LYS C 266 -75.60 8.10 -23.23
N GLN C 267 -74.95 7.90 -22.09
CA GLN C 267 -75.24 8.60 -20.85
C GLN C 267 -74.92 10.10 -20.90
N GLN C 268 -75.64 10.87 -20.08
CA GLN C 268 -75.50 12.33 -20.02
C GLN C 268 -75.13 12.77 -18.60
N MET C 269 -74.73 14.05 -18.46
CA MET C 269 -74.33 14.58 -17.15
C MET C 269 -75.44 14.35 -16.12
N PRO C 270 -75.12 14.09 -14.85
CA PRO C 270 -76.18 13.71 -13.90
C PRO C 270 -77.21 14.79 -13.63
N HIS C 271 -76.77 16.03 -13.50
CA HIS C 271 -77.59 17.14 -13.04
C HIS C 271 -78.87 16.73 -12.30
N MET D 5 0.31 -11.51 -62.74
CA MET D 5 -1.13 -11.10 -62.83
C MET D 5 -2.01 -12.30 -62.46
N SER D 6 -3.26 -12.02 -62.09
CA SER D 6 -4.21 -13.06 -61.71
C SER D 6 -5.41 -13.00 -62.64
N TYR D 7 -6.00 -14.18 -62.87
CA TYR D 7 -7.04 -14.36 -63.88
C TYR D 7 -8.23 -15.04 -63.24
N ASN D 8 -9.38 -14.37 -63.30
CA ASN D 8 -10.58 -14.86 -62.64
C ASN D 8 -11.81 -14.65 -63.51
N TYR D 9 -12.87 -15.37 -63.12
CA TYR D 9 -14.14 -15.49 -63.83
C TYR D 9 -15.24 -15.24 -62.81
N VAL D 10 -16.21 -14.39 -63.15
CA VAL D 10 -17.28 -14.05 -62.22
C VAL D 10 -18.61 -14.29 -62.91
N VAL D 11 -19.46 -15.13 -62.29
CA VAL D 11 -20.78 -15.48 -62.81
C VAL D 11 -21.81 -15.28 -61.72
N THR D 12 -23.05 -15.16 -62.15
CA THR D 12 -24.19 -14.90 -61.28
C THR D 12 -25.01 -16.17 -61.11
N ALA D 13 -24.99 -16.75 -59.90
CA ALA D 13 -25.82 -17.92 -59.64
C ALA D 13 -27.29 -17.53 -59.49
N GLN D 14 -27.57 -16.47 -58.74
CA GLN D 14 -28.94 -15.98 -58.58
C GLN D 14 -28.95 -14.49 -58.91
N LYS D 15 -29.89 -14.09 -59.77
CA LYS D 15 -30.03 -12.69 -60.15
C LYS D 15 -30.58 -11.90 -58.96
N PRO D 16 -30.40 -10.58 -58.94
CA PRO D 16 -30.92 -9.80 -57.82
C PRO D 16 -32.41 -10.03 -57.62
N THR D 17 -32.81 -10.22 -56.36
CA THR D 17 -34.21 -10.46 -56.02
C THR D 17 -34.89 -9.27 -55.36
N ALA D 18 -34.11 -8.29 -54.88
CA ALA D 18 -34.68 -7.12 -54.20
C ALA D 18 -35.26 -6.12 -55.20
N VAL D 19 -36.41 -5.57 -54.85
CA VAL D 19 -37.09 -4.57 -55.67
C VAL D 19 -36.56 -3.19 -55.32
N ASN D 20 -35.97 -2.52 -56.32
CA ASN D 20 -35.43 -1.18 -56.14
C ASN D 20 -36.38 -0.08 -56.58
N GLY D 21 -37.30 -0.39 -57.48
CA GLY D 21 -38.32 0.55 -57.93
C GLY D 21 -39.33 -0.13 -58.83
N CYS D 22 -40.60 0.31 -58.81
CA CYS D 22 -41.63 -0.26 -59.68
C CYS D 22 -42.53 0.85 -60.19
N VAL D 23 -42.94 0.74 -61.46
CA VAL D 23 -43.82 1.71 -62.10
C VAL D 23 -44.89 0.98 -62.90
N THR D 24 -46.02 1.66 -63.12
CA THR D 24 -47.11 1.17 -63.94
C THR D 24 -47.31 2.12 -65.13
N GLY D 25 -48.02 1.66 -66.15
CA GLY D 25 -48.25 2.49 -67.31
C GLY D 25 -48.67 1.65 -68.52
N HIS D 26 -48.41 2.21 -69.71
CA HIS D 26 -48.81 1.63 -70.99
C HIS D 26 -47.60 1.60 -71.92
N PHE D 27 -46.68 0.69 -71.63
CA PHE D 27 -45.37 0.62 -72.28
C PHE D 27 -45.37 -0.32 -73.48
N THR D 28 -45.97 -1.51 -73.35
CA THR D 28 -45.95 -2.49 -74.44
C THR D 28 -47.03 -2.21 -75.48
N SER D 29 -48.19 -1.72 -75.06
CA SER D 29 -49.26 -1.34 -75.97
C SER D 29 -50.10 -0.27 -75.29
N ALA D 30 -50.70 0.60 -76.10
CA ALA D 30 -51.56 1.61 -75.50
C ALA D 30 -52.75 0.99 -74.79
N GLU D 31 -53.00 -0.30 -75.02
CA GLU D 31 -54.13 -0.98 -74.42
C GLU D 31 -53.71 -1.70 -73.14
N ASP D 32 -52.57 -2.36 -73.15
CA ASP D 32 -52.14 -3.12 -72.00
C ASP D 32 -51.75 -2.17 -70.87
N LEU D 33 -52.18 -2.52 -69.66
CA LEU D 33 -51.67 -1.87 -68.45
C LEU D 33 -50.48 -2.67 -67.96
N ASN D 34 -49.33 -2.03 -67.86
CA ASN D 34 -48.10 -2.73 -67.56
C ASN D 34 -47.60 -2.42 -66.16
N LEU D 35 -46.78 -3.32 -65.63
CA LEU D 35 -46.03 -3.09 -64.41
C LEU D 35 -44.57 -3.41 -64.69
N LEU D 36 -43.71 -2.40 -64.66
CA LEU D 36 -42.28 -2.59 -64.83
C LEU D 36 -41.64 -2.54 -63.44
N ILE D 37 -40.95 -3.62 -63.06
CA ILE D 37 -40.30 -3.76 -61.76
C ILE D 37 -38.80 -3.78 -62.01
N ALA D 38 -38.08 -2.96 -61.25
CA ALA D 38 -36.63 -2.84 -61.39
C ALA D 38 -35.87 -3.55 -60.27
N LYS D 39 -34.95 -4.43 -60.65
CA LYS D 39 -33.89 -4.98 -59.82
C LYS D 39 -32.58 -4.33 -60.21
N ASN D 40 -31.57 -4.49 -59.36
CA ASN D 40 -30.38 -3.66 -59.49
C ASN D 40 -29.93 -3.48 -60.93
N THR D 41 -29.75 -4.59 -61.64
CA THR D 41 -29.37 -4.58 -63.03
C THR D 41 -30.42 -5.15 -63.97
N ARG D 42 -31.56 -5.61 -63.45
CA ARG D 42 -32.56 -6.31 -64.24
C ARG D 42 -33.85 -5.50 -64.30
N LEU D 43 -34.40 -5.39 -65.50
CA LEU D 43 -35.70 -4.77 -65.74
C LEU D 43 -36.69 -5.85 -66.16
N GLU D 44 -37.77 -5.99 -65.40
CA GLU D 44 -38.81 -6.98 -65.65
C GLU D 44 -40.09 -6.27 -66.09
N ILE D 45 -40.68 -6.75 -67.19
CA ILE D 45 -41.89 -6.16 -67.75
C ILE D 45 -43.03 -7.17 -67.62
N TYR D 46 -44.17 -6.70 -67.11
CA TYR D 46 -45.36 -7.51 -66.89
C TYR D 46 -46.57 -6.83 -67.52
N VAL D 47 -47.62 -7.61 -67.77
CA VAL D 47 -48.92 -7.10 -68.19
C VAL D 47 -49.93 -7.46 -67.11
N VAL D 48 -50.72 -6.47 -66.70
CA VAL D 48 -51.60 -6.66 -65.56
C VAL D 48 -52.88 -7.37 -66.00
N THR D 49 -52.82 -8.68 -66.17
CA THR D 49 -54.07 -9.40 -66.36
C THR D 49 -54.82 -9.32 -65.04
N ALA D 50 -56.14 -9.50 -65.10
CA ALA D 50 -56.91 -9.45 -63.86
C ALA D 50 -56.64 -10.69 -63.02
N GLU D 51 -56.24 -11.79 -63.65
CA GLU D 51 -55.99 -13.01 -62.90
C GLU D 51 -54.66 -12.93 -62.17
N GLY D 52 -53.69 -12.24 -62.79
CA GLY D 52 -52.34 -12.23 -62.26
C GLY D 52 -51.42 -11.59 -63.27
N LEU D 53 -50.22 -11.26 -62.81
CA LEU D 53 -49.26 -10.60 -63.68
C LEU D 53 -48.76 -11.57 -64.75
N ARG D 54 -48.69 -11.08 -65.98
CA ARG D 54 -48.20 -11.88 -67.10
C ARG D 54 -46.80 -11.47 -67.46
N PRO D 55 -45.79 -12.34 -67.32
CA PRO D 55 -44.46 -11.97 -67.82
C PRO D 55 -44.51 -11.73 -69.33
N VAL D 56 -43.73 -10.76 -69.80
CA VAL D 56 -43.71 -10.45 -71.23
C VAL D 56 -42.28 -10.44 -71.72
N LYS D 57 -41.35 -9.89 -70.93
CA LYS D 57 -39.97 -9.73 -71.37
C LYS D 57 -39.13 -9.34 -70.15
N GLU D 58 -37.90 -9.84 -70.12
CA GLU D 58 -36.92 -9.42 -69.13
C GLU D 58 -35.59 -9.13 -69.80
N VAL D 59 -35.01 -7.97 -69.48
CA VAL D 59 -33.72 -7.56 -70.01
C VAL D 59 -32.79 -7.21 -68.86
N GLY D 60 -31.49 -7.39 -69.10
CA GLY D 60 -30.46 -6.86 -68.25
C GLY D 60 -29.87 -5.60 -68.88
N MET D 61 -29.33 -4.74 -68.03
CA MET D 61 -28.64 -3.54 -68.47
C MET D 61 -27.24 -3.51 -67.89
N TYR D 62 -26.32 -2.90 -68.64
CA TYR D 62 -24.94 -2.76 -68.19
C TYR D 62 -24.85 -1.53 -67.27
N GLY D 63 -25.57 -1.61 -66.16
CA GLY D 63 -25.71 -0.49 -65.25
C GLY D 63 -26.73 -0.71 -64.16
N LYS D 64 -26.53 -0.02 -63.04
CA LYS D 64 -27.49 0.00 -61.94
C LYS D 64 -28.61 0.98 -62.23
N ILE D 65 -29.85 0.53 -62.15
CA ILE D 65 -30.99 1.37 -62.49
C ILE D 65 -31.25 2.35 -61.34
N ALA D 66 -30.98 3.64 -61.59
CA ALA D 66 -31.20 4.68 -60.59
C ALA D 66 -32.55 5.37 -60.74
N VAL D 67 -32.91 5.75 -61.97
CA VAL D 67 -34.19 6.36 -62.27
C VAL D 67 -34.92 5.48 -63.28
N MET D 68 -36.22 5.28 -63.05
CA MET D 68 -37.08 4.54 -63.98
C MET D 68 -38.45 5.18 -63.97
N GLU D 69 -38.88 5.71 -65.11
CA GLU D 69 -40.15 6.41 -65.20
C GLU D 69 -40.76 6.20 -66.58
N LEU D 70 -42.09 6.13 -66.62
CA LEU D 70 -42.80 6.04 -67.89
C LEU D 70 -43.42 7.39 -68.22
N PHE D 71 -43.33 7.79 -69.48
CA PHE D 71 -43.89 9.06 -69.94
C PHE D 71 -44.35 8.87 -71.37
N ARG D 72 -45.23 9.76 -71.83
CA ARG D 72 -45.80 9.64 -73.16
C ARG D 72 -45.84 11.01 -73.81
N PRO D 73 -44.82 11.34 -74.62
CA PRO D 73 -44.76 12.69 -75.20
C PRO D 73 -45.82 12.89 -76.27
N LYS D 74 -46.19 14.16 -76.46
CA LYS D 74 -47.17 14.53 -77.47
C LYS D 74 -46.79 13.89 -78.79
N GLY D 75 -47.73 13.15 -79.37
CA GLY D 75 -47.51 12.50 -80.65
C GLY D 75 -47.28 11.01 -80.61
N GLU D 76 -47.00 10.44 -79.44
CA GLU D 76 -46.71 9.01 -79.35
C GLU D 76 -47.95 8.15 -79.18
N SER D 77 -47.85 6.91 -79.69
CA SER D 77 -48.94 5.95 -79.60
C SER D 77 -49.08 5.36 -78.20
N LYS D 78 -47.96 5.23 -77.50
CA LYS D 78 -47.92 4.54 -76.21
C LYS D 78 -46.75 5.10 -75.41
N ASP D 79 -46.66 4.68 -74.15
CA ASP D 79 -45.66 5.23 -73.25
C ASP D 79 -44.25 4.80 -73.65
N LEU D 80 -43.29 5.70 -73.43
CA LEU D 80 -41.86 5.41 -73.51
C LEU D 80 -41.27 5.33 -72.10
N LEU D 81 -40.09 4.72 -72.00
CA LEU D 81 -39.45 4.46 -70.71
C LEU D 81 -38.14 5.22 -70.63
N PHE D 82 -37.94 5.93 -69.53
CA PHE D 82 -36.68 6.62 -69.26
C PHE D 82 -35.94 5.92 -68.11
N ILE D 83 -34.65 5.65 -68.32
CA ILE D 83 -33.81 5.01 -67.31
C ILE D 83 -32.47 5.72 -67.23
N LEU D 84 -32.04 6.04 -66.00
CA LEU D 84 -30.73 6.59 -65.71
C LEU D 84 -30.00 5.66 -64.74
N THR D 85 -28.75 5.32 -65.06
CA THR D 85 -27.98 4.43 -64.21
C THR D 85 -27.11 5.19 -63.21
N ALA D 86 -26.58 4.45 -62.22
CA ALA D 86 -25.74 5.05 -61.19
C ALA D 86 -24.42 5.57 -61.74
N LYS D 87 -23.98 5.06 -62.89
CA LYS D 87 -22.84 5.64 -63.57
C LYS D 87 -23.25 6.74 -64.53
N TYR D 88 -24.50 7.19 -64.44
CA TYR D 88 -25.01 8.32 -65.19
C TYR D 88 -25.22 7.99 -66.66
N ASN D 89 -25.56 6.74 -66.97
CA ASN D 89 -25.98 6.36 -68.31
C ASN D 89 -27.49 6.59 -68.44
N ALA D 90 -27.86 7.49 -69.34
CA ALA D 90 -29.26 7.84 -69.59
C ALA D 90 -29.70 7.25 -70.91
N CYS D 91 -30.99 6.92 -71.00
CA CYS D 91 -31.55 6.40 -72.24
C CYS D 91 -33.06 6.48 -72.18
N ILE D 92 -33.67 6.52 -73.36
CA ILE D 92 -35.11 6.42 -73.52
C ILE D 92 -35.38 5.16 -74.34
N LEU D 93 -36.27 4.30 -73.83
CA LEU D 93 -36.49 2.99 -74.40
C LEU D 93 -37.91 2.85 -74.94
N GLU D 94 -38.03 2.03 -75.99
CA GLU D 94 -39.31 1.72 -76.61
C GLU D 94 -39.46 0.21 -76.70
N TYR D 95 -40.66 -0.27 -76.38
CA TYR D 95 -41.03 -1.66 -76.60
C TYR D 95 -41.54 -1.81 -78.03
N LYS D 96 -40.97 -2.77 -78.76
CA LYS D 96 -41.39 -3.04 -80.13
C LYS D 96 -41.46 -4.53 -80.35
N GLN D 97 -42.61 -5.01 -80.83
CA GLN D 97 -42.83 -6.43 -81.01
C GLN D 97 -43.48 -6.72 -82.37
N SER D 98 -42.89 -7.66 -83.11
CA SER D 98 -43.40 -8.10 -84.40
C SER D 98 -43.57 -9.61 -84.36
N GLY D 99 -44.79 -10.07 -84.10
CA GLY D 99 -45.03 -11.49 -83.90
C GLY D 99 -44.37 -11.95 -82.62
N GLU D 100 -43.49 -12.93 -82.70
CA GLU D 100 -42.79 -13.42 -81.51
C GLU D 100 -41.47 -12.71 -81.24
N SER D 101 -40.99 -11.85 -82.14
CA SER D 101 -39.68 -11.22 -81.97
C SER D 101 -39.85 -9.98 -81.10
N ILE D 102 -39.27 -10.01 -79.90
CA ILE D 102 -39.36 -8.89 -78.97
C ILE D 102 -37.98 -8.24 -78.86
N ASP D 103 -37.95 -6.93 -79.03
CA ASP D 103 -36.74 -6.12 -78.90
C ASP D 103 -37.08 -4.89 -78.09
N ILE D 104 -36.07 -4.34 -77.42
CA ILE D 104 -36.19 -3.07 -76.70
C ILE D 104 -35.29 -2.07 -77.41
N ILE D 105 -35.89 -1.02 -77.95
CA ILE D 105 -35.19 -0.10 -78.84
C ILE D 105 -34.66 1.10 -78.06
N THR D 106 -33.44 1.51 -78.40
CA THR D 106 -32.80 2.68 -77.78
C THR D 106 -33.11 3.90 -78.63
N ARG D 107 -34.11 4.68 -78.20
CA ARG D 107 -34.50 5.87 -78.94
C ARG D 107 -33.52 7.02 -78.71
N ALA D 108 -33.03 7.16 -77.48
CA ALA D 108 -32.07 8.20 -77.14
C ALA D 108 -31.13 7.66 -76.07
N HIS D 109 -29.87 8.11 -76.11
CA HIS D 109 -28.91 7.65 -75.10
C HIS D 109 -27.73 8.61 -74.99
N GLY D 110 -27.17 8.66 -73.78
CA GLY D 110 -26.00 9.49 -73.50
C GLY D 110 -25.66 9.40 -72.03
N ASN D 111 -24.45 9.87 -71.70
CA ASN D 111 -23.98 9.95 -70.32
C ASN D 111 -24.09 11.38 -69.83
N VAL D 112 -24.79 11.58 -68.71
CA VAL D 112 -25.19 12.91 -68.27
C VAL D 112 -24.32 13.42 -67.12
N GLN D 113 -23.15 12.80 -66.89
CA GLN D 113 -22.28 13.20 -65.79
C GLN D 113 -21.64 14.55 -66.06
N ASP D 114 -21.52 15.35 -65.00
CA ASP D 114 -20.87 16.65 -65.06
C ASP D 114 -19.41 16.52 -64.63
N ARG D 115 -18.52 17.27 -65.30
CA ARG D 115 -17.11 17.20 -64.90
C ARG D 115 -16.95 17.58 -63.43
N ILE D 116 -17.69 18.59 -62.99
CA ILE D 116 -17.57 19.12 -61.64
C ILE D 116 -18.95 19.17 -61.01
N GLY D 117 -19.07 18.59 -59.82
CA GLY D 117 -20.31 18.60 -59.08
C GLY D 117 -20.20 17.74 -57.83
N ARG D 118 -20.96 18.05 -56.78
CA ARG D 118 -20.94 17.24 -55.57
C ARG D 118 -22.14 16.32 -55.56
N PRO D 119 -21.97 15.00 -55.60
CA PRO D 119 -23.13 14.10 -55.53
C PRO D 119 -23.97 14.38 -54.31
N SER D 120 -25.28 14.43 -54.51
CA SER D 120 -26.19 14.87 -53.45
C SER D 120 -26.34 13.82 -52.36
N GLU D 121 -26.68 14.28 -51.16
CA GLU D 121 -26.78 13.35 -50.04
C GLU D 121 -27.92 12.36 -50.23
N THR D 122 -29.09 12.82 -50.65
CA THR D 122 -30.25 11.94 -50.80
C THR D 122 -30.30 11.22 -52.15
N GLY D 123 -29.19 11.21 -52.90
CA GLY D 123 -29.09 10.37 -54.08
C GLY D 123 -29.75 10.95 -55.32
N ILE D 124 -29.59 10.23 -56.43
CA ILE D 124 -30.14 10.71 -57.70
C ILE D 124 -31.65 10.77 -57.61
N ILE D 125 -32.23 11.87 -58.09
CA ILE D 125 -33.67 12.00 -58.26
C ILE D 125 -33.94 12.32 -59.73
N GLY D 126 -34.94 11.65 -60.30
CA GLY D 126 -35.37 11.91 -61.66
C GLY D 126 -36.87 12.15 -61.75
N ILE D 127 -37.27 13.22 -62.44
CA ILE D 127 -38.67 13.59 -62.59
C ILE D 127 -38.92 14.06 -64.03
N ILE D 128 -40.18 13.95 -64.45
CA ILE D 128 -40.58 14.36 -65.79
C ILE D 128 -41.81 15.27 -65.73
N ASP D 129 -41.82 16.26 -66.61
CA ASP D 129 -42.90 17.25 -66.67
C ASP D 129 -44.23 16.55 -66.99
N PRO D 130 -45.34 17.02 -66.42
CA PRO D 130 -46.63 16.35 -66.74
C PRO D 130 -46.97 16.43 -68.22
N GLU D 131 -46.57 17.50 -68.89
CA GLU D 131 -46.73 17.68 -70.32
C GLU D 131 -45.55 17.08 -71.08
N CYS D 132 -44.72 16.30 -70.40
CA CYS D 132 -43.60 15.58 -71.01
C CYS D 132 -42.76 16.52 -71.86
N ARG D 133 -42.48 17.70 -71.30
CA ARG D 133 -41.64 18.66 -71.98
C ARG D 133 -40.16 18.50 -71.68
N MET D 134 -39.83 17.98 -70.52
CA MET D 134 -38.43 17.90 -70.14
C MET D 134 -38.27 16.81 -69.08
N ILE D 135 -37.02 16.39 -68.90
CA ILE D 135 -36.63 15.48 -67.84
C ILE D 135 -35.79 16.27 -66.86
N GLY D 136 -36.20 16.26 -65.59
CA GLY D 136 -35.45 16.94 -64.54
C GLY D 136 -34.60 15.95 -63.80
N LEU D 137 -33.33 16.30 -63.60
CA LEU D 137 -32.38 15.44 -62.90
C LEU D 137 -31.71 16.21 -61.79
N ARG D 138 -31.75 15.66 -60.58
CA ARG D 138 -31.00 16.20 -59.46
C ARG D 138 -29.84 15.25 -59.20
N LEU D 139 -28.70 15.56 -59.80
CA LEU D 139 -27.50 14.73 -59.66
C LEU D 139 -26.54 15.27 -58.61
N TYR D 140 -26.38 16.59 -58.55
CA TYR D 140 -25.37 17.19 -57.69
C TYR D 140 -26.00 18.26 -56.80
N ASP D 141 -25.43 18.42 -55.60
CA ASP D 141 -25.88 19.49 -54.72
C ASP D 141 -25.64 20.81 -55.46
N GLY D 142 -26.69 21.63 -55.53
CA GLY D 142 -26.55 22.96 -56.09
C GLY D 142 -26.72 23.07 -57.59
N LEU D 143 -27.00 22.00 -58.30
CA LEU D 143 -27.19 22.04 -59.74
C LEU D 143 -28.41 21.21 -60.07
N PHE D 144 -29.25 21.72 -60.97
CA PHE D 144 -30.43 21.05 -61.48
C PHE D 144 -30.20 20.86 -62.97
N LYS D 145 -30.28 19.63 -63.46
CA LYS D 145 -30.00 19.32 -64.86
C LYS D 145 -31.29 19.07 -65.62
N VAL D 146 -31.43 19.71 -66.78
CA VAL D 146 -32.63 19.60 -67.60
C VAL D 146 -32.28 18.95 -68.93
N ILE D 147 -32.94 17.82 -69.22
CA ILE D 147 -32.92 17.23 -70.54
C ILE D 147 -34.23 17.63 -71.24
N PRO D 148 -34.19 18.49 -72.27
CA PRO D 148 -35.43 18.80 -73.00
C PRO D 148 -35.85 17.65 -73.90
N LEU D 149 -37.15 17.34 -73.88
CA LEU D 149 -37.73 16.26 -74.68
C LEU D 149 -38.20 16.84 -76.01
N ASP D 150 -37.25 17.24 -76.85
CA ASP D 150 -37.58 18.00 -78.05
C ASP D 150 -37.65 17.16 -79.33
N ARG D 151 -37.65 15.83 -79.22
CA ARG D 151 -37.77 14.90 -80.34
C ARG D 151 -36.53 14.86 -81.23
N ASP D 152 -35.68 15.87 -81.13
CA ASP D 152 -34.37 15.82 -81.78
C ASP D 152 -33.24 15.53 -80.79
N ASN D 153 -33.51 15.61 -79.49
CA ASN D 153 -32.49 15.41 -78.45
C ASN D 153 -32.29 13.91 -78.28
N LYS D 154 -31.53 13.34 -79.20
CA LYS D 154 -31.23 11.91 -79.14
C LYS D 154 -29.97 11.60 -78.34
N GLU D 155 -29.08 12.57 -78.19
CA GLU D 155 -27.93 12.46 -77.32
C GLU D 155 -28.26 12.86 -75.90
N LEU D 156 -29.54 13.15 -75.63
CA LEU D 156 -29.99 13.54 -74.30
C LEU D 156 -29.12 14.68 -73.78
N LYS D 157 -28.89 15.66 -74.66
CA LYS D 157 -28.13 16.84 -74.28
C LYS D 157 -28.89 17.60 -73.19
N ALA D 158 -28.13 18.25 -72.31
CA ALA D 158 -28.76 18.89 -71.17
C ALA D 158 -27.95 20.11 -70.74
N PHE D 159 -28.63 20.98 -69.98
CA PHE D 159 -28.04 22.18 -69.41
C PHE D 159 -28.38 22.17 -67.91
N ASN D 160 -27.55 22.84 -67.12
CA ASN D 160 -27.72 22.92 -65.68
C ASN D 160 -28.22 24.30 -65.28
N ILE D 161 -29.30 24.34 -64.50
CA ILE D 161 -29.78 25.58 -63.89
C ILE D 161 -29.28 25.58 -62.45
N ARG D 162 -28.71 26.70 -62.00
CA ARG D 162 -28.12 26.72 -60.67
C ARG D 162 -29.22 26.79 -59.62
N LEU D 163 -29.08 25.99 -58.57
CA LEU D 163 -30.03 25.92 -57.47
C LEU D 163 -29.39 26.48 -56.20
N GLU D 164 -30.02 27.52 -55.64
CA GLU D 164 -29.43 28.14 -54.45
C GLU D 164 -29.49 27.21 -53.25
N GLU D 165 -30.59 26.48 -53.10
CA GLU D 165 -30.82 25.60 -51.96
C GLU D 165 -30.00 24.33 -52.22
N LEU D 166 -28.86 24.22 -51.55
CA LEU D 166 -27.90 23.20 -51.94
C LEU D 166 -28.35 21.81 -51.50
N HIS D 167 -28.99 21.73 -50.34
CA HIS D 167 -29.43 20.43 -49.80
C HIS D 167 -30.92 20.24 -50.12
N VAL D 168 -31.23 19.47 -51.17
CA VAL D 168 -32.60 19.21 -51.54
C VAL D 168 -32.97 17.84 -50.99
N ILE D 169 -34.08 17.75 -50.26
CA ILE D 169 -34.52 16.46 -49.72
C ILE D 169 -35.30 15.69 -50.77
N ASP D 170 -36.25 16.35 -51.43
CA ASP D 170 -37.02 15.74 -52.50
C ASP D 170 -37.58 16.82 -53.43
N VAL D 171 -37.80 16.45 -54.69
CA VAL D 171 -38.36 17.36 -55.68
C VAL D 171 -39.29 16.59 -56.63
N LYS D 172 -40.35 17.27 -57.06
CA LYS D 172 -41.31 16.74 -58.03
C LYS D 172 -41.74 17.88 -58.96
N PHE D 173 -42.17 17.50 -60.17
CA PHE D 173 -42.80 18.46 -61.07
C PHE D 173 -44.28 18.56 -60.72
N LEU D 174 -44.77 19.78 -60.51
CA LEU D 174 -46.15 19.98 -60.06
C LEU D 174 -47.16 19.92 -61.21
N TYR D 175 -48.40 19.64 -60.83
CA TYR D 175 -49.52 19.57 -61.77
C TYR D 175 -50.35 20.84 -61.70
N GLY D 176 -50.99 21.16 -62.83
CA GLY D 176 -51.91 22.27 -62.88
C GLY D 176 -51.29 23.63 -63.01
N CYS D 177 -50.04 23.72 -63.44
CA CYS D 177 -49.35 24.99 -63.59
C CYS D 177 -49.20 25.27 -65.07
N GLN D 178 -49.31 26.54 -65.45
CA GLN D 178 -49.18 26.86 -66.87
C GLN D 178 -47.76 26.69 -67.36
N ALA D 179 -46.78 26.98 -66.53
CA ALA D 179 -45.38 26.79 -66.84
C ALA D 179 -44.88 25.58 -66.07
N PRO D 180 -43.82 24.94 -66.55
CA PRO D 180 -43.23 23.84 -65.76
C PRO D 180 -42.82 24.33 -64.38
N THR D 181 -43.27 23.62 -63.35
CA THR D 181 -43.01 24.00 -61.97
C THR D 181 -42.45 22.82 -61.19
N ILE D 182 -41.45 23.11 -60.36
CA ILE D 182 -40.86 22.11 -59.47
C ILE D 182 -41.26 22.50 -58.06
N CYS D 183 -41.57 21.50 -57.24
CA CYS D 183 -41.83 21.70 -55.81
C CYS D 183 -40.79 20.87 -55.07
N PHE D 184 -40.00 21.51 -54.22
CA PHE D 184 -38.92 20.79 -53.57
C PHE D 184 -38.84 21.17 -52.09
N VAL D 185 -38.68 20.16 -51.24
CA VAL D 185 -38.31 20.36 -49.84
C VAL D 185 -36.80 20.36 -49.73
N TYR D 186 -36.26 21.38 -49.09
CA TYR D 186 -34.82 21.55 -48.92
C TYR D 186 -34.54 21.81 -47.45
N GLN D 187 -33.27 21.69 -47.09
CA GLN D 187 -32.81 21.90 -45.73
C GLN D 187 -31.73 22.96 -45.72
N ASP D 188 -31.86 23.92 -44.80
CA ASP D 188 -30.85 24.93 -44.56
C ASP D 188 -30.69 25.02 -43.05
N PRO D 189 -29.82 25.90 -42.53
CA PRO D 189 -29.66 25.97 -41.06
C PRO D 189 -30.93 26.39 -40.32
N GLN D 190 -31.93 26.92 -41.02
CA GLN D 190 -33.14 27.41 -40.37
C GLN D 190 -34.24 26.34 -40.26
N GLY D 191 -33.95 25.09 -40.65
CA GLY D 191 -34.95 24.03 -40.64
C GLY D 191 -35.21 23.47 -42.01
N ARG D 192 -36.35 22.80 -42.21
CA ARG D 192 -36.74 22.34 -43.52
C ARG D 192 -37.90 23.19 -44.04
N HIS D 193 -37.91 23.38 -45.36
CA HIS D 193 -38.85 24.27 -46.00
C HIS D 193 -39.24 23.67 -47.36
N VAL D 194 -40.41 24.06 -47.84
CA VAL D 194 -40.89 23.70 -49.18
C VAL D 194 -40.90 24.98 -50.02
N LYS D 195 -40.44 24.86 -51.27
CA LYS D 195 -40.32 26.01 -52.17
C LYS D 195 -40.69 25.55 -53.58
N THR D 196 -41.03 26.52 -54.43
CA THR D 196 -41.35 26.25 -55.83
C THR D 196 -40.51 27.15 -56.71
N TYR D 197 -40.05 26.58 -57.84
CA TYR D 197 -39.38 27.34 -58.89
C TYR D 197 -40.04 26.91 -60.20
N GLU D 198 -40.14 27.84 -61.14
CA GLU D 198 -40.57 27.52 -62.51
C GLU D 198 -39.36 27.35 -63.41
N VAL D 199 -39.51 26.50 -64.44
CA VAL D 199 -38.42 26.15 -65.34
C VAL D 199 -38.76 26.64 -66.73
N SER D 200 -37.91 27.51 -67.29
CA SER D 200 -38.04 28.04 -68.63
C SER D 200 -36.96 27.39 -69.49
N LEU D 201 -37.37 26.54 -70.43
CA LEU D 201 -36.42 25.89 -71.35
C LEU D 201 -35.76 26.89 -72.29
N ARG D 202 -36.52 27.91 -72.72
CA ARG D 202 -35.98 28.89 -73.65
C ARG D 202 -34.91 29.74 -72.97
N GLU D 203 -35.21 30.23 -71.77
CA GLU D 203 -34.27 31.06 -71.03
C GLU D 203 -33.21 30.25 -70.32
N LYS D 204 -33.40 28.93 -70.21
CA LYS D 204 -32.46 28.05 -69.54
C LYS D 204 -32.16 28.56 -68.13
N GLU D 205 -33.22 28.89 -67.40
CA GLU D 205 -33.07 29.33 -66.02
C GLU D 205 -34.38 29.14 -65.26
N PHE D 206 -34.31 29.42 -63.95
CA PHE D 206 -35.48 29.36 -63.07
C PHE D 206 -36.14 30.74 -63.01
N ASN D 207 -37.47 30.76 -62.99
CA ASN D 207 -38.25 31.97 -62.70
C ASN D 207 -39.05 31.79 -61.42
N LYS D 208 -39.52 32.92 -60.88
CA LYS D 208 -40.17 32.94 -59.58
C LYS D 208 -41.34 31.96 -59.55
N GLY D 209 -41.42 31.19 -58.46
CA GLY D 209 -42.34 30.08 -58.38
C GLY D 209 -43.77 30.49 -58.11
N PRO D 210 -44.68 29.54 -58.30
CA PRO D 210 -46.11 29.87 -58.12
C PRO D 210 -46.49 30.27 -56.70
N TRP D 211 -46.12 29.47 -55.69
CA TRP D 211 -46.52 29.76 -54.32
C TRP D 211 -45.33 29.81 -53.37
N LYS D 212 -45.51 30.60 -52.30
CA LYS D 212 -44.42 30.98 -51.41
C LYS D 212 -43.90 29.78 -50.62
N GLN D 213 -42.67 29.94 -50.10
CA GLN D 213 -42.15 28.93 -49.20
C GLN D 213 -43.01 28.87 -47.94
N GLU D 214 -43.12 27.68 -47.36
CA GLU D 214 -43.66 27.53 -46.02
C GLU D 214 -42.62 26.78 -45.20
N ASN D 215 -42.47 27.17 -43.93
CA ASN D 215 -41.58 26.44 -43.03
C ASN D 215 -42.27 25.15 -42.64
N VAL D 216 -41.60 24.01 -42.84
CA VAL D 216 -42.29 22.73 -42.72
C VAL D 216 -41.65 21.85 -41.65
N GLU D 217 -42.23 20.66 -41.47
CA GLU D 217 -41.72 19.71 -40.49
C GLU D 217 -40.24 19.42 -40.68
N ALA D 218 -39.55 19.29 -39.54
CA ALA D 218 -38.11 19.05 -39.54
C ALA D 218 -37.75 17.75 -40.26
N GLU D 219 -38.64 16.77 -40.23
CA GLU D 219 -38.40 15.47 -40.84
C GLU D 219 -39.22 15.29 -42.12
N ALA D 220 -39.49 16.39 -42.82
CA ALA D 220 -40.17 16.28 -44.11
C ALA D 220 -39.37 15.37 -45.03
N SER D 221 -40.00 14.28 -45.49
CA SER D 221 -39.30 13.23 -46.22
C SER D 221 -39.65 13.16 -47.69
N MET D 222 -40.93 13.34 -48.05
CA MET D 222 -41.34 13.10 -49.43
C MET D 222 -42.31 14.16 -49.93
N VAL D 223 -42.22 14.44 -51.23
CA VAL D 223 -43.10 15.38 -51.92
C VAL D 223 -43.96 14.57 -52.86
N ILE D 224 -45.27 14.72 -52.74
CA ILE D 224 -46.21 14.08 -53.62
C ILE D 224 -46.94 15.17 -54.40
N ALA D 225 -46.93 15.07 -55.72
CA ALA D 225 -47.59 16.05 -56.58
C ALA D 225 -49.05 15.62 -56.79
N VAL D 226 -49.99 16.39 -56.26
CA VAL D 226 -51.41 16.05 -56.35
C VAL D 226 -51.95 16.37 -57.74
N PRO D 227 -52.81 15.52 -58.29
CA PRO D 227 -53.27 15.69 -59.69
C PRO D 227 -54.23 16.85 -59.89
N GLU D 228 -54.66 17.03 -61.13
CA GLU D 228 -55.31 18.28 -61.51
C GLU D 228 -56.60 18.59 -60.77
N PRO D 229 -57.46 17.63 -60.42
CA PRO D 229 -58.71 18.02 -59.74
C PRO D 229 -58.49 18.91 -58.52
N PHE D 230 -57.44 18.62 -57.74
CA PHE D 230 -57.04 19.44 -56.61
C PHE D 230 -55.86 20.34 -56.95
N GLY D 231 -54.77 19.75 -57.44
CA GLY D 231 -53.55 20.49 -57.68
C GLY D 231 -52.73 20.65 -56.42
N GLY D 232 -51.49 21.09 -56.60
CA GLY D 232 -50.61 21.38 -55.48
C GLY D 232 -49.78 20.17 -55.08
N ALA D 233 -49.37 20.15 -53.81
CA ALA D 233 -48.48 19.11 -53.33
C ALA D 233 -48.80 18.70 -51.90
N ILE D 234 -48.43 17.47 -51.57
CA ILE D 234 -48.50 16.94 -50.22
C ILE D 234 -47.10 16.61 -49.75
N ILE D 235 -46.81 16.92 -48.49
CA ILE D 235 -45.50 16.69 -47.90
C ILE D 235 -45.67 15.66 -46.79
N ILE D 236 -44.91 14.57 -46.88
CA ILE D 236 -44.96 13.48 -45.90
C ILE D 236 -43.80 13.63 -44.94
N GLY D 237 -44.10 13.61 -43.64
CA GLY D 237 -43.05 13.70 -42.65
C GLY D 237 -43.00 12.53 -41.70
N GLN D 238 -42.49 12.77 -40.49
CA GLN D 238 -42.44 11.76 -39.45
C GLN D 238 -43.69 11.81 -38.57
N GLU D 239 -44.16 13.02 -38.25
CA GLU D 239 -45.32 13.21 -37.40
C GLU D 239 -46.54 13.77 -38.12
N SER D 240 -46.37 14.46 -39.24
CA SER D 240 -47.47 15.17 -39.86
C SER D 240 -47.44 15.02 -41.37
N ILE D 241 -48.62 15.19 -41.97
CA ILE D 241 -48.79 15.28 -43.42
C ILE D 241 -49.43 16.62 -43.72
N THR D 242 -48.87 17.34 -44.70
CA THR D 242 -49.36 18.68 -45.03
C THR D 242 -49.65 18.79 -46.51
N TYR D 243 -50.61 19.66 -46.84
CA TYR D 243 -50.96 19.98 -48.22
C TYR D 243 -50.71 21.47 -48.44
N HIS D 244 -49.93 21.81 -49.47
CA HIS D 244 -49.64 23.20 -49.79
C HIS D 244 -50.05 23.40 -51.25
N ASN D 245 -51.05 24.28 -51.51
CA ASN D 245 -51.33 24.73 -52.88
C ASN D 245 -51.63 26.23 -52.77
N GLY D 246 -50.57 27.02 -52.71
CA GLY D 246 -50.75 28.47 -52.64
C GLY D 246 -51.51 28.92 -51.42
N ASP D 247 -52.60 29.64 -51.67
CA ASP D 247 -53.38 30.21 -50.57
C ASP D 247 -53.93 29.13 -49.64
N LYS D 248 -53.98 27.89 -50.09
CA LYS D 248 -54.54 26.79 -49.28
C LYS D 248 -53.44 26.11 -48.47
N TYR D 249 -53.71 25.87 -47.19
CA TYR D 249 -52.80 25.14 -46.32
C TYR D 249 -53.59 24.21 -45.40
N LEU D 250 -53.23 22.93 -45.40
CA LEU D 250 -53.83 21.95 -44.50
C LEU D 250 -52.72 21.19 -43.80
N ALA D 251 -53.00 20.68 -42.61
CA ALA D 251 -52.03 19.85 -41.89
C ALA D 251 -52.78 18.90 -40.97
N ILE D 252 -52.56 17.59 -41.17
CA ILE D 252 -53.09 16.56 -40.29
C ILE D 252 -51.90 15.86 -39.63
N ALA D 253 -52.02 15.62 -38.34
CA ALA D 253 -50.94 15.01 -37.55
C ALA D 253 -51.53 13.91 -36.70
N PRO D 254 -51.97 12.82 -37.32
CA PRO D 254 -52.58 11.72 -36.56
C PRO D 254 -51.52 10.97 -35.75
N PRO D 255 -51.83 10.60 -34.52
CA PRO D 255 -50.80 9.96 -33.67
C PRO D 255 -50.28 8.64 -34.24
N ILE D 256 -50.95 8.07 -35.25
CA ILE D 256 -50.63 6.71 -35.68
C ILE D 256 -49.32 6.68 -36.46
N ILE D 257 -49.08 7.66 -37.31
CA ILE D 257 -47.91 7.58 -38.18
C ILE D 257 -46.61 7.87 -37.46
N LYS D 258 -46.66 8.58 -36.33
CA LYS D 258 -45.44 8.84 -35.57
C LYS D 258 -44.79 7.54 -35.10
N GLN D 259 -45.55 6.46 -35.00
CA GLN D 259 -44.98 5.21 -34.46
C GLN D 259 -43.91 4.62 -35.37
N SER D 260 -44.12 4.63 -36.68
CA SER D 260 -43.08 4.16 -37.59
C SER D 260 -42.98 5.10 -38.78
N THR D 261 -41.75 5.21 -39.30
CA THR D 261 -41.48 6.14 -40.38
C THR D 261 -42.14 5.72 -41.68
N ILE D 262 -42.80 6.66 -42.35
CA ILE D 262 -43.43 6.41 -43.64
C ILE D 262 -42.38 6.62 -44.72
N VAL D 263 -42.18 5.62 -45.57
CA VAL D 263 -41.07 5.62 -46.50
C VAL D 263 -41.48 5.66 -47.97
N CYS D 264 -42.68 5.24 -48.33
CA CYS D 264 -43.09 5.21 -49.72
C CYS D 264 -44.55 5.62 -49.86
N HIS D 265 -44.94 5.97 -51.10
CA HIS D 265 -46.29 6.44 -51.41
C HIS D 265 -46.68 6.07 -52.84
N ASN D 266 -47.98 5.86 -53.04
CA ASN D 266 -48.52 5.67 -54.38
C ASN D 266 -49.93 6.23 -54.46
N ARG D 267 -50.34 6.55 -55.70
CA ARG D 267 -51.64 7.15 -55.99
C ARG D 267 -52.61 6.04 -56.38
N VAL D 268 -53.72 5.95 -55.67
CA VAL D 268 -54.74 4.95 -56.00
C VAL D 268 -55.71 5.48 -57.05
N ASP D 269 -56.25 6.67 -56.83
CA ASP D 269 -57.26 7.27 -57.71
C ASP D 269 -56.59 8.32 -58.59
N PRO D 270 -56.64 8.21 -59.92
CA PRO D 270 -55.96 9.23 -60.73
C PRO D 270 -56.44 10.66 -60.46
N ASN D 271 -57.66 10.85 -59.98
CA ASN D 271 -58.10 12.21 -59.65
C ASN D 271 -57.33 12.76 -58.45
N GLY D 272 -56.73 11.89 -57.64
CA GLY D 272 -55.97 12.29 -56.47
C GLY D 272 -56.68 12.16 -55.14
N SER D 273 -57.90 11.64 -55.11
CA SER D 273 -58.65 11.55 -53.86
C SER D 273 -58.00 10.59 -52.88
N ARG D 274 -57.38 9.50 -53.36
CA ARG D 274 -56.87 8.47 -52.48
C ARG D 274 -55.42 8.13 -52.83
N TYR D 275 -54.58 8.06 -51.79
CA TYR D 275 -53.17 7.72 -51.89
C TYR D 275 -52.82 6.61 -50.91
N LEU D 276 -51.86 5.76 -51.31
CA LEU D 276 -51.33 4.71 -50.44
C LEU D 276 -50.02 5.14 -49.79
N LEU D 277 -49.84 4.74 -48.53
CA LEU D 277 -48.63 5.03 -47.77
C LEU D 277 -48.14 3.77 -47.07
N GLY D 278 -46.83 3.59 -47.00
CA GLY D 278 -46.27 2.47 -46.28
C GLY D 278 -45.18 2.92 -45.33
N ASP D 279 -45.05 2.18 -44.23
CA ASP D 279 -44.11 2.53 -43.18
C ASP D 279 -43.19 1.33 -42.92
N MET D 280 -42.21 1.54 -42.07
CA MET D 280 -41.13 0.59 -41.88
C MET D 280 -41.52 -0.62 -41.04
N GLU D 281 -42.72 -0.63 -40.46
CA GLU D 281 -43.24 -1.80 -39.78
C GLU D 281 -44.22 -2.57 -40.64
N GLY D 282 -44.25 -2.30 -41.93
CA GLY D 282 -45.10 -2.99 -42.87
C GLY D 282 -46.51 -2.47 -42.93
N ARG D 283 -46.85 -1.46 -42.12
CA ARG D 283 -48.21 -1.00 -42.07
C ARG D 283 -48.52 -0.24 -43.35
N LEU D 284 -49.69 -0.53 -43.90
CA LEU D 284 -50.17 0.07 -45.13
C LEU D 284 -51.32 1.01 -44.79
N PHE D 285 -51.23 2.25 -45.25
CA PHE D 285 -52.24 3.24 -44.96
C PHE D 285 -52.91 3.71 -46.24
N MET D 286 -54.09 4.32 -46.08
CA MET D 286 -54.77 5.01 -47.16
C MET D 286 -54.88 6.48 -46.77
N LEU D 287 -54.35 7.35 -47.62
CA LEU D 287 -54.46 8.79 -47.46
C LEU D 287 -55.61 9.28 -48.32
N LEU D 288 -56.55 10.00 -47.70
CA LEU D 288 -57.80 10.40 -48.33
C LEU D 288 -57.85 11.92 -48.42
N LEU D 289 -58.11 12.43 -49.62
CA LEU D 289 -58.26 13.86 -49.86
C LEU D 289 -59.75 14.16 -50.03
N GLU D 290 -60.34 14.82 -49.02
CA GLU D 290 -61.78 15.08 -49.02
C GLU D 290 -62.09 16.37 -49.77
N LYS D 291 -62.74 16.22 -50.93
CA LYS D 291 -63.03 17.33 -51.81
C LYS D 291 -64.19 18.18 -51.29
N GLU D 292 -64.27 19.39 -51.83
CA GLU D 292 -65.33 20.35 -51.53
C GLU D 292 -65.60 21.14 -52.80
N GLU D 293 -66.78 20.97 -53.39
CA GLU D 293 -67.15 21.73 -54.57
C GLU D 293 -67.66 23.11 -54.17
N GLN D 294 -67.03 24.15 -54.72
CA GLN D 294 -67.49 25.50 -54.44
C GLN D 294 -68.73 25.82 -55.28
N MET D 295 -69.40 26.92 -54.92
CA MET D 295 -70.51 27.37 -55.75
C MET D 295 -70.03 27.71 -57.15
N ASP D 296 -68.74 27.98 -57.31
CA ASP D 296 -68.16 28.25 -58.63
C ASP D 296 -68.27 27.07 -59.59
N GLY D 297 -68.40 25.85 -59.07
CA GLY D 297 -68.20 24.64 -59.83
C GLY D 297 -66.78 24.13 -59.75
N THR D 298 -65.87 24.92 -59.18
CA THR D 298 -64.49 24.55 -58.93
C THR D 298 -64.38 23.71 -57.66
N VAL D 299 -63.36 22.87 -57.61
CA VAL D 299 -63.13 21.94 -56.49
C VAL D 299 -61.86 22.28 -55.71
N THR D 300 -62.03 22.48 -54.40
CA THR D 300 -60.93 22.68 -53.46
C THR D 300 -60.84 21.50 -52.50
N LEU D 301 -59.71 21.41 -51.79
CA LEU D 301 -59.47 20.37 -50.81
C LEU D 301 -59.95 20.80 -49.41
N LYS D 302 -60.93 20.07 -48.87
CA LYS D 302 -61.48 20.40 -47.56
C LYS D 302 -60.62 19.86 -46.42
N ASP D 303 -60.21 18.60 -46.50
CA ASP D 303 -59.52 17.96 -45.38
C ASP D 303 -58.74 16.73 -45.83
N LEU D 304 -57.90 16.24 -44.92
CA LEU D 304 -57.11 15.04 -45.11
C LEU D 304 -57.47 13.99 -44.05
N ARG D 305 -57.45 12.72 -44.45
CA ARG D 305 -57.74 11.62 -43.55
C ARG D 305 -56.78 10.47 -43.83
N VAL D 306 -56.42 9.74 -42.79
CA VAL D 306 -55.55 8.57 -42.91
C VAL D 306 -56.26 7.38 -42.29
N GLU D 307 -56.26 6.25 -43.01
CA GLU D 307 -56.91 5.02 -42.55
C GLU D 307 -55.92 3.87 -42.65
N LEU D 308 -55.80 3.09 -41.57
CA LEU D 308 -54.92 1.93 -41.56
C LEU D 308 -55.59 0.77 -42.30
N LEU D 309 -54.92 0.25 -43.33
CA LEU D 309 -55.48 -0.85 -44.08
C LEU D 309 -55.02 -2.21 -43.56
N GLY D 310 -53.74 -2.35 -43.23
CA GLY D 310 -53.25 -3.62 -42.74
C GLY D 310 -51.74 -3.69 -42.77
N GLU D 311 -51.24 -4.90 -42.97
CA GLU D 311 -49.81 -5.18 -42.97
C GLU D 311 -49.41 -5.77 -44.31
N THR D 312 -48.34 -5.24 -44.87
CA THR D 312 -47.66 -5.75 -46.05
C THR D 312 -46.22 -6.02 -45.65
N SER D 313 -45.40 -6.47 -46.59
CA SER D 313 -43.97 -6.54 -46.34
C SER D 313 -43.38 -5.13 -46.34
N ILE D 314 -42.35 -4.93 -45.51
CA ILE D 314 -41.68 -3.62 -45.46
C ILE D 314 -41.38 -3.20 -46.90
N ALA D 315 -41.92 -2.07 -47.33
CA ALA D 315 -41.98 -1.74 -48.75
C ALA D 315 -40.99 -0.64 -49.11
N GLU D 316 -40.25 -0.88 -50.20
CA GLU D 316 -39.48 0.19 -50.82
C GLU D 316 -40.34 1.02 -51.76
N CYS D 317 -41.11 0.36 -52.61
CA CYS D 317 -42.02 1.01 -53.53
C CYS D 317 -43.38 0.32 -53.47
N LEU D 318 -44.43 1.09 -53.71
CA LEU D 318 -45.80 0.59 -53.77
C LEU D 318 -46.41 0.95 -55.12
N THR D 319 -47.20 0.05 -55.68
CA THR D 319 -47.91 0.39 -56.91
C THR D 319 -49.30 -0.23 -56.93
N TYR D 320 -50.28 0.53 -57.41
CA TYR D 320 -51.66 0.07 -57.51
C TYR D 320 -51.93 -0.43 -58.94
N LEU D 321 -52.40 -1.68 -59.05
CA LEU D 321 -52.67 -2.30 -60.35
C LEU D 321 -54.10 -2.11 -60.86
N ASP D 322 -54.90 -1.27 -60.21
CA ASP D 322 -56.20 -0.79 -60.68
C ASP D 322 -57.32 -1.83 -60.64
N ASN D 323 -57.08 -3.03 -60.12
CA ASN D 323 -58.13 -4.03 -59.97
C ASN D 323 -58.42 -4.29 -58.50
N GLY D 324 -57.95 -3.42 -57.63
CA GLY D 324 -57.99 -3.59 -56.20
C GLY D 324 -56.79 -4.32 -55.65
N VAL D 325 -55.77 -4.53 -56.48
CA VAL D 325 -54.57 -5.28 -56.14
C VAL D 325 -53.39 -4.30 -56.12
N VAL D 326 -52.49 -4.48 -55.15
CA VAL D 326 -51.31 -3.65 -54.95
C VAL D 326 -50.07 -4.54 -54.97
N PHE D 327 -49.00 -4.04 -55.59
CA PHE D 327 -47.71 -4.72 -55.61
C PHE D 327 -46.80 -4.08 -54.56
N VAL D 328 -46.39 -4.88 -53.58
CA VAL D 328 -45.55 -4.40 -52.49
C VAL D 328 -44.12 -4.77 -52.89
N GLY D 329 -43.39 -3.82 -53.47
CA GLY D 329 -42.01 -4.07 -53.84
C GLY D 329 -41.07 -3.87 -52.66
N SER D 330 -40.45 -4.94 -52.21
CA SER D 330 -39.65 -4.93 -50.99
C SER D 330 -38.18 -5.18 -51.29
N ARG D 331 -37.32 -4.47 -50.57
CA ARG D 331 -35.88 -4.68 -50.63
C ARG D 331 -35.34 -5.40 -49.41
N LEU D 332 -36.12 -5.45 -48.32
CA LEU D 332 -35.72 -6.15 -47.10
C LEU D 332 -36.42 -7.50 -46.92
N GLY D 333 -37.51 -7.75 -47.64
CA GLY D 333 -38.22 -9.00 -47.48
C GLY D 333 -38.88 -9.43 -48.77
N ASP D 334 -39.70 -10.48 -48.72
CA ASP D 334 -40.35 -10.96 -49.93
C ASP D 334 -41.27 -9.87 -50.48
N SER D 335 -41.19 -9.63 -51.80
CA SER D 335 -42.13 -8.74 -52.44
C SER D 335 -43.49 -9.44 -52.52
N GLN D 336 -44.54 -8.64 -52.71
CA GLN D 336 -45.88 -9.19 -52.53
C GLN D 336 -46.89 -8.62 -53.52
N LEU D 337 -47.96 -9.40 -53.71
CA LEU D 337 -49.19 -8.97 -54.39
C LEU D 337 -50.35 -9.06 -53.41
N VAL D 338 -50.99 -7.93 -53.12
CA VAL D 338 -52.00 -7.91 -52.07
C VAL D 338 -53.31 -7.33 -52.58
N LYS D 339 -54.42 -7.86 -52.07
CA LYS D 339 -55.76 -7.42 -52.41
C LYS D 339 -56.33 -6.55 -51.30
N LEU D 340 -56.84 -5.38 -51.70
CA LEU D 340 -57.50 -4.46 -50.78
C LEU D 340 -59.01 -4.68 -50.84
N ASN D 341 -59.62 -4.92 -49.69
CA ASN D 341 -61.05 -5.18 -49.62
C ASN D 341 -61.80 -3.99 -49.03
N VAL D 342 -63.07 -3.86 -49.41
CA VAL D 342 -63.89 -2.78 -48.88
C VAL D 342 -64.29 -3.06 -47.43
N ASP D 343 -64.63 -4.31 -47.12
CA ASP D 343 -64.95 -4.74 -45.77
C ASP D 343 -63.72 -5.38 -45.15
N SER D 344 -63.50 -5.10 -43.88
CA SER D 344 -62.40 -5.70 -43.13
C SER D 344 -62.72 -7.16 -42.80
N ASN D 345 -61.67 -7.92 -42.52
CA ASN D 345 -61.84 -9.31 -42.10
C ASN D 345 -62.05 -9.36 -40.58
N GLU D 346 -62.03 -10.57 -40.02
CA GLU D 346 -62.32 -10.74 -38.60
C GLU D 346 -61.25 -10.13 -37.70
N GLN D 347 -60.06 -9.85 -38.25
CA GLN D 347 -58.97 -9.28 -37.49
C GLN D 347 -58.92 -7.76 -37.55
N GLY D 348 -59.79 -7.15 -38.34
CA GLY D 348 -59.77 -5.72 -38.55
C GLY D 348 -58.97 -5.29 -39.75
N SER D 349 -58.44 -6.24 -40.52
CA SER D 349 -57.57 -5.93 -41.65
C SER D 349 -58.37 -5.88 -42.94
N TYR D 350 -58.01 -4.94 -43.81
CA TYR D 350 -58.57 -4.85 -45.16
C TYR D 350 -57.63 -5.42 -46.21
N VAL D 351 -56.53 -6.03 -45.80
CA VAL D 351 -55.48 -6.46 -46.73
C VAL D 351 -55.37 -7.98 -46.67
N VAL D 352 -55.47 -8.62 -47.83
CA VAL D 352 -55.28 -10.05 -47.95
C VAL D 352 -54.24 -10.26 -49.05
N ALA D 353 -53.27 -11.14 -48.80
CA ALA D 353 -52.17 -11.33 -49.72
C ALA D 353 -52.57 -12.33 -50.79
N MET D 354 -52.35 -11.96 -52.05
CA MET D 354 -52.62 -12.86 -53.16
C MET D 354 -51.41 -13.76 -53.42
N GLU D 355 -50.22 -13.15 -53.55
CA GLU D 355 -49.00 -13.86 -53.91
C GLU D 355 -47.80 -13.27 -53.16
N THR D 356 -46.78 -14.11 -52.97
CA THR D 356 -45.50 -13.70 -52.39
C THR D 356 -44.37 -14.12 -53.32
N PHE D 357 -43.54 -13.16 -53.74
CA PHE D 357 -42.41 -13.42 -54.63
C PHE D 357 -41.11 -13.44 -53.84
N THR D 358 -40.35 -14.55 -53.96
CA THR D 358 -39.18 -14.74 -53.11
C THR D 358 -38.14 -13.64 -53.31
N ASN D 359 -37.67 -13.11 -52.19
CA ASN D 359 -36.61 -12.11 -52.16
C ASN D 359 -35.55 -12.58 -51.15
N LEU D 360 -34.36 -12.90 -51.65
CA LEU D 360 -33.29 -13.25 -50.73
C LEU D 360 -32.86 -12.06 -49.87
N GLY D 361 -33.32 -10.85 -50.19
CA GLY D 361 -33.14 -9.71 -49.32
C GLY D 361 -31.68 -9.51 -49.03
N PRO D 362 -31.37 -8.64 -48.07
CA PRO D 362 -29.97 -8.49 -47.64
C PRO D 362 -29.44 -9.82 -47.12
N ILE D 363 -28.37 -10.31 -47.73
CA ILE D 363 -27.69 -11.52 -47.25
C ILE D 363 -26.59 -11.06 -46.30
N VAL D 364 -26.85 -11.10 -45.00
CA VAL D 364 -25.86 -10.62 -44.05
C VAL D 364 -24.71 -11.62 -43.89
N ASP D 365 -25.01 -12.91 -43.82
CA ASP D 365 -24.02 -13.97 -43.76
C ASP D 365 -24.58 -15.20 -44.47
N MET D 366 -23.74 -16.23 -44.62
CA MET D 366 -24.20 -17.49 -45.19
C MET D 366 -23.16 -18.58 -44.96
N CYS D 367 -23.63 -19.84 -44.97
CA CYS D 367 -22.76 -21.02 -44.89
C CYS D 367 -23.18 -22.04 -45.93
N VAL D 368 -22.20 -22.81 -46.42
CA VAL D 368 -22.46 -23.90 -47.35
C VAL D 368 -22.33 -25.20 -46.58
N VAL D 369 -23.35 -26.05 -46.62
CA VAL D 369 -23.33 -27.31 -45.89
C VAL D 369 -23.97 -28.39 -46.77
N ASP D 370 -23.37 -29.57 -46.76
CA ASP D 370 -23.92 -30.74 -47.46
C ASP D 370 -24.89 -31.43 -46.50
N LEU D 371 -26.09 -30.88 -46.42
CA LEU D 371 -27.07 -31.37 -45.45
C LEU D 371 -27.51 -32.79 -45.80
N GLU D 372 -27.71 -33.05 -47.08
CA GLU D 372 -28.10 -34.36 -47.58
C GLU D 372 -26.89 -35.29 -47.68
N ARG D 373 -25.71 -34.78 -47.34
CA ARG D 373 -24.41 -35.45 -47.29
C ARG D 373 -23.88 -35.96 -48.64
N GLN D 374 -24.50 -35.57 -49.73
CA GLN D 374 -24.02 -35.87 -51.07
C GLN D 374 -22.91 -34.88 -51.41
N GLY D 375 -22.32 -35.03 -52.60
CA GLY D 375 -21.39 -33.98 -52.99
C GLY D 375 -22.08 -32.66 -53.27
N GLN D 376 -23.40 -32.68 -53.49
CA GLN D 376 -24.16 -31.47 -53.69
C GLN D 376 -24.33 -30.73 -52.37
N GLY D 377 -24.03 -29.43 -52.39
CA GLY D 377 -24.05 -28.59 -51.23
C GLY D 377 -25.22 -27.63 -51.26
N GLN D 378 -25.65 -27.18 -50.09
CA GLN D 378 -26.77 -26.26 -49.97
C GLN D 378 -26.30 -25.01 -49.22
N LEU D 379 -26.93 -23.88 -49.52
CA LEU D 379 -26.56 -22.58 -48.96
C LEU D 379 -27.67 -22.11 -48.02
N VAL D 380 -27.35 -21.98 -46.74
CA VAL D 380 -28.25 -21.39 -45.76
C VAL D 380 -27.80 -19.95 -45.52
N THR D 381 -28.72 -19.00 -45.71
CA THR D 381 -28.38 -17.59 -45.68
C THR D 381 -29.08 -16.87 -44.54
N CYS D 382 -28.41 -15.85 -44.00
CA CYS D 382 -29.03 -14.89 -43.08
C CYS D 382 -29.60 -13.77 -43.94
N SER D 383 -30.91 -13.80 -44.15
CA SER D 383 -31.54 -12.93 -45.13
C SER D 383 -32.64 -12.09 -44.49
N GLY D 384 -32.80 -10.87 -45.02
CA GLY D 384 -33.86 -9.99 -44.58
C GLY D 384 -33.47 -9.13 -43.39
N ALA D 385 -34.38 -8.23 -43.04
CA ALA D 385 -34.21 -7.37 -41.88
C ALA D 385 -35.56 -7.24 -41.16
N PHE D 386 -35.49 -7.03 -39.85
CA PHE D 386 -36.65 -6.77 -39.00
C PHE D 386 -37.64 -7.93 -39.11
N LYS D 387 -38.94 -7.68 -39.25
CA LYS D 387 -39.92 -8.76 -39.31
C LYS D 387 -39.72 -9.64 -40.53
N GLU D 388 -39.07 -9.15 -41.57
CA GLU D 388 -38.85 -9.93 -42.77
C GLU D 388 -37.64 -10.86 -42.65
N GLY D 389 -36.96 -10.84 -41.50
CA GLY D 389 -35.78 -11.65 -41.33
C GLY D 389 -36.10 -13.13 -41.39
N SER D 390 -35.22 -13.88 -42.05
CA SER D 390 -35.44 -15.30 -42.27
C SER D 390 -34.10 -15.96 -42.54
N LEU D 391 -34.11 -17.28 -42.51
CA LEU D 391 -33.03 -18.11 -43.01
C LEU D 391 -33.54 -18.70 -44.32
N ARG D 392 -32.71 -18.66 -45.36
CA ARG D 392 -33.10 -19.17 -46.67
C ARG D 392 -32.15 -20.28 -47.05
N ILE D 393 -32.68 -21.48 -47.27
CA ILE D 393 -31.88 -22.62 -47.69
C ILE D 393 -32.07 -22.76 -49.20
N ILE D 394 -30.96 -22.63 -49.93
CA ILE D 394 -30.95 -22.58 -51.38
C ILE D 394 -30.14 -23.78 -51.82
N ARG D 395 -30.73 -24.60 -52.67
CA ARG D 395 -30.06 -25.77 -53.19
C ARG D 395 -30.24 -25.76 -54.71
N ASN D 396 -29.27 -26.33 -55.40
CA ASN D 396 -29.32 -26.45 -56.85
C ASN D 396 -30.13 -27.71 -57.18
N GLY D 397 -31.29 -27.52 -57.78
CA GLY D 397 -32.18 -28.62 -58.03
C GLY D 397 -31.76 -29.49 -59.20
N ILE D 398 -32.58 -30.52 -59.44
CA ILE D 398 -32.33 -31.47 -60.52
C ILE D 398 -33.67 -31.82 -61.16
N GLN D 408 -34.63 -25.52 -65.18
CA GLN D 408 -33.51 -25.29 -64.27
C GLN D 408 -33.82 -24.08 -63.38
N LYS D 409 -33.77 -24.29 -62.06
CA LYS D 409 -34.04 -23.26 -61.09
C LYS D 409 -33.35 -23.65 -59.79
N LEU D 410 -33.31 -22.71 -58.84
CA LEU D 410 -32.85 -22.98 -57.48
C LEU D 410 -34.07 -23.22 -56.60
N HIS D 411 -34.05 -24.29 -55.81
CA HIS D 411 -35.14 -24.57 -54.89
C HIS D 411 -34.79 -23.87 -53.58
N ILE D 412 -35.70 -23.04 -53.08
CA ILE D 412 -35.43 -22.14 -51.97
C ILE D 412 -36.46 -22.42 -50.88
N ARG D 413 -35.99 -22.97 -49.77
CA ARG D 413 -36.82 -23.12 -48.58
C ARG D 413 -36.61 -21.89 -47.71
N THR D 414 -37.71 -21.38 -47.16
CA THR D 414 -37.69 -20.15 -46.35
C THR D 414 -38.07 -20.46 -44.91
N VAL D 415 -37.28 -19.92 -43.99
CA VAL D 415 -37.45 -20.13 -42.55
C VAL D 415 -37.63 -18.77 -41.89
N PRO D 416 -38.86 -18.34 -41.65
CA PRO D 416 -39.06 -17.02 -41.03
C PRO D 416 -38.61 -16.97 -39.57
N LEU D 417 -37.93 -15.87 -39.23
CA LEU D 417 -37.48 -15.61 -37.86
C LEU D 417 -38.19 -14.42 -37.22
N TYR D 418 -38.77 -13.53 -38.02
CA TYR D 418 -39.51 -12.35 -37.56
C TYR D 418 -38.63 -11.38 -36.76
N GLU D 419 -37.31 -11.54 -36.86
CA GLU D 419 -36.34 -10.63 -36.27
C GLU D 419 -35.12 -10.64 -37.18
N SER D 420 -34.19 -9.74 -36.92
CA SER D 420 -33.09 -9.50 -37.86
C SER D 420 -32.00 -10.56 -37.65
N PRO D 421 -31.69 -11.38 -38.66
CA PRO D 421 -30.55 -12.30 -38.58
C PRO D 421 -29.25 -11.61 -39.00
N ARG D 422 -28.13 -11.98 -38.30
CA ARG D 422 -26.87 -11.27 -38.57
C ARG D 422 -25.70 -12.17 -38.93
N LYS D 423 -25.51 -13.30 -38.26
CA LYS D 423 -24.41 -14.23 -38.52
C LYS D 423 -24.90 -15.66 -38.38
N ILE D 424 -24.41 -16.55 -39.23
CA ILE D 424 -24.77 -17.96 -39.17
C ILE D 424 -23.53 -18.83 -39.25
N CYS D 425 -23.49 -19.90 -38.45
CA CYS D 425 -22.43 -20.89 -38.49
C CYS D 425 -23.07 -22.25 -38.29
N TYR D 426 -22.36 -23.29 -38.72
CA TYR D 426 -22.88 -24.66 -38.70
C TYR D 426 -22.03 -25.52 -37.77
N GLN D 427 -22.69 -26.22 -36.86
CA GLN D 427 -22.03 -27.15 -35.95
C GLN D 427 -22.49 -28.55 -36.35
N GLU D 428 -21.63 -29.31 -37.00
CA GLU D 428 -22.06 -30.64 -37.45
C GLU D 428 -22.27 -31.58 -36.27
N VAL D 429 -21.46 -31.45 -35.22
CA VAL D 429 -21.56 -32.34 -34.06
C VAL D 429 -22.96 -32.31 -33.48
N SER D 430 -23.60 -31.14 -33.47
CA SER D 430 -24.92 -30.97 -32.88
C SER D 430 -26.02 -30.93 -33.92
N GLN D 431 -25.70 -31.21 -35.18
CA GLN D 431 -26.69 -31.19 -36.26
C GLN D 431 -27.56 -29.93 -36.18
N CYS D 432 -26.91 -28.80 -35.88
CA CYS D 432 -27.64 -27.56 -35.70
C CYS D 432 -26.84 -26.39 -36.25
N PHE D 433 -27.54 -25.27 -36.40
CA PHE D 433 -26.95 -24.01 -36.85
C PHE D 433 -27.01 -23.01 -35.70
N GLY D 434 -25.94 -22.22 -35.56
CA GLY D 434 -25.96 -21.10 -34.65
C GLY D 434 -26.22 -19.84 -35.43
N VAL D 435 -27.24 -19.09 -35.03
CA VAL D 435 -27.62 -17.87 -35.70
C VAL D 435 -27.66 -16.75 -34.68
N LEU D 436 -26.88 -15.69 -34.95
CA LEU D 436 -26.92 -14.46 -34.16
C LEU D 436 -28.03 -13.58 -34.74
N SER D 437 -28.89 -13.05 -33.86
CA SER D 437 -30.05 -12.30 -34.29
C SER D 437 -30.24 -11.11 -33.35
N SER D 438 -30.96 -10.09 -33.84
CA SER D 438 -31.34 -8.96 -32.99
C SER D 438 -32.77 -8.52 -33.31
N ARG D 439 -33.51 -8.18 -32.26
CA ARG D 439 -34.88 -7.70 -32.35
C ARG D 439 -34.99 -6.32 -31.72
N ILE D 440 -35.97 -5.55 -32.18
CA ILE D 440 -36.18 -4.19 -31.68
C ILE D 440 -37.22 -4.23 -30.56
N GLU D 441 -36.85 -3.74 -29.38
CA GLU D 441 -37.80 -3.46 -28.33
C GLU D 441 -37.82 -1.95 -28.11
N VAL D 442 -38.88 -1.47 -27.45
CA VAL D 442 -39.09 -0.05 -27.28
C VAL D 442 -39.28 0.30 -25.81
N GLN D 443 -38.70 1.44 -25.42
CA GLN D 443 -38.81 1.91 -24.04
C GLN D 443 -40.27 2.18 -23.70
N ASP D 444 -40.73 1.57 -22.62
CA ASP D 444 -42.13 1.63 -22.19
C ASP D 444 -42.24 2.27 -20.81
N THR D 445 -43.49 2.36 -20.36
CA THR D 445 -43.82 2.99 -19.09
C THR D 445 -43.29 2.19 -17.91
N SER D 446 -42.90 0.94 -18.14
CA SER D 446 -42.39 0.11 -17.05
C SER D 446 -40.98 0.50 -16.62
N GLY D 447 -40.26 1.19 -17.48
CA GLY D 447 -38.83 1.38 -17.32
C GLY D 447 -38.00 0.40 -18.13
N GLY D 448 -38.56 -0.76 -18.45
CA GLY D 448 -37.95 -1.72 -19.35
C GLY D 448 -38.34 -1.44 -20.79
N THR D 449 -38.34 -2.49 -21.59
CA THR D 449 -38.71 -2.39 -22.99
C THR D 449 -39.66 -3.53 -23.34
N THR D 450 -40.43 -3.32 -24.40
CA THR D 450 -41.47 -4.23 -24.84
C THR D 450 -41.31 -4.43 -26.34
N ALA D 451 -41.32 -5.69 -26.75
CA ALA D 451 -41.13 -6.05 -28.14
C ALA D 451 -42.39 -5.81 -28.97
N LEU D 452 -42.18 -5.37 -30.20
CA LEU D 452 -43.29 -5.00 -31.08
C LEU D 452 -44.04 -6.22 -31.57
N ARG D 453 -43.37 -7.38 -31.62
CA ARG D 453 -43.88 -8.54 -32.31
C ARG D 453 -43.24 -9.76 -31.68
N PRO D 454 -43.96 -10.88 -31.61
CA PRO D 454 -43.31 -12.11 -31.18
C PRO D 454 -42.31 -12.54 -32.24
N SER D 455 -41.22 -13.16 -31.79
CA SER D 455 -40.16 -13.50 -32.73
C SER D 455 -39.41 -14.73 -32.27
N ALA D 456 -38.46 -15.14 -33.11
CA ALA D 456 -37.75 -16.39 -32.88
C ALA D 456 -37.15 -16.44 -31.47
N SER D 457 -36.50 -15.34 -31.07
CA SER D 457 -35.82 -15.35 -29.78
C SER D 457 -36.79 -15.31 -28.61
N THR D 458 -38.03 -14.91 -28.84
CA THR D 458 -39.02 -14.81 -27.77
C THR D 458 -39.93 -16.02 -27.72
N GLN D 459 -40.04 -16.76 -28.82
CA GLN D 459 -40.91 -17.92 -28.90
C GLN D 459 -40.10 -19.20 -28.84
N ALA D 460 -38.84 -19.10 -28.41
CA ALA D 460 -37.97 -20.25 -28.35
C ALA D 460 -38.41 -21.22 -27.26
N LEU D 461 -38.17 -22.51 -27.52
CA LEU D 461 -38.56 -23.56 -26.59
C LEU D 461 -37.83 -23.42 -25.26
N SER D 462 -36.50 -23.40 -25.30
CA SER D 462 -35.68 -23.15 -24.13
C SER D 462 -35.03 -21.78 -24.31
N SER D 463 -34.81 -21.09 -23.19
CA SER D 463 -34.31 -19.73 -23.26
C SER D 463 -33.41 -19.45 -22.07
N SER D 464 -32.52 -18.48 -22.24
CA SER D 464 -31.57 -18.10 -21.20
C SER D 464 -31.23 -16.62 -21.36
N VAL D 465 -30.79 -16.00 -20.26
CA VAL D 465 -30.34 -14.61 -20.29
C VAL D 465 -28.99 -14.53 -19.60
N SER D 466 -28.08 -13.78 -20.22
CA SER D 466 -26.72 -13.70 -19.70
C SER D 466 -26.73 -13.01 -18.33
N SER D 467 -25.97 -13.59 -17.40
CA SER D 467 -25.84 -13.05 -16.05
C SER D 467 -24.44 -12.48 -15.80
N SER D 468 -23.67 -12.25 -16.86
CA SER D 468 -22.30 -11.79 -16.71
C SER D 468 -22.26 -10.47 -15.96
N LYS D 469 -21.33 -10.37 -15.02
CA LYS D 469 -21.14 -9.14 -14.26
C LYS D 469 -19.83 -8.46 -14.60
N LEU D 470 -19.23 -8.81 -15.76
CA LEU D 470 -17.92 -8.26 -16.13
C LEU D 470 -17.97 -6.75 -16.19
N PHE D 471 -18.96 -6.19 -16.88
CA PHE D 471 -19.10 -4.75 -16.93
C PHE D 471 -19.88 -4.21 -15.75
N SER D 472 -20.57 -5.10 -15.03
CA SER D 472 -21.22 -4.76 -13.77
C SER D 472 -21.88 -3.40 -13.80
N SER D 473 -21.84 -2.70 -12.67
CA SER D 473 -22.32 -1.33 -12.58
C SER D 473 -21.21 -0.31 -12.80
N SER D 474 -20.03 -0.75 -13.23
CA SER D 474 -18.92 0.16 -13.49
C SER D 474 -19.32 1.25 -14.49
N THR D 475 -19.93 0.85 -15.62
CA THR D 475 -20.38 1.84 -16.60
C THR D 475 -21.60 2.59 -16.06
N ALA D 476 -21.54 3.92 -16.10
CA ALA D 476 -22.67 4.72 -15.65
C ALA D 476 -23.89 4.51 -16.55
N PRO D 477 -25.09 4.47 -15.99
CA PRO D 477 -26.29 4.23 -16.80
C PRO D 477 -26.69 5.48 -17.56
N HIS D 478 -27.14 5.27 -18.79
CA HIS D 478 -27.50 6.35 -19.68
C HIS D 478 -28.99 6.61 -19.66
N GLU D 479 -29.36 7.84 -20.00
CA GLU D 479 -30.74 8.27 -19.82
C GLU D 479 -31.60 7.60 -20.87
N THR D 480 -32.74 7.05 -20.45
CA THR D 480 -33.66 6.36 -21.34
C THR D 480 -34.97 7.14 -21.39
N SER D 481 -35.44 7.40 -22.61
CA SER D 481 -36.67 8.14 -22.85
C SER D 481 -37.73 7.21 -23.44
N PHE D 482 -38.96 7.34 -22.98
CA PHE D 482 -40.03 6.48 -23.48
C PHE D 482 -40.16 6.63 -24.98
N GLY D 483 -40.33 5.51 -25.67
CA GLY D 483 -40.49 5.49 -27.11
C GLY D 483 -39.25 5.22 -27.91
N GLU D 484 -38.07 5.30 -27.28
CA GLU D 484 -36.83 5.04 -28.00
C GLU D 484 -36.63 3.55 -28.27
N GLU D 485 -36.05 3.25 -29.42
CA GLU D 485 -35.76 1.88 -29.81
C GLU D 485 -34.42 1.41 -29.24
N VAL D 486 -34.34 0.11 -29.00
CA VAL D 486 -33.12 -0.54 -28.55
C VAL D 486 -33.03 -1.89 -29.25
N GLU D 487 -31.80 -2.35 -29.49
CA GLU D 487 -31.58 -3.66 -30.05
C GLU D 487 -31.29 -4.67 -28.96
N VAL D 488 -31.90 -5.85 -29.07
CA VAL D 488 -31.66 -6.96 -28.15
C VAL D 488 -31.10 -8.11 -28.96
N HIS D 489 -29.92 -8.59 -28.58
CA HIS D 489 -29.19 -9.58 -29.36
C HIS D 489 -29.26 -10.94 -28.68
N ASN D 490 -29.39 -11.99 -29.49
CA ASN D 490 -29.58 -13.34 -29.00
C ASN D 490 -28.71 -14.29 -29.81
N LEU D 491 -28.43 -15.45 -29.24
CA LEU D 491 -27.87 -16.58 -29.97
C LEU D 491 -28.98 -17.61 -30.11
N LEU D 492 -29.28 -18.01 -31.34
CA LEU D 492 -30.31 -19.00 -31.61
C LEU D 492 -29.64 -20.31 -32.02
N ILE D 493 -30.11 -21.42 -31.45
CA ILE D 493 -29.69 -22.75 -31.85
C ILE D 493 -30.82 -23.35 -32.65
N ILE D 494 -30.58 -23.67 -33.93
CA ILE D 494 -31.64 -24.06 -34.87
C ILE D 494 -31.30 -25.41 -35.49
N ASP D 495 -32.30 -26.30 -35.54
CA ASP D 495 -32.07 -27.65 -36.06
C ASP D 495 -31.84 -27.65 -37.57
N GLN D 496 -30.92 -28.52 -38.01
CA GLN D 496 -30.52 -28.52 -39.42
C GLN D 496 -31.57 -29.12 -40.36
N HIS D 497 -32.53 -29.86 -39.82
CA HIS D 497 -33.58 -30.48 -40.64
C HIS D 497 -34.93 -29.80 -40.47
N THR D 498 -35.36 -29.58 -39.24
CA THR D 498 -36.65 -28.94 -38.99
C THR D 498 -36.57 -27.44 -38.91
N PHE D 499 -35.40 -26.90 -38.56
CA PHE D 499 -35.23 -25.47 -38.34
C PHE D 499 -36.17 -24.99 -37.25
N GLU D 500 -36.38 -25.83 -36.24
CA GLU D 500 -37.05 -25.42 -35.02
C GLU D 500 -36.02 -24.70 -34.14
N VAL D 501 -36.44 -23.62 -33.50
CA VAL D 501 -35.56 -22.91 -32.59
C VAL D 501 -35.51 -23.68 -31.28
N LEU D 502 -34.40 -24.37 -31.05
CA LEU D 502 -34.26 -25.25 -29.90
C LEU D 502 -33.92 -24.46 -28.65
N HIS D 503 -33.12 -23.41 -28.78
CA HIS D 503 -32.72 -22.58 -27.65
C HIS D 503 -32.51 -21.14 -28.13
N ALA D 504 -32.56 -20.20 -27.20
CA ALA D 504 -32.31 -18.79 -27.48
C ALA D 504 -31.67 -18.18 -26.25
N HIS D 505 -30.53 -17.53 -26.43
CA HIS D 505 -29.78 -16.89 -25.35
C HIS D 505 -29.79 -15.39 -25.58
N GLN D 506 -30.29 -14.64 -24.60
CA GLN D 506 -30.31 -13.18 -24.67
C GLN D 506 -29.04 -12.64 -24.04
N PHE D 507 -28.32 -11.80 -24.79
CA PHE D 507 -27.09 -11.22 -24.30
C PHE D 507 -27.39 -10.04 -23.39
N LEU D 508 -26.33 -9.47 -22.82
CA LEU D 508 -26.49 -8.39 -21.87
C LEU D 508 -27.19 -7.19 -22.51
N GLN D 509 -27.75 -6.34 -21.64
CA GLN D 509 -28.38 -5.13 -22.11
C GLN D 509 -27.36 -4.24 -22.80
N ASN D 510 -27.70 -3.78 -24.00
CA ASN D 510 -26.80 -2.96 -24.81
C ASN D 510 -25.57 -3.73 -25.26
N GLU D 511 -25.67 -5.03 -25.42
CA GLU D 511 -24.58 -5.85 -25.91
C GLU D 511 -24.92 -6.27 -27.34
N TYR D 512 -24.03 -5.99 -28.28
CA TYR D 512 -24.24 -6.37 -29.67
C TYR D 512 -23.41 -7.61 -29.96
N ALA D 513 -24.05 -8.62 -30.56
CA ALA D 513 -23.37 -9.82 -31.02
C ALA D 513 -22.88 -9.57 -32.44
N LEU D 514 -21.56 -9.66 -32.64
CA LEU D 514 -20.97 -9.30 -33.91
C LEU D 514 -20.27 -10.45 -34.63
N SER D 515 -19.83 -11.49 -33.91
CA SER D 515 -19.04 -12.54 -34.54
C SER D 515 -19.33 -13.88 -33.88
N LEU D 516 -19.39 -14.92 -34.71
CA LEU D 516 -19.72 -16.28 -34.28
C LEU D 516 -18.85 -17.29 -35.02
N VAL D 517 -18.37 -18.29 -34.28
CA VAL D 517 -17.60 -19.38 -34.86
C VAL D 517 -17.99 -20.69 -34.17
N SER D 518 -17.98 -21.78 -34.94
CA SER D 518 -18.17 -23.12 -34.40
C SER D 518 -16.84 -23.84 -34.58
N CYS D 519 -16.17 -24.14 -33.47
CA CYS D 519 -14.84 -24.73 -33.57
C CYS D 519 -14.56 -25.57 -32.33
N LYS D 520 -13.53 -26.42 -32.48
CA LYS D 520 -12.87 -27.12 -31.38
C LYS D 520 -11.56 -26.39 -31.12
N LEU D 521 -11.16 -26.31 -29.86
CA LEU D 521 -9.94 -25.58 -29.51
C LEU D 521 -8.98 -26.41 -28.66
N GLY D 522 -7.68 -26.18 -28.89
CA GLY D 522 -6.66 -26.78 -28.05
C GLY D 522 -6.74 -28.28 -28.04
N LYS D 523 -6.60 -28.86 -26.84
CA LYS D 523 -6.75 -30.29 -26.63
C LYS D 523 -8.14 -30.64 -26.11
N ASP D 524 -9.13 -29.78 -26.35
CA ASP D 524 -10.49 -29.98 -25.87
C ASP D 524 -11.33 -30.70 -26.92
N PRO D 525 -11.85 -31.89 -26.65
CA PRO D 525 -12.69 -32.56 -27.66
C PRO D 525 -14.01 -31.87 -27.92
N ASN D 526 -14.56 -31.16 -26.94
CA ASN D 526 -15.90 -30.60 -27.11
C ASN D 526 -15.87 -29.50 -28.16
N THR D 527 -16.91 -29.48 -29.00
CA THR D 527 -17.07 -28.46 -30.03
C THR D 527 -17.99 -27.36 -29.50
N TYR D 528 -17.55 -26.11 -29.57
CA TYR D 528 -18.22 -25.02 -28.89
C TYR D 528 -18.75 -23.99 -29.90
N PHE D 529 -19.71 -23.18 -29.44
CA PHE D 529 -20.18 -21.99 -30.16
C PHE D 529 -19.53 -20.79 -29.47
N ILE D 530 -18.78 -19.98 -30.20
CA ILE D 530 -18.12 -18.82 -29.61
C ILE D 530 -18.66 -17.56 -30.26
N VAL D 531 -19.10 -16.61 -29.44
CA VAL D 531 -19.73 -15.38 -29.90
C VAL D 531 -18.85 -14.20 -29.49
N GLY D 532 -18.72 -13.23 -30.39
CA GLY D 532 -17.98 -12.00 -30.11
C GLY D 532 -18.93 -10.81 -30.01
N THR D 533 -18.72 -10.00 -28.97
CA THR D 533 -19.67 -8.95 -28.64
C THR D 533 -18.99 -7.59 -28.53
N ALA D 534 -19.83 -6.56 -28.46
CA ALA D 534 -19.40 -5.18 -28.25
C ALA D 534 -20.48 -4.49 -27.41
N MET D 535 -20.07 -3.78 -26.35
CA MET D 535 -21.01 -2.98 -25.57
C MET D 535 -21.22 -1.67 -26.29
N VAL D 536 -22.43 -1.48 -26.82
CA VAL D 536 -22.78 -0.32 -27.64
C VAL D 536 -23.53 0.66 -26.76
N TYR D 537 -22.91 1.77 -26.47
CA TYR D 537 -23.54 2.89 -25.81
C TYR D 537 -23.59 4.09 -26.75
N PRO D 538 -24.74 4.78 -26.80
CA PRO D 538 -24.94 5.75 -27.89
C PRO D 538 -23.96 6.91 -27.90
N GLU D 539 -23.30 7.19 -26.78
CA GLU D 539 -22.37 8.30 -26.72
C GLU D 539 -21.02 7.94 -27.33
N GLU D 540 -20.61 6.68 -27.21
CA GLU D 540 -19.28 6.30 -27.63
C GLU D 540 -19.16 6.23 -29.14
N ALA D 541 -18.07 6.83 -29.65
CA ALA D 541 -17.81 6.79 -31.08
C ALA D 541 -17.42 5.39 -31.52
N GLU D 542 -16.65 4.67 -30.71
CA GLU D 542 -16.21 3.32 -30.94
C GLU D 542 -16.34 2.58 -29.61
N PRO D 543 -16.90 1.37 -29.61
CA PRO D 543 -17.06 0.65 -28.34
C PRO D 543 -15.73 0.49 -27.63
N LYS D 544 -15.75 0.62 -26.31
CA LYS D 544 -14.57 0.46 -25.50
C LYS D 544 -14.63 -0.79 -24.63
N GLN D 545 -15.73 -1.55 -24.72
CA GLN D 545 -15.91 -2.77 -23.95
C GLN D 545 -16.47 -3.90 -24.81
N GLY D 546 -16.10 -5.13 -24.47
CA GLY D 546 -16.56 -6.28 -25.24
C GLY D 546 -16.31 -7.58 -24.51
N ARG D 547 -16.93 -8.63 -25.05
CA ARG D 547 -16.80 -9.98 -24.50
C ARG D 547 -16.62 -11.02 -25.59
N ILE D 548 -15.89 -12.08 -25.25
CA ILE D 548 -15.80 -13.29 -26.05
C ILE D 548 -16.39 -14.41 -25.21
N VAL D 549 -17.47 -15.01 -25.69
CA VAL D 549 -18.25 -15.96 -24.89
C VAL D 549 -18.22 -17.33 -25.57
N VAL D 550 -17.92 -18.38 -24.78
CA VAL D 550 -17.92 -19.76 -25.26
C VAL D 550 -19.17 -20.47 -24.77
N PHE D 551 -19.83 -21.21 -25.66
CA PHE D 551 -21.06 -21.92 -25.36
C PHE D 551 -20.89 -23.37 -25.78
N GLN D 552 -21.55 -24.28 -25.04
CA GLN D 552 -21.67 -25.68 -25.45
C GLN D 552 -23.14 -26.06 -25.52
N TYR D 553 -23.61 -26.44 -26.71
CA TYR D 553 -24.94 -27.02 -26.83
C TYR D 553 -24.81 -28.54 -26.77
N SER D 554 -25.25 -29.15 -25.68
CA SER D 554 -25.16 -30.60 -25.47
C SER D 554 -26.42 -31.05 -24.73
N ASP D 555 -27.01 -32.14 -25.18
CA ASP D 555 -28.21 -32.70 -24.54
C ASP D 555 -29.32 -31.67 -24.46
N GLY D 556 -29.53 -30.93 -25.54
CA GLY D 556 -30.67 -30.06 -25.61
C GLY D 556 -30.60 -28.81 -24.77
N LYS D 557 -29.48 -28.56 -24.09
CA LYS D 557 -29.33 -27.38 -23.27
C LYS D 557 -28.02 -26.68 -23.61
N LEU D 558 -28.08 -25.35 -23.68
CA LEU D 558 -26.90 -24.54 -23.91
C LEU D 558 -26.25 -24.13 -22.60
N GLN D 559 -24.95 -24.35 -22.48
CA GLN D 559 -24.18 -23.98 -21.30
C GLN D 559 -23.13 -22.94 -21.66
N THR D 560 -22.70 -22.19 -20.66
CA THR D 560 -21.72 -21.12 -20.86
C THR D 560 -20.36 -21.62 -20.34
N VAL D 561 -19.48 -21.98 -21.26
CA VAL D 561 -18.22 -22.58 -20.87
C VAL D 561 -17.29 -21.54 -20.26
N ALA D 562 -17.15 -20.39 -20.91
CA ALA D 562 -16.23 -19.36 -20.41
C ALA D 562 -16.52 -18.02 -21.08
N GLU D 563 -16.07 -16.96 -20.42
CA GLU D 563 -16.15 -15.61 -20.98
C GLU D 563 -14.79 -14.94 -20.83
N LYS D 564 -14.43 -14.14 -21.83
CA LYS D 564 -13.19 -13.37 -21.86
C LYS D 564 -13.54 -11.91 -22.10
N GLU D 565 -13.11 -11.03 -21.20
CA GLU D 565 -13.35 -9.60 -21.37
C GLU D 565 -12.32 -8.99 -22.31
N VAL D 566 -12.78 -8.12 -23.21
CA VAL D 566 -11.89 -7.36 -24.08
C VAL D 566 -12.29 -5.89 -24.03
N LYS D 567 -11.37 -5.04 -24.46
CA LYS D 567 -11.56 -3.59 -24.44
C LYS D 567 -11.98 -3.05 -25.82
N GLY D 568 -13.02 -3.63 -26.42
CA GLY D 568 -13.44 -3.21 -27.75
C GLY D 568 -14.42 -4.19 -28.36
N ALA D 569 -14.84 -3.88 -29.58
CA ALA D 569 -15.80 -4.71 -30.28
C ALA D 569 -15.08 -5.86 -30.97
N VAL D 570 -15.57 -7.08 -30.78
CA VAL D 570 -14.98 -8.26 -31.41
C VAL D 570 -15.70 -8.43 -32.74
N TYR D 571 -15.14 -7.80 -33.79
CA TYR D 571 -15.80 -7.74 -35.08
C TYR D 571 -15.70 -9.06 -35.83
N SER D 572 -14.63 -9.82 -35.64
CA SER D 572 -14.42 -11.04 -36.41
C SER D 572 -13.66 -12.07 -35.58
N MET D 573 -14.05 -13.33 -35.72
CA MET D 573 -13.35 -14.44 -35.09
C MET D 573 -13.23 -15.56 -36.12
N VAL D 574 -12.10 -16.24 -36.12
CA VAL D 574 -11.87 -17.36 -37.04
C VAL D 574 -10.96 -18.36 -36.32
N GLU D 575 -11.16 -19.63 -36.60
CA GLU D 575 -10.35 -20.66 -35.97
C GLU D 575 -9.01 -20.79 -36.67
N PHE D 576 -7.94 -20.80 -35.87
CA PHE D 576 -6.56 -20.76 -36.35
C PHE D 576 -5.81 -21.91 -35.71
N ASN D 577 -5.82 -23.08 -36.38
CA ASN D 577 -4.96 -24.19 -36.00
C ASN D 577 -5.13 -24.50 -34.52
N GLY D 578 -6.37 -24.70 -34.11
CA GLY D 578 -6.67 -24.98 -32.72
C GLY D 578 -6.63 -23.79 -31.80
N LYS D 579 -6.40 -22.59 -32.33
CA LYS D 579 -6.41 -21.36 -31.56
C LYS D 579 -7.52 -20.46 -32.09
N LEU D 580 -7.81 -19.41 -31.35
CA LEU D 580 -8.87 -18.48 -31.70
C LEU D 580 -8.25 -17.17 -32.16
N LEU D 581 -8.49 -16.81 -33.42
CA LEU D 581 -8.06 -15.54 -33.97
C LEU D 581 -9.27 -14.61 -33.90
N ALA D 582 -9.12 -13.50 -33.19
CA ALA D 582 -10.22 -12.56 -32.96
C ALA D 582 -9.70 -11.15 -33.16
N SER D 583 -10.52 -10.30 -33.75
CA SER D 583 -10.19 -8.91 -34.01
C SER D 583 -11.01 -8.06 -33.05
N ILE D 584 -10.32 -7.41 -32.11
CA ILE D 584 -10.92 -6.47 -31.16
C ILE D 584 -10.50 -5.07 -31.60
N ASN D 585 -11.41 -4.36 -32.26
CA ASN D 585 -11.16 -2.99 -32.77
C ASN D 585 -9.92 -2.98 -33.64
N SER D 586 -8.85 -2.26 -33.26
CA SER D 586 -7.61 -2.21 -34.03
C SER D 586 -6.72 -3.42 -33.86
N THR D 587 -6.87 -4.16 -32.77
CA THR D 587 -5.95 -5.22 -32.39
C THR D 587 -6.41 -6.53 -33.00
N VAL D 588 -5.47 -7.30 -33.54
CA VAL D 588 -5.71 -8.67 -33.97
C VAL D 588 -4.97 -9.58 -33.02
N ARG D 589 -5.69 -10.50 -32.37
CA ARG D 589 -5.14 -11.32 -31.29
C ARG D 589 -5.32 -12.80 -31.59
N LEU D 590 -4.40 -13.62 -31.07
CA LEU D 590 -4.51 -15.07 -31.11
C LEU D 590 -4.66 -15.55 -29.68
N TYR D 591 -5.75 -16.27 -29.40
CA TYR D 591 -6.04 -16.81 -28.08
C TYR D 591 -5.78 -18.31 -28.08
N GLU D 592 -5.28 -18.83 -26.96
CA GLU D 592 -5.11 -20.26 -26.75
C GLU D 592 -6.11 -20.76 -25.72
N TRP D 593 -6.54 -22.01 -25.89
CA TRP D 593 -7.50 -22.64 -24.97
C TRP D 593 -6.73 -23.45 -23.94
N THR D 594 -6.79 -23.04 -22.68
CA THR D 594 -6.00 -23.67 -21.64
C THR D 594 -6.64 -24.96 -21.15
N THR D 595 -5.89 -25.72 -20.35
CA THR D 595 -6.46 -26.90 -19.69
C THR D 595 -7.51 -26.54 -18.65
N GLU D 596 -7.54 -25.29 -18.20
CA GLU D 596 -8.58 -24.80 -17.30
C GLU D 596 -9.78 -24.22 -18.04
N LYS D 597 -9.89 -24.44 -19.36
CA LYS D 597 -11.04 -24.01 -20.14
C LYS D 597 -11.23 -22.49 -20.07
N GLU D 598 -10.14 -21.75 -20.24
CA GLU D 598 -10.15 -20.30 -20.31
C GLU D 598 -9.29 -19.87 -21.49
N LEU D 599 -9.51 -18.66 -21.99
CA LEU D 599 -8.71 -18.14 -23.11
C LEU D 599 -7.54 -17.31 -22.61
N ARG D 600 -6.36 -17.53 -23.22
CA ARG D 600 -5.13 -16.81 -22.90
C ARG D 600 -4.53 -16.26 -24.19
N THR D 601 -4.24 -14.97 -24.20
CA THR D 601 -3.66 -14.35 -25.40
C THR D 601 -2.23 -14.82 -25.60
N GLU D 602 -1.88 -15.15 -26.84
CA GLU D 602 -0.50 -15.50 -27.19
C GLU D 602 0.22 -14.31 -27.80
N CYS D 603 -0.36 -13.73 -28.86
CA CYS D 603 0.25 -12.61 -29.55
C CYS D 603 -0.84 -11.66 -30.03
N ASN D 604 -0.44 -10.40 -30.23
CA ASN D 604 -1.33 -9.34 -30.68
C ASN D 604 -0.67 -8.61 -31.85
N HIS D 605 -1.51 -8.03 -32.70
CA HIS D 605 -1.07 -7.14 -33.78
C HIS D 605 -1.90 -5.88 -33.69
N TYR D 606 -1.23 -4.72 -33.71
CA TYR D 606 -1.93 -3.47 -33.44
C TYR D 606 -2.04 -2.53 -34.63
N ASN D 607 -1.41 -2.83 -35.76
CA ASN D 607 -1.39 -1.90 -36.88
C ASN D 607 -2.62 -2.08 -37.78
N ASN D 608 -3.77 -1.67 -37.25
CA ASN D 608 -5.01 -1.61 -38.02
C ASN D 608 -5.83 -0.43 -37.56
N ILE D 609 -6.54 0.20 -38.51
CA ILE D 609 -7.52 1.21 -38.14
C ILE D 609 -8.76 0.54 -37.55
N MET D 610 -9.25 -0.50 -38.20
CA MET D 610 -10.36 -1.28 -37.69
C MET D 610 -10.39 -2.63 -38.41
N ALA D 611 -10.01 -3.68 -37.70
CA ALA D 611 -9.88 -5.02 -38.26
C ALA D 611 -11.26 -5.65 -38.33
N LEU D 612 -11.96 -5.41 -39.43
CA LEU D 612 -13.35 -5.83 -39.54
C LEU D 612 -13.51 -7.24 -40.09
N TYR D 613 -12.54 -7.73 -40.86
CA TYR D 613 -12.71 -9.02 -41.52
C TYR D 613 -11.45 -9.86 -41.41
N LEU D 614 -11.65 -11.15 -41.13
CA LEU D 614 -10.55 -12.10 -41.03
C LEU D 614 -10.83 -13.34 -41.84
N LYS D 615 -9.80 -13.84 -42.52
CA LYS D 615 -9.82 -15.16 -43.15
C LYS D 615 -8.44 -15.76 -42.94
N THR D 616 -8.35 -17.09 -42.96
CA THR D 616 -7.07 -17.76 -42.73
C THR D 616 -6.83 -18.85 -43.77
N LYS D 617 -5.55 -19.22 -43.89
CA LYS D 617 -5.12 -20.38 -44.68
C LYS D 617 -3.75 -20.77 -44.12
N GLY D 618 -3.71 -21.83 -43.33
CA GLY D 618 -2.45 -22.26 -42.74
C GLY D 618 -2.04 -21.34 -41.61
N ASP D 619 -0.79 -20.88 -41.65
CA ASP D 619 -0.30 -19.92 -40.68
C ASP D 619 -0.40 -18.49 -41.20
N PHE D 620 -1.19 -18.27 -42.25
CA PHE D 620 -1.39 -16.97 -42.87
C PHE D 620 -2.77 -16.42 -42.52
N ILE D 621 -2.83 -15.11 -42.26
CA ILE D 621 -4.04 -14.40 -41.87
C ILE D 621 -4.27 -13.25 -42.84
N LEU D 622 -5.51 -13.10 -43.30
CA LEU D 622 -5.88 -11.96 -44.12
C LEU D 622 -6.77 -11.04 -43.30
N VAL D 623 -6.35 -9.79 -43.14
CA VAL D 623 -7.06 -8.82 -42.32
C VAL D 623 -7.72 -7.82 -43.26
N GLY D 624 -9.00 -7.53 -43.01
CA GLY D 624 -9.72 -6.54 -43.78
C GLY D 624 -10.00 -5.31 -42.96
N ASP D 625 -9.48 -4.16 -43.39
CA ASP D 625 -9.57 -2.93 -42.62
C ASP D 625 -10.66 -2.03 -43.18
N LEU D 626 -11.11 -1.09 -42.33
CA LEU D 626 -12.17 -0.18 -42.73
C LEU D 626 -11.76 0.71 -43.89
N MET D 627 -10.49 1.12 -43.94
CA MET D 627 -10.02 2.04 -44.96
C MET D 627 -8.65 1.69 -45.52
N ARG D 628 -7.96 0.69 -44.98
CA ARG D 628 -6.62 0.33 -45.42
C ARG D 628 -6.59 -0.99 -46.19
N SER D 629 -7.72 -1.39 -46.76
CA SER D 629 -7.70 -2.52 -47.68
C SER D 629 -7.35 -3.80 -46.94
N VAL D 630 -6.34 -4.52 -47.43
CA VAL D 630 -6.02 -5.86 -46.97
C VAL D 630 -4.57 -5.93 -46.53
N LEU D 631 -4.32 -6.67 -45.45
CA LEU D 631 -2.99 -6.90 -44.92
C LEU D 631 -2.82 -8.40 -44.75
N LEU D 632 -1.74 -8.95 -45.30
CA LEU D 632 -1.40 -10.36 -45.08
C LEU D 632 -0.52 -10.44 -43.84
N LEU D 633 -1.00 -11.14 -42.82
CA LEU D 633 -0.31 -11.29 -41.54
C LEU D 633 -0.04 -12.78 -41.38
N ALA D 634 1.14 -13.12 -40.88
CA ALA D 634 1.52 -14.51 -40.75
C ALA D 634 1.98 -14.80 -39.33
N TYR D 635 1.61 -15.97 -38.84
CA TYR D 635 2.01 -16.44 -37.51
C TYR D 635 3.33 -17.18 -37.65
N LYS D 636 4.35 -16.68 -36.98
CA LYS D 636 5.65 -17.34 -36.96
C LYS D 636 5.69 -18.23 -35.73
N PRO D 637 5.37 -19.53 -35.88
CA PRO D 637 5.25 -20.37 -34.67
C PRO D 637 6.54 -20.47 -33.88
N MET D 638 7.71 -20.39 -34.52
CA MET D 638 8.95 -20.49 -33.75
C MET D 638 9.07 -19.36 -32.75
N GLU D 639 8.49 -18.19 -33.03
CA GLU D 639 8.62 -17.07 -32.10
C GLU D 639 7.35 -16.81 -31.29
N GLY D 640 6.21 -17.29 -31.75
CA GLY D 640 4.97 -17.05 -31.03
C GLY D 640 4.42 -15.65 -31.16
N ASN D 641 4.51 -15.06 -32.36
CA ASN D 641 4.03 -13.70 -32.59
C ASN D 641 3.62 -13.60 -34.07
N PHE D 642 3.25 -12.39 -34.49
CA PHE D 642 2.80 -12.15 -35.86
C PHE D 642 3.90 -11.40 -36.63
N GLU D 643 3.91 -11.58 -37.95
CA GLU D 643 4.80 -10.85 -38.84
C GLU D 643 3.96 -10.33 -40.01
N GLU D 644 4.23 -9.12 -40.44
CA GLU D 644 3.48 -8.50 -41.52
C GLU D 644 4.10 -8.88 -42.87
N ILE D 645 3.43 -9.75 -43.62
CA ILE D 645 4.00 -10.18 -44.89
C ILE D 645 3.88 -9.09 -45.94
N ALA D 646 2.66 -8.58 -46.14
CA ALA D 646 2.47 -7.59 -47.20
C ALA D 646 1.12 -6.92 -47.02
N ARG D 647 1.08 -5.60 -47.23
CA ARG D 647 -0.15 -4.83 -47.13
C ARG D 647 -0.45 -4.20 -48.48
N ASP D 648 -1.72 -4.17 -48.86
CA ASP D 648 -2.13 -3.34 -49.98
C ASP D 648 -2.12 -1.90 -49.49
N PHE D 649 -1.39 -1.03 -50.17
CA PHE D 649 -1.28 0.36 -49.76
C PHE D 649 -2.26 1.24 -50.50
N ASN D 650 -3.21 0.65 -51.17
CA ASN D 650 -4.30 1.38 -51.84
C ASN D 650 -5.49 1.49 -50.91
N PRO D 651 -6.04 2.69 -50.72
CA PRO D 651 -7.11 2.88 -49.72
C PRO D 651 -8.45 2.43 -50.26
N ASN D 652 -9.03 1.41 -49.63
CA ASN D 652 -10.31 0.84 -50.02
C ASN D 652 -11.18 0.68 -48.77
N TRP D 653 -12.47 0.93 -48.92
CA TRP D 653 -13.42 0.67 -47.85
C TRP D 653 -13.94 -0.75 -48.06
N MET D 654 -13.52 -1.66 -47.19
CA MET D 654 -13.75 -3.07 -47.42
C MET D 654 -15.13 -3.49 -46.94
N SER D 655 -15.79 -4.36 -47.71
CA SER D 655 -17.02 -5.01 -47.31
C SER D 655 -16.85 -6.50 -47.03
N ALA D 656 -15.86 -7.14 -47.64
CA ALA D 656 -15.57 -8.54 -47.39
C ALA D 656 -14.22 -8.88 -48.02
N VAL D 657 -13.58 -9.90 -47.47
CA VAL D 657 -12.30 -10.40 -47.95
C VAL D 657 -12.40 -11.91 -48.07
N GLU D 658 -11.64 -12.48 -49.01
CA GLU D 658 -11.50 -13.92 -49.09
C GLU D 658 -10.10 -14.26 -49.58
N ILE D 659 -9.60 -15.41 -49.13
CA ILE D 659 -8.33 -15.94 -49.62
C ILE D 659 -8.64 -16.92 -50.75
N LEU D 660 -8.06 -16.69 -51.92
CA LEU D 660 -8.26 -17.58 -53.06
C LEU D 660 -7.26 -18.72 -53.06
N ASP D 661 -5.99 -18.41 -52.88
CA ASP D 661 -4.92 -19.39 -52.77
C ASP D 661 -3.75 -18.73 -52.07
N ASP D 662 -2.63 -19.45 -51.97
CA ASP D 662 -1.53 -18.97 -51.15
C ASP D 662 -1.00 -17.61 -51.62
N ASP D 663 -1.30 -17.21 -52.85
CA ASP D 663 -0.78 -15.98 -53.41
C ASP D 663 -1.83 -14.96 -53.79
N ASN D 664 -3.09 -15.36 -53.99
CA ASN D 664 -4.15 -14.44 -54.41
C ASN D 664 -5.13 -14.16 -53.29
N PHE D 665 -5.55 -12.90 -53.18
CA PHE D 665 -6.47 -12.43 -52.14
C PHE D 665 -7.57 -11.60 -52.78
N LEU D 666 -8.82 -11.88 -52.39
CA LEU D 666 -9.99 -11.27 -53.01
C LEU D 666 -10.64 -10.28 -52.06
N GLY D 667 -11.06 -9.13 -52.59
CA GLY D 667 -11.67 -8.11 -51.77
C GLY D 667 -12.88 -7.48 -52.46
N ALA D 668 -13.76 -6.93 -51.64
CA ALA D 668 -14.98 -6.28 -52.11
C ALA D 668 -15.08 -4.91 -51.45
N GLU D 669 -15.34 -3.89 -52.24
CA GLU D 669 -15.34 -2.50 -51.81
C GLU D 669 -16.76 -1.95 -51.69
N ASN D 670 -16.89 -0.88 -50.89
CA ASN D 670 -18.18 -0.22 -50.75
C ASN D 670 -18.60 0.49 -52.02
N ALA D 671 -17.73 0.54 -53.02
CA ALA D 671 -18.03 1.13 -54.31
C ALA D 671 -18.64 0.12 -55.25
N PHE D 672 -18.99 -1.05 -54.75
CA PHE D 672 -19.50 -2.14 -55.56
C PHE D 672 -18.42 -2.69 -56.47
N ASN D 673 -17.18 -2.71 -56.01
CA ASN D 673 -16.09 -3.22 -56.83
C ASN D 673 -15.49 -4.44 -56.16
N LEU D 674 -14.93 -5.33 -56.98
CA LEU D 674 -14.17 -6.49 -56.54
C LEU D 674 -12.72 -6.24 -56.97
N PHE D 675 -11.77 -6.70 -56.18
CA PHE D 675 -10.38 -6.61 -56.62
C PHE D 675 -9.60 -7.79 -56.06
N VAL D 676 -8.52 -8.15 -56.77
CA VAL D 676 -7.64 -9.23 -56.35
C VAL D 676 -6.23 -8.65 -56.28
N CYS D 677 -5.57 -8.84 -55.15
CA CYS D 677 -4.20 -8.37 -54.91
C CYS D 677 -3.34 -9.58 -54.57
N GLN D 678 -2.13 -9.62 -55.12
CA GLN D 678 -1.23 -10.75 -54.91
C GLN D 678 0.15 -10.34 -54.46
N LYS D 679 0.83 -11.23 -53.72
CA LYS D 679 2.24 -11.04 -53.44
C LYS D 679 3.01 -10.84 -54.74
N ASP D 680 3.90 -9.84 -54.74
CA ASP D 680 4.58 -9.44 -55.96
C ASP D 680 5.56 -10.51 -56.43
N SER D 681 6.36 -11.06 -55.52
CA SER D 681 7.33 -12.11 -55.86
C SER D 681 8.26 -11.66 -56.99
N ALA D 682 8.48 -10.36 -57.10
CA ALA D 682 9.42 -9.80 -58.07
C ALA D 682 10.39 -8.80 -57.46
N ALA D 683 11.56 -8.71 -58.10
CA ALA D 683 12.67 -7.79 -57.79
C ALA D 683 13.45 -8.12 -56.53
N THR D 684 13.05 -9.12 -55.74
CA THR D 684 13.81 -9.56 -54.57
C THR D 684 14.18 -8.40 -53.63
N THR D 685 13.31 -7.40 -53.53
CA THR D 685 13.47 -6.28 -52.62
C THR D 685 12.52 -6.47 -51.44
N ASP D 686 13.00 -6.22 -50.22
CA ASP D 686 12.11 -6.37 -49.07
C ASP D 686 10.93 -5.41 -49.19
N GLU D 687 11.18 -4.19 -49.65
CA GLU D 687 10.13 -3.19 -49.78
C GLU D 687 9.08 -3.62 -50.80
N GLU D 688 9.51 -4.14 -51.94
CA GLU D 688 8.58 -4.66 -52.94
C GLU D 688 7.84 -5.91 -52.47
N ARG D 689 8.52 -6.80 -51.74
CA ARG D 689 7.85 -7.97 -51.20
C ARG D 689 6.68 -7.58 -50.31
N GLN D 690 6.86 -6.55 -49.50
CA GLN D 690 5.82 -6.10 -48.58
C GLN D 690 4.77 -5.25 -49.27
N HIS D 691 4.74 -5.25 -50.59
CA HIS D 691 3.73 -4.52 -51.35
C HIS D 691 2.82 -5.56 -52.01
N LEU D 692 1.53 -5.47 -51.70
CA LEU D 692 0.51 -6.29 -52.33
C LEU D 692 -0.02 -5.52 -53.53
N GLN D 693 0.17 -6.07 -54.72
CA GLN D 693 -0.17 -5.36 -55.94
C GLN D 693 -1.58 -5.76 -56.38
N GLU D 694 -2.46 -4.77 -56.50
CA GLU D 694 -3.77 -5.01 -57.09
C GLU D 694 -3.58 -5.40 -58.56
N VAL D 695 -4.00 -6.62 -58.87
CA VAL D 695 -3.84 -7.19 -60.20
C VAL D 695 -5.16 -7.47 -60.89
N GLY D 696 -6.27 -7.47 -60.15
CA GLY D 696 -7.59 -7.60 -60.72
C GLY D 696 -8.52 -6.52 -60.20
N LEU D 697 -9.24 -5.88 -61.13
CA LEU D 697 -10.21 -4.83 -60.81
C LEU D 697 -11.46 -5.10 -61.61
N PHE D 698 -12.62 -5.02 -60.96
CA PHE D 698 -13.88 -5.38 -61.62
C PHE D 698 -15.03 -4.74 -60.86
N HIS D 699 -15.93 -4.07 -61.59
CA HIS D 699 -17.13 -3.47 -61.01
C HIS D 699 -18.25 -4.50 -61.02
N LEU D 700 -18.57 -5.05 -59.86
CA LEU D 700 -19.61 -6.06 -59.78
C LEU D 700 -20.98 -5.43 -59.93
N GLY D 701 -21.18 -4.25 -59.33
CA GLY D 701 -22.47 -3.61 -59.31
C GLY D 701 -23.34 -4.01 -58.15
N GLU D 702 -22.84 -4.85 -57.25
CA GLU D 702 -23.57 -5.31 -56.08
C GLU D 702 -22.70 -5.08 -54.85
N PHE D 703 -23.33 -5.09 -53.69
CA PHE D 703 -22.64 -4.92 -52.41
C PHE D 703 -22.46 -6.30 -51.79
N VAL D 704 -21.21 -6.72 -51.66
CA VAL D 704 -20.89 -8.07 -51.20
C VAL D 704 -20.70 -8.04 -49.69
N ASN D 705 -21.59 -8.71 -48.97
CA ASN D 705 -21.46 -8.81 -47.52
C ASN D 705 -20.61 -9.99 -47.07
N VAL D 706 -20.63 -11.10 -47.81
CA VAL D 706 -20.00 -12.33 -47.33
C VAL D 706 -19.39 -13.09 -48.51
N PHE D 707 -18.17 -13.59 -48.32
CA PHE D 707 -17.54 -14.53 -49.25
C PHE D 707 -17.51 -15.90 -48.58
N CYS D 708 -17.90 -16.94 -49.34
CA CYS D 708 -17.97 -18.30 -48.80
C CYS D 708 -17.39 -19.26 -49.83
N HIS D 709 -16.45 -20.09 -49.37
CA HIS D 709 -15.85 -21.11 -50.21
C HIS D 709 -16.82 -22.29 -50.32
N GLY D 710 -17.17 -22.68 -51.53
CA GLY D 710 -18.05 -23.81 -51.74
C GLY D 710 -18.73 -23.75 -53.08
N SER D 711 -19.50 -24.80 -53.37
CA SER D 711 -20.29 -24.82 -54.59
C SER D 711 -21.57 -25.59 -54.34
N LEU D 712 -22.62 -25.20 -55.05
CA LEU D 712 -23.92 -25.84 -54.97
C LEU D 712 -24.13 -26.90 -56.04
N VAL D 713 -23.20 -27.00 -56.99
CA VAL D 713 -23.27 -28.05 -57.99
C VAL D 713 -22.72 -29.34 -57.38
N MET D 714 -23.12 -30.45 -57.98
CA MET D 714 -22.67 -31.74 -57.49
C MET D 714 -21.19 -31.93 -57.75
N GLN D 715 -20.45 -32.31 -56.72
CA GLN D 715 -19.02 -32.55 -56.82
C GLN D 715 -18.83 -34.06 -56.81
N ASN D 716 -18.37 -34.61 -57.92
CA ASN D 716 -18.13 -36.05 -58.01
C ASN D 716 -16.68 -36.32 -57.64
N LEU D 717 -16.47 -37.29 -56.73
CA LEU D 717 -15.11 -37.56 -56.29
C LEU D 717 -14.22 -37.96 -57.45
N GLY D 718 -14.82 -38.44 -58.54
CA GLY D 718 -14.10 -38.72 -59.77
C GLY D 718 -13.48 -37.45 -60.29
N GLU D 719 -12.17 -37.51 -60.58
CA GLU D 719 -11.48 -36.34 -61.10
C GLU D 719 -12.00 -35.94 -62.48
N THR D 720 -12.36 -34.67 -62.61
CA THR D 720 -12.82 -34.05 -63.85
C THR D 720 -11.92 -32.85 -64.09
N SER D 721 -11.35 -32.75 -65.30
CA SER D 721 -10.44 -31.65 -65.60
C SER D 721 -11.24 -30.42 -66.03
N THR D 722 -11.83 -29.75 -65.04
CA THR D 722 -12.66 -28.60 -65.38
C THR D 722 -11.72 -27.45 -65.77
N PRO D 723 -12.19 -26.54 -66.61
CA PRO D 723 -11.36 -25.35 -66.92
C PRO D 723 -11.19 -24.43 -65.71
N THR D 724 -12.29 -24.22 -65.00
CA THR D 724 -12.29 -23.37 -63.83
C THR D 724 -11.56 -24.06 -62.68
N GLN D 725 -10.87 -23.26 -61.88
CA GLN D 725 -10.19 -23.72 -60.68
C GLN D 725 -10.68 -22.87 -59.52
N GLY D 726 -11.21 -23.51 -58.49
CA GLY D 726 -11.69 -22.80 -57.32
C GLY D 726 -13.18 -22.50 -57.39
N SER D 727 -13.75 -22.21 -56.21
CA SER D 727 -15.17 -21.81 -56.17
C SER D 727 -15.43 -21.01 -54.90
N VAL D 728 -15.63 -19.70 -55.03
CA VAL D 728 -16.06 -18.84 -53.93
C VAL D 728 -17.43 -18.26 -54.24
N LEU D 729 -18.38 -18.45 -53.32
CA LEU D 729 -19.72 -17.89 -53.42
C LEU D 729 -19.82 -16.60 -52.62
N PHE D 730 -20.58 -15.63 -53.14
CA PHE D 730 -20.76 -14.37 -52.42
C PHE D 730 -22.22 -13.95 -52.38
N GLY D 731 -22.63 -13.37 -51.25
CA GLY D 731 -23.98 -12.88 -51.05
C GLY D 731 -24.01 -11.36 -51.04
N THR D 732 -25.12 -10.79 -51.52
CA THR D 732 -25.21 -9.35 -51.72
C THR D 732 -26.49 -8.81 -51.09
N VAL D 733 -26.57 -7.48 -51.05
CA VAL D 733 -27.70 -6.81 -50.42
C VAL D 733 -28.97 -6.99 -51.25
N ASN D 734 -28.85 -7.00 -52.57
CA ASN D 734 -30.01 -7.14 -53.44
C ASN D 734 -30.38 -8.60 -53.68
N GLY D 735 -29.81 -9.52 -52.91
CA GLY D 735 -30.14 -10.93 -53.03
C GLY D 735 -29.33 -11.72 -54.02
N MET D 736 -28.44 -11.08 -54.77
CA MET D 736 -27.64 -11.83 -55.71
C MET D 736 -26.71 -12.80 -54.99
N ILE D 737 -26.62 -14.00 -55.53
CA ILE D 737 -25.62 -14.99 -55.16
C ILE D 737 -24.73 -15.17 -56.39
N GLY D 738 -23.41 -15.15 -56.19
CA GLY D 738 -22.48 -15.19 -57.31
C GLY D 738 -21.29 -16.08 -56.99
N LEU D 739 -20.51 -16.36 -58.03
CA LEU D 739 -19.41 -17.31 -57.93
C LEU D 739 -18.17 -16.70 -58.54
N VAL D 740 -17.06 -16.80 -57.80
CA VAL D 740 -15.75 -16.36 -58.26
C VAL D 740 -14.87 -17.59 -58.38
N THR D 741 -14.24 -17.76 -59.54
CA THR D 741 -13.32 -18.86 -59.76
C THR D 741 -12.13 -18.32 -60.55
N SER D 742 -11.04 -19.09 -60.55
CA SER D 742 -9.82 -18.70 -61.23
C SER D 742 -9.75 -19.37 -62.60
N LEU D 743 -8.91 -18.80 -63.48
CA LEU D 743 -8.71 -19.30 -64.84
C LEU D 743 -7.21 -19.40 -65.11
N SER D 744 -6.85 -20.26 -66.07
CA SER D 744 -5.46 -20.34 -66.48
C SER D 744 -5.13 -19.17 -67.41
N GLU D 745 -3.83 -18.87 -67.52
CA GLU D 745 -3.45 -17.77 -68.40
C GLU D 745 -4.01 -17.97 -69.81
N SER D 746 -3.90 -19.20 -70.35
CA SER D 746 -4.43 -19.48 -71.68
C SER D 746 -5.94 -19.29 -71.72
N TRP D 747 -6.65 -19.72 -70.68
CA TRP D 747 -8.11 -19.63 -70.66
C TRP D 747 -8.57 -18.18 -70.57
N TYR D 748 -7.87 -17.35 -69.78
CA TYR D 748 -8.25 -15.95 -69.66
C TYR D 748 -8.21 -15.25 -71.01
N ASN D 749 -7.11 -15.40 -71.74
CA ASN D 749 -6.97 -14.68 -73.00
C ASN D 749 -8.05 -15.07 -73.99
N LEU D 750 -8.41 -16.35 -74.02
CA LEU D 750 -9.49 -16.79 -74.91
C LEU D 750 -10.82 -16.18 -74.51
N LEU D 751 -11.15 -16.23 -73.23
CA LEU D 751 -12.44 -15.75 -72.77
C LEU D 751 -12.51 -14.24 -72.85
N LEU D 752 -11.37 -13.57 -72.65
CA LEU D 752 -11.30 -12.12 -72.87
C LEU D 752 -11.50 -11.79 -74.34
N ASP D 753 -10.80 -12.51 -75.22
CA ASP D 753 -10.95 -12.29 -76.65
C ASP D 753 -12.39 -12.42 -77.09
N MET D 754 -13.13 -13.37 -76.51
CA MET D 754 -14.54 -13.53 -76.86
C MET D 754 -15.38 -12.36 -76.35
N GLN D 755 -15.05 -11.85 -75.16
CA GLN D 755 -15.77 -10.68 -74.65
C GLN D 755 -15.68 -9.53 -75.66
N ASN D 756 -14.46 -9.20 -76.09
CA ASN D 756 -14.29 -8.14 -77.07
C ASN D 756 -15.04 -8.45 -78.36
N ARG D 757 -15.15 -9.74 -78.72
CA ARG D 757 -15.93 -10.12 -79.90
C ARG D 757 -17.43 -10.04 -79.64
N LEU D 758 -17.85 -10.54 -78.49
CA LEU D 758 -19.27 -10.54 -78.16
C LEU D 758 -19.79 -9.10 -78.07
N ASN D 759 -18.96 -8.19 -77.57
CA ASN D 759 -19.39 -6.81 -77.38
C ASN D 759 -19.69 -6.12 -78.70
N LYS D 760 -19.00 -6.49 -79.77
CA LYS D 760 -19.32 -5.92 -81.09
C LYS D 760 -20.64 -6.45 -81.62
N VAL D 761 -21.03 -7.65 -81.18
CA VAL D 761 -22.18 -8.37 -81.74
C VAL D 761 -23.47 -8.04 -80.99
N ILE D 762 -23.41 -8.00 -79.67
CA ILE D 762 -24.61 -7.92 -78.83
C ILE D 762 -25.03 -6.47 -78.70
N LYS D 763 -26.32 -6.21 -78.89
CA LYS D 763 -26.89 -4.87 -78.74
C LYS D 763 -27.32 -4.75 -77.29
N SER D 764 -26.81 -3.73 -76.59
CA SER D 764 -27.16 -3.54 -75.19
C SER D 764 -28.33 -2.57 -75.07
N VAL D 765 -29.13 -2.75 -74.01
CA VAL D 765 -30.23 -1.83 -73.73
C VAL D 765 -29.63 -0.48 -73.38
N GLY D 766 -30.12 0.57 -74.05
CA GLY D 766 -29.57 1.89 -73.85
C GLY D 766 -28.24 2.12 -74.53
N LYS D 767 -27.72 1.12 -75.24
CA LYS D 767 -26.44 1.22 -75.95
C LYS D 767 -25.33 1.68 -75.01
N ILE D 768 -25.26 1.00 -73.87
CA ILE D 768 -24.20 1.25 -72.88
C ILE D 768 -23.02 0.35 -73.21
N GLU D 769 -21.84 0.95 -73.39
CA GLU D 769 -20.63 0.20 -73.66
C GLU D 769 -20.30 -0.73 -72.49
N HIS D 770 -20.13 -2.02 -72.79
CA HIS D 770 -19.84 -2.99 -71.72
C HIS D 770 -18.55 -2.65 -70.99
N SER D 771 -17.51 -2.29 -71.73
CA SER D 771 -16.22 -2.01 -71.10
C SER D 771 -16.36 -0.93 -70.04
N PHE D 772 -17.19 0.08 -70.30
CA PHE D 772 -17.44 1.14 -69.32
C PHE D 772 -18.14 0.60 -68.07
N TRP D 773 -19.20 -0.19 -68.26
CA TRP D 773 -19.97 -0.71 -67.15
C TRP D 773 -19.12 -1.48 -66.16
N ARG D 774 -18.29 -2.40 -66.63
CA ARG D 774 -17.49 -3.22 -65.73
C ARG D 774 -16.20 -2.54 -65.27
N SER D 775 -15.89 -1.34 -65.75
CA SER D 775 -14.72 -0.62 -65.26
C SER D 775 -14.87 -0.22 -63.79
N PHE D 776 -13.78 -0.40 -63.05
CA PHE D 776 -13.69 0.00 -61.65
C PHE D 776 -14.10 1.47 -61.48
N HIS D 777 -14.96 1.73 -60.50
CA HIS D 777 -15.50 3.08 -60.33
C HIS D 777 -15.72 3.36 -58.85
N THR D 778 -15.01 4.35 -58.34
CA THR D 778 -15.26 5.01 -57.07
C THR D 778 -15.56 6.46 -57.41
N GLU D 779 -16.03 7.24 -56.43
CA GLU D 779 -16.29 8.63 -56.79
C GLU D 779 -15.03 9.34 -57.25
N ARG D 780 -13.86 8.80 -56.91
CA ARG D 780 -12.59 9.44 -57.18
C ARG D 780 -11.74 8.69 -58.19
N LYS D 781 -12.12 7.46 -58.57
CA LYS D 781 -11.35 6.71 -59.53
C LYS D 781 -12.30 6.04 -60.51
N THR D 782 -11.87 5.95 -61.76
CA THR D 782 -12.53 5.13 -62.78
C THR D 782 -11.40 4.53 -63.60
N GLU D 783 -11.19 3.23 -63.44
CA GLU D 783 -10.10 2.51 -64.10
C GLU D 783 -10.58 1.29 -64.85
N PRO D 784 -9.87 0.93 -65.92
CA PRO D 784 -10.29 -0.22 -66.73
C PRO D 784 -10.23 -1.52 -65.96
N ALA D 785 -11.18 -2.40 -66.26
CA ALA D 785 -11.22 -3.71 -65.62
C ALA D 785 -10.01 -4.52 -66.06
N THR D 786 -9.47 -5.33 -65.14
CA THR D 786 -8.32 -6.17 -65.44
C THR D 786 -8.46 -7.46 -64.64
N GLY D 787 -8.11 -8.58 -65.26
CA GLY D 787 -8.02 -9.83 -64.54
C GLY D 787 -9.32 -10.53 -64.28
N PHE D 788 -10.43 -10.05 -64.85
CA PHE D 788 -11.75 -10.61 -64.57
C PHE D 788 -12.50 -10.85 -65.87
N ILE D 789 -13.11 -12.04 -65.98
CA ILE D 789 -13.95 -12.38 -67.12
C ILE D 789 -15.40 -12.26 -66.67
N ASP D 790 -16.17 -11.42 -67.36
CA ASP D 790 -17.59 -11.31 -67.05
C ASP D 790 -18.28 -12.59 -67.51
N GLY D 791 -18.45 -13.52 -66.57
CA GLY D 791 -19.02 -14.80 -66.91
C GLY D 791 -20.42 -14.68 -67.50
N ASP D 792 -21.19 -13.70 -67.04
CA ASP D 792 -22.54 -13.55 -67.56
C ASP D 792 -22.52 -13.13 -69.02
N LEU D 793 -21.48 -12.42 -69.45
CA LEU D 793 -21.29 -12.14 -70.88
C LEU D 793 -20.91 -13.38 -71.65
N ILE D 794 -19.98 -14.18 -71.12
CA ILE D 794 -19.56 -15.39 -71.82
C ILE D 794 -20.75 -16.31 -72.00
N GLU D 795 -21.60 -16.40 -70.99
CA GLU D 795 -22.75 -17.31 -71.04
C GLU D 795 -23.89 -16.81 -71.90
N SER D 796 -23.80 -15.60 -72.44
CA SER D 796 -24.79 -15.14 -73.39
C SER D 796 -24.49 -15.56 -74.82
N PHE D 797 -23.24 -15.97 -75.09
CA PHE D 797 -22.89 -16.54 -76.39
C PHE D 797 -23.85 -17.65 -76.77
N LEU D 798 -24.30 -18.44 -75.79
CA LEU D 798 -25.20 -19.54 -76.09
C LEU D 798 -26.60 -19.08 -76.45
N ASP D 799 -26.92 -17.79 -76.26
CA ASP D 799 -28.27 -17.30 -76.51
C ASP D 799 -28.38 -16.42 -77.74
N ILE D 800 -27.29 -16.13 -78.44
CA ILE D 800 -27.35 -15.34 -79.66
C ILE D 800 -27.60 -16.29 -80.84
N SER D 801 -28.20 -15.75 -81.90
CA SER D 801 -28.59 -16.58 -83.03
C SER D 801 -27.36 -17.16 -83.72
N ARG D 802 -27.57 -18.28 -84.41
CA ARG D 802 -26.46 -18.95 -85.09
C ARG D 802 -25.70 -18.00 -86.00
N PRO D 803 -26.33 -17.12 -86.77
CA PRO D 803 -25.54 -16.17 -87.57
C PRO D 803 -24.55 -15.35 -86.77
N LYS D 804 -24.95 -14.86 -85.59
CA LYS D 804 -24.06 -14.02 -84.80
C LYS D 804 -22.92 -14.84 -84.19
N MET D 805 -23.21 -16.08 -83.78
CA MET D 805 -22.14 -16.95 -83.30
C MET D 805 -21.05 -17.10 -84.34
N GLN D 806 -21.45 -17.32 -85.60
CA GLN D 806 -20.47 -17.44 -86.68
C GLN D 806 -19.70 -16.16 -86.86
N GLU D 807 -20.35 -15.01 -86.64
CA GLU D 807 -19.65 -13.73 -86.68
C GLU D 807 -18.62 -13.63 -85.54
N VAL D 808 -18.96 -14.15 -84.37
CA VAL D 808 -18.07 -14.01 -83.21
C VAL D 808 -16.76 -14.75 -83.45
N VAL D 809 -16.83 -15.94 -84.06
CA VAL D 809 -15.64 -16.77 -84.22
C VAL D 809 -14.80 -16.44 -85.45
N ALA D 810 -15.20 -15.47 -86.25
CA ALA D 810 -14.44 -15.14 -87.45
C ALA D 810 -13.01 -14.79 -87.07
N ASN D 811 -12.05 -15.37 -87.79
CA ASN D 811 -10.62 -15.14 -87.56
C ASN D 811 -10.19 -15.46 -86.13
N LEU D 812 -10.86 -16.41 -85.50
CA LEU D 812 -10.51 -16.87 -84.16
C LEU D 812 -9.88 -18.23 -84.35
N GLN D 813 -8.75 -18.46 -83.70
CA GLN D 813 -8.06 -19.74 -83.83
C GLN D 813 -8.32 -20.40 -82.48
N TYR D 814 -9.03 -21.52 -82.50
CA TYR D 814 -9.38 -22.18 -81.25
C TYR D 814 -8.14 -22.97 -80.85
N ASP D 815 -7.94 -23.11 -79.55
CA ASP D 815 -6.78 -23.83 -79.04
C ASP D 815 -7.37 -25.15 -78.60
N ASP D 816 -7.10 -26.20 -79.38
CA ASP D 816 -7.66 -27.51 -79.07
C ASP D 816 -7.04 -28.05 -77.78
N GLY D 817 -5.80 -27.70 -77.50
CA GLY D 817 -5.05 -28.30 -76.44
C GLY D 817 -4.34 -29.57 -76.86
N SER D 818 -4.47 -29.96 -78.14
CA SER D 818 -3.70 -31.05 -78.70
C SER D 818 -2.46 -30.56 -79.41
N GLY D 819 -1.95 -29.40 -79.00
CA GLY D 819 -0.81 -28.80 -79.66
C GLY D 819 -1.12 -28.16 -80.99
N MET D 820 -2.38 -28.23 -81.45
CA MET D 820 -2.77 -27.75 -82.77
C MET D 820 -3.87 -26.70 -82.61
N LYS D 821 -3.63 -25.51 -83.16
CA LYS D 821 -4.57 -24.41 -83.21
C LYS D 821 -5.23 -24.37 -84.59
N ARG D 822 -6.56 -24.34 -84.63
CA ARG D 822 -7.32 -24.40 -85.87
C ARG D 822 -8.44 -23.38 -85.82
N GLU D 823 -8.79 -22.81 -86.98
CA GLU D 823 -9.86 -21.83 -87.01
C GLU D 823 -11.04 -22.36 -86.19
N ALA D 824 -11.64 -21.47 -85.42
CA ALA D 824 -12.63 -21.88 -84.43
C ALA D 824 -14.01 -21.91 -85.06
N THR D 825 -14.74 -22.98 -84.79
CA THR D 825 -16.13 -23.11 -85.19
C THR D 825 -17.06 -22.75 -84.04
N ALA D 826 -18.29 -22.40 -84.39
CA ALA D 826 -19.29 -22.09 -83.38
C ALA D 826 -19.50 -23.27 -82.45
N ASP D 827 -19.37 -24.49 -82.97
CA ASP D 827 -19.55 -25.68 -82.13
C ASP D 827 -18.42 -25.84 -81.12
N ASP D 828 -17.21 -25.39 -81.46
CA ASP D 828 -16.10 -25.45 -80.51
C ASP D 828 -16.35 -24.57 -79.28
N LEU D 829 -16.77 -23.32 -79.51
CA LEU D 829 -17.03 -22.42 -78.40
C LEU D 829 -18.28 -22.82 -77.63
N ILE D 830 -19.29 -23.35 -78.32
CA ILE D 830 -20.49 -23.81 -77.63
C ILE D 830 -20.14 -24.89 -76.63
N LYS D 831 -19.10 -25.69 -76.91
CA LYS D 831 -18.63 -26.66 -75.93
C LYS D 831 -17.98 -25.97 -74.74
N VAL D 832 -17.13 -24.97 -75.01
CA VAL D 832 -16.43 -24.28 -73.93
C VAL D 832 -17.42 -23.57 -73.02
N VAL D 833 -18.37 -22.85 -73.60
CA VAL D 833 -19.32 -22.10 -72.78
C VAL D 833 -20.22 -23.04 -71.99
N GLU D 834 -20.71 -24.10 -72.64
CA GLU D 834 -21.59 -25.03 -71.94
C GLU D 834 -20.88 -25.67 -70.76
N GLU D 835 -19.57 -25.90 -70.88
CA GLU D 835 -18.79 -26.34 -69.73
C GLU D 835 -18.82 -25.30 -68.63
N LEU D 836 -18.66 -24.02 -68.98
CA LEU D 836 -18.63 -22.97 -67.97
C LEU D 836 -19.98 -22.80 -67.29
N THR D 837 -21.08 -23.17 -67.95
CA THR D 837 -22.37 -23.07 -67.27
C THR D 837 -22.55 -24.14 -66.18
N ARG D 838 -21.70 -25.15 -66.13
CA ARG D 838 -21.86 -26.23 -65.18
C ARG D 838 -21.24 -25.94 -63.81
N ILE D 839 -20.43 -24.89 -63.69
CA ILE D 839 -19.80 -24.56 -62.41
C ILE D 839 -20.78 -24.04 -61.37
N HIS D 840 -21.98 -23.63 -61.78
CA HIS D 840 -22.97 -23.06 -60.89
C HIS D 840 -24.39 -23.54 -61.18
N THR E 7 21.60 14.51 -23.68
CA THR E 7 20.65 15.61 -23.72
C THR E 7 19.69 15.36 -24.89
N GLU E 8 18.63 16.18 -24.95
CA GLU E 8 17.62 16.07 -26.00
C GLU E 8 18.18 16.35 -27.40
N SER E 9 19.31 17.05 -27.49
CA SER E 9 19.85 17.50 -28.77
C SER E 9 20.72 16.48 -29.49
N ASP E 10 21.24 15.47 -28.79
CA ASP E 10 22.28 14.59 -29.31
C ASP E 10 21.66 13.52 -30.21
N TRP E 11 21.31 13.94 -31.43
CA TRP E 11 20.66 13.06 -32.38
C TRP E 11 21.65 12.09 -33.03
N GLY E 12 21.12 10.98 -33.53
CA GLY E 12 21.91 9.99 -34.23
C GLY E 12 22.59 8.96 -33.35
N LYS E 13 22.51 9.12 -32.03
CA LYS E 13 23.21 8.24 -31.09
C LYS E 13 22.29 7.18 -30.49
N ARG E 14 21.10 7.59 -30.06
CA ARG E 14 20.15 6.67 -29.44
C ARG E 14 19.74 5.58 -30.42
N CYS E 15 19.53 4.37 -29.90
CA CYS E 15 19.24 3.21 -30.74
C CYS E 15 17.74 3.08 -31.00
N VAL E 16 17.41 2.49 -32.15
CA VAL E 16 16.01 2.23 -32.48
C VAL E 16 15.42 1.11 -31.62
N ASP E 17 16.26 0.42 -30.83
CA ASP E 17 15.70 -0.50 -29.84
C ASP E 17 14.73 0.20 -28.92
N LYS E 18 14.91 1.50 -28.68
CA LYS E 18 14.07 2.25 -27.77
C LYS E 18 12.67 2.44 -28.31
N PHE E 19 12.40 1.96 -29.52
CA PHE E 19 11.06 1.99 -30.11
C PHE E 19 10.60 0.58 -30.37
N ASP E 20 9.37 0.29 -29.90
CA ASP E 20 8.67 -0.95 -30.22
C ASP E 20 7.92 -0.74 -31.52
N ILE E 21 8.28 -1.50 -32.56
CA ILE E 21 7.71 -1.29 -33.89
C ILE E 21 6.32 -1.89 -33.96
N ILE E 22 5.33 -1.08 -34.35
CA ILE E 22 3.95 -1.56 -34.46
C ILE E 22 3.67 -2.14 -35.84
N GLY E 23 4.12 -1.47 -36.90
CA GLY E 23 3.85 -1.96 -38.23
C GLY E 23 4.41 -1.01 -39.27
N ILE E 24 4.08 -1.29 -40.54
CA ILE E 24 4.54 -0.47 -41.66
C ILE E 24 3.36 0.35 -42.14
N ILE E 25 3.51 1.68 -42.06
CA ILE E 25 2.44 2.59 -42.44
C ILE E 25 2.66 3.22 -43.81
N GLY E 26 3.68 2.80 -44.54
CA GLY E 26 3.82 3.23 -45.91
C GLY E 26 5.24 3.09 -46.41
N GLU E 27 5.35 3.01 -47.71
CA GLU E 27 6.61 2.95 -48.43
C GLU E 27 7.03 4.36 -48.78
N GLY E 28 8.24 4.73 -48.37
CA GLY E 28 8.73 6.07 -48.56
C GLY E 28 9.73 6.15 -49.70
N THR E 29 10.32 7.33 -49.84
CA THR E 29 11.27 7.53 -50.93
C THR E 29 12.58 6.80 -50.68
N TYR E 30 13.21 7.07 -49.54
CA TYR E 30 14.51 6.53 -49.16
C TYR E 30 14.43 5.29 -48.29
N GLY E 31 13.25 4.92 -47.82
CA GLY E 31 13.04 3.72 -47.04
C GLY E 31 11.58 3.62 -46.67
N GLN E 32 11.26 2.60 -45.87
CA GLN E 32 9.87 2.43 -45.46
C GLN E 32 9.57 3.28 -44.23
N VAL E 33 8.31 3.61 -44.03
CA VAL E 33 7.84 4.36 -42.87
C VAL E 33 7.09 3.40 -41.95
N TYR E 34 7.44 3.40 -40.66
CA TYR E 34 6.88 2.46 -39.69
C TYR E 34 6.23 3.23 -38.53
N LYS E 35 5.12 2.70 -38.03
CA LYS E 35 4.55 3.18 -36.76
C LYS E 35 5.24 2.51 -35.58
N ALA E 36 5.44 3.27 -34.49
CA ALA E 36 6.10 2.69 -33.32
C ALA E 36 5.68 3.44 -32.06
N LYS E 37 5.93 2.81 -30.91
CA LYS E 37 5.67 3.40 -29.60
C LYS E 37 6.97 3.45 -28.81
N ASP E 38 7.27 4.62 -28.24
CA ASP E 38 8.46 4.75 -27.41
C ASP E 38 8.28 3.92 -26.15
N LYS E 39 9.23 3.04 -25.89
CA LYS E 39 9.14 2.21 -24.70
C LYS E 39 9.18 3.07 -23.45
N ASP E 40 9.89 4.20 -23.53
CA ASP E 40 10.11 5.01 -22.33
C ASP E 40 8.94 5.93 -22.04
N THR E 41 8.38 6.58 -23.06
CA THR E 41 7.34 7.58 -22.86
C THR E 41 5.94 7.12 -23.21
N GLY E 42 5.80 6.04 -23.97
CA GLY E 42 4.51 5.61 -24.45
C GLY E 42 4.03 6.36 -25.69
N GLU E 43 4.81 7.29 -26.19
CA GLU E 43 4.41 8.09 -27.33
C GLU E 43 4.36 7.25 -28.60
N LEU E 44 3.30 7.42 -29.38
CA LEU E 44 3.24 6.88 -30.73
C LEU E 44 4.01 7.80 -31.67
N VAL E 45 4.90 7.22 -32.46
CA VAL E 45 5.75 7.97 -33.38
C VAL E 45 5.70 7.30 -34.75
N ALA E 46 6.34 7.93 -35.72
CA ALA E 46 6.52 7.36 -37.05
C ALA E 46 8.01 7.37 -37.38
N LEU E 47 8.52 6.24 -37.83
CA LEU E 47 9.94 6.10 -38.13
C LEU E 47 10.09 6.02 -39.64
N LYS E 48 10.81 6.98 -40.20
CA LYS E 48 11.20 6.91 -41.61
C LYS E 48 12.59 6.29 -41.69
N LYS E 49 12.69 5.15 -42.35
CA LYS E 49 13.96 4.44 -42.43
C LYS E 49 14.78 5.04 -43.57
N VAL E 50 16.01 5.40 -43.26
CA VAL E 50 16.94 5.92 -44.26
C VAL E 50 18.03 4.88 -44.43
N ARG E 51 18.20 4.39 -45.65
CA ARG E 51 19.17 3.35 -45.94
C ARG E 51 20.35 4.01 -46.64
N LEU E 52 21.48 4.10 -45.93
CA LEU E 52 22.71 4.63 -46.50
C LEU E 52 23.62 3.53 -47.03
N ASP E 53 23.20 2.26 -46.91
CA ASP E 53 24.04 1.15 -47.35
C ASP E 53 24.18 1.11 -48.87
N ASN E 54 23.31 1.82 -49.61
CA ASN E 54 23.46 1.86 -51.07
C ASN E 54 24.86 2.32 -51.45
N GLU E 55 25.38 3.32 -50.76
CA GLU E 55 26.74 3.83 -50.92
C GLU E 55 26.99 4.33 -52.34
N LYS E 56 25.92 4.51 -53.13
CA LYS E 56 26.10 5.17 -54.42
C LYS E 56 26.64 6.59 -54.21
N GLU E 57 26.01 7.34 -53.32
CA GLU E 57 26.45 8.66 -52.90
C GLU E 57 26.19 8.88 -51.41
N GLY E 58 26.18 7.80 -50.62
CA GLY E 58 26.02 7.92 -49.18
C GLY E 58 24.61 8.33 -48.77
N PHE E 59 24.54 9.09 -47.68
CA PHE E 59 23.26 9.51 -47.11
C PHE E 59 22.40 10.20 -48.15
N PRO E 60 21.12 9.82 -48.30
CA PRO E 60 20.29 10.40 -49.37
C PRO E 60 20.06 11.90 -49.16
N ILE E 61 20.08 12.63 -50.27
CA ILE E 61 19.84 14.07 -50.17
C ILE E 61 18.38 14.34 -49.79
N THR E 62 17.45 13.49 -50.24
CA THR E 62 16.06 13.64 -49.84
C THR E 62 15.94 13.69 -48.32
N ALA E 63 16.69 12.83 -47.64
CA ALA E 63 16.68 12.82 -46.18
C ALA E 63 17.48 13.98 -45.60
N ILE E 64 18.56 14.40 -46.27
CA ILE E 64 19.33 15.54 -45.80
C ILE E 64 18.49 16.80 -45.85
N ARG E 65 17.69 16.97 -46.91
CA ARG E 65 16.87 18.16 -46.98
C ARG E 65 15.82 18.18 -45.88
N GLU E 66 15.18 17.02 -45.64
CA GLU E 66 14.10 17.00 -44.67
C GLU E 66 14.63 17.16 -43.25
N ILE E 67 15.86 16.69 -42.98
CA ILE E 67 16.46 16.90 -41.67
C ILE E 67 16.86 18.35 -41.51
N LYS E 68 17.45 18.92 -42.56
CA LYS E 68 17.90 20.30 -42.53
C LYS E 68 16.73 21.26 -42.38
N ILE E 69 15.63 21.00 -43.08
CA ILE E 69 14.53 21.95 -43.09
C ILE E 69 13.66 21.79 -41.85
N LEU E 70 13.33 20.56 -41.49
CA LEU E 70 12.40 20.36 -40.39
C LEU E 70 13.01 20.63 -39.01
N ARG E 71 14.35 20.67 -38.88
CA ARG E 71 14.92 21.16 -37.63
C ARG E 71 14.92 22.69 -37.58
N GLN E 72 14.63 23.36 -38.70
CA GLN E 72 14.44 24.80 -38.71
C GLN E 72 13.00 25.22 -38.52
N LEU E 73 12.05 24.43 -39.03
CA LEU E 73 10.65 24.82 -39.06
C LEU E 73 9.94 24.33 -37.81
N ILE E 74 9.31 25.26 -37.10
CA ILE E 74 8.58 24.97 -35.87
C ILE E 74 7.22 25.65 -36.05
N HIS E 75 6.22 24.89 -36.49
CA HIS E 75 4.87 25.41 -36.63
C HIS E 75 3.86 24.32 -36.34
N ARG E 76 2.66 24.75 -35.92
CA ARG E 76 1.62 23.79 -35.58
C ARG E 76 1.20 22.95 -36.77
N SER E 77 1.30 23.52 -37.98
CA SER E 77 0.84 22.88 -39.20
C SER E 77 2.01 22.36 -40.01
N VAL E 78 3.16 22.15 -39.36
CA VAL E 78 4.35 21.60 -39.99
C VAL E 78 4.82 20.44 -39.14
N VAL E 79 4.99 19.27 -39.76
CA VAL E 79 5.28 18.07 -39.02
C VAL E 79 6.56 18.25 -38.20
N ASN E 80 6.55 17.74 -36.99
CA ASN E 80 7.65 17.92 -36.06
C ASN E 80 8.51 16.67 -36.07
N MET E 81 9.77 16.83 -36.50
CA MET E 81 10.77 15.79 -36.38
C MET E 81 11.31 15.79 -34.95
N LYS E 82 11.17 14.67 -34.26
CA LYS E 82 11.54 14.63 -32.85
C LYS E 82 13.02 14.28 -32.65
N GLU E 83 13.52 13.29 -33.39
CA GLU E 83 14.91 12.87 -33.28
C GLU E 83 15.25 11.91 -34.41
N ILE E 84 16.51 11.46 -34.41
CA ILE E 84 17.02 10.48 -35.37
C ILE E 84 17.72 9.37 -34.59
N VAL E 85 17.37 8.12 -34.89
CA VAL E 85 17.93 6.98 -34.19
C VAL E 85 18.48 6.00 -35.21
N THR E 86 19.31 5.06 -34.73
CA THR E 86 20.06 4.17 -35.60
C THR E 86 19.89 2.72 -35.16
N ASP E 87 20.15 1.83 -36.11
CA ASP E 87 20.23 0.40 -35.80
C ASP E 87 21.40 0.14 -34.86
N LYS E 88 21.30 -0.92 -34.06
CA LYS E 88 22.38 -1.16 -33.12
C LYS E 88 23.71 -1.35 -33.87
N GLN E 89 24.62 -0.40 -33.72
CA GLN E 89 25.94 -0.44 -34.35
C GLN E 89 26.87 -1.33 -33.52
N ASP E 90 26.58 -2.63 -33.54
CA ASP E 90 27.35 -3.59 -32.74
C ASP E 90 28.77 -3.79 -33.26
N ALA E 91 29.14 -3.16 -34.37
CA ALA E 91 30.45 -3.40 -34.95
C ALA E 91 31.46 -2.50 -34.24
N LEU E 92 32.54 -3.11 -33.77
CA LEU E 92 33.60 -2.32 -33.15
C LEU E 92 34.23 -1.37 -34.16
N ASP E 93 34.41 -1.82 -35.41
CA ASP E 93 34.97 -1.01 -36.46
C ASP E 93 33.86 -0.19 -37.10
N PHE E 94 34.06 1.13 -37.19
CA PHE E 94 33.04 1.96 -37.83
C PHE E 94 32.95 1.65 -39.33
N LYS E 95 34.02 1.10 -39.91
CA LYS E 95 34.01 0.72 -41.32
C LYS E 95 32.95 -0.35 -41.57
N LYS E 96 32.81 -1.31 -40.65
CA LYS E 96 31.88 -2.43 -40.86
C LYS E 96 30.41 -1.98 -40.84
N ASP E 97 30.06 -0.99 -40.03
CA ASP E 97 28.65 -0.65 -39.86
C ASP E 97 27.97 -0.39 -41.21
N LYS E 98 26.91 -1.15 -41.51
CA LYS E 98 26.02 -0.83 -42.62
C LYS E 98 24.60 -0.56 -42.14
N GLY E 99 24.41 -0.43 -40.82
CA GLY E 99 23.09 -0.17 -40.27
C GLY E 99 22.54 1.15 -40.75
N ALA E 100 21.22 1.29 -40.64
CA ALA E 100 20.52 2.46 -41.14
C ALA E 100 20.14 3.42 -40.01
N PHE E 101 19.64 4.57 -40.42
CA PHE E 101 19.13 5.62 -39.54
C PHE E 101 17.62 5.74 -39.72
N TYR E 102 16.93 6.09 -38.63
CA TYR E 102 15.48 6.25 -38.64
C TYR E 102 15.15 7.67 -38.24
N LEU E 103 14.28 8.32 -39.01
CA LEU E 103 13.84 9.67 -38.69
C LEU E 103 12.55 9.59 -37.89
N VAL E 104 12.58 10.07 -36.65
CA VAL E 104 11.43 10.01 -35.76
C VAL E 104 10.54 11.22 -36.01
N PHE E 105 9.24 10.98 -36.15
CA PHE E 105 8.25 12.02 -36.39
C PHE E 105 7.07 11.79 -35.44
N GLU E 106 6.33 12.86 -35.13
CA GLU E 106 5.09 12.71 -34.39
C GLU E 106 4.06 11.93 -35.23
N TYR E 107 3.42 10.93 -34.64
CA TYR E 107 2.44 10.14 -35.39
C TYR E 107 1.14 10.92 -35.55
N MET E 108 0.57 10.86 -36.73
CA MET E 108 -0.71 11.47 -37.06
C MET E 108 -1.71 10.38 -37.41
N ASP E 109 -2.94 10.52 -36.94
CA ASP E 109 -3.89 9.41 -37.05
C ASP E 109 -4.25 9.12 -38.50
N HIS E 110 -4.42 10.14 -39.33
CA HIS E 110 -4.88 9.93 -40.69
C HIS E 110 -4.19 10.87 -41.68
N ASP E 111 -4.33 10.54 -42.96
CA ASP E 111 -3.95 11.41 -44.07
C ASP E 111 -5.19 11.70 -44.90
N LEU E 112 -5.20 12.85 -45.57
CA LEU E 112 -6.41 13.26 -46.28
C LEU E 112 -6.80 12.27 -47.36
N MET E 113 -5.82 11.81 -48.15
CA MET E 113 -6.14 10.87 -49.23
C MET E 113 -6.83 9.63 -48.67
N GLY E 114 -6.32 9.08 -47.57
CA GLY E 114 -6.91 7.89 -47.01
C GLY E 114 -8.36 8.09 -46.61
N LEU E 115 -8.68 9.27 -46.07
CA LEU E 115 -10.05 9.54 -45.65
C LEU E 115 -10.94 9.76 -46.86
N LEU E 116 -10.39 10.38 -47.91
CA LEU E 116 -11.21 10.69 -49.09
C LEU E 116 -11.33 9.50 -50.04
N GLU E 117 -10.21 8.80 -50.31
CA GLU E 117 -10.24 7.73 -51.31
C GLU E 117 -11.19 6.61 -50.88
N SER E 118 -11.19 6.28 -49.59
CA SER E 118 -12.13 5.27 -49.09
C SER E 118 -13.56 5.79 -49.07
N GLY E 119 -13.76 7.10 -49.24
CA GLY E 119 -15.10 7.63 -49.17
C GLY E 119 -15.68 7.73 -47.78
N LEU E 120 -14.82 7.77 -46.76
CA LEU E 120 -15.24 7.63 -45.37
C LEU E 120 -15.37 8.93 -44.58
N VAL E 121 -15.19 10.12 -45.17
CA VAL E 121 -15.30 11.35 -44.40
C VAL E 121 -16.29 12.31 -45.05
N HIS E 122 -16.69 13.32 -44.26
CA HIS E 122 -17.50 14.41 -44.80
C HIS E 122 -17.04 15.75 -44.21
N PHE E 123 -16.85 16.75 -45.08
CA PHE E 123 -16.43 18.08 -44.68
C PHE E 123 -17.57 19.07 -44.87
N SER E 124 -17.98 19.73 -43.79
CA SER E 124 -18.88 20.87 -43.85
C SER E 124 -18.10 22.14 -44.16
N GLU E 125 -18.83 23.23 -44.38
CA GLU E 125 -18.13 24.49 -44.63
C GLU E 125 -17.17 24.80 -43.49
N ASP E 126 -17.63 24.64 -42.24
CA ASP E 126 -16.79 25.00 -41.11
C ASP E 126 -15.58 24.07 -40.96
N HIS E 127 -15.71 22.81 -41.38
CA HIS E 127 -14.54 21.93 -41.36
C HIS E 127 -13.51 22.39 -42.37
N ILE E 128 -13.95 22.77 -43.56
CA ILE E 128 -13.01 23.24 -44.57
C ILE E 128 -12.33 24.52 -44.10
N LYS E 129 -13.08 25.42 -43.47
CA LYS E 129 -12.46 26.64 -42.97
C LYS E 129 -11.34 26.31 -41.99
N SER E 130 -11.60 25.43 -41.03
CA SER E 130 -10.57 25.08 -40.07
C SER E 130 -9.41 24.39 -40.75
N PHE E 131 -9.70 23.48 -41.69
CA PHE E 131 -8.63 22.77 -42.40
C PHE E 131 -7.79 23.75 -43.21
N MET E 132 -8.44 24.61 -44.00
CA MET E 132 -7.67 25.44 -44.92
C MET E 132 -6.90 26.51 -44.18
N LYS E 133 -7.43 27.04 -43.06
CA LYS E 133 -6.69 28.04 -42.32
C LYS E 133 -5.40 27.46 -41.76
N GLN E 134 -5.46 26.23 -41.23
CA GLN E 134 -4.26 25.58 -40.75
C GLN E 134 -3.27 25.36 -41.89
N LEU E 135 -3.75 24.79 -43.01
CA LEU E 135 -2.85 24.51 -44.13
C LEU E 135 -2.18 25.79 -44.63
N MET E 136 -2.95 26.84 -44.82
CA MET E 136 -2.38 28.07 -45.35
C MET E 136 -1.51 28.80 -44.33
N GLU E 137 -1.85 28.70 -43.05
CA GLU E 137 -0.96 29.25 -42.03
C GLU E 137 0.36 28.51 -42.03
N GLY E 138 0.32 27.18 -42.11
CA GLY E 138 1.55 26.42 -42.23
C GLY E 138 2.30 26.77 -43.49
N LEU E 139 1.59 26.90 -44.62
CA LEU E 139 2.26 27.24 -45.86
C LEU E 139 2.86 28.64 -45.85
N GLU E 140 2.15 29.63 -45.29
CA GLU E 140 2.75 30.95 -45.22
C GLU E 140 4.00 30.93 -44.36
N TYR E 141 3.95 30.21 -43.23
CA TYR E 141 5.14 30.10 -42.38
C TYR E 141 6.34 29.61 -43.18
N CYS E 142 6.15 28.58 -44.00
CA CYS E 142 7.24 28.09 -44.83
C CYS E 142 7.65 29.13 -45.87
N HIS E 143 6.69 29.79 -46.50
CA HIS E 143 7.03 30.80 -47.50
C HIS E 143 7.75 32.00 -46.88
N LYS E 144 7.34 32.44 -45.68
CA LYS E 144 8.07 33.53 -45.04
C LYS E 144 9.49 33.10 -44.68
N LYS E 145 9.72 31.80 -44.43
CA LYS E 145 11.06 31.26 -44.22
C LYS E 145 11.75 30.87 -45.52
N ASN E 146 11.16 31.25 -46.66
CA ASN E 146 11.73 31.06 -47.98
C ASN E 146 11.97 29.58 -48.31
N PHE E 147 11.00 28.73 -48.02
CA PHE E 147 11.07 27.33 -48.41
C PHE E 147 9.87 27.01 -49.30
N LEU E 148 10.11 26.27 -50.36
CA LEU E 148 9.08 25.83 -51.28
C LEU E 148 8.92 24.34 -51.04
N HIS E 149 7.71 23.91 -50.71
CA HIS E 149 7.47 22.49 -50.47
C HIS E 149 7.63 21.68 -51.75
N ARG E 150 6.93 22.07 -52.82
CA ARG E 150 7.13 21.54 -54.16
C ARG E 150 6.51 20.17 -54.33
N ASP E 151 5.83 19.62 -53.33
CA ASP E 151 5.11 18.37 -53.53
C ASP E 151 3.85 18.34 -52.66
N ILE E 152 2.94 19.29 -52.86
CA ILE E 152 1.72 19.35 -52.07
C ILE E 152 0.67 18.46 -52.73
N LYS E 153 0.24 17.44 -51.99
CA LYS E 153 -0.76 16.49 -52.46
C LYS E 153 -1.50 15.99 -51.22
N CYS E 154 -2.67 15.39 -51.45
CA CYS E 154 -3.51 14.99 -50.32
C CYS E 154 -2.80 13.97 -49.42
N SER E 155 -1.96 13.11 -50.00
CA SER E 155 -1.23 12.15 -49.17
C SER E 155 -0.30 12.86 -48.19
N ASN E 156 0.33 13.96 -48.60
CA ASN E 156 1.28 14.65 -47.73
C ASN E 156 0.62 15.56 -46.68
N ILE E 157 -0.70 15.69 -46.70
CA ILE E 157 -1.44 16.47 -45.69
C ILE E 157 -1.95 15.49 -44.64
N LEU E 158 -1.31 15.50 -43.48
CA LEU E 158 -1.70 14.63 -42.39
C LEU E 158 -2.77 15.31 -41.53
N LEU E 159 -3.66 14.49 -40.97
CA LEU E 159 -4.77 14.96 -40.16
C LEU E 159 -5.02 13.94 -39.05
N ASN E 160 -4.91 14.36 -37.80
CA ASN E 160 -5.29 13.50 -36.69
C ASN E 160 -6.67 13.90 -36.14
N ASN E 161 -7.21 13.05 -35.27
CA ASN E 161 -8.63 13.10 -34.95
C ASN E 161 -9.08 14.39 -34.27
N SER E 162 -8.17 15.15 -33.67
CA SER E 162 -8.59 16.38 -33.00
C SER E 162 -9.01 17.45 -34.00
N GLY E 163 -8.65 17.31 -35.26
CA GLY E 163 -8.92 18.30 -36.26
C GLY E 163 -7.70 19.10 -36.64
N GLN E 164 -6.52 18.64 -36.24
CA GLN E 164 -5.27 19.32 -36.49
C GLN E 164 -4.63 18.83 -37.79
N ILE E 165 -4.24 19.77 -38.61
CA ILE E 165 -3.63 19.50 -39.90
C ILE E 165 -2.14 19.77 -39.75
N LYS E 166 -1.31 18.89 -40.30
CA LYS E 166 0.12 19.14 -40.37
C LYS E 166 0.60 18.75 -41.76
N LEU E 167 1.40 19.62 -42.37
CA LEU E 167 2.04 19.33 -43.64
C LEU E 167 3.29 18.48 -43.43
N ALA E 168 3.56 17.60 -44.40
CA ALA E 168 4.64 16.62 -44.23
C ALA E 168 5.34 16.38 -45.56
N ASP E 169 6.31 15.46 -45.51
CA ASP E 169 7.20 15.14 -46.62
C ASP E 169 7.79 16.38 -47.27
N PHE E 170 8.82 16.94 -46.62
CA PHE E 170 9.57 18.07 -47.14
C PHE E 170 10.80 17.54 -47.83
N GLY E 171 10.67 16.40 -48.50
CA GLY E 171 11.81 15.76 -49.12
C GLY E 171 12.27 16.43 -50.40
N LEU E 172 11.36 17.07 -51.11
CA LEU E 172 11.69 17.83 -52.31
C LEU E 172 11.72 19.33 -52.06
N ALA E 173 11.77 19.74 -50.80
CA ALA E 173 11.68 21.16 -50.47
C ALA E 173 13.06 21.81 -50.57
N ARG E 174 13.08 23.02 -51.12
CA ARG E 174 14.32 23.75 -51.33
C ARG E 174 14.11 25.22 -50.99
N LEU E 175 15.22 25.93 -50.74
CA LEU E 175 15.20 27.34 -50.41
C LEU E 175 15.04 28.17 -51.69
N TYR E 176 14.32 29.28 -51.57
CA TYR E 176 13.99 30.16 -52.70
C TYR E 176 14.40 31.58 -52.38
N ASN E 177 15.09 32.22 -53.33
CA ASN E 177 15.48 33.63 -53.23
C ASN E 177 14.74 34.42 -54.31
N SER E 178 14.13 35.55 -53.91
CA SER E 178 13.42 36.34 -54.90
C SER E 178 14.36 37.00 -55.90
N GLU E 179 15.59 37.31 -55.49
CA GLU E 179 16.64 37.68 -56.42
C GLU E 179 17.37 36.39 -56.80
N GLU E 180 18.59 36.52 -57.32
CA GLU E 180 19.46 35.38 -57.62
C GLU E 180 18.65 34.22 -58.22
N SER E 181 18.00 34.50 -59.35
CA SER E 181 17.24 33.45 -60.02
C SER E 181 18.23 32.44 -60.60
N ARG E 182 18.28 31.25 -60.00
CA ARG E 182 19.13 30.12 -60.31
C ARG E 182 18.29 28.90 -60.63
N PRO E 183 18.85 27.92 -61.34
CA PRO E 183 18.06 26.78 -61.81
C PRO E 183 17.49 25.90 -60.70
N TYR E 184 16.26 25.44 -60.91
CA TYR E 184 15.51 24.56 -60.00
C TYR E 184 15.05 23.32 -60.81
N ASN E 186 12.46 21.14 -62.67
CA ASN E 186 11.16 21.37 -63.29
C ASN E 186 10.25 20.14 -63.13
N LYS E 187 8.93 20.38 -63.13
CA LYS E 187 7.93 19.34 -62.94
C LYS E 187 8.23 18.51 -61.69
N VAL E 188 8.16 19.20 -60.56
CA VAL E 188 8.52 18.60 -59.28
C VAL E 188 7.30 18.18 -58.49
N ILE E 189 6.11 18.73 -58.81
CA ILE E 189 4.92 18.39 -58.05
C ILE E 189 4.20 17.27 -58.80
N THR E 190 3.44 16.46 -58.05
CA THR E 190 2.65 15.39 -58.67
C THR E 190 1.64 15.99 -59.65
N LEU E 191 1.37 15.24 -60.72
CA LEU E 191 0.68 15.83 -61.86
C LEU E 191 -0.68 16.38 -61.48
N TRP E 192 -1.45 15.66 -60.67
CA TRP E 192 -2.81 16.12 -60.38
C TRP E 192 -2.84 17.47 -59.67
N TYR E 193 -1.77 17.85 -58.98
CA TYR E 193 -1.75 19.11 -58.24
C TYR E 193 -0.66 20.04 -58.78
N ARG E 194 -0.35 19.92 -60.06
CA ARG E 194 0.73 20.73 -60.62
C ARG E 194 0.18 21.96 -61.33
N PRO E 195 0.88 23.09 -61.19
CA PRO E 195 0.40 24.35 -61.79
C PRO E 195 0.71 24.43 -63.27
N PRO E 196 -0.02 25.27 -64.02
CA PRO E 196 0.27 25.39 -65.46
C PRO E 196 1.70 25.83 -65.78
N GLU E 197 2.33 26.68 -64.96
CA GLU E 197 3.69 27.10 -65.24
C GLU E 197 4.62 25.89 -65.32
N LEU E 198 4.49 24.94 -64.39
CA LEU E 198 5.39 23.79 -64.39
C LEU E 198 5.10 22.83 -65.53
N LEU E 199 3.87 22.82 -66.03
CA LEU E 199 3.56 21.97 -67.18
C LEU E 199 4.13 22.57 -68.45
N LEU E 200 4.11 23.90 -68.56
CA LEU E 200 4.64 24.63 -69.71
C LEU E 200 6.13 24.94 -69.59
N GLY E 201 6.82 24.36 -68.59
CA GLY E 201 8.27 24.35 -68.56
C GLY E 201 8.98 25.48 -67.85
N GLU E 202 8.39 26.04 -66.80
CA GLU E 202 9.13 27.00 -65.98
C GLU E 202 10.14 26.25 -65.13
N GLU E 203 11.40 26.64 -65.23
CA GLU E 203 12.47 26.04 -64.41
C GLU E 203 12.88 26.94 -63.25
N ARG E 204 12.39 28.17 -63.22
CA ARG E 204 12.60 29.12 -62.12
C ARG E 204 11.23 29.51 -61.54
N TYR E 205 10.57 28.55 -60.91
CA TYR E 205 9.20 28.72 -60.46
C TYR E 205 9.15 29.47 -59.14
N THR E 206 8.01 30.12 -58.89
CA THR E 206 7.79 30.91 -57.68
C THR E 206 7.19 30.04 -56.59
N PRO E 207 7.00 30.60 -55.38
CA PRO E 207 6.27 29.85 -54.35
C PRO E 207 4.79 29.68 -54.66
N ALA E 208 4.32 30.28 -55.75
CA ALA E 208 2.91 30.14 -56.13
C ALA E 208 2.61 28.76 -56.70
N ILE E 209 3.61 27.90 -56.81
CA ILE E 209 3.34 26.50 -57.15
C ILE E 209 2.63 25.81 -55.99
N ASP E 210 3.03 26.11 -54.75
CA ASP E 210 2.39 25.49 -53.60
C ASP E 210 0.98 26.03 -53.40
N VAL E 211 0.74 27.30 -53.76
CA VAL E 211 -0.61 27.85 -53.65
C VAL E 211 -1.54 27.13 -54.63
N TRP E 212 -1.09 26.94 -55.87
CA TRP E 212 -1.92 26.25 -56.85
C TRP E 212 -2.34 24.89 -56.31
N SER E 213 -1.40 24.13 -55.75
CA SER E 213 -1.74 22.82 -55.20
C SER E 213 -2.82 22.94 -54.13
N CYS E 214 -2.65 23.87 -53.20
CA CYS E 214 -3.65 24.02 -52.15
C CYS E 214 -4.99 24.44 -52.70
N GLY E 215 -5.00 25.19 -53.80
CA GLY E 215 -6.27 25.51 -54.45
C GLY E 215 -6.97 24.28 -54.99
N CYS E 216 -6.20 23.39 -55.62
CA CYS E 216 -6.76 22.12 -56.06
C CYS E 216 -7.37 21.35 -54.88
N ILE E 217 -6.68 21.36 -53.73
CA ILE E 217 -7.20 20.65 -52.56
C ILE E 217 -8.48 21.30 -52.09
N LEU E 218 -8.52 22.64 -52.08
CA LEU E 218 -9.73 23.34 -51.68
C LEU E 218 -10.92 22.89 -52.51
N GLY E 219 -10.78 22.90 -53.83
CA GLY E 219 -11.87 22.44 -54.67
C GLY E 219 -12.26 21.00 -54.39
N GLU E 220 -11.26 20.13 -54.24
CA GLU E 220 -11.53 18.72 -53.97
C GLU E 220 -12.31 18.56 -52.68
N LEU E 221 -12.10 19.42 -51.69
CA LEU E 221 -12.84 19.32 -50.44
C LEU E 221 -14.31 19.69 -50.57
N PHE E 222 -14.70 20.41 -51.63
CA PHE E 222 -16.09 20.74 -51.84
C PHE E 222 -16.79 19.75 -52.78
N THR E 223 -16.04 18.95 -53.54
CA THR E 223 -16.64 17.94 -54.40
C THR E 223 -16.39 16.51 -53.94
N LYS E 224 -15.33 16.28 -53.16
CA LYS E 224 -14.84 14.96 -52.78
C LYS E 224 -14.15 14.23 -53.93
N LYS E 225 -13.91 14.90 -55.06
CA LYS E 225 -13.20 14.30 -56.18
C LYS E 225 -12.17 15.31 -56.66
N PRO E 226 -10.93 14.87 -56.92
CA PRO E 226 -9.91 15.82 -57.42
C PRO E 226 -10.40 16.57 -58.66
N ILE E 227 -9.83 17.76 -58.87
CA ILE E 227 -10.32 18.62 -59.93
C ILE E 227 -9.71 18.25 -61.26
N PHE E 228 -8.40 17.98 -61.29
CA PHE E 228 -7.67 17.74 -62.55
C PHE E 228 -7.04 16.35 -62.53
N GLN E 229 -7.78 15.37 -63.04
CA GLN E 229 -7.33 13.99 -63.10
C GLN E 229 -6.87 13.68 -64.52
N ALA E 230 -5.57 13.49 -64.69
CA ALA E 230 -5.00 13.24 -66.02
C ALA E 230 -3.79 12.33 -65.89
N ASN E 231 -3.36 11.81 -67.03
CA ASN E 231 -2.25 10.88 -67.09
C ASN E 231 -0.98 11.44 -67.70
N LEU E 232 -1.08 12.41 -68.60
CA LEU E 232 0.07 13.00 -69.26
C LEU E 232 -0.03 14.51 -69.19
N GLU E 233 1.12 15.19 -69.27
CA GLU E 233 1.11 16.62 -69.03
C GLU E 233 0.16 17.36 -69.96
N LEU E 234 0.05 16.90 -71.22
CA LEU E 234 -0.83 17.62 -72.14
C LEU E 234 -2.30 17.47 -71.73
N ALA E 235 -2.71 16.26 -71.35
CA ALA E 235 -4.09 16.08 -70.91
C ALA E 235 -4.40 16.93 -69.69
N GLN E 236 -3.42 17.07 -68.78
CA GLN E 236 -3.61 17.88 -67.58
C GLN E 236 -3.79 19.36 -67.95
N LEU E 237 -2.92 19.89 -68.81
CA LEU E 237 -3.08 21.27 -69.25
C LEU E 237 -4.44 21.50 -69.89
N GLU E 238 -4.94 20.52 -70.64
CA GLU E 238 -6.25 20.64 -71.28
C GLU E 238 -7.36 20.77 -70.24
N LEU E 239 -7.30 19.95 -69.18
CA LEU E 239 -8.32 20.05 -68.15
C LEU E 239 -8.26 21.40 -67.45
N ILE E 240 -7.06 21.86 -67.11
CA ILE E 240 -6.91 23.18 -66.51
C ILE E 240 -7.53 24.24 -67.41
N SER E 241 -7.28 24.15 -68.72
CA SER E 241 -7.75 25.18 -69.63
C SER E 241 -9.26 25.23 -69.71
N ARG E 242 -9.91 24.07 -69.71
CA ARG E 242 -11.37 24.03 -69.79
C ARG E 242 -12.02 24.81 -68.65
N LEU E 243 -11.37 24.82 -67.49
CA LEU E 243 -11.91 25.43 -66.27
C LEU E 243 -11.40 26.85 -66.05
N CYS E 244 -10.09 27.02 -66.12
CA CYS E 244 -9.43 28.27 -65.78
C CYS E 244 -9.28 29.21 -66.98
N GLY E 245 -9.50 28.71 -68.18
CA GLY E 245 -9.17 29.45 -69.39
C GLY E 245 -7.82 29.03 -69.94
N SER E 246 -7.67 29.14 -71.25
CA SER E 246 -6.42 28.69 -71.86
C SER E 246 -5.31 29.68 -71.53
N PRO E 247 -4.11 29.20 -71.22
CA PRO E 247 -2.96 30.11 -71.05
C PRO E 247 -2.75 30.93 -72.32
N CYS E 248 -2.82 32.25 -72.17
CA CYS E 248 -2.60 33.15 -73.27
C CYS E 248 -2.06 34.46 -72.73
N PRO E 249 -1.32 35.22 -73.55
CA PRO E 249 -0.80 36.51 -73.06
C PRO E 249 -1.88 37.47 -72.58
N ALA E 250 -3.14 37.23 -72.98
CA ALA E 250 -4.21 38.16 -72.60
C ALA E 250 -4.38 38.19 -71.08
N VAL E 251 -4.20 37.06 -70.43
CA VAL E 251 -4.31 36.95 -68.98
C VAL E 251 -2.98 36.64 -68.32
N TRP E 252 -1.97 36.24 -69.09
CA TRP E 252 -0.68 35.79 -68.56
C TRP E 252 0.40 36.33 -69.47
N PRO E 253 0.79 37.60 -69.26
CA PRO E 253 1.63 38.27 -70.28
C PRO E 253 2.95 37.57 -70.56
N ASP E 254 3.53 36.89 -69.58
CA ASP E 254 4.82 36.24 -69.75
C ASP E 254 4.71 34.78 -70.14
N VAL E 255 3.52 34.30 -70.48
CA VAL E 255 3.37 32.90 -70.85
C VAL E 255 4.20 32.59 -72.09
N ILE E 256 4.36 33.58 -72.97
CA ILE E 256 5.11 33.43 -74.21
C ILE E 256 6.57 33.12 -73.96
N ARG E 257 7.09 33.39 -72.75
CA ARG E 257 8.48 33.07 -72.47
C ARG E 257 8.71 31.60 -72.14
N LEU E 258 7.67 30.86 -71.86
CA LEU E 258 7.79 29.49 -71.39
C LEU E 258 8.15 28.54 -72.53
N PRO E 259 9.04 27.58 -72.28
CA PRO E 259 9.48 26.70 -73.38
C PRO E 259 8.35 25.99 -74.12
N TYR E 260 7.36 25.47 -73.42
CA TYR E 260 6.33 24.65 -74.05
C TYR E 260 5.05 25.41 -74.35
N PHE E 261 5.09 26.74 -74.35
CA PHE E 261 3.86 27.48 -74.60
C PHE E 261 3.29 27.14 -75.96
N ASN E 262 4.13 27.17 -77.00
CA ASN E 262 3.68 26.78 -78.33
C ASN E 262 3.53 25.28 -78.45
N THR E 263 4.43 24.51 -77.83
CA THR E 263 4.38 23.06 -77.96
C THR E 263 3.08 22.51 -77.43
N MET E 264 2.75 22.85 -76.18
CA MET E 264 1.58 22.30 -75.52
C MET E 264 0.41 23.28 -75.66
N LYS E 265 -0.07 23.41 -76.89
CA LYS E 265 -1.22 24.27 -77.03
C LYS E 265 -2.48 23.48 -76.69
N PRO E 266 -3.43 24.08 -75.97
CA PRO E 266 -4.69 23.37 -75.69
C PRO E 266 -5.54 23.27 -76.94
N LYS E 267 -6.44 22.30 -76.93
CA LYS E 267 -7.33 22.06 -78.06
C LYS E 267 -8.00 23.35 -78.52
N LYS E 268 -8.46 24.17 -77.58
CA LYS E 268 -9.12 25.43 -77.89
C LYS E 268 -8.50 26.53 -77.04
N GLN E 269 -8.89 27.77 -77.33
CA GLN E 269 -8.59 28.90 -76.45
C GLN E 269 -9.83 29.09 -75.59
N TYR E 270 -9.89 28.35 -74.49
CA TYR E 270 -11.08 28.32 -73.64
C TYR E 270 -11.19 29.58 -72.80
N ARG E 271 -12.41 30.03 -72.58
CA ARG E 271 -12.66 31.07 -71.60
C ARG E 271 -12.72 30.45 -70.21
N ARG E 272 -12.50 31.27 -69.19
CA ARG E 272 -12.57 30.79 -67.82
C ARG E 272 -14.02 30.51 -67.45
N ARG E 273 -14.28 29.33 -66.89
CA ARG E 273 -15.63 28.96 -66.47
C ARG E 273 -15.68 28.59 -64.99
N LEU E 274 -14.60 28.84 -64.25
CA LEU E 274 -14.47 28.31 -62.90
C LEU E 274 -15.68 28.64 -62.02
N ARG E 275 -16.12 29.89 -62.05
CA ARG E 275 -17.24 30.26 -61.18
C ARG E 275 -18.53 29.58 -61.61
N GLU E 276 -18.67 29.29 -62.90
CA GLU E 276 -19.86 28.59 -63.36
C GLU E 276 -19.83 27.13 -62.91
N GLU E 277 -18.68 26.48 -63.06
CA GLU E 277 -18.59 25.06 -62.76
C GLU E 277 -18.62 24.78 -61.26
N PHE E 278 -18.27 25.77 -60.42
CA PHE E 278 -18.31 25.64 -58.97
C PHE E 278 -19.40 26.50 -58.34
N SER E 279 -20.50 26.72 -59.05
CA SER E 279 -21.52 27.65 -58.57
C SER E 279 -22.17 27.21 -57.26
N PHE E 280 -21.94 25.99 -56.81
CA PHE E 280 -22.50 25.50 -55.55
C PHE E 280 -21.60 25.76 -54.35
N ILE E 281 -20.49 26.46 -54.52
CA ILE E 281 -19.57 26.68 -53.41
C ILE E 281 -19.95 28.00 -52.76
N PRO E 282 -19.85 28.13 -51.44
CA PRO E 282 -20.10 29.43 -50.81
C PRO E 282 -19.22 30.50 -51.43
N SER E 283 -19.80 31.71 -51.58
CA SER E 283 -19.11 32.76 -52.32
C SER E 283 -17.77 33.11 -51.67
N ALA E 284 -17.74 33.23 -50.35
CA ALA E 284 -16.49 33.53 -49.67
C ALA E 284 -15.41 32.52 -50.05
N ALA E 285 -15.79 31.23 -50.16
CA ALA E 285 -14.84 30.19 -50.54
C ALA E 285 -14.58 30.22 -52.04
N LEU E 286 -15.65 30.40 -52.84
CA LEU E 286 -15.46 30.47 -54.29
C LEU E 286 -14.48 31.55 -54.68
N ASP E 287 -14.55 32.71 -54.02
CA ASP E 287 -13.60 33.79 -54.28
C ASP E 287 -12.18 33.34 -53.96
N LEU E 288 -12.00 32.60 -52.86
CA LEU E 288 -10.68 32.06 -52.54
C LEU E 288 -10.19 31.10 -53.62
N LEU E 289 -11.05 30.19 -54.06
CA LEU E 289 -10.65 29.24 -55.08
C LEU E 289 -10.24 29.95 -56.36
N ASP E 290 -11.03 30.93 -56.78
CA ASP E 290 -10.74 31.63 -58.02
C ASP E 290 -9.34 32.26 -57.99
N HIS E 291 -8.93 32.77 -56.84
CA HIS E 291 -7.64 33.44 -56.75
C HIS E 291 -6.50 32.46 -56.63
N MET E 292 -6.72 31.32 -55.97
CA MET E 292 -5.68 30.31 -55.85
C MET E 292 -5.44 29.59 -57.17
N LEU E 293 -6.48 29.44 -57.98
CA LEU E 293 -6.37 28.83 -59.31
C LEU E 293 -6.32 29.86 -60.42
N THR E 294 -5.55 30.93 -60.21
CA THR E 294 -5.29 31.94 -61.22
C THR E 294 -4.11 31.46 -62.05
N LEU E 295 -4.23 31.55 -63.37
CA LEU E 295 -3.24 30.90 -64.22
C LEU E 295 -1.86 31.51 -64.06
N ASP E 296 -1.77 32.83 -64.11
CA ASP E 296 -0.47 33.50 -64.08
C ASP E 296 0.07 33.50 -62.65
N PRO E 297 1.21 32.86 -62.39
CA PRO E 297 1.72 32.82 -61.01
C PRO E 297 2.00 34.20 -60.41
N SER E 298 2.21 35.23 -61.23
CA SER E 298 2.38 36.59 -60.72
C SER E 298 1.07 37.28 -60.43
N LYS E 299 -0.07 36.70 -60.84
CA LYS E 299 -1.38 37.19 -60.45
C LYS E 299 -2.09 36.28 -59.44
N ARG E 300 -1.61 35.06 -59.26
CA ARG E 300 -2.16 34.18 -58.25
C ARG E 300 -1.85 34.68 -56.85
N CYS E 301 -2.82 34.53 -55.95
CA CYS E 301 -2.66 35.03 -54.59
C CYS E 301 -1.59 34.23 -53.85
N THR E 302 -1.06 34.84 -52.80
CA THR E 302 -0.07 34.22 -51.93
C THR E 302 -0.74 33.48 -50.77
N ALA E 303 0.07 32.80 -49.96
CA ALA E 303 -0.48 32.19 -48.75
C ALA E 303 -1.02 33.27 -47.80
N GLU E 304 -0.23 34.34 -47.59
CA GLU E 304 -0.68 35.40 -46.70
C GLU E 304 -2.02 35.98 -47.16
N GLN E 305 -2.20 36.19 -48.45
CA GLN E 305 -3.43 36.77 -48.95
C GLN E 305 -4.64 35.88 -48.69
N THR E 306 -4.49 34.55 -48.79
CA THR E 306 -5.61 33.66 -48.50
C THR E 306 -6.07 33.79 -47.04
N LEU E 307 -5.13 33.99 -46.13
CA LEU E 307 -5.47 34.20 -44.72
C LEU E 307 -6.22 35.50 -44.54
N GLN E 308 -6.07 36.46 -45.45
CA GLN E 308 -6.82 37.71 -45.42
C GLN E 308 -8.01 37.66 -46.38
N SER E 309 -8.68 36.52 -46.47
CA SER E 309 -9.87 36.37 -47.29
C SER E 309 -11.11 36.36 -46.41
N ASP E 310 -12.24 36.72 -47.01
CA ASP E 310 -13.49 36.63 -46.28
C ASP E 310 -13.73 35.21 -45.76
N PHE E 311 -13.17 34.22 -46.45
CA PHE E 311 -13.41 32.82 -46.07
C PHE E 311 -12.64 32.43 -44.82
N LEU E 312 -11.37 32.82 -44.73
CA LEU E 312 -10.52 32.38 -43.62
C LEU E 312 -10.19 33.48 -42.61
N LYS E 313 -10.41 34.74 -42.96
CA LYS E 313 -9.95 35.86 -42.13
C LYS E 313 -10.44 35.73 -40.70
N ASP E 314 -11.71 35.37 -40.51
CA ASP E 314 -12.34 35.36 -39.21
C ASP E 314 -12.46 33.97 -38.60
N VAL E 315 -11.82 32.97 -39.18
CA VAL E 315 -11.82 31.63 -38.61
C VAL E 315 -10.90 31.60 -37.39
N GLU E 316 -11.42 31.15 -36.26
CA GLU E 316 -10.63 30.98 -35.05
C GLU E 316 -10.36 29.49 -34.86
N LEU E 317 -9.10 29.11 -34.86
CA LEU E 317 -8.75 27.71 -34.75
C LEU E 317 -8.85 27.21 -33.32
N SER E 318 -9.04 28.11 -32.37
CA SER E 318 -9.39 27.69 -31.02
C SER E 318 -10.64 26.82 -31.06
N LYS E 319 -11.62 27.23 -31.87
CA LYS E 319 -12.80 26.42 -32.17
C LYS E 319 -12.51 25.49 -33.36
N MET E 320 -11.53 24.61 -33.16
CA MET E 320 -11.16 23.65 -34.18
C MET E 320 -12.33 22.70 -34.39
N ALA E 321 -12.57 22.32 -35.64
CA ALA E 321 -13.75 21.52 -35.99
C ALA E 321 -13.28 20.17 -36.50
N PRO E 322 -13.49 19.08 -35.75
CA PRO E 322 -13.07 17.76 -36.25
C PRO E 322 -13.84 17.41 -37.51
N PRO E 323 -13.20 16.74 -38.47
CA PRO E 323 -13.98 16.18 -39.58
C PRO E 323 -14.90 15.10 -39.02
N ASP E 324 -15.93 14.75 -39.79
CA ASP E 324 -16.95 13.85 -39.27
C ASP E 324 -16.36 12.49 -38.89
N LEU E 325 -15.51 11.92 -39.73
CA LEU E 325 -14.78 10.71 -39.37
C LEU E 325 -15.74 9.67 -38.78
N PRO E 326 -16.68 9.15 -39.57
CA PRO E 326 -17.55 8.08 -39.05
C PRO E 326 -16.71 6.89 -38.60
N HIS E 327 -16.98 6.41 -37.37
CA HIS E 327 -16.29 5.26 -36.82
C HIS E 327 -17.20 4.19 -36.24
N TRP E 328 -18.51 4.37 -36.28
CA TRP E 328 -19.44 3.32 -35.89
C TRP E 328 -20.60 3.37 -36.89
N GLN E 329 -21.33 2.27 -36.98
CA GLN E 329 -22.35 2.06 -38.01
C GLN E 329 -21.72 1.86 -39.37
N ASP E 330 -20.39 1.75 -39.41
CA ASP E 330 -19.63 1.36 -40.58
C ASP E 330 -19.30 -0.13 -40.61
N CYS E 331 -19.37 -0.80 -39.47
CA CYS E 331 -19.26 -2.26 -39.49
C CYS E 331 -20.37 -2.86 -40.33
N HIS E 332 -21.60 -2.42 -40.11
CA HIS E 332 -22.76 -2.87 -40.86
C HIS E 332 -23.57 -1.66 -41.34
N GLU E 333 -23.85 -1.62 -42.63
CA GLU E 333 -24.72 -0.58 -43.17
C GLU E 333 -26.12 -0.81 -42.64
N LEU E 334 -26.81 0.27 -42.27
CA LEU E 334 -28.16 0.10 -41.75
C LEU E 334 -28.96 -0.61 -42.85
N TRP E 335 -29.66 -1.66 -42.47
CA TRP E 335 -30.38 -2.44 -43.47
C TRP E 335 -31.76 -1.85 -43.72
N THR F 24 16.70 21.94 -27.07
CA THR F 24 16.23 21.75 -28.44
C THR F 24 17.44 21.47 -29.35
N LYS F 25 18.26 22.51 -29.63
CA LYS F 25 19.42 22.46 -30.52
C LYS F 25 20.70 22.42 -29.71
N PRO F 26 21.72 21.66 -30.11
CA PRO F 26 22.91 21.52 -29.29
C PRO F 26 23.76 22.79 -29.34
N CYS F 27 24.61 22.95 -28.32
CA CYS F 27 25.49 24.10 -28.21
C CYS F 27 26.81 23.78 -28.88
N TRP F 28 27.17 24.57 -29.89
CA TRP F 28 28.38 24.31 -30.68
C TRP F 28 29.46 25.35 -30.42
N TYR F 29 29.47 25.95 -29.24
CA TYR F 29 30.46 26.95 -28.88
C TYR F 29 31.06 26.57 -27.54
N TRP F 30 32.40 26.63 -27.47
CA TRP F 30 33.22 26.28 -26.31
C TRP F 30 34.00 27.52 -25.87
N ASP F 31 34.76 27.41 -24.78
CA ASP F 31 35.64 28.47 -24.32
C ASP F 31 37.10 28.13 -24.62
N LYS F 32 37.90 29.15 -24.96
CA LYS F 32 39.29 28.85 -25.34
C LYS F 32 39.99 27.95 -24.33
N LYS F 33 39.82 28.23 -23.03
CA LYS F 33 40.45 27.40 -22.01
C LYS F 33 40.06 25.93 -22.15
N ASP F 34 38.91 25.64 -22.78
CA ASP F 34 38.50 24.25 -22.98
C ASP F 34 39.29 23.55 -24.06
N LEU F 35 39.94 24.30 -24.97
CA LEU F 35 40.66 23.66 -26.07
C LEU F 35 41.96 23.00 -25.63
N ALA F 36 42.36 23.20 -24.38
CA ALA F 36 43.51 22.48 -23.82
C ALA F 36 43.14 21.07 -23.44
N HIS F 37 41.86 20.70 -23.58
CA HIS F 37 41.35 19.39 -23.17
C HIS F 37 40.60 18.70 -24.30
N THR F 38 40.99 18.95 -25.55
CA THR F 38 40.40 18.20 -26.64
C THR F 38 40.92 16.77 -26.61
N PRO F 39 40.20 15.83 -27.23
CA PRO F 39 40.75 14.47 -27.35
C PRO F 39 42.16 14.47 -27.89
N SER F 40 42.47 15.39 -28.81
CA SER F 40 43.81 15.43 -29.39
C SER F 40 44.84 15.81 -28.34
N GLN F 41 44.56 16.85 -27.55
CA GLN F 41 45.49 17.23 -26.49
C GLN F 41 45.71 16.09 -25.51
N LEU F 42 44.64 15.40 -25.13
CA LEU F 42 44.75 14.39 -24.09
C LEU F 42 45.39 13.11 -24.59
N GLU F 43 45.56 12.94 -25.89
CA GLU F 43 46.36 11.86 -26.42
C GLU F 43 47.81 12.28 -26.66
N GLY F 44 48.22 13.44 -26.13
CA GLY F 44 49.61 13.83 -26.17
C GLY F 44 49.99 14.77 -27.29
N LEU F 45 49.03 15.20 -28.11
CA LEU F 45 49.32 16.22 -29.11
C LEU F 45 49.42 17.58 -28.43
N ASP F 46 50.46 18.34 -28.79
CA ASP F 46 50.68 19.62 -28.13
C ASP F 46 49.87 20.72 -28.77
N PRO F 47 49.71 21.86 -28.10
CA PRO F 47 48.80 22.89 -28.63
C PRO F 47 49.17 23.37 -30.02
N ALA F 48 50.46 23.57 -30.29
CA ALA F 48 50.86 24.05 -31.61
C ALA F 48 50.49 23.05 -32.69
N THR F 49 50.71 21.76 -32.45
CA THR F 49 50.44 20.75 -33.47
C THR F 49 48.96 20.68 -33.80
N GLU F 50 48.10 20.70 -32.78
CA GLU F 50 46.67 20.67 -33.09
C GLU F 50 46.28 21.91 -33.88
N ALA F 51 46.79 23.08 -33.48
CA ALA F 51 46.50 24.28 -34.25
C ALA F 51 46.93 24.10 -35.70
N ARG F 52 48.13 23.54 -35.91
CA ARG F 52 48.62 23.28 -37.25
C ARG F 52 47.71 22.29 -37.98
N TYR F 53 47.38 21.16 -37.33
CA TYR F 53 46.53 20.18 -38.00
C TYR F 53 45.18 20.79 -38.39
N ARG F 54 44.63 21.66 -37.54
CA ARG F 54 43.37 22.31 -37.87
C ARG F 54 43.53 23.25 -39.05
N ARG F 55 44.64 24.02 -39.07
CA ARG F 55 44.85 24.95 -40.17
C ARG F 55 45.03 24.18 -41.49
N GLU F 56 45.82 23.10 -41.45
CA GLU F 56 46.08 22.34 -42.67
C GLU F 56 44.80 21.73 -43.20
N GLY F 57 44.00 21.12 -42.32
CA GLY F 57 42.76 20.51 -42.76
C GLY F 57 41.78 21.53 -43.31
N ALA F 58 41.67 22.68 -42.64
CA ALA F 58 40.77 23.71 -43.11
C ALA F 58 41.19 24.22 -44.49
N ARG F 59 42.49 24.49 -44.67
CA ARG F 59 42.96 25.00 -45.95
C ARG F 59 42.78 23.94 -47.05
N PHE F 60 42.96 22.67 -46.71
CA PHE F 60 42.70 21.56 -47.63
C PHE F 60 41.26 21.58 -48.12
N ILE F 61 40.30 21.72 -47.21
CA ILE F 61 38.90 21.81 -47.63
C ILE F 61 38.71 23.02 -48.53
N PHE F 62 39.33 24.15 -48.16
CA PHE F 62 39.19 25.37 -48.93
C PHE F 62 39.74 25.18 -50.34
N ASP F 63 40.96 24.66 -50.43
CA ASP F 63 41.60 24.49 -51.73
C ASP F 63 40.94 23.38 -52.54
N VAL F 64 40.59 22.25 -51.91
CA VAL F 64 39.91 21.21 -52.68
C VAL F 64 38.59 21.75 -53.24
N GLY F 65 37.81 22.42 -52.40
CA GLY F 65 36.53 22.94 -52.83
C GLY F 65 36.67 24.09 -53.80
N THR F 66 37.67 24.94 -53.60
CA THR F 66 37.91 26.02 -54.56
C THR F 66 38.22 25.47 -55.94
N ARG F 67 39.07 24.43 -55.99
CA ARG F 67 39.39 23.77 -57.25
C ARG F 67 38.15 23.13 -57.87
N LEU F 68 37.22 22.64 -57.06
CA LEU F 68 35.97 22.07 -57.56
C LEU F 68 34.91 23.10 -57.92
N GLY F 69 35.20 24.38 -57.72
CA GLY F 69 34.25 25.42 -58.08
C GLY F 69 33.13 25.64 -57.10
N LEU F 70 33.37 25.37 -55.82
CA LEU F 70 32.30 25.38 -54.83
C LEU F 70 32.05 26.77 -54.25
N HIS F 71 30.79 27.01 -53.92
CA HIS F 71 30.33 28.24 -53.28
C HIS F 71 31.01 28.47 -51.94
N TYR F 72 31.10 29.75 -51.54
CA TYR F 72 31.84 30.07 -50.33
C TYR F 72 31.19 29.46 -49.09
N ASP F 73 29.86 29.44 -49.04
CA ASP F 73 29.18 28.82 -47.89
C ASP F 73 29.47 27.33 -47.83
N THR F 74 29.61 26.68 -48.99
CA THR F 74 29.88 25.24 -48.98
C THR F 74 31.24 24.94 -48.37
N LEU F 75 32.27 25.74 -48.72
CA LEU F 75 33.59 25.49 -48.16
C LEU F 75 33.56 25.64 -46.64
N ALA F 76 32.86 26.65 -46.15
CA ALA F 76 32.82 26.89 -44.71
C ALA F 76 32.05 25.80 -43.97
N THR F 77 30.90 25.38 -44.50
CA THR F 77 30.12 24.38 -43.80
C THR F 77 30.98 23.15 -43.52
N GLY F 78 31.75 22.72 -44.51
CA GLY F 78 32.70 21.62 -44.30
C GLY F 78 33.73 21.96 -43.25
N ILE F 79 34.24 23.19 -43.26
CA ILE F 79 35.28 23.52 -42.28
C ILE F 79 34.71 23.52 -40.87
N ILE F 80 33.47 23.96 -40.70
CA ILE F 80 32.90 23.95 -39.35
C ILE F 80 32.63 22.53 -38.92
N TYR F 81 32.12 21.69 -39.84
CA TYR F 81 32.01 20.26 -39.55
C TYR F 81 33.37 19.72 -39.10
N PHE F 82 34.42 20.08 -39.85
CA PHE F 82 35.77 19.62 -39.54
C PHE F 82 36.15 20.03 -38.11
N HIS F 83 36.03 21.32 -37.81
CA HIS F 83 36.44 21.78 -36.49
C HIS F 83 35.65 21.08 -35.39
N ARG F 84 34.34 20.92 -35.59
CA ARG F 84 33.50 20.27 -34.59
C ARG F 84 33.90 18.82 -34.40
N PHE F 85 34.18 18.12 -35.51
CA PHE F 85 34.55 16.71 -35.41
C PHE F 85 35.70 16.50 -34.43
N TYR F 86 36.74 17.34 -34.49
CA TYR F 86 37.93 17.15 -33.68
C TYR F 86 37.82 17.79 -32.30
N MET F 87 36.61 18.23 -31.93
CA MET F 87 36.28 18.44 -30.52
C MET F 87 35.78 17.16 -29.86
N PHE F 88 35.50 16.14 -30.66
CA PHE F 88 35.00 14.87 -30.17
C PHE F 88 35.93 13.71 -30.47
N HIS F 89 36.95 13.91 -31.29
CA HIS F 89 37.85 12.85 -31.69
C HIS F 89 39.27 13.38 -31.74
N SER F 90 40.22 12.45 -31.82
CA SER F 90 41.63 12.80 -31.83
C SER F 90 42.16 12.84 -33.25
N PHE F 91 43.04 13.79 -33.52
CA PHE F 91 43.71 13.81 -34.82
C PHE F 91 44.53 12.56 -35.04
N LYS F 92 44.92 11.86 -33.97
CA LYS F 92 45.71 10.65 -34.11
C LYS F 92 44.87 9.45 -34.55
N GLN F 93 43.55 9.51 -34.38
CA GLN F 93 42.69 8.40 -34.75
C GLN F 93 41.95 8.60 -36.06
N PHE F 94 41.78 9.84 -36.50
CA PHE F 94 41.07 10.17 -37.73
C PHE F 94 42.01 11.04 -38.53
N PRO F 95 42.77 10.49 -39.47
CA PRO F 95 43.68 11.31 -40.27
C PRO F 95 42.91 12.47 -40.91
N ARG F 96 43.49 13.66 -40.82
CA ARG F 96 42.71 14.87 -41.01
C ARG F 96 42.25 15.06 -42.45
N TYR F 97 43.10 14.74 -43.43
CA TYR F 97 42.69 15.02 -44.80
C TYR F 97 41.57 14.09 -45.26
N VAL F 98 41.46 12.90 -44.67
CA VAL F 98 40.29 12.06 -44.92
C VAL F 98 39.04 12.70 -44.35
N THR F 99 39.09 13.07 -43.07
CA THR F 99 37.98 13.79 -42.45
C THR F 99 37.59 15.01 -43.25
N GLY F 100 38.58 15.79 -43.69
CA GLY F 100 38.28 16.96 -44.50
C GLY F 100 37.49 16.64 -45.75
N ALA F 101 37.96 15.66 -46.54
CA ALA F 101 37.24 15.29 -47.75
C ALA F 101 35.80 14.89 -47.42
N CYS F 102 35.60 14.14 -46.33
CA CYS F 102 34.27 13.74 -45.92
C CYS F 102 33.41 14.95 -45.56
N CYS F 103 33.97 15.91 -44.81
CA CYS F 103 33.22 17.11 -44.47
C CYS F 103 32.79 17.86 -45.72
N LEU F 104 33.71 18.04 -46.67
CA LEU F 104 33.34 18.74 -47.90
C LEU F 104 32.27 17.95 -48.65
N PHE F 105 32.43 16.64 -48.70
CA PHE F 105 31.46 15.80 -49.40
C PHE F 105 30.07 15.98 -48.82
N LEU F 106 29.94 15.91 -47.49
CA LEU F 106 28.64 16.09 -46.88
C LEU F 106 28.15 17.53 -47.03
N ALA F 107 29.05 18.50 -46.82
CA ALA F 107 28.68 19.91 -46.94
C ALA F 107 28.02 20.17 -48.27
N GLY F 108 28.57 19.58 -49.35
CA GLY F 108 27.97 19.75 -50.67
C GLY F 108 26.54 19.27 -50.74
N LYS F 109 26.23 18.16 -50.06
CA LYS F 109 24.85 17.70 -50.04
C LYS F 109 23.97 18.61 -49.18
N VAL F 110 24.51 19.12 -48.07
CA VAL F 110 23.72 19.98 -47.20
C VAL F 110 23.39 21.28 -47.91
N GLU F 111 24.40 21.90 -48.53
CA GLU F 111 24.24 23.24 -49.10
C GLU F 111 23.75 23.22 -50.55
N GLU F 112 23.37 22.06 -51.07
CA GLU F 112 22.84 21.93 -52.43
C GLU F 112 23.85 22.36 -53.49
N THR F 113 25.12 22.04 -53.25
CA THR F 113 26.17 22.19 -54.26
C THR F 113 26.92 20.88 -54.36
N PRO F 114 26.21 19.79 -54.68
CA PRO F 114 26.81 18.46 -54.52
C PRO F 114 27.88 18.15 -55.56
N LYS F 115 28.85 17.34 -55.13
CA LYS F 115 29.90 16.80 -55.98
C LYS F 115 30.04 15.31 -55.68
N LYS F 116 30.48 14.56 -56.68
CA LYS F 116 30.69 13.12 -56.51
C LYS F 116 31.94 12.88 -55.71
N CYS F 117 31.89 11.86 -54.84
CA CYS F 117 33.03 11.58 -53.98
C CYS F 117 34.30 11.33 -54.78
N LYS F 118 34.18 10.68 -55.95
CA LYS F 118 35.36 10.42 -56.77
C LYS F 118 36.05 11.72 -57.18
N ASP F 119 35.27 12.77 -57.46
CA ASP F 119 35.88 14.03 -57.89
C ASP F 119 36.66 14.66 -56.74
N ILE F 120 36.14 14.55 -55.51
CA ILE F 120 36.85 15.09 -54.36
C ILE F 120 38.17 14.36 -54.16
N ILE F 121 38.16 13.03 -54.31
CA ILE F 121 39.41 12.27 -54.19
C ILE F 121 40.40 12.70 -55.26
N LYS F 122 39.96 12.76 -56.53
CA LYS F 122 40.83 13.20 -57.60
C LYS F 122 41.52 14.51 -57.24
N THR F 123 40.73 15.50 -56.81
CA THR F 123 41.29 16.80 -56.47
C THR F 123 42.24 16.72 -55.29
N ALA F 124 41.89 15.93 -54.27
CA ALA F 124 42.78 15.78 -53.12
C ALA F 124 44.13 15.20 -53.54
N ARG F 125 44.11 14.21 -54.44
CA ARG F 125 45.37 13.66 -54.93
C ARG F 125 46.20 14.76 -55.58
N SER F 126 45.53 15.65 -56.31
CA SER F 126 46.21 16.76 -56.95
C SER F 126 46.93 17.62 -55.91
N LEU F 127 46.30 17.85 -54.76
CA LEU F 127 46.84 18.79 -53.78
C LEU F 127 47.73 18.17 -52.72
N LEU F 128 47.66 16.86 -52.51
CA LEU F 128 48.43 16.22 -51.46
C LEU F 128 49.63 15.49 -52.06
N ASN F 129 50.73 15.47 -51.31
CA ASN F 129 51.90 14.69 -51.70
C ASN F 129 51.64 13.20 -51.38
N ASP F 130 52.63 12.35 -51.68
CA ASP F 130 52.45 10.92 -51.48
C ASP F 130 52.33 10.56 -50.00
N VAL F 131 53.10 11.20 -49.12
CA VAL F 131 52.97 10.92 -47.70
C VAL F 131 51.57 11.25 -47.21
N GLN F 132 51.08 12.43 -47.58
CA GLN F 132 49.78 12.88 -47.11
C GLN F 132 48.66 12.01 -47.65
N PHE F 133 48.67 11.72 -48.96
CA PHE F 133 47.63 10.89 -49.53
C PHE F 133 47.67 9.45 -49.01
N GLY F 134 48.75 9.04 -48.36
CA GLY F 134 48.75 7.73 -47.73
C GLY F 134 47.63 7.58 -46.73
N GLN F 135 47.20 8.68 -46.13
CA GLN F 135 46.09 8.63 -45.18
C GLN F 135 44.86 7.97 -45.77
N PHE F 136 44.64 8.12 -47.08
CA PHE F 136 43.46 7.54 -47.72
C PHE F 136 43.58 6.05 -47.98
N GLY F 137 44.75 5.47 -47.77
CA GLY F 137 44.87 4.03 -47.90
C GLY F 137 44.62 3.51 -49.31
N ASP F 138 44.28 2.22 -49.38
CA ASP F 138 44.17 1.53 -50.66
C ASP F 138 42.89 1.87 -51.42
N ASP F 139 41.81 2.25 -50.72
CA ASP F 139 40.54 2.60 -51.36
C ASP F 139 40.11 3.94 -50.80
N PRO F 140 40.61 5.04 -51.38
CA PRO F 140 40.27 6.37 -50.82
C PRO F 140 38.78 6.66 -50.77
N LYS F 141 38.03 6.40 -51.85
CA LYS F 141 36.60 6.68 -51.78
C LYS F 141 35.96 5.95 -50.61
N GLU F 142 36.33 4.69 -50.39
CA GLU F 142 35.75 3.93 -49.29
C GLU F 142 36.05 4.60 -47.95
N GLU F 143 37.31 4.97 -47.71
CA GLU F 143 37.67 5.61 -46.44
C GLU F 143 36.82 6.85 -46.17
N VAL F 144 36.48 7.61 -47.22
CA VAL F 144 35.67 8.80 -47.04
C VAL F 144 34.22 8.43 -46.78
N MET F 145 33.64 7.60 -47.65
CA MET F 145 32.24 7.25 -47.53
C MET F 145 31.95 6.59 -46.17
N VAL F 146 32.91 5.82 -45.67
CA VAL F 146 32.74 5.13 -44.39
C VAL F 146 32.60 6.14 -43.25
N LEU F 147 33.32 7.26 -43.36
CA LEU F 147 33.37 8.24 -42.28
C LEU F 147 32.09 9.05 -42.19
N GLU F 148 31.32 9.14 -43.28
CA GLU F 148 30.12 9.97 -43.28
C GLU F 148 29.19 9.63 -42.11
N ARG F 149 29.04 8.35 -41.80
CA ARG F 149 28.14 7.99 -40.70
C ARG F 149 28.62 8.60 -39.39
N ILE F 150 29.93 8.48 -39.13
CA ILE F 150 30.47 9.01 -37.88
C ILE F 150 30.39 10.53 -37.88
N LEU F 151 30.62 11.15 -39.05
CA LEU F 151 30.48 12.59 -39.16
C LEU F 151 29.07 13.02 -38.77
N LEU F 152 28.06 12.39 -39.38
CA LEU F 152 26.69 12.75 -39.08
C LEU F 152 26.39 12.57 -37.60
N GLN F 153 26.80 11.44 -37.02
CA GLN F 153 26.55 11.25 -35.60
C GLN F 153 27.29 12.29 -34.76
N THR F 154 28.52 12.60 -35.15
CA THR F 154 29.31 13.54 -34.36
C THR F 154 28.71 14.94 -34.40
N ILE F 155 28.27 15.40 -35.57
CA ILE F 155 27.68 16.73 -35.65
C ILE F 155 26.22 16.69 -35.22
N LYS F 156 25.79 15.56 -34.68
CA LYS F 156 24.47 15.44 -34.07
C LYS F 156 23.37 15.78 -35.07
N PHE F 157 23.63 15.51 -36.35
CA PHE F 157 22.67 15.73 -37.43
C PHE F 157 22.14 17.16 -37.44
N ASP F 158 22.88 18.07 -36.81
CA ASP F 158 22.57 19.50 -36.87
C ASP F 158 23.30 20.01 -38.10
N LEU F 159 22.62 19.90 -39.24
CA LEU F 159 23.27 20.16 -40.53
C LEU F 159 23.24 21.62 -40.92
N GLN F 160 22.28 22.37 -40.40
CA GLN F 160 22.20 23.78 -40.74
C GLN F 160 23.34 24.51 -40.04
N VAL F 161 24.13 25.24 -40.80
CA VAL F 161 25.20 26.07 -40.25
C VAL F 161 25.07 27.42 -40.92
N GLU F 162 25.22 28.49 -40.15
CA GLU F 162 25.29 29.84 -40.70
C GLU F 162 26.69 30.41 -40.57
N HIS F 163 27.07 31.25 -41.52
CA HIS F 163 28.44 31.70 -41.63
C HIS F 163 28.56 33.21 -41.57
N PRO F 164 29.71 33.71 -41.08
CA PRO F 164 29.86 35.15 -40.88
C PRO F 164 29.61 35.99 -42.12
N TYR F 165 29.70 35.39 -43.32
CA TYR F 165 29.56 36.19 -44.53
C TYR F 165 28.21 36.87 -44.58
N GLN F 166 27.14 36.14 -44.26
CA GLN F 166 25.81 36.71 -44.46
C GLN F 166 25.63 37.98 -43.62
N PHE F 167 26.11 37.95 -42.39
CA PHE F 167 25.90 39.05 -41.47
C PHE F 167 26.79 40.23 -41.84
N LEU F 168 27.99 39.95 -42.32
CA LEU F 168 28.84 41.02 -42.85
C LEU F 168 28.14 41.82 -43.94
N LEU F 169 27.43 41.15 -44.84
CA LEU F 169 26.75 41.84 -45.92
C LEU F 169 25.48 42.51 -45.43
N LYS F 170 24.69 41.80 -44.62
CA LYS F 170 23.48 42.37 -44.06
C LYS F 170 23.78 43.62 -43.25
N TYR F 171 24.82 43.56 -42.41
CA TYR F 171 25.15 44.69 -41.56
C TYR F 171 25.72 45.84 -42.38
N ALA F 172 26.57 45.53 -43.36
CA ALA F 172 27.15 46.58 -44.20
C ALA F 172 26.11 47.23 -45.12
N LYS F 173 25.08 46.48 -45.53
CA LYS F 173 24.08 47.09 -46.40
C LYS F 173 23.37 48.25 -45.72
N GLN F 174 23.38 48.27 -44.39
CA GLN F 174 22.72 49.31 -43.62
C GLN F 174 23.63 50.51 -43.38
N LEU F 175 24.87 50.45 -43.85
CA LEU F 175 25.78 51.59 -43.78
C LEU F 175 25.65 52.43 -45.05
N LYS F 176 25.63 53.75 -44.86
CA LYS F 176 25.50 54.69 -45.96
C LYS F 176 26.68 55.65 -45.91
N GLY F 177 27.34 55.81 -47.05
CA GLY F 177 28.52 56.66 -47.12
C GLY F 177 29.22 56.46 -48.45
N ASP F 178 30.48 56.87 -48.50
CA ASP F 178 31.24 56.72 -49.73
C ASP F 178 31.31 55.24 -50.09
N LYS F 179 30.76 54.89 -51.26
CA LYS F 179 30.67 53.48 -51.63
C LYS F 179 32.04 52.82 -51.67
N ASN F 180 33.04 53.53 -52.17
CA ASN F 180 34.38 52.96 -52.24
C ASN F 180 34.94 52.69 -50.84
N LYS F 181 34.74 53.63 -49.92
CA LYS F 181 35.27 53.42 -48.58
C LYS F 181 34.59 52.22 -47.91
N ILE F 182 33.28 52.11 -48.07
CA ILE F 182 32.54 50.98 -47.49
C ILE F 182 32.95 49.69 -48.19
N GLN F 183 33.09 49.73 -49.51
CA GLN F 183 33.50 48.54 -50.24
C GLN F 183 34.86 48.05 -49.76
N LYS F 184 35.80 48.98 -49.54
CA LYS F 184 37.10 48.57 -49.03
C LYS F 184 36.93 47.88 -47.69
N LEU F 185 36.00 48.36 -46.87
CA LEU F 185 35.75 47.73 -45.57
C LEU F 185 35.30 46.29 -45.74
N VAL F 186 34.30 46.07 -46.61
CA VAL F 186 33.74 44.72 -46.74
C VAL F 186 34.82 43.76 -47.21
N GLN F 187 35.58 44.15 -48.23
CA GLN F 187 36.55 43.25 -48.84
C GLN F 187 37.62 42.82 -47.83
N MET F 188 38.15 43.77 -47.05
CA MET F 188 39.11 43.40 -46.01
C MET F 188 38.44 42.48 -44.99
N ALA F 189 37.21 42.81 -44.59
CA ALA F 189 36.49 41.99 -43.61
C ALA F 189 36.24 40.60 -44.17
N TRP F 190 35.82 40.51 -45.44
CA TRP F 190 35.63 39.21 -46.07
C TRP F 190 36.90 38.39 -46.04
N THR F 191 38.03 39.01 -46.39
CA THR F 191 39.29 38.29 -46.31
C THR F 191 39.57 37.84 -44.88
N PHE F 192 39.18 38.65 -43.89
CA PHE F 192 39.38 38.23 -42.50
C PHE F 192 38.47 37.06 -42.12
N VAL F 193 37.26 36.99 -42.67
CA VAL F 193 36.42 35.81 -42.41
C VAL F 193 37.09 34.56 -42.98
N ASN F 194 37.51 34.64 -44.24
CA ASN F 194 38.16 33.50 -44.89
C ASN F 194 39.36 33.01 -44.07
N ASP F 195 40.12 33.93 -43.48
CA ASP F 195 41.24 33.51 -42.66
C ASP F 195 40.77 32.97 -41.31
N SER F 196 39.65 33.49 -40.79
CA SER F 196 39.20 33.02 -39.48
C SER F 196 38.82 31.54 -39.52
N LEU F 197 38.63 30.96 -40.71
CA LEU F 197 38.23 29.57 -40.77
C LEU F 197 39.34 28.62 -40.33
N CYS F 198 40.59 29.06 -40.39
CA CYS F 198 41.70 28.27 -39.90
C CYS F 198 41.82 28.31 -38.39
N THR F 199 40.99 29.11 -37.73
CA THR F 199 41.05 29.27 -36.29
C THR F 199 39.83 28.60 -35.68
N THR F 200 39.87 28.46 -34.36
CA THR F 200 38.79 27.91 -33.58
C THR F 200 37.75 28.94 -33.20
N LEU F 201 37.87 30.16 -33.75
CA LEU F 201 36.85 31.17 -33.50
C LEU F 201 35.47 30.69 -33.92
N SER F 202 35.39 29.85 -34.97
CA SER F 202 34.11 29.27 -35.38
C SER F 202 33.51 28.43 -34.26
N LEU F 203 34.33 27.96 -33.32
CA LEU F 203 33.89 27.13 -32.21
C LEU F 203 33.77 27.92 -30.90
N GLN F 204 34.10 29.21 -30.92
CA GLN F 204 34.08 30.04 -29.72
C GLN F 204 33.04 31.14 -29.74
N TRP F 205 32.75 31.69 -30.91
CA TRP F 205 31.90 32.86 -31.04
C TRP F 205 30.91 32.63 -32.17
N GLU F 206 29.70 33.11 -31.96
CA GLU F 206 28.63 33.03 -32.94
C GLU F 206 29.05 33.76 -34.22
N PRO F 207 28.46 33.38 -35.35
CA PRO F 207 28.88 34.01 -36.61
C PRO F 207 28.65 35.51 -36.64
N GLU F 208 27.52 35.97 -36.10
CA GLU F 208 27.23 37.40 -36.06
C GLU F 208 28.36 38.17 -35.39
N ILE F 209 28.90 37.63 -34.30
CA ILE F 209 29.97 38.31 -33.57
C ILE F 209 31.24 38.37 -34.42
N ILE F 210 31.56 37.29 -35.12
CA ILE F 210 32.73 37.30 -35.99
C ILE F 210 32.57 38.39 -37.04
N ALA F 211 31.38 38.48 -37.62
CA ALA F 211 31.15 39.48 -38.66
C ALA F 211 31.42 40.88 -38.13
N VAL F 212 30.94 41.18 -36.92
CA VAL F 212 31.22 42.49 -36.34
C VAL F 212 32.72 42.66 -36.15
N ALA F 213 33.38 41.63 -35.60
CA ALA F 213 34.81 41.75 -35.30
C ALA F 213 35.62 42.05 -36.55
N VAL F 214 35.32 41.38 -37.68
CA VAL F 214 36.13 41.62 -38.87
C VAL F 214 35.86 43.00 -39.43
N MET F 215 34.61 43.47 -39.34
CA MET F 215 34.34 44.87 -39.67
C MET F 215 35.09 45.80 -38.72
N TYR F 216 35.02 45.50 -37.43
CA TYR F 216 35.73 46.27 -36.41
C TYR F 216 37.22 46.32 -36.71
N LEU F 217 37.79 45.17 -37.08
CA LEU F 217 39.19 45.12 -37.46
C LEU F 217 39.43 45.91 -38.74
N ALA F 218 38.65 45.61 -39.78
CA ALA F 218 38.81 46.33 -41.04
C ALA F 218 38.69 47.83 -40.81
N GLY F 219 37.78 48.24 -39.93
CA GLY F 219 37.63 49.66 -39.66
C GLY F 219 38.89 50.29 -39.08
N ARG F 220 39.46 49.65 -38.05
CA ARG F 220 40.68 50.20 -37.46
C ARG F 220 41.81 50.25 -38.49
N LEU F 221 42.04 49.14 -39.19
CA LEU F 221 43.18 49.12 -40.10
C LEU F 221 43.01 50.15 -41.21
N CYS F 222 41.77 50.36 -41.66
CA CYS F 222 41.50 51.34 -42.70
C CYS F 222 41.32 52.75 -42.18
N LYS F 223 41.48 52.98 -40.87
CA LYS F 223 41.30 54.31 -40.29
C LYS F 223 39.92 54.87 -40.61
N PHE F 224 38.91 54.00 -40.55
CA PHE F 224 37.52 54.37 -40.79
C PHE F 224 36.73 54.37 -39.48
N GLU F 225 35.78 55.30 -39.38
CA GLU F 225 34.89 55.40 -38.23
C GLU F 225 33.52 54.87 -38.65
N ILE F 226 33.29 53.57 -38.46
CA ILE F 226 32.05 52.97 -38.98
C ILE F 226 30.83 53.66 -38.41
N GLN F 227 30.98 54.34 -37.27
CA GLN F 227 29.84 54.98 -36.62
C GLN F 227 29.14 55.96 -37.54
N GLU F 228 29.90 56.71 -38.33
CA GLU F 228 29.32 57.76 -39.14
C GLU F 228 28.42 57.21 -40.23
N TRP F 229 28.69 56.00 -40.68
CA TRP F 229 27.85 55.39 -41.72
C TRP F 229 26.57 54.77 -41.18
N THR F 230 26.41 54.70 -39.86
CA THR F 230 25.25 54.08 -39.26
C THR F 230 24.12 55.08 -39.11
N SER F 231 22.95 54.57 -38.76
CA SER F 231 21.78 55.40 -38.49
C SER F 231 21.97 56.28 -37.25
N LYS F 232 22.83 55.84 -36.32
CA LYS F 232 23.12 56.57 -35.08
C LYS F 232 24.57 57.04 -35.18
N PRO F 233 24.82 58.18 -35.82
CA PRO F 233 26.21 58.56 -36.14
C PRO F 233 27.03 58.95 -34.92
N MET F 234 26.38 59.26 -33.80
CA MET F 234 27.05 59.67 -32.58
C MET F 234 27.08 58.57 -31.52
N TYR F 235 26.67 57.36 -31.90
CA TYR F 235 26.71 56.18 -31.04
C TYR F 235 28.02 55.46 -31.30
N ARG F 236 29.00 55.68 -30.43
CA ARG F 236 30.35 55.20 -30.72
C ARG F 236 30.43 53.69 -30.76
N ARG F 237 29.55 52.99 -30.04
CA ARG F 237 29.50 51.54 -30.10
C ARG F 237 28.59 51.11 -31.24
N TRP F 238 29.13 51.20 -32.47
CA TRP F 238 28.30 50.96 -33.64
C TRP F 238 27.81 49.51 -33.70
N TRP F 239 28.59 48.56 -33.18
CA TRP F 239 28.18 47.16 -33.31
C TRP F 239 26.87 46.86 -32.59
N GLU F 240 26.47 47.69 -31.63
CA GLU F 240 25.25 47.42 -30.87
C GLU F 240 23.99 47.49 -31.73
N GLN F 241 24.03 48.21 -32.86
CA GLN F 241 22.88 48.26 -33.75
C GLN F 241 22.73 46.97 -34.53
N PHE F 242 23.71 46.08 -34.45
CA PHE F 242 23.69 44.80 -35.12
C PHE F 242 23.76 43.60 -34.19
N VAL F 243 24.58 43.67 -33.14
CA VAL F 243 24.75 42.55 -32.23
C VAL F 243 24.77 43.08 -30.81
N GLN F 244 23.71 42.79 -30.06
CA GLN F 244 23.60 43.27 -28.69
C GLN F 244 24.46 42.42 -27.77
N ASP F 245 25.00 43.07 -26.75
CA ASP F 245 25.71 42.38 -25.67
C ASP F 245 27.06 41.84 -26.14
N VAL F 246 27.78 42.62 -26.95
CA VAL F 246 29.12 42.23 -27.35
C VAL F 246 30.11 43.22 -26.73
N PRO F 247 30.92 42.77 -25.78
CA PRO F 247 31.92 43.66 -25.20
C PRO F 247 33.10 43.87 -26.13
N VAL F 248 33.78 45.01 -25.93
CA VAL F 248 34.92 45.35 -26.76
C VAL F 248 36.01 44.28 -26.61
N ASP F 249 36.14 43.73 -25.40
CA ASP F 249 37.13 42.69 -25.15
C ASP F 249 36.99 41.58 -26.18
N VAL F 250 35.76 41.12 -26.39
CA VAL F 250 35.51 40.02 -27.31
C VAL F 250 35.98 40.40 -28.70
N LEU F 251 35.58 41.59 -29.17
CA LEU F 251 36.03 42.03 -30.47
C LEU F 251 37.56 42.14 -30.55
N GLU F 252 38.21 42.50 -29.45
CA GLU F 252 39.66 42.62 -29.48
C GLU F 252 40.33 41.26 -29.38
N ASP F 253 39.75 40.37 -28.59
CA ASP F 253 40.23 38.99 -28.57
C ASP F 253 40.14 38.37 -29.96
N ILE F 254 39.00 38.56 -30.63
CA ILE F 254 38.86 38.03 -31.98
C ILE F 254 39.85 38.70 -32.93
N CYS F 255 39.93 40.03 -32.87
CA CYS F 255 40.88 40.73 -33.74
C CYS F 255 42.29 40.23 -33.48
N HIS F 256 42.66 40.05 -32.22
CA HIS F 256 43.99 39.55 -31.90
C HIS F 256 44.24 38.20 -32.56
N GLN F 257 43.29 37.27 -32.42
CA GLN F 257 43.48 35.93 -32.98
C GLN F 257 43.58 35.98 -34.50
N ILE F 258 42.83 36.87 -35.15
CA ILE F 258 42.93 36.98 -36.60
C ILE F 258 44.30 37.52 -37.00
N LEU F 259 44.75 38.59 -36.33
CA LEU F 259 46.03 39.19 -36.70
C LEU F 259 47.21 38.28 -36.43
N ASP F 260 47.09 37.35 -35.47
CA ASP F 260 48.19 36.44 -35.18
C ASP F 260 48.53 35.56 -36.38
N LEU F 261 47.49 35.11 -37.11
CA LEU F 261 47.74 34.33 -38.32
C LEU F 261 48.64 35.08 -39.30
N TYR F 262 48.40 36.38 -39.44
CA TYR F 262 49.13 37.19 -40.39
C TYR F 262 50.60 37.35 -40.00
N SER F 263 50.89 37.51 -38.70
CA SER F 263 52.28 37.72 -38.29
C SER F 263 53.13 36.47 -38.50
N GLN F 264 52.60 35.30 -38.08
CA GLN F 264 53.33 34.05 -38.30
C GLN F 264 53.42 33.72 -39.79
N GLY F 265 52.29 33.80 -40.50
CA GLY F 265 52.25 33.53 -41.92
C GLY F 265 52.97 34.59 -42.72
N LYS F 266 52.90 34.43 -44.05
CA LYS F 266 53.64 35.33 -44.93
C LYS F 266 52.98 36.70 -45.05
N GLN F 267 51.67 36.74 -45.30
CA GLN F 267 50.96 38.01 -45.47
C GLN F 267 51.00 38.84 -44.19
N GLN F 268 51.00 40.16 -44.37
CA GLN F 268 51.11 41.10 -43.25
C GLN F 268 49.76 41.65 -42.85
N MET F 269 48.83 41.79 -43.80
CA MET F 269 47.47 42.26 -43.61
C MET F 269 46.89 42.42 -45.01
N PRO F 270 45.57 42.30 -45.18
CA PRO F 270 45.02 42.25 -46.54
C PRO F 270 45.29 43.48 -47.38
N HIS F 271 45.18 44.65 -46.77
CA HIS F 271 45.19 45.94 -47.45
C HIS F 271 45.24 45.88 -48.95
N MET G 5 57.07 -14.70 24.81
CA MET G 5 55.98 -15.71 24.68
C MET G 5 55.84 -16.21 23.24
N SER G 6 56.18 -15.37 22.27
CA SER G 6 56.20 -15.76 20.87
C SER G 6 57.57 -15.43 20.29
N TYR G 7 58.00 -16.25 19.32
CA TYR G 7 59.36 -16.18 18.77
C TYR G 7 59.30 -16.22 17.25
N ASN G 8 59.87 -15.20 16.60
CA ASN G 8 59.81 -15.10 15.15
C ASN G 8 61.14 -14.59 14.59
N TYR G 9 61.34 -14.83 13.30
CA TYR G 9 62.57 -14.53 12.57
C TYR G 9 62.20 -13.77 11.32
N VAL G 10 62.87 -12.64 11.06
CA VAL G 10 62.62 -11.81 9.89
C VAL G 10 63.92 -11.60 9.13
N VAL G 11 63.94 -12.00 7.87
CA VAL G 11 65.10 -11.88 7.00
C VAL G 11 64.65 -11.21 5.70
N THR G 12 65.62 -10.60 5.04
CA THR G 12 65.37 -9.81 3.85
C THR G 12 65.72 -10.67 2.64
N ALA G 13 64.71 -11.10 1.89
CA ALA G 13 64.98 -11.88 0.68
C ALA G 13 65.52 -10.99 -0.43
N GLN G 14 64.88 -9.85 -0.65
CA GLN G 14 65.28 -8.86 -1.64
C GLN G 14 65.36 -7.50 -0.99
N LYS G 15 66.46 -6.78 -1.25
CA LYS G 15 66.66 -5.47 -0.67
C LYS G 15 65.74 -4.42 -1.31
N PRO G 16 65.55 -3.28 -0.64
CA PRO G 16 64.74 -2.21 -1.22
C PRO G 16 65.27 -1.79 -2.58
N THR G 17 64.35 -1.65 -3.55
CA THR G 17 64.73 -1.31 -4.91
C THR G 17 64.35 0.10 -5.32
N ALA G 18 63.43 0.73 -4.60
CA ALA G 18 62.98 2.06 -4.95
C ALA G 18 64.02 3.09 -4.53
N VAL G 19 64.26 4.05 -5.41
CA VAL G 19 65.24 5.10 -5.16
C VAL G 19 64.55 6.24 -4.42
N ASN G 20 65.01 6.54 -3.23
CA ASN G 20 64.47 7.60 -2.40
C ASN G 20 65.21 8.92 -2.54
N GLY G 21 66.48 8.89 -2.95
CA GLY G 21 67.27 10.09 -3.17
C GLY G 21 68.61 9.77 -3.83
N CYS G 22 69.14 10.71 -4.62
CA CYS G 22 70.43 10.52 -5.29
C CYS G 22 71.24 11.81 -5.24
N VAL G 23 72.55 11.68 -5.04
CA VAL G 23 73.44 12.83 -5.01
C VAL G 23 74.74 12.53 -5.76
N THR G 24 75.39 13.59 -6.26
CA THR G 24 76.67 13.51 -6.93
C THR G 24 77.71 14.34 -6.18
N GLY G 25 78.98 14.10 -6.50
CA GLY G 25 80.02 14.86 -5.83
C GLY G 25 81.35 14.14 -5.93
N HIS G 26 82.23 14.42 -4.96
CA HIS G 26 83.60 13.92 -4.93
C HIS G 26 83.86 13.33 -3.55
N PHE G 27 83.22 12.19 -3.28
CA PHE G 27 83.18 11.57 -1.95
C PHE G 27 84.29 10.54 -1.75
N THR G 28 84.55 9.70 -2.75
CA THR G 28 85.58 8.66 -2.57
C THR G 28 86.98 9.23 -2.79
N SER G 29 87.14 10.20 -3.70
CA SER G 29 88.42 10.85 -3.94
C SER G 29 88.13 12.23 -4.50
N ALA G 30 89.05 13.18 -4.28
CA ALA G 30 88.82 14.50 -4.83
C ALA G 30 88.77 14.53 -6.35
N GLU G 31 89.21 13.47 -7.02
CA GLU G 31 89.24 13.41 -8.48
C GLU G 31 88.03 12.68 -9.07
N ASP G 32 87.62 11.57 -8.47
CA ASP G 32 86.51 10.81 -9.03
C ASP G 32 85.20 11.59 -8.91
N LEU G 33 84.34 11.45 -9.91
CA LEU G 33 82.96 11.91 -9.84
C LEU G 33 82.08 10.75 -9.37
N ASN G 34 81.38 10.95 -8.26
CA ASN G 34 80.61 9.89 -7.62
C ASN G 34 79.12 10.07 -7.87
N LEU G 35 78.39 8.96 -7.71
CA LEU G 35 76.93 8.96 -7.63
C LEU G 35 76.57 8.15 -6.39
N LEU G 36 76.00 8.81 -5.40
CA LEU G 36 75.48 8.15 -4.21
C LEU G 36 73.96 8.02 -4.34
N ILE G 37 73.47 6.78 -4.27
CA ILE G 37 72.04 6.51 -4.35
C ILE G 37 71.58 5.97 -3.02
N ALA G 38 70.51 6.55 -2.49
CA ALA G 38 69.90 6.07 -1.26
C ALA G 38 68.63 5.33 -1.66
N LYS G 39 68.58 4.05 -1.32
CA LYS G 39 67.34 3.28 -1.29
C LYS G 39 67.08 3.09 0.20
N ASN G 40 65.82 2.83 0.56
CA ASN G 40 65.48 2.85 1.98
C ASN G 40 66.44 2.00 2.80
N THR G 41 67.28 2.66 3.62
CA THR G 41 68.26 2.08 4.52
C THR G 41 69.54 1.62 3.82
N ARG G 42 69.64 1.70 2.49
CA ARG G 42 70.81 1.20 1.78
C ARG G 42 71.49 2.41 1.12
N LEU G 43 72.80 2.52 1.28
CA LEU G 43 73.57 3.54 0.60
C LEU G 43 74.44 2.84 -0.44
N GLU G 44 74.29 3.23 -1.70
CA GLU G 44 75.06 2.67 -2.80
C GLU G 44 75.99 3.75 -3.33
N ILE G 45 77.27 3.43 -3.41
CA ILE G 45 78.28 4.36 -3.90
C ILE G 45 78.79 3.87 -5.25
N TYR G 46 78.82 4.76 -6.23
CA TYR G 46 79.28 4.46 -7.57
C TYR G 46 80.32 5.49 -7.98
N VAL G 47 81.10 5.14 -9.01
CA VAL G 47 82.00 6.09 -9.65
C VAL G 47 81.57 6.28 -11.09
N VAL G 48 81.48 7.55 -11.52
CA VAL G 48 80.96 7.93 -12.82
C VAL G 48 82.04 7.79 -13.87
N THR G 49 81.97 6.75 -14.68
CA THR G 49 82.80 6.56 -15.87
C THR G 49 82.17 7.09 -17.15
N ALA G 50 82.97 7.05 -18.22
CA ALA G 50 82.46 7.43 -19.53
C ALA G 50 81.43 6.43 -20.05
N GLU G 51 81.49 5.18 -19.61
CA GLU G 51 80.59 4.12 -20.07
C GLU G 51 79.33 3.98 -19.22
N GLY G 52 79.38 4.40 -17.98
CA GLY G 52 78.29 4.16 -17.05
C GLY G 52 78.76 4.38 -15.63
N LEU G 53 78.16 3.62 -14.72
CA LEU G 53 78.50 3.62 -13.31
C LEU G 53 79.34 2.39 -12.92
N ARG G 54 80.37 2.61 -12.11
CA ARG G 54 81.17 1.52 -11.53
C ARG G 54 80.91 1.42 -10.04
N PRO G 55 80.32 0.31 -9.55
CA PRO G 55 80.08 0.19 -8.10
C PRO G 55 81.37 0.22 -7.30
N VAL G 56 81.28 0.75 -6.07
CA VAL G 56 82.44 0.91 -5.20
C VAL G 56 82.23 0.24 -3.85
N LYS G 57 81.06 0.44 -3.24
CA LYS G 57 80.78 -0.05 -1.90
C LYS G 57 79.30 0.13 -1.65
N GLU G 58 78.72 -0.80 -0.92
CA GLU G 58 77.35 -0.66 -0.44
C GLU G 58 77.35 -0.98 1.04
N VAL G 59 76.73 -0.10 1.81
CA VAL G 59 76.59 -0.27 3.25
C VAL G 59 75.12 -0.21 3.57
N GLY G 60 74.75 -0.86 4.66
CA GLY G 60 73.45 -0.70 5.25
C GLY G 60 73.57 0.24 6.43
N MET G 61 72.46 0.91 6.74
CA MET G 61 72.37 1.76 7.91
C MET G 61 71.20 1.28 8.75
N TYR G 62 71.34 1.45 10.06
CA TYR G 62 70.28 1.10 11.01
C TYR G 62 69.30 2.26 11.16
N GLY G 63 68.61 2.56 10.05
CA GLY G 63 67.71 3.69 9.98
C GLY G 63 67.21 3.96 8.56
N LYS G 64 66.04 4.58 8.41
CA LYS G 64 65.59 4.99 7.09
C LYS G 64 66.30 6.29 6.71
N ILE G 65 66.90 6.33 5.52
CA ILE G 65 67.68 7.50 5.12
C ILE G 65 66.71 8.61 4.72
N ALA G 66 66.65 9.67 5.53
CA ALA G 66 65.76 10.80 5.27
C ALA G 66 66.48 11.94 4.55
N VAL G 67 67.67 12.31 5.01
CA VAL G 67 68.47 13.35 4.40
C VAL G 67 69.78 12.72 3.94
N MET G 68 70.20 13.07 2.72
CA MET G 68 71.50 12.65 2.20
C MET G 68 72.07 13.80 1.40
N GLU G 69 73.21 14.32 1.86
CA GLU G 69 73.80 15.51 1.27
C GLU G 69 75.32 15.42 1.36
N LEU G 70 75.99 15.89 0.32
CA LEU G 70 77.44 15.96 0.27
C LEU G 70 77.89 17.39 0.47
N PHE G 71 78.98 17.56 1.22
CA PHE G 71 79.55 18.88 1.49
C PHE G 71 81.05 18.74 1.67
N ARG G 72 81.75 19.87 1.53
CA ARG G 72 83.20 19.91 1.63
C ARG G 72 83.65 21.10 2.46
N PRO G 73 83.89 20.91 3.75
CA PRO G 73 84.34 22.04 4.57
C PRO G 73 85.79 22.40 4.27
N LYS G 74 86.11 23.68 4.46
CA LYS G 74 87.45 24.17 4.20
C LYS G 74 88.48 23.32 4.92
N GLY G 75 89.48 22.85 4.18
CA GLY G 75 90.54 22.04 4.73
C GLY G 75 90.45 20.57 4.40
N GLU G 76 89.29 20.10 3.92
CA GLU G 76 89.13 18.70 3.58
C GLU G 76 89.62 18.49 2.15
N SER G 77 90.25 17.34 1.91
CA SER G 77 90.74 17.03 0.56
C SER G 77 89.59 16.63 -0.35
N LYS G 78 88.51 16.11 0.22
CA LYS G 78 87.41 15.57 -0.58
C LYS G 78 86.11 15.73 0.20
N ASP G 79 85.00 15.41 -0.46
CA ASP G 79 83.68 15.62 0.11
C ASP G 79 83.40 14.66 1.27
N LEU G 80 82.63 15.16 2.23
CA LEU G 80 82.06 14.39 3.32
C LEU G 80 80.57 14.20 3.07
N LEU G 81 79.98 13.23 3.76
CA LEU G 81 78.58 12.88 3.58
C LEU G 81 77.81 13.11 4.87
N PHE G 82 76.68 13.80 4.76
CA PHE G 82 75.76 13.99 5.87
C PHE G 82 74.51 13.17 5.66
N ILE G 83 74.12 12.40 6.69
CA ILE G 83 72.91 11.59 6.65
C ILE G 83 72.14 11.77 7.95
N LEU G 84 70.82 11.99 7.82
CA LEU G 84 69.89 12.03 8.94
C LEU G 84 68.82 10.96 8.71
N THR G 85 68.60 10.11 9.71
CA THR G 85 67.62 9.05 9.53
C THR G 85 66.22 9.52 9.95
N ALA G 86 65.22 8.71 9.60
CA ALA G 86 63.84 9.04 9.93
C ALA G 86 63.57 9.05 11.42
N LYS G 87 64.40 8.37 12.21
CA LYS G 87 64.35 8.44 13.66
C LYS G 87 65.27 9.53 14.22
N TYR G 88 65.79 10.39 13.35
CA TYR G 88 66.59 11.57 13.75
C TYR G 88 68.01 11.19 14.20
N ASN G 89 68.58 10.13 13.62
CA ASN G 89 69.98 9.79 13.81
C ASN G 89 70.81 10.57 12.80
N ALA G 90 71.68 11.44 13.28
CA ALA G 90 72.52 12.24 12.42
C ALA G 90 73.95 11.73 12.44
N CYS G 91 74.64 11.88 11.32
CA CYS G 91 76.04 11.50 11.26
C CYS G 91 76.69 12.16 10.04
N ILE G 92 77.99 12.38 10.15
CA ILE G 92 78.83 12.85 9.05
C ILE G 92 79.82 11.73 8.74
N LEU G 93 79.86 11.32 7.49
CA LEU G 93 80.60 10.13 7.10
C LEU G 93 81.74 10.51 6.16
N GLU G 94 82.81 9.74 6.26
CA GLU G 94 83.97 9.90 5.40
C GLU G 94 84.24 8.55 4.75
N TYR G 95 84.52 8.57 3.45
CA TYR G 95 84.97 7.39 2.76
C TYR G 95 86.47 7.24 2.96
N LYS G 96 86.90 6.06 3.41
CA LYS G 96 88.33 5.82 3.61
C LYS G 96 88.66 4.42 3.13
N GLN G 97 89.64 4.34 2.24
CA GLN G 97 90.07 3.09 1.62
C GLN G 97 91.59 3.00 1.60
N SER G 98 92.11 1.88 2.12
CA SER G 98 93.54 1.60 2.13
C SER G 98 93.76 0.22 1.50
N GLY G 99 94.15 0.20 0.23
CA GLY G 99 94.26 -1.05 -0.52
C GLY G 99 92.88 -1.59 -0.88
N GLU G 100 92.61 -2.84 -0.52
CA GLU G 100 91.32 -3.46 -0.83
C GLU G 100 90.27 -3.24 0.26
N SER G 101 90.68 -2.74 1.43
CA SER G 101 89.80 -2.63 2.59
C SER G 101 89.06 -1.30 2.54
N ILE G 102 87.73 -1.37 2.41
CA ILE G 102 86.92 -0.16 2.34
C ILE G 102 86.14 0.00 3.64
N ASP G 103 86.22 1.20 4.20
CA ASP G 103 85.52 1.56 5.41
C ASP G 103 84.77 2.84 5.16
N ILE G 104 83.70 3.06 5.92
CA ILE G 104 83.04 4.36 5.97
C ILE G 104 83.15 4.83 7.41
N ILE G 105 83.87 5.91 7.62
CA ILE G 105 84.23 6.37 8.95
C ILE G 105 83.18 7.36 9.41
N THR G 106 82.77 7.23 10.67
CA THR G 106 81.81 8.14 11.26
C THR G 106 82.57 9.22 12.01
N ARG G 107 82.70 10.40 11.41
CA ARG G 107 83.44 11.49 12.03
C ARG G 107 82.64 12.18 13.13
N ALA G 108 81.32 12.31 12.95
CA ALA G 108 80.46 12.92 13.95
C ALA G 108 79.12 12.20 13.96
N HIS G 109 78.49 12.11 15.12
CA HIS G 109 77.20 11.45 15.19
C HIS G 109 76.43 11.97 16.38
N GLY G 110 75.11 11.94 16.26
CA GLY G 110 74.23 12.37 17.33
C GLY G 110 72.79 12.28 16.89
N ASN G 111 71.90 12.32 17.88
CA ASN G 111 70.46 12.29 17.66
C ASN G 111 69.90 13.69 17.90
N VAL G 112 69.18 14.23 16.92
CA VAL G 112 68.77 15.63 16.95
C VAL G 112 67.30 15.78 17.34
N GLN G 113 66.69 14.75 17.89
CA GLN G 113 65.27 14.82 18.23
C GLN G 113 65.05 15.80 19.37
N ASP G 114 63.99 16.59 19.25
CA ASP G 114 63.58 17.52 20.29
C ASP G 114 62.50 16.90 21.15
N ARG G 115 62.59 17.11 22.46
CA ARG G 115 61.59 16.55 23.37
C ARG G 115 60.19 17.00 22.98
N ILE G 116 60.05 18.26 22.57
CA ILE G 116 58.76 18.84 22.23
C ILE G 116 58.85 19.45 20.84
N GLY G 117 57.91 19.09 20.00
CA GLY G 117 57.83 19.63 18.66
C GLY G 117 56.76 18.95 17.83
N ARG G 118 56.18 19.67 16.87
CA ARG G 118 55.15 19.09 15.99
C ARG G 118 55.80 18.72 14.66
N PRO G 119 55.84 17.44 14.30
CA PRO G 119 56.41 17.07 13.00
C PRO G 119 55.73 17.81 11.85
N SER G 120 56.55 18.34 10.94
CA SER G 120 56.05 19.20 9.88
C SER G 120 55.32 18.40 8.82
N GLU G 121 54.42 19.08 8.11
CA GLU G 121 53.61 18.42 7.09
C GLU G 121 54.45 17.97 5.90
N THR G 122 55.35 18.82 5.41
CA THR G 122 56.13 18.47 4.23
C THR G 122 57.41 17.69 4.54
N GLY G 123 57.58 17.21 5.78
CA GLY G 123 58.64 16.28 6.12
C GLY G 123 60.01 16.89 6.42
N ILE G 124 60.94 16.01 6.81
CA ILE G 124 62.27 16.44 7.17
C ILE G 124 62.92 17.09 5.97
N ILE G 125 63.52 18.27 6.18
CA ILE G 125 64.31 18.95 5.17
C ILE G 125 65.70 19.17 5.74
N GLY G 126 66.72 18.87 4.94
CA GLY G 126 68.09 19.12 5.34
C GLY G 126 68.82 19.88 4.26
N ILE G 127 69.48 20.97 4.65
CA ILE G 127 70.22 21.82 3.74
C ILE G 127 71.54 22.17 4.40
N ILE G 128 72.55 22.49 3.57
CA ILE G 128 73.88 22.84 4.07
C ILE G 128 74.30 24.15 3.43
N ASP G 129 74.92 25.00 4.23
CA ASP G 129 75.37 26.31 3.78
C ASP G 129 76.39 26.16 2.65
N PRO G 130 76.39 27.09 1.69
CA PRO G 130 77.41 27.02 0.63
C PRO G 130 78.83 27.11 1.18
N GLU G 131 79.03 27.78 2.30
CA GLU G 131 80.33 27.88 2.93
C GLU G 131 80.59 26.74 3.92
N CYS G 132 79.71 25.74 3.96
CA CYS G 132 79.83 24.63 4.90
C CYS G 132 80.08 25.17 6.32
N ARG G 133 79.32 26.21 6.67
CA ARG G 133 79.36 26.79 8.00
C ARG G 133 78.39 26.13 8.95
N MET G 134 77.30 25.57 8.42
CA MET G 134 76.28 24.97 9.26
C MET G 134 75.44 24.02 8.43
N ILE G 135 74.72 23.15 9.14
CA ILE G 135 73.68 22.29 8.58
C ILE G 135 72.34 22.79 9.09
N GLY G 136 71.42 23.08 8.17
CA GLY G 136 70.08 23.51 8.53
C GLY G 136 69.11 22.35 8.44
N LEU G 137 68.29 22.19 9.48
CA LEU G 137 67.29 21.14 9.53
C LEU G 137 65.93 21.72 9.84
N ARG G 138 64.93 21.40 9.02
CA ARG G 138 63.54 21.76 9.29
C ARG G 138 62.84 20.48 9.74
N LEU G 139 62.80 20.26 11.05
CA LEU G 139 62.20 19.06 11.60
C LEU G 139 60.78 19.30 12.12
N TYR G 140 60.51 20.44 12.75
CA TYR G 140 59.23 20.68 13.39
C TYR G 140 58.67 22.01 12.91
N ASP G 141 57.35 22.11 12.90
CA ASP G 141 56.69 23.36 12.56
C ASP G 141 57.08 24.44 13.56
N GLY G 142 57.53 25.58 13.05
CA GLY G 142 57.82 26.73 13.89
C GLY G 142 59.22 26.77 14.50
N LEU G 143 60.06 25.79 14.23
CA LEU G 143 61.42 25.75 14.76
C LEU G 143 62.39 25.37 13.64
N PHE G 144 63.55 26.02 13.68
CA PHE G 144 64.66 25.77 12.77
C PHE G 144 65.88 25.36 13.60
N LYS G 145 66.45 24.21 13.28
CA LYS G 145 67.58 23.65 14.03
C LYS G 145 68.87 23.89 13.23
N VAL G 146 69.91 24.38 13.91
CA VAL G 146 71.21 24.63 13.30
C VAL G 146 72.25 23.76 13.99
N ILE G 147 72.91 22.89 13.23
CA ILE G 147 74.12 22.20 13.68
C ILE G 147 75.31 22.99 13.14
N PRO G 148 76.08 23.69 13.98
CA PRO G 148 77.26 24.41 13.47
C PRO G 148 78.38 23.44 13.08
N LEU G 149 78.97 23.70 11.92
CA LEU G 149 79.99 22.82 11.37
C LEU G 149 81.37 23.23 11.89
N ASP G 150 81.58 22.95 13.17
CA ASP G 150 82.85 23.18 13.85
C ASP G 150 83.60 21.85 13.81
N ARG G 151 84.93 21.94 13.68
CA ARG G 151 85.72 20.71 13.60
C ARG G 151 85.66 19.89 14.88
N ASP G 152 85.27 20.49 15.99
CA ASP G 152 85.15 19.79 17.27
C ASP G 152 83.74 19.29 17.55
N ASN G 153 82.75 19.71 16.76
CA ASN G 153 81.37 19.29 16.99
C ASN G 153 81.18 17.86 16.47
N LYS G 154 81.71 16.92 17.24
CA LYS G 154 81.64 15.51 16.86
C LYS G 154 80.40 14.85 17.44
N GLU G 155 79.75 15.47 18.44
CA GLU G 155 78.44 15.04 18.90
C GLU G 155 77.27 15.72 18.17
N LEU G 156 77.55 16.56 17.18
CA LEU G 156 76.51 17.24 16.40
C LEU G 156 75.51 17.96 17.31
N LYS G 157 76.03 18.67 18.32
CA LYS G 157 75.17 19.46 19.17
C LYS G 157 74.54 20.60 18.36
N ALA G 158 73.32 20.98 18.72
CA ALA G 158 72.60 21.94 17.92
C ALA G 158 71.66 22.77 18.77
N PHE G 159 71.28 23.92 18.22
CA PHE G 159 70.35 24.85 18.86
C PHE G 159 69.22 25.13 17.90
N ASN G 160 68.04 25.49 18.43
CA ASN G 160 66.89 25.79 17.61
C ASN G 160 66.63 27.30 17.59
N ILE G 161 66.44 27.84 16.39
CA ILE G 161 65.97 29.21 16.20
C ILE G 161 64.49 29.15 15.94
N ARG G 162 63.75 30.11 16.49
CA ARG G 162 62.32 30.14 16.32
C ARG G 162 61.90 30.65 14.94
N LEU G 163 60.94 29.96 14.33
CA LEU G 163 60.43 30.32 13.02
C LEU G 163 59.01 30.82 13.19
N GLU G 164 58.79 32.10 12.84
CA GLU G 164 57.45 32.66 13.00
C GLU G 164 56.46 31.97 12.06
N GLU G 165 56.91 31.65 10.85
CA GLU G 165 56.08 31.05 9.80
C GLU G 165 55.98 29.56 10.06
N LEU G 166 54.83 29.13 10.56
CA LEU G 166 54.69 27.77 11.07
C LEU G 166 54.58 26.73 9.95
N HIS G 167 53.93 27.06 8.83
CA HIS G 167 53.78 26.12 7.72
C HIS G 167 54.79 26.45 6.63
N VAL G 168 55.92 25.75 6.64
CA VAL G 168 56.98 25.91 5.65
C VAL G 168 56.92 24.79 4.63
N ILE G 169 56.91 25.17 3.36
CA ILE G 169 56.81 24.19 2.28
C ILE G 169 58.18 23.67 1.85
N ASP G 170 59.14 24.57 1.59
CA ASP G 170 60.49 24.13 1.24
C ASP G 170 61.47 25.26 1.57
N VAL G 171 62.73 24.89 1.84
CA VAL G 171 63.76 25.86 2.19
C VAL G 171 65.11 25.43 1.62
N LYS G 172 65.92 26.43 1.26
CA LYS G 172 67.27 26.26 0.76
C LYS G 172 68.16 27.37 1.34
N PHE G 173 69.47 27.10 1.40
CA PHE G 173 70.45 28.14 1.70
C PHE G 173 70.79 28.87 0.41
N LEU G 174 70.68 30.20 0.42
CA LEU G 174 70.91 30.92 -0.82
C LEU G 174 72.42 31.13 -1.03
N TYR G 175 72.80 31.34 -2.30
CA TYR G 175 74.17 31.55 -2.72
C TYR G 175 74.42 33.05 -2.92
N GLY G 176 75.69 33.44 -2.81
CA GLY G 176 76.06 34.80 -3.16
C GLY G 176 75.73 35.83 -2.12
N CYS G 177 75.60 35.43 -0.87
CA CYS G 177 75.16 36.32 0.19
C CYS G 177 76.29 36.69 1.12
N GLN G 178 76.17 37.92 1.67
CA GLN G 178 77.15 38.46 2.60
C GLN G 178 77.19 37.64 3.90
N ALA G 179 76.08 37.02 4.28
CA ALA G 179 75.95 36.12 5.41
C ALA G 179 75.12 34.91 5.02
N PRO G 180 75.21 33.82 5.78
CA PRO G 180 74.31 32.69 5.53
C PRO G 180 72.85 33.11 5.52
N THR G 181 72.15 32.73 4.45
CA THR G 181 70.76 33.12 4.22
C THR G 181 69.91 31.92 3.82
N ILE G 182 68.68 31.85 4.33
CA ILE G 182 67.72 30.83 3.94
C ILE G 182 66.56 31.50 3.19
N CYS G 183 66.06 30.82 2.16
CA CYS G 183 64.87 31.22 1.43
C CYS G 183 63.83 30.10 1.49
N PHE G 184 62.62 30.42 1.95
CA PHE G 184 61.59 29.41 2.15
C PHE G 184 60.24 29.87 1.63
N VAL G 185 59.52 28.96 0.98
CA VAL G 185 58.11 29.16 0.66
C VAL G 185 57.30 28.65 1.82
N TYR G 186 56.42 29.51 2.37
CA TYR G 186 55.61 29.16 3.51
C TYR G 186 54.17 29.46 3.17
N GLN G 187 53.26 28.89 3.94
CA GLN G 187 51.84 29.09 3.71
C GLN G 187 51.17 29.55 4.99
N ASP G 188 50.35 30.58 4.88
CA ASP G 188 49.52 31.10 5.95
C ASP G 188 48.14 31.36 5.35
N PRO G 189 47.18 31.87 6.13
CA PRO G 189 45.83 32.04 5.59
C PRO G 189 45.74 32.99 4.41
N GLN G 190 46.75 33.82 4.19
CA GLN G 190 46.73 34.84 3.15
C GLN G 190 47.28 34.33 1.82
N GLY G 191 47.60 33.04 1.72
CA GLY G 191 48.20 32.47 0.53
C GLY G 191 49.57 31.90 0.82
N ARG G 192 50.40 31.77 -0.21
CA ARG G 192 51.79 31.36 -0.03
C ARG G 192 52.70 32.54 -0.33
N HIS G 193 53.87 32.53 0.32
CA HIS G 193 54.82 33.62 0.21
C HIS G 193 56.23 33.06 0.28
N VAL G 194 57.16 33.83 -0.26
CA VAL G 194 58.59 33.56 -0.14
C VAL G 194 59.21 34.63 0.77
N LYS G 195 60.09 34.21 1.67
CA LYS G 195 60.71 35.09 2.64
C LYS G 195 62.17 34.66 2.81
N THR G 196 62.99 35.58 3.31
CA THR G 196 64.40 35.30 3.58
C THR G 196 64.74 35.70 5.00
N TYR G 197 65.58 34.90 5.64
CA TYR G 197 66.14 35.18 6.95
C TYR G 197 67.64 34.95 6.87
N GLU G 198 68.41 35.78 7.57
CA GLU G 198 69.83 35.55 7.74
C GLU G 198 70.06 34.81 9.05
N VAL G 199 71.08 33.98 9.07
CA VAL G 199 71.32 33.07 10.19
C VAL G 199 72.61 33.47 10.89
N SER G 200 72.50 33.79 12.17
CA SER G 200 73.65 34.20 12.98
C SER G 200 74.01 33.06 13.93
N LEU G 201 75.16 32.42 13.68
CA LEU G 201 75.64 31.40 14.60
C LEU G 201 76.05 32.00 15.93
N ARG G 202 76.57 33.23 15.92
CA ARG G 202 77.01 33.88 17.15
C ARG G 202 75.82 34.23 18.04
N GLU G 203 74.81 34.89 17.46
CA GLU G 203 73.64 35.32 18.22
C GLU G 203 72.60 34.21 18.37
N LYS G 204 72.71 33.13 17.61
CA LYS G 204 71.74 32.04 17.65
C LYS G 204 70.32 32.58 17.45
N GLU G 205 70.15 33.39 16.39
CA GLU G 205 68.84 33.96 16.09
C GLU G 205 68.80 34.33 14.61
N PHE G 206 67.60 34.66 14.13
CA PHE G 206 67.41 35.14 12.77
C PHE G 206 67.49 36.66 12.76
N ASN G 207 68.08 37.21 11.70
CA ASN G 207 68.08 38.64 11.42
C ASN G 207 67.36 38.84 10.10
N LYS G 208 66.86 40.05 9.86
CA LYS G 208 66.04 40.26 8.66
C LYS G 208 66.84 39.89 7.42
N GLY G 209 66.21 39.15 6.51
CA GLY G 209 66.90 38.59 5.36
C GLY G 209 67.15 39.62 4.29
N PRO G 210 67.96 39.24 3.30
CA PRO G 210 68.36 40.24 2.29
C PRO G 210 67.20 40.84 1.49
N TRP G 211 66.28 40.04 0.96
CA TRP G 211 65.25 40.59 0.09
C TRP G 211 63.84 40.33 0.59
N LYS G 212 62.94 41.25 0.20
CA LYS G 212 61.60 41.32 0.74
C LYS G 212 60.78 40.09 0.36
N GLN G 213 59.72 39.86 1.13
CA GLN G 213 58.77 38.80 0.81
C GLN G 213 58.01 39.15 -0.47
N GLU G 214 57.72 38.13 -1.26
CA GLU G 214 56.82 38.23 -2.41
C GLU G 214 55.73 37.17 -2.29
N ASN G 215 54.55 37.50 -2.83
CA ASN G 215 53.45 36.53 -2.93
C ASN G 215 53.69 35.58 -4.08
N VAL G 216 53.51 34.27 -3.84
CA VAL G 216 53.86 33.27 -4.85
C VAL G 216 52.60 32.48 -5.21
N GLU G 217 52.75 31.56 -6.17
CA GLU G 217 51.65 30.70 -6.59
C GLU G 217 51.07 29.94 -5.41
N ALA G 218 49.75 29.77 -5.42
CA ALA G 218 49.08 29.11 -4.30
C ALA G 218 49.61 27.69 -4.07
N GLU G 219 50.07 27.02 -5.13
CA GLU G 219 50.60 25.67 -5.02
C GLU G 219 52.09 25.61 -5.31
N ALA G 220 52.82 26.66 -4.92
CA ALA G 220 54.29 26.65 -4.97
C ALA G 220 54.86 25.48 -4.17
N SER G 221 55.68 24.65 -4.81
CA SER G 221 56.10 23.39 -4.20
C SER G 221 57.57 23.34 -3.81
N MET G 222 58.48 23.89 -4.61
CA MET G 222 59.91 23.68 -4.40
C MET G 222 60.70 24.98 -4.57
N VAL G 223 61.83 25.05 -3.86
CA VAL G 223 62.76 26.17 -3.92
C VAL G 223 64.09 25.68 -4.46
N ILE G 224 64.59 26.36 -5.50
CA ILE G 224 65.89 26.06 -6.08
C ILE G 224 66.78 27.27 -5.83
N ALA G 225 67.96 27.04 -5.26
CA ALA G 225 68.93 28.11 -5.02
C ALA G 225 69.80 28.26 -6.27
N VAL G 226 69.67 29.38 -6.96
CA VAL G 226 70.44 29.56 -8.20
C VAL G 226 71.90 29.80 -7.83
N PRO G 227 72.86 29.19 -8.53
CA PRO G 227 74.27 29.33 -8.13
C PRO G 227 74.74 30.77 -8.33
N GLU G 228 75.96 31.01 -7.88
CA GLU G 228 76.41 32.37 -7.65
C GLU G 228 76.43 33.28 -8.88
N PRO G 229 76.73 32.82 -10.10
CA PRO G 229 76.74 33.78 -11.23
C PRO G 229 75.45 34.59 -11.37
N PHE G 230 74.31 33.93 -11.13
CA PHE G 230 73.01 34.60 -11.10
C PHE G 230 72.62 34.96 -9.69
N GLY G 231 72.63 33.97 -8.80
CA GLY G 231 72.21 34.17 -7.43
C GLY G 231 70.72 34.16 -7.30
N GLY G 232 70.26 34.08 -6.07
CA GLY G 232 68.84 34.14 -5.80
C GLY G 232 68.22 32.77 -5.87
N ALA G 233 66.91 32.74 -6.15
CA ALA G 233 66.18 31.49 -6.11
C ALA G 233 65.08 31.44 -7.16
N ILE G 234 64.72 30.21 -7.52
CA ILE G 234 63.59 29.91 -8.40
C ILE G 234 62.56 29.12 -7.60
N ILE G 235 61.28 29.49 -7.74
CA ILE G 235 60.18 28.84 -7.04
C ILE G 235 59.28 28.18 -8.08
N ILE G 236 59.15 26.85 -7.97
CA ILE G 236 58.43 26.04 -8.95
C ILE G 236 57.09 25.65 -8.35
N GLY G 237 56.01 25.90 -9.09
CA GLY G 237 54.67 25.52 -8.67
C GLY G 237 53.95 24.61 -9.65
N GLN G 238 52.63 24.71 -9.70
CA GLN G 238 51.83 23.94 -10.65
C GLN G 238 51.64 24.66 -11.98
N GLU G 239 51.43 25.98 -11.97
CA GLU G 239 51.20 26.72 -13.20
C GLU G 239 52.35 27.64 -13.58
N SER G 240 53.19 28.05 -12.64
CA SER G 240 54.19 29.08 -12.94
C SER G 240 55.54 28.77 -12.31
N ILE G 241 56.58 29.31 -12.94
CA ILE G 241 57.95 29.28 -12.43
C ILE G 241 58.40 30.74 -12.29
N THR G 242 58.95 31.09 -11.12
CA THR G 242 59.36 32.46 -10.84
C THR G 242 60.77 32.48 -10.28
N TYR G 243 61.48 33.56 -10.57
CA TYR G 243 62.82 33.82 -10.06
C TYR G 243 62.77 35.08 -9.22
N HIS G 244 63.23 34.99 -7.98
CA HIS G 244 63.26 36.10 -7.05
C HIS G 244 64.68 36.32 -6.57
N ASN G 245 65.26 37.48 -6.89
CA ASN G 245 66.51 37.92 -6.28
C ASN G 245 66.48 39.44 -6.12
N GLY G 246 66.62 39.91 -4.89
CA GLY G 246 66.66 41.34 -4.65
C GLY G 246 65.39 41.97 -5.17
N ASP G 247 65.53 43.06 -5.93
CA ASP G 247 64.41 43.72 -6.58
C ASP G 247 63.94 42.99 -7.83
N LYS G 248 64.71 42.03 -8.32
CA LYS G 248 64.39 41.33 -9.56
C LYS G 248 63.32 40.26 -9.31
N TYR G 249 62.32 40.24 -10.19
CA TYR G 249 61.24 39.27 -10.19
C TYR G 249 60.98 38.91 -11.65
N LEU G 250 61.00 37.61 -11.94
CA LEU G 250 60.68 37.06 -13.25
C LEU G 250 59.59 36.02 -13.06
N ALA G 251 58.77 35.85 -14.10
CA ALA G 251 57.73 34.83 -14.04
C ALA G 251 57.37 34.36 -15.44
N ILE G 252 57.54 33.06 -15.68
CA ILE G 252 57.08 32.42 -16.91
C ILE G 252 56.05 31.38 -16.48
N ALA G 253 54.95 31.29 -17.23
CA ALA G 253 53.84 30.40 -16.91
C ALA G 253 53.41 29.65 -18.17
N PRO G 254 54.25 28.71 -18.63
CA PRO G 254 53.93 27.98 -19.87
C PRO G 254 52.80 26.99 -19.64
N PRO G 255 51.86 26.88 -20.59
CA PRO G 255 50.69 26.01 -20.37
C PRO G 255 51.04 24.54 -20.23
N ILE G 256 52.24 24.14 -20.66
CA ILE G 256 52.57 22.72 -20.75
C ILE G 256 52.80 22.13 -19.36
N ILE G 257 53.41 22.89 -18.45
CA ILE G 257 53.70 22.32 -17.14
C ILE G 257 52.43 22.16 -16.33
N LYS G 258 51.38 22.92 -16.64
CA LYS G 258 50.10 22.80 -15.95
C LYS G 258 49.50 21.41 -16.09
N GLN G 259 49.90 20.65 -17.12
CA GLN G 259 49.28 19.35 -17.37
C GLN G 259 49.62 18.35 -16.28
N SER G 260 50.87 18.34 -15.83
CA SER G 260 51.30 17.42 -14.77
C SER G 260 52.19 18.15 -13.77
N THR G 261 52.09 17.73 -12.51
CA THR G 261 52.80 18.37 -11.42
C THR G 261 54.30 18.09 -11.49
N ILE G 262 55.12 19.13 -11.32
CA ILE G 262 56.57 18.97 -11.33
C ILE G 262 57.01 18.54 -9.95
N VAL G 263 57.75 17.43 -9.87
CA VAL G 263 58.08 16.82 -8.59
C VAL G 263 59.55 16.84 -8.24
N CYS G 264 60.45 16.92 -9.24
CA CYS G 264 61.88 16.87 -8.98
C CYS G 264 62.59 17.87 -9.88
N HIS G 265 63.79 18.27 -9.45
CA HIS G 265 64.59 19.23 -10.19
C HIS G 265 66.07 18.97 -9.91
N ASN G 266 66.90 19.25 -10.91
CA ASN G 266 68.35 19.12 -10.74
C ASN G 266 69.07 20.15 -11.60
N ARG G 267 70.32 20.44 -11.23
CA ARG G 267 71.14 21.44 -11.92
C ARG G 267 72.06 20.74 -12.93
N VAL G 268 72.01 21.18 -14.19
CA VAL G 268 72.93 20.65 -15.20
C VAL G 268 74.23 21.44 -15.24
N ASP G 269 74.15 22.77 -15.32
CA ASP G 269 75.33 23.61 -15.44
C ASP G 269 75.67 24.25 -14.11
N PRO G 270 76.88 24.05 -13.54
CA PRO G 270 77.22 24.74 -12.29
C PRO G 270 77.05 26.25 -12.37
N ASN G 271 77.10 26.83 -13.58
CA ASN G 271 76.84 28.25 -13.73
C ASN G 271 75.39 28.60 -13.43
N GLY G 272 74.49 27.63 -13.46
CA GLY G 272 73.09 27.87 -13.15
C GLY G 272 72.23 28.11 -14.36
N SER G 273 72.82 28.05 -15.55
CA SER G 273 72.08 28.35 -16.77
C SER G 273 71.00 27.31 -17.04
N ARG G 274 71.26 26.05 -16.72
CA ARG G 274 70.37 24.98 -17.14
C ARG G 274 70.05 24.06 -15.97
N TYR G 275 68.77 23.77 -15.79
CA TYR G 275 68.26 22.89 -14.74
C TYR G 275 67.32 21.86 -15.38
N LEU G 276 67.31 20.63 -14.87
CA LEU G 276 66.41 19.59 -15.35
C LEU G 276 65.15 19.58 -14.47
N LEU G 277 63.99 19.31 -15.08
CA LEU G 277 62.73 19.23 -14.33
C LEU G 277 61.97 17.96 -14.71
N GLY G 278 61.30 17.36 -13.72
CA GLY G 278 60.52 16.16 -13.95
C GLY G 278 59.12 16.28 -13.35
N ASP G 279 58.17 15.56 -13.96
CA ASP G 279 56.77 15.63 -13.54
C ASP G 279 56.17 14.24 -13.30
N MET G 280 54.91 14.23 -12.83
CA MET G 280 54.24 12.99 -12.41
C MET G 280 53.73 12.17 -13.58
N GLU G 281 53.78 12.70 -14.81
CA GLU G 281 53.44 11.92 -15.99
C GLU G 281 54.69 11.42 -16.73
N GLY G 282 55.85 11.50 -16.09
CA GLY G 282 57.09 10.99 -16.64
C GLY G 282 57.85 11.91 -17.56
N ARG G 283 57.38 13.14 -17.79
CA ARG G 283 58.01 14.05 -18.73
C ARG G 283 59.23 14.72 -18.13
N LEU G 284 60.27 14.88 -18.95
CA LEU G 284 61.51 15.54 -18.54
C LEU G 284 61.64 16.86 -19.30
N PHE G 285 61.80 17.96 -18.55
CA PHE G 285 61.96 19.30 -19.10
C PHE G 285 63.32 19.86 -18.69
N MET G 286 63.75 20.94 -19.34
CA MET G 286 64.88 21.71 -18.86
C MET G 286 64.50 23.18 -18.71
N LEU G 287 64.84 23.74 -17.55
CA LEU G 287 64.65 25.16 -17.28
C LEU G 287 65.92 25.91 -17.68
N LEU G 288 65.77 26.93 -18.53
CA LEU G 288 66.90 27.65 -19.09
C LEU G 288 66.86 29.10 -18.63
N LEU G 289 67.99 29.57 -18.13
CA LEU G 289 68.14 30.93 -17.63
C LEU G 289 68.88 31.75 -18.69
N GLU G 290 68.19 32.69 -19.31
CA GLU G 290 68.78 33.47 -20.39
C GLU G 290 69.65 34.57 -19.77
N LYS G 291 70.96 34.39 -19.86
CA LYS G 291 71.91 35.26 -19.19
C LYS G 291 72.02 36.57 -19.95
N GLU G 292 72.50 37.60 -19.25
CA GLU G 292 72.74 38.88 -19.94
C GLU G 292 73.94 39.57 -19.28
N GLU G 293 75.15 39.10 -19.62
CA GLU G 293 76.37 39.74 -19.13
C GLU G 293 76.65 40.87 -20.12
N GLN G 294 76.54 42.10 -19.65
CA GLN G 294 76.71 43.30 -20.46
C GLN G 294 78.18 43.68 -20.56
N MET G 295 78.46 44.73 -21.32
CA MET G 295 79.84 45.21 -21.38
C MET G 295 80.33 45.54 -19.98
N ASP G 296 79.39 45.92 -19.12
CA ASP G 296 79.67 46.18 -17.72
C ASP G 296 80.04 44.91 -16.98
N GLY G 297 79.59 43.75 -17.45
CA GLY G 297 79.81 42.57 -16.67
C GLY G 297 78.70 42.21 -15.69
N THR G 298 77.68 43.04 -15.53
CA THR G 298 76.61 42.72 -14.60
C THR G 298 75.84 41.53 -15.16
N VAL G 299 75.39 40.64 -14.30
CA VAL G 299 74.69 39.44 -14.73
C VAL G 299 73.24 39.59 -14.29
N THR G 300 72.38 39.96 -15.22
CA THR G 300 70.94 40.03 -15.03
C THR G 300 70.30 38.92 -15.86
N LEU G 301 69.14 38.47 -15.40
CA LEU G 301 68.43 37.40 -16.08
C LEU G 301 67.44 38.01 -17.07
N LYS G 302 67.65 37.71 -18.35
CA LYS G 302 66.79 38.29 -19.38
C LYS G 302 65.42 37.63 -19.34
N ASP G 303 65.38 36.31 -19.27
CA ASP G 303 64.13 35.58 -19.25
C ASP G 303 64.41 34.13 -18.84
N LEU G 304 63.34 33.39 -18.62
CA LEU G 304 63.38 31.96 -18.34
C LEU G 304 62.67 31.20 -19.46
N ARG G 305 63.13 29.98 -19.73
CA ARG G 305 62.52 29.15 -20.75
C ARG G 305 62.42 27.73 -20.27
N VAL G 306 61.36 27.05 -20.70
CA VAL G 306 61.12 25.64 -20.39
C VAL G 306 60.97 24.88 -21.70
N GLU G 307 61.68 23.76 -21.83
CA GLU G 307 61.67 22.95 -23.04
C GLU G 307 61.50 21.48 -22.70
N LEU G 308 60.55 20.85 -23.38
CA LEU G 308 60.30 19.43 -23.18
C LEU G 308 61.34 18.61 -23.92
N LEU G 309 62.00 17.70 -23.18
CA LEU G 309 63.00 16.83 -23.77
C LEU G 309 62.40 15.49 -24.18
N GLY G 310 61.58 14.90 -23.32
CA GLY G 310 61.00 13.59 -23.60
C GLY G 310 60.38 12.99 -22.37
N GLU G 311 60.46 11.65 -22.28
CA GLU G 311 59.88 10.90 -21.18
C GLU G 311 60.93 10.01 -20.52
N THR G 312 60.90 9.95 -19.19
CA THR G 312 61.67 9.00 -18.41
C THR G 312 60.69 8.20 -17.55
N SER G 313 61.20 7.28 -16.73
CA SER G 313 60.32 6.67 -15.74
C SER G 313 59.96 7.73 -14.71
N ILE G 314 58.72 7.66 -14.21
CA ILE G 314 58.26 8.65 -13.25
C ILE G 314 59.34 8.81 -12.18
N ALA G 315 59.88 10.01 -12.04
CA ALA G 315 61.15 10.19 -11.33
C ALA G 315 60.90 10.80 -9.96
N GLU G 316 61.53 10.20 -8.95
CA GLU G 316 61.55 10.81 -7.63
C GLU G 316 62.64 11.87 -7.53
N CYS G 317 63.84 11.54 -7.97
CA CYS G 317 64.98 12.46 -7.98
C CYS G 317 65.67 12.36 -9.33
N LEU G 318 66.30 13.45 -9.73
CA LEU G 318 67.08 13.52 -10.97
C LEU G 318 68.48 13.99 -10.61
N THR G 319 69.48 13.42 -11.26
CA THR G 319 70.84 13.93 -11.14
C THR G 319 71.53 13.82 -12.49
N TYR G 320 72.21 14.89 -12.87
CA TYR G 320 72.95 14.95 -14.12
C TYR G 320 74.41 14.58 -13.86
N LEU G 321 74.88 13.53 -14.53
CA LEU G 321 76.25 13.08 -14.46
C LEU G 321 76.97 13.86 -15.57
N ASP G 322 78.21 13.54 -15.90
CA ASP G 322 78.82 14.24 -17.01
C ASP G 322 78.53 13.60 -18.37
N ASN G 323 78.84 14.36 -19.42
CA ASN G 323 78.72 13.92 -20.81
C ASN G 323 77.28 13.59 -21.21
N GLY G 324 76.33 14.34 -20.68
CA GLY G 324 74.96 14.16 -21.09
C GLY G 324 74.19 12.99 -20.51
N VAL G 325 74.65 12.42 -19.41
CA VAL G 325 74.03 11.23 -18.82
C VAL G 325 73.30 11.68 -17.57
N VAL G 326 72.06 11.20 -17.39
CA VAL G 326 71.24 11.54 -16.23
C VAL G 326 70.79 10.26 -15.56
N PHE G 327 70.80 10.25 -14.23
CA PHE G 327 70.27 9.12 -13.47
C PHE G 327 68.86 9.47 -13.02
N VAL G 328 67.88 8.71 -13.48
CA VAL G 328 66.48 8.91 -13.15
C VAL G 328 66.14 7.94 -12.01
N GLY G 329 66.16 8.45 -10.79
CA GLY G 329 65.80 7.65 -9.63
C GLY G 329 64.31 7.61 -9.42
N SER G 330 63.71 6.42 -9.53
CA SER G 330 62.27 6.26 -9.45
C SER G 330 61.87 5.41 -8.26
N ARG G 331 60.77 5.82 -7.61
CA ARG G 331 60.15 5.09 -6.52
C ARG G 331 58.88 4.37 -6.96
N LEU G 332 58.31 4.74 -8.12
CA LEU G 332 57.13 4.11 -8.67
C LEU G 332 57.42 3.17 -9.83
N GLY G 333 58.58 3.28 -10.47
CA GLY G 333 58.91 2.44 -11.61
C GLY G 333 60.39 2.17 -11.71
N ASP G 334 60.84 1.55 -12.80
CA ASP G 334 62.25 1.21 -12.91
C ASP G 334 63.10 2.48 -13.02
N SER G 335 64.17 2.53 -12.23
CA SER G 335 65.16 3.59 -12.35
C SER G 335 66.03 3.35 -13.59
N GLN G 336 66.64 4.42 -14.08
CA GLN G 336 67.32 4.33 -15.37
C GLN G 336 68.46 5.32 -15.45
N LEU G 337 69.36 5.06 -16.41
CA LEU G 337 70.37 5.99 -16.88
C LEU G 337 69.96 6.39 -18.28
N VAL G 338 69.74 7.68 -18.50
CA VAL G 338 69.19 8.16 -19.76
C VAL G 338 70.16 9.12 -20.40
N LYS G 339 70.23 9.08 -21.72
CA LYS G 339 71.14 9.89 -22.52
C LYS G 339 70.35 11.08 -23.04
N LEU G 340 70.84 12.28 -22.76
CA LEU G 340 70.24 13.49 -23.27
C LEU G 340 70.96 13.86 -24.56
N ASN G 341 70.21 13.96 -25.64
CA ASN G 341 70.81 14.28 -26.92
C ASN G 341 70.48 15.68 -27.37
N VAL G 342 71.39 16.23 -28.16
CA VAL G 342 71.18 17.48 -28.86
C VAL G 342 70.20 17.26 -30.01
N ASP G 343 70.26 16.05 -30.58
CA ASP G 343 69.41 15.66 -31.69
C ASP G 343 68.13 14.99 -31.20
N SER G 344 67.01 15.38 -31.80
CA SER G 344 65.75 14.71 -31.56
C SER G 344 65.70 13.41 -32.36
N ASN G 345 64.95 12.44 -31.85
CA ASN G 345 64.81 11.17 -32.56
C ASN G 345 63.59 11.21 -33.49
N GLU G 346 63.23 10.05 -34.02
CA GLU G 346 62.17 9.94 -35.02
C GLU G 346 60.81 10.32 -34.47
N GLN G 347 60.64 10.31 -33.15
CA GLN G 347 59.40 10.71 -32.51
C GLN G 347 59.43 12.14 -31.98
N GLY G 348 60.56 12.83 -32.09
CA GLY G 348 60.71 14.17 -31.55
C GLY G 348 61.33 14.29 -30.18
N SER G 349 61.83 13.19 -29.60
CA SER G 349 62.37 13.17 -28.25
C SER G 349 63.89 13.32 -28.26
N TYR G 350 64.39 14.01 -27.24
CA TYR G 350 65.84 14.15 -27.02
C TYR G 350 66.38 13.17 -25.99
N VAL G 351 65.55 12.23 -25.53
CA VAL G 351 65.88 11.34 -24.41
C VAL G 351 65.95 9.91 -24.93
N VAL G 352 67.07 9.25 -24.66
CA VAL G 352 67.30 7.86 -25.06
C VAL G 352 67.77 7.05 -23.86
N ALA G 353 67.28 5.82 -23.77
CA ALA G 353 67.54 4.98 -22.63
C ALA G 353 68.89 4.30 -22.80
N MET G 354 69.75 4.41 -21.79
CA MET G 354 71.01 3.66 -21.80
C MET G 354 70.91 2.34 -21.04
N GLU G 355 70.45 2.39 -19.80
CA GLU G 355 70.41 1.25 -18.90
C GLU G 355 69.10 1.34 -18.13
N THR G 356 68.58 0.19 -17.73
CA THR G 356 67.37 0.13 -16.94
C THR G 356 67.68 -0.63 -15.67
N PHE G 357 67.52 0.05 -14.53
CA PHE G 357 67.78 -0.54 -13.22
C PHE G 357 66.45 -1.00 -12.64
N THR G 358 66.36 -2.28 -12.34
CA THR G 358 65.08 -2.87 -11.98
C THR G 358 64.58 -2.24 -10.68
N ASN G 359 63.30 -1.90 -10.65
CA ASN G 359 62.66 -1.42 -9.44
C ASN G 359 61.40 -2.26 -9.25
N LEU G 360 61.39 -3.14 -8.26
CA LEU G 360 60.16 -3.88 -7.98
C LEU G 360 59.05 -2.95 -7.54
N GLY G 361 59.40 -1.70 -7.24
CA GLY G 361 58.43 -0.65 -7.06
C GLY G 361 57.39 -0.97 -6.01
N PRO G 362 56.35 -0.13 -5.95
CA PRO G 362 55.26 -0.39 -5.00
C PRO G 362 54.63 -1.74 -5.30
N ILE G 363 54.72 -2.65 -4.33
CA ILE G 363 54.13 -3.97 -4.45
C ILE G 363 52.74 -3.87 -3.83
N VAL G 364 51.74 -3.70 -4.67
CA VAL G 364 50.37 -3.56 -4.18
C VAL G 364 49.83 -4.91 -3.73
N ASP G 365 50.12 -5.97 -4.48
CA ASP G 365 49.72 -7.32 -4.12
C ASP G 365 50.76 -8.30 -4.63
N MET G 366 50.61 -9.57 -4.27
CA MET G 366 51.45 -10.62 -4.85
C MET G 366 50.84 -11.99 -4.55
N CYS G 367 51.16 -12.97 -5.39
CA CYS G 367 50.74 -14.36 -5.20
C CYS G 367 51.89 -15.32 -5.46
N VAL G 368 51.87 -16.46 -4.79
CA VAL G 368 52.87 -17.52 -4.97
C VAL G 368 52.24 -18.64 -5.80
N VAL G 369 52.87 -19.00 -6.92
CA VAL G 369 52.42 -20.05 -7.80
C VAL G 369 53.64 -20.88 -8.19
N ASP G 370 53.51 -22.20 -8.15
CA ASP G 370 54.55 -23.11 -8.65
C ASP G 370 54.28 -23.36 -10.13
N LEU G 371 54.75 -22.44 -10.97
CA LEU G 371 54.45 -22.52 -12.40
C LEU G 371 55.11 -23.72 -13.05
N GLU G 372 56.36 -24.00 -12.69
CA GLU G 372 57.06 -25.16 -13.22
C GLU G 372 56.68 -26.45 -12.52
N ARG G 373 55.87 -26.37 -11.45
CA ARG G 373 55.41 -27.52 -10.70
C ARG G 373 56.58 -28.27 -10.07
N GLN G 374 57.77 -27.65 -10.08
CA GLN G 374 58.91 -28.28 -9.43
C GLN G 374 58.83 -28.20 -7.91
N GLY G 375 57.99 -27.33 -7.37
CA GLY G 375 57.93 -27.14 -5.94
C GLY G 375 58.76 -25.97 -5.46
N GLN G 376 59.60 -25.41 -6.33
CA GLN G 376 60.41 -24.26 -5.95
C GLN G 376 59.52 -23.07 -5.59
N GLY G 377 58.60 -22.75 -6.48
CA GLY G 377 57.68 -21.64 -6.29
C GLY G 377 58.16 -20.31 -6.86
N GLN G 378 57.21 -19.57 -7.42
CA GLN G 378 57.46 -18.27 -8.02
C GLN G 378 56.53 -17.23 -7.42
N LEU G 379 57.01 -15.99 -7.40
CA LEU G 379 56.28 -14.86 -6.83
C LEU G 379 55.89 -13.93 -7.98
N VAL G 380 54.58 -13.84 -8.22
CA VAL G 380 54.02 -12.91 -9.20
C VAL G 380 53.45 -11.72 -8.43
N THR G 381 53.92 -10.51 -8.73
CA THR G 381 53.59 -9.33 -7.95
C THR G 381 52.87 -8.30 -8.79
N CYS G 382 51.93 -7.59 -8.14
CA CYS G 382 51.31 -6.39 -8.73
C CYS G 382 52.19 -5.21 -8.35
N SER G 383 53.04 -4.79 -9.28
CA SER G 383 54.09 -3.83 -8.96
C SER G 383 54.02 -2.59 -9.84
N GLY G 384 54.43 -1.47 -9.25
CA GLY G 384 54.47 -0.20 -9.95
C GLY G 384 53.17 0.58 -9.84
N ALA G 385 53.22 1.82 -10.36
CA ALA G 385 52.03 2.67 -10.43
C ALA G 385 52.01 3.43 -11.74
N PHE G 386 50.80 3.75 -12.19
CA PHE G 386 50.54 4.59 -13.39
C PHE G 386 51.25 3.99 -14.59
N LYS G 387 51.95 4.79 -15.40
CA LYS G 387 52.57 4.26 -16.62
C LYS G 387 53.60 3.18 -16.31
N GLU G 388 54.14 3.17 -15.10
CA GLU G 388 55.16 2.21 -14.68
C GLU G 388 54.56 0.90 -14.19
N GLY G 389 53.25 0.73 -14.33
CA GLY G 389 52.64 -0.48 -13.83
C GLY G 389 53.22 -1.71 -14.50
N SER G 390 53.40 -2.77 -13.73
CA SER G 390 54.07 -3.96 -14.21
C SER G 390 53.62 -5.16 -13.37
N LEU G 391 53.82 -6.35 -13.95
CA LEU G 391 53.79 -7.62 -13.23
C LEU G 391 55.22 -8.16 -13.20
N ARG G 392 55.66 -8.64 -12.04
CA ARG G 392 57.02 -9.12 -11.90
C ARG G 392 57.00 -10.58 -11.43
N ILE G 393 57.64 -11.44 -12.21
CA ILE G 393 57.72 -12.87 -11.92
C ILE G 393 59.09 -13.10 -11.29
N ILE G 394 59.12 -13.61 -10.05
CA ILE G 394 60.36 -13.72 -9.28
C ILE G 394 60.61 -15.16 -8.87
N ARG G 395 61.80 -15.67 -9.19
CA ARG G 395 62.23 -17.02 -8.82
C ARG G 395 63.68 -17.05 -8.35
N ASN G 396 64.01 -18.09 -7.59
CA ASN G 396 65.39 -18.30 -7.13
C ASN G 396 66.19 -19.03 -8.20
N GLY G 397 67.40 -18.56 -8.48
CA GLY G 397 68.26 -19.19 -9.46
C GLY G 397 68.95 -20.39 -8.85
N ILE G 398 68.88 -21.53 -9.53
CA ILE G 398 69.37 -22.79 -8.98
C ILE G 398 70.30 -23.49 -9.96
N LYS G 409 71.21 -15.25 -6.54
CA LYS G 409 70.49 -14.05 -6.91
C LYS G 409 69.10 -14.48 -7.40
N LEU G 410 68.22 -13.51 -7.63
CA LEU G 410 66.87 -13.74 -8.13
C LEU G 410 66.70 -13.41 -9.61
N HIS G 411 65.99 -14.29 -10.32
CA HIS G 411 65.63 -14.03 -11.71
C HIS G 411 64.27 -13.35 -11.74
N ILE G 412 64.19 -12.20 -12.42
CA ILE G 412 62.99 -11.36 -12.40
C ILE G 412 62.55 -11.07 -13.83
N ARG G 413 61.39 -11.61 -14.21
CA ARG G 413 60.76 -11.29 -15.49
C ARG G 413 59.79 -10.13 -15.31
N THR G 414 59.77 -9.19 -16.25
CA THR G 414 58.94 -8.00 -16.17
C THR G 414 57.87 -8.03 -17.26
N VAL G 415 56.62 -7.77 -16.88
CA VAL G 415 55.47 -7.76 -17.77
C VAL G 415 54.82 -6.38 -17.67
N PRO G 416 55.16 -5.43 -18.53
CA PRO G 416 54.63 -4.06 -18.37
C PRO G 416 53.15 -3.98 -18.68
N LEU G 417 52.43 -3.21 -17.85
CA LEU G 417 51.00 -2.98 -18.06
C LEU G 417 50.66 -1.57 -18.50
N TYR G 418 51.51 -0.58 -18.19
CA TYR G 418 51.25 0.81 -18.54
C TYR G 418 50.00 1.35 -17.87
N GLU G 419 49.48 0.63 -16.89
CA GLU G 419 48.41 1.09 -16.03
C GLU G 419 48.67 0.48 -14.66
N SER G 420 47.93 0.92 -13.67
CA SER G 420 48.25 0.54 -12.29
C SER G 420 47.71 -0.84 -11.94
N PRO G 421 48.57 -1.79 -11.56
CA PRO G 421 48.07 -3.06 -11.03
C PRO G 421 47.68 -2.89 -9.57
N ARG G 422 46.59 -3.56 -9.18
CA ARG G 422 46.03 -3.39 -7.85
C ARG G 422 45.89 -4.69 -7.08
N LYS G 423 45.37 -5.74 -7.69
CA LYS G 423 45.24 -7.04 -7.03
C LYS G 423 45.48 -8.15 -8.05
N ILE G 424 46.06 -9.27 -7.59
CA ILE G 424 46.32 -10.43 -8.45
C ILE G 424 45.82 -11.71 -7.79
N CYS G 425 45.22 -12.60 -8.58
CA CYS G 425 44.82 -13.93 -8.15
C CYS G 425 45.13 -14.89 -9.28
N TYR G 426 45.35 -16.16 -8.93
CA TYR G 426 45.73 -17.19 -9.90
C TYR G 426 44.65 -18.25 -9.96
N GLN G 427 44.22 -18.59 -11.18
CA GLN G 427 43.26 -19.66 -11.44
C GLN G 427 43.97 -20.75 -12.23
N GLU G 428 44.25 -21.87 -11.55
CA GLU G 428 44.94 -22.96 -12.25
C GLU G 428 44.02 -23.61 -13.28
N VAL G 429 42.71 -23.64 -12.99
CA VAL G 429 41.76 -24.23 -13.91
C VAL G 429 41.86 -23.58 -15.28
N SER G 430 42.08 -22.27 -15.31
CA SER G 430 42.14 -21.53 -16.56
C SER G 430 43.56 -21.15 -16.95
N GLN G 431 44.55 -21.68 -16.23
CA GLN G 431 45.96 -21.42 -16.54
C GLN G 431 46.18 -19.93 -16.79
N CYS G 432 45.50 -19.12 -16.01
CA CYS G 432 45.53 -17.68 -16.19
C CYS G 432 45.62 -17.01 -14.82
N PHE G 433 46.01 -15.74 -14.84
CA PHE G 433 46.10 -14.90 -13.65
C PHE G 433 45.04 -13.81 -13.80
N GLY G 434 44.35 -13.50 -12.71
CA GLY G 434 43.44 -12.38 -12.67
C GLY G 434 44.08 -11.19 -12.01
N VAL G 435 44.09 -10.05 -12.71
CA VAL G 435 44.70 -8.81 -12.23
C VAL G 435 43.69 -7.67 -12.32
N LEU G 436 43.46 -7.00 -11.19
CA LEU G 436 42.65 -5.78 -11.13
C LEU G 436 43.52 -4.55 -11.39
N SER G 437 43.01 -3.65 -12.22
CA SER G 437 43.80 -2.50 -12.67
C SER G 437 42.99 -1.21 -12.68
N SER G 438 43.72 -0.08 -12.71
CA SER G 438 43.11 1.23 -12.89
C SER G 438 43.93 2.03 -13.89
N ARG G 439 43.25 2.68 -14.83
CA ARG G 439 43.91 3.56 -15.78
C ARG G 439 43.31 4.95 -15.59
N ILE G 440 44.13 5.99 -15.77
CA ILE G 440 43.67 7.37 -15.60
C ILE G 440 43.30 7.94 -16.97
N GLU G 441 42.05 8.37 -17.09
CA GLU G 441 41.57 9.16 -18.21
C GLU G 441 41.22 10.55 -17.73
N VAL G 442 41.07 11.48 -18.66
CA VAL G 442 40.81 12.87 -18.33
C VAL G 442 39.53 13.32 -19.03
N GLN G 443 38.73 14.09 -18.31
CA GLN G 443 37.49 14.63 -18.84
C GLN G 443 37.82 15.52 -20.04
N ASP G 444 37.21 15.23 -21.18
CA ASP G 444 37.56 15.95 -22.39
C ASP G 444 36.35 16.74 -22.90
N THR G 445 36.57 17.46 -24.00
CA THR G 445 35.59 18.39 -24.54
C THR G 445 34.37 17.71 -25.12
N SER G 446 34.40 16.41 -25.35
CA SER G 446 33.23 15.70 -25.84
C SER G 446 32.18 15.47 -24.76
N GLY G 447 32.55 15.61 -23.48
CA GLY G 447 31.74 15.17 -22.38
C GLY G 447 32.14 13.82 -21.83
N GLY G 448 32.82 13.02 -22.64
CA GLY G 448 33.40 11.77 -22.18
C GLY G 448 34.80 11.98 -21.64
N THR G 449 35.61 10.92 -21.69
CA THR G 449 36.96 10.97 -21.18
C THR G 449 37.91 10.35 -22.19
N THR G 450 39.18 10.72 -22.06
CA THR G 450 40.21 10.30 -23.00
C THR G 450 41.42 9.76 -22.24
N ALA G 451 41.86 8.57 -22.63
CA ALA G 451 43.02 7.96 -21.99
C ALA G 451 44.28 8.63 -22.52
N LEU G 452 45.24 8.86 -21.61
CA LEU G 452 46.46 9.57 -21.97
C LEU G 452 47.40 8.73 -22.82
N ARG G 453 47.29 7.40 -22.75
CA ARG G 453 48.15 6.46 -23.44
C ARG G 453 47.40 5.13 -23.46
N PRO G 454 47.64 4.27 -24.45
CA PRO G 454 47.05 2.93 -24.42
C PRO G 454 47.67 2.10 -23.31
N SER G 455 46.89 1.16 -22.77
CA SER G 455 47.37 0.30 -21.70
C SER G 455 46.63 -1.03 -21.73
N ALA G 456 47.01 -1.92 -20.82
CA ALA G 456 46.51 -3.29 -20.81
C ALA G 456 44.99 -3.34 -20.96
N SER G 457 44.30 -2.43 -20.29
CA SER G 457 42.84 -2.46 -20.31
C SER G 457 42.28 -2.16 -21.70
N THR G 458 43.05 -1.49 -22.55
CA THR G 458 42.63 -1.15 -23.90
C THR G 458 43.22 -2.07 -24.97
N GLN G 459 44.28 -2.81 -24.63
CA GLN G 459 44.99 -3.65 -25.59
C GLN G 459 44.76 -5.15 -25.38
N ALA G 460 43.68 -5.53 -24.70
CA ALA G 460 43.35 -6.93 -24.53
C ALA G 460 42.95 -7.55 -25.87
N LEU G 461 43.14 -8.86 -26.00
CA LEU G 461 42.69 -9.53 -27.22
C LEU G 461 41.19 -9.35 -27.40
N SER G 462 40.40 -9.75 -26.40
CA SER G 462 38.96 -9.47 -26.32
C SER G 462 38.70 -8.64 -25.07
N SER G 463 37.60 -7.89 -25.07
CA SER G 463 37.29 -6.98 -23.98
C SER G 463 35.78 -6.87 -23.79
N SER G 464 35.37 -6.44 -22.60
CA SER G 464 33.96 -6.33 -22.25
C SER G 464 33.75 -5.17 -21.28
N VAL G 465 32.52 -4.64 -21.28
CA VAL G 465 32.13 -3.51 -20.42
C VAL G 465 30.85 -3.85 -19.67
N SER G 466 30.81 -3.49 -18.39
CA SER G 466 29.67 -3.82 -17.55
C SER G 466 28.41 -3.12 -18.03
N SER G 467 27.31 -3.88 -18.07
CA SER G 467 26.00 -3.35 -18.43
C SER G 467 25.09 -3.30 -17.21
N SER G 468 25.65 -3.44 -16.01
CA SER G 468 24.84 -3.54 -14.81
C SER G 468 23.99 -2.29 -14.63
N LYS G 469 22.73 -2.51 -14.31
CA LYS G 469 21.78 -1.46 -13.96
C LYS G 469 21.46 -1.49 -12.47
N LEU G 470 22.31 -2.15 -11.68
CA LEU G 470 22.06 -2.29 -10.25
C LEU G 470 21.91 -0.94 -9.56
N PHE G 471 22.81 0.00 -9.85
CA PHE G 471 22.68 1.35 -9.31
C PHE G 471 21.76 2.21 -10.15
N SER G 472 21.39 1.71 -11.32
CA SER G 472 20.32 2.22 -12.18
C SER G 472 20.30 3.74 -12.19
N SER G 473 19.19 4.38 -11.85
CA SER G 473 19.11 5.82 -11.95
C SER G 473 19.91 6.49 -10.86
N SER G 474 19.98 5.87 -9.67
CA SER G 474 20.76 6.43 -8.56
C SER G 474 20.19 7.79 -8.16
N THR G 475 19.79 8.59 -9.16
CA THR G 475 19.28 9.95 -8.95
C THR G 475 20.27 10.79 -8.12
N ALA G 476 21.53 10.74 -8.52
CA ALA G 476 22.61 11.50 -7.88
C ALA G 476 23.54 11.98 -8.98
N PRO G 477 23.15 13.07 -9.68
CA PRO G 477 23.96 13.52 -10.82
C PRO G 477 25.21 14.24 -10.35
N HIS G 478 26.33 13.91 -10.99
CA HIS G 478 27.63 14.50 -10.66
C HIS G 478 28.16 15.38 -11.79
N GLU G 479 28.52 16.60 -11.42
CA GLU G 479 29.02 17.58 -12.38
C GLU G 479 30.46 17.23 -12.73
N THR G 480 30.75 17.15 -14.02
CA THR G 480 32.06 16.76 -14.52
C THR G 480 32.67 17.97 -15.18
N SER G 481 33.90 18.30 -14.81
CA SER G 481 34.59 19.47 -15.32
C SER G 481 35.79 19.07 -16.18
N PHE G 482 35.97 19.79 -17.28
CA PHE G 482 37.06 19.49 -18.21
C PHE G 482 38.41 19.56 -17.52
N GLY G 483 39.25 18.57 -17.78
CA GLY G 483 40.59 18.52 -17.21
C GLY G 483 40.69 17.66 -15.98
N GLU G 484 39.56 17.30 -15.39
CA GLU G 484 39.57 16.49 -14.17
C GLU G 484 39.96 15.05 -14.52
N GLU G 485 40.69 14.41 -13.62
CA GLU G 485 41.05 13.02 -13.80
C GLU G 485 39.95 12.11 -13.27
N VAL G 486 39.85 10.92 -13.86
CA VAL G 486 39.00 9.86 -13.34
C VAL G 486 39.78 8.56 -13.48
N GLU G 487 39.54 7.63 -12.56
CA GLU G 487 40.10 6.29 -12.67
C GLU G 487 39.05 5.38 -13.32
N VAL G 488 39.51 4.54 -14.24
CA VAL G 488 38.67 3.56 -14.92
C VAL G 488 39.23 2.18 -14.57
N HIS G 489 38.41 1.33 -13.99
CA HIS G 489 38.87 0.08 -13.39
C HIS G 489 38.49 -1.14 -14.23
N ASN G 490 39.42 -2.09 -14.29
CA ASN G 490 39.28 -3.26 -15.14
C ASN G 490 39.74 -4.51 -14.40
N LEU G 491 39.22 -5.65 -14.85
CA LEU G 491 39.75 -6.97 -14.50
C LEU G 491 40.42 -7.54 -15.74
N LEU G 492 41.71 -7.86 -15.62
CA LEU G 492 42.51 -8.35 -16.73
C LEU G 492 42.72 -9.85 -16.56
N ILE G 493 42.59 -10.59 -17.64
CA ILE G 493 42.95 -12.00 -17.70
C ILE G 493 44.29 -12.11 -18.43
N ILE G 494 45.27 -12.69 -17.75
CA ILE G 494 46.65 -12.72 -18.22
C ILE G 494 47.06 -14.19 -18.29
N ASP G 495 47.65 -14.60 -19.41
CA ASP G 495 48.02 -15.99 -19.61
C ASP G 495 49.19 -16.40 -18.70
N GLN G 496 49.16 -17.65 -18.24
CA GLN G 496 50.14 -18.10 -17.25
C GLN G 496 51.54 -18.22 -17.81
N HIS G 497 51.69 -18.34 -19.13
CA HIS G 497 53.01 -18.48 -19.74
C HIS G 497 53.39 -17.27 -20.58
N THR G 498 52.49 -16.83 -21.48
CA THR G 498 52.83 -15.71 -22.35
C THR G 498 52.60 -14.38 -21.65
N PHE G 499 51.80 -14.36 -20.59
CA PHE G 499 51.47 -13.13 -19.86
C PHE G 499 50.92 -12.07 -20.81
N GLU G 500 50.17 -12.54 -21.80
CA GLU G 500 49.37 -11.70 -22.68
C GLU G 500 48.00 -11.43 -22.07
N VAL G 501 47.49 -10.21 -22.26
CA VAL G 501 46.18 -9.85 -21.73
C VAL G 501 45.14 -10.48 -22.64
N LEU G 502 44.51 -11.56 -22.18
CA LEU G 502 43.53 -12.26 -23.01
C LEU G 502 42.17 -11.57 -22.99
N HIS G 503 41.78 -11.02 -21.85
CA HIS G 503 40.49 -10.36 -21.72
C HIS G 503 40.61 -9.21 -20.73
N ALA G 504 39.69 -8.27 -20.84
CA ALA G 504 39.62 -7.12 -19.93
C ALA G 504 38.17 -6.70 -19.78
N HIS G 505 37.72 -6.56 -18.54
CA HIS G 505 36.36 -6.14 -18.24
C HIS G 505 36.43 -4.78 -17.55
N GLN G 506 35.76 -3.79 -18.12
CA GLN G 506 35.72 -2.46 -17.54
C GLN G 506 34.53 -2.39 -16.60
N PHE G 507 34.79 -2.00 -15.35
CA PHE G 507 33.73 -1.91 -14.37
C PHE G 507 32.94 -0.61 -14.58
N LEU G 508 31.84 -0.48 -13.86
CA LEU G 508 30.92 0.63 -14.10
C LEU G 508 31.61 1.97 -13.90
N GLN G 509 31.03 3.01 -14.49
CA GLN G 509 31.58 4.35 -14.35
C GLN G 509 31.64 4.73 -12.88
N ASN G 510 32.80 5.25 -12.45
CA ASN G 510 33.00 5.64 -11.06
C ASN G 510 32.93 4.44 -10.12
N GLU G 511 33.31 3.26 -10.62
CA GLU G 511 33.39 2.05 -9.81
C GLU G 511 34.85 1.63 -9.61
N TYR G 512 35.22 1.42 -8.36
CA TYR G 512 36.55 0.94 -8.00
C TYR G 512 36.50 -0.54 -7.67
N ALA G 513 37.45 -1.31 -8.23
CA ALA G 513 37.66 -2.70 -7.87
C ALA G 513 38.66 -2.77 -6.73
N LEU G 514 38.26 -3.38 -5.61
CA LEU G 514 39.08 -3.39 -4.40
C LEU G 514 39.55 -4.77 -3.97
N SER G 515 38.85 -5.85 -4.36
CA SER G 515 39.16 -7.17 -3.83
C SER G 515 38.91 -8.22 -4.90
N LEU G 516 39.78 -9.24 -4.92
CA LEU G 516 39.75 -10.28 -5.93
C LEU G 516 40.05 -11.65 -5.32
N VAL G 517 39.27 -12.66 -5.73
CA VAL G 517 39.52 -14.04 -5.35
C VAL G 517 39.19 -14.97 -6.51
N SER G 518 39.91 -16.09 -6.59
CA SER G 518 39.64 -17.18 -7.52
C SER G 518 39.28 -18.43 -6.69
N CYS G 519 38.02 -18.88 -6.76
CA CYS G 519 37.62 -20.02 -5.94
C CYS G 519 36.39 -20.72 -6.51
N LYS G 520 36.12 -21.91 -5.95
CA LYS G 520 34.87 -22.64 -6.13
C LYS G 520 34.01 -22.42 -4.89
N LEU G 521 32.69 -22.31 -5.08
CA LEU G 521 31.76 -22.04 -3.98
C LEU G 521 30.63 -23.06 -3.96
N GLY G 522 30.18 -23.38 -2.76
CA GLY G 522 29.06 -24.30 -2.59
C GLY G 522 29.39 -25.64 -3.21
N LYS G 523 28.41 -26.24 -3.89
CA LYS G 523 28.65 -27.44 -4.66
C LYS G 523 28.78 -27.16 -6.16
N ASP G 524 29.16 -25.93 -6.52
CA ASP G 524 29.27 -25.54 -7.91
C ASP G 524 30.67 -25.88 -8.39
N PRO G 525 30.82 -26.81 -9.35
CA PRO G 525 32.17 -27.23 -9.75
C PRO G 525 32.97 -26.13 -10.43
N ASN G 526 32.30 -25.16 -11.04
CA ASN G 526 32.99 -24.12 -11.80
C ASN G 526 33.82 -23.24 -10.87
N THR G 527 35.01 -22.89 -11.35
CA THR G 527 35.92 -21.99 -10.64
C THR G 527 35.67 -20.58 -11.16
N TYR G 528 35.46 -19.65 -10.24
CA TYR G 528 35.02 -18.31 -10.61
C TYR G 528 36.08 -17.28 -10.22
N PHE G 529 35.99 -16.12 -10.86
CA PHE G 529 36.68 -14.90 -10.46
C PHE G 529 35.63 -14.02 -9.78
N ILE G 530 35.86 -13.64 -8.53
CA ILE G 530 34.92 -12.83 -7.78
C ILE G 530 35.59 -11.51 -7.42
N VAL G 531 34.94 -10.41 -7.76
CA VAL G 531 35.46 -9.07 -7.52
C VAL G 531 34.55 -8.33 -6.56
N GLY G 532 35.16 -7.57 -5.66
CA GLY G 532 34.44 -6.68 -4.77
C GLY G 532 34.77 -5.24 -5.15
N THR G 533 33.73 -4.42 -5.21
CA THR G 533 33.86 -3.07 -5.76
C THR G 533 33.27 -2.05 -4.80
N ALA G 534 33.52 -0.78 -5.12
CA ALA G 534 32.99 0.36 -4.37
C ALA G 534 32.63 1.46 -5.37
N MET G 535 31.44 2.01 -5.25
CA MET G 535 31.04 3.16 -6.06
C MET G 535 31.60 4.41 -5.42
N VAL G 536 32.58 5.02 -6.06
CA VAL G 536 33.28 6.16 -5.53
C VAL G 536 32.78 7.41 -6.26
N TYR G 537 32.05 8.25 -5.54
CA TYR G 537 31.66 9.56 -6.01
C TYR G 537 32.38 10.53 -5.07
N PRO G 538 33.05 11.58 -5.56
CA PRO G 538 33.98 12.30 -4.68
C PRO G 538 33.36 13.02 -3.49
N GLU G 539 32.04 13.25 -3.47
CA GLU G 539 31.47 13.98 -2.35
C GLU G 539 31.33 13.09 -1.12
N GLU G 540 31.08 11.80 -1.33
CA GLU G 540 30.88 10.90 -0.21
C GLU G 540 32.22 10.67 0.46
N ALA G 541 32.29 10.91 1.77
CA ALA G 541 33.54 10.64 2.46
C ALA G 541 33.77 9.13 2.56
N GLU G 542 32.72 8.35 2.69
CA GLU G 542 32.89 6.92 2.75
C GLU G 542 31.88 6.30 1.79
N PRO G 543 32.31 5.33 0.96
CA PRO G 543 31.39 4.76 -0.04
C PRO G 543 30.16 4.15 0.62
N LYS G 544 29.01 4.36 -0.02
CA LYS G 544 27.76 3.84 0.48
C LYS G 544 27.14 2.79 -0.43
N GLN G 545 27.76 2.49 -1.57
CA GLN G 545 27.25 1.53 -2.53
C GLN G 545 28.38 0.65 -3.02
N GLY G 546 28.07 -0.59 -3.36
CA GLY G 546 29.09 -1.52 -3.82
C GLY G 546 28.47 -2.73 -4.48
N ARG G 547 29.34 -3.52 -5.11
CA ARG G 547 28.91 -4.73 -5.80
C ARG G 547 29.88 -5.86 -5.47
N ILE G 548 29.35 -7.07 -5.44
CA ILE G 548 30.16 -8.29 -5.41
C ILE G 548 29.77 -9.05 -6.67
N VAL G 549 30.72 -9.22 -7.57
CA VAL G 549 30.43 -9.76 -8.91
C VAL G 549 31.16 -11.08 -9.08
N VAL G 550 30.46 -12.08 -9.58
CA VAL G 550 31.02 -13.40 -9.85
C VAL G 550 31.22 -13.52 -11.35
N PHE G 551 32.42 -13.96 -11.76
CA PHE G 551 32.78 -14.08 -13.16
C PHE G 551 33.26 -15.50 -13.43
N GLN G 552 33.00 -15.99 -14.65
CA GLN G 552 33.59 -17.23 -15.13
C GLN G 552 34.34 -16.95 -16.42
N TYR G 553 35.62 -17.29 -16.45
CA TYR G 553 36.42 -17.24 -17.66
C TYR G 553 36.21 -18.56 -18.40
N SER G 554 35.55 -18.50 -19.56
CA SER G 554 35.27 -19.69 -20.34
C SER G 554 35.51 -19.39 -21.82
N ASP G 555 36.31 -20.25 -22.45
CA ASP G 555 36.51 -20.18 -23.89
C ASP G 555 36.92 -18.77 -24.31
N GLY G 556 37.87 -18.22 -23.57
CA GLY G 556 38.53 -16.97 -23.90
C GLY G 556 37.80 -15.68 -23.59
N LYS G 557 36.61 -15.74 -22.97
CA LYS G 557 35.91 -14.53 -22.56
C LYS G 557 35.30 -14.69 -21.18
N LEU G 558 35.29 -13.59 -20.43
CA LEU G 558 34.73 -13.57 -19.09
C LEU G 558 33.23 -13.34 -19.15
N GLN G 559 32.48 -14.13 -18.39
CA GLN G 559 31.03 -14.04 -18.29
C GLN G 559 30.62 -13.60 -16.89
N THR G 560 29.42 -13.04 -16.77
CA THR G 560 28.93 -12.53 -15.50
C THR G 560 27.87 -13.47 -14.93
N VAL G 561 28.27 -14.28 -13.94
CA VAL G 561 27.36 -15.28 -13.38
C VAL G 561 26.32 -14.61 -12.48
N ALA G 562 26.76 -13.68 -11.63
CA ALA G 562 25.84 -13.06 -10.69
C ALA G 562 26.42 -11.77 -10.12
N GLU G 563 25.51 -10.94 -9.61
CA GLU G 563 25.86 -9.70 -8.95
C GLU G 563 25.16 -9.63 -7.59
N LYS G 564 25.84 -9.09 -6.60
CA LYS G 564 25.25 -8.87 -5.27
C LYS G 564 25.49 -7.41 -4.91
N GLU G 565 24.40 -6.68 -4.63
CA GLU G 565 24.52 -5.29 -4.23
C GLU G 565 24.81 -5.20 -2.74
N VAL G 566 25.77 -4.32 -2.38
CA VAL G 566 26.10 -4.06 -0.99
C VAL G 566 26.08 -2.56 -0.75
N LYS G 567 25.91 -2.18 0.52
CA LYS G 567 25.84 -0.77 0.90
C LYS G 567 27.17 -0.24 1.41
N GLY G 568 28.24 -0.40 0.63
CA GLY G 568 29.55 0.02 1.09
C GLY G 568 30.62 -0.55 0.18
N ALA G 569 31.87 -0.29 0.57
CA ALA G 569 33.02 -0.78 -0.18
C ALA G 569 33.35 -2.20 0.26
N VAL G 570 33.54 -3.09 -0.71
CA VAL G 570 33.94 -4.47 -0.42
C VAL G 570 35.45 -4.45 -0.41
N TYR G 571 36.03 -4.18 0.77
CA TYR G 571 37.46 -3.99 0.87
C TYR G 571 38.23 -5.31 0.75
N SER G 572 37.66 -6.42 1.23
CA SER G 572 38.39 -7.68 1.27
C SER G 572 37.45 -8.88 1.15
N MET G 573 37.90 -9.91 0.43
CA MET G 573 37.18 -11.17 0.24
C MET G 573 38.14 -12.34 0.35
N VAL G 574 37.64 -13.45 0.91
CA VAL G 574 38.44 -14.68 1.05
C VAL G 574 37.53 -15.89 0.96
N GLU G 575 38.09 -17.00 0.45
CA GLU G 575 37.31 -18.24 0.34
C GLU G 575 37.25 -18.85 1.73
N PHE G 576 36.04 -19.18 2.18
CA PHE G 576 35.80 -19.69 3.54
C PHE G 576 34.94 -20.94 3.49
N ASN G 577 35.60 -22.09 3.37
CA ASN G 577 34.92 -23.37 3.52
C ASN G 577 33.69 -23.44 2.58
N GLY G 578 33.92 -23.15 1.30
CA GLY G 578 32.87 -23.19 0.31
C GLY G 578 31.93 -22.00 0.34
N LYS G 579 32.15 -21.06 1.24
CA LYS G 579 31.36 -19.85 1.35
C LYS G 579 32.25 -18.66 1.06
N LEU G 580 31.63 -17.49 0.88
CA LEU G 580 32.33 -16.26 0.54
C LEU G 580 32.32 -15.34 1.75
N LEU G 581 33.51 -15.05 2.27
CA LEU G 581 33.68 -14.11 3.37
C LEU G 581 34.12 -12.78 2.80
N ALA G 582 33.32 -11.73 3.06
CA ALA G 582 33.60 -10.41 2.49
C ALA G 582 33.40 -9.34 3.55
N SER G 583 34.22 -8.29 3.48
CA SER G 583 34.17 -7.16 4.39
C SER G 583 33.59 -5.98 3.62
N ILE G 584 32.41 -5.52 4.02
CA ILE G 584 31.76 -4.35 3.44
C ILE G 584 31.81 -3.24 4.48
N ASN G 585 32.73 -2.29 4.30
CA ASN G 585 32.88 -1.16 5.24
C ASN G 585 33.09 -1.66 6.68
N SER G 586 32.16 -1.33 7.58
CA SER G 586 32.28 -1.78 8.97
C SER G 586 31.92 -3.26 9.14
N THR G 587 31.17 -3.83 8.20
CA THR G 587 30.61 -5.16 8.35
C THR G 587 31.53 -6.23 7.77
N VAL G 588 31.62 -7.35 8.47
CA VAL G 588 32.20 -8.59 7.96
C VAL G 588 31.04 -9.55 7.74
N ARG G 589 30.91 -10.06 6.52
CA ARG G 589 29.76 -10.86 6.13
C ARG G 589 30.22 -12.19 5.55
N LEU G 590 29.43 -13.23 5.80
CA LEU G 590 29.62 -14.55 5.21
C LEU G 590 28.44 -14.84 4.29
N TYR G 591 28.74 -15.10 3.02
CA TYR G 591 27.76 -15.40 2.00
C TYR G 591 27.80 -16.89 1.67
N GLU G 592 26.63 -17.44 1.34
CA GLU G 592 26.50 -18.81 0.85
C GLU G 592 26.21 -18.75 -0.65
N TRP G 593 26.74 -19.73 -1.39
CA TRP G 593 26.53 -19.83 -2.83
C TRP G 593 25.39 -20.82 -3.07
N THR G 594 24.27 -20.31 -3.56
CA THR G 594 23.08 -21.16 -3.65
C THR G 594 23.11 -22.04 -4.89
N THR G 595 22.17 -22.99 -4.92
CA THR G 595 21.96 -23.82 -6.08
C THR G 595 21.48 -23.01 -7.27
N GLU G 596 21.02 -21.79 -7.01
CA GLU G 596 20.54 -20.86 -8.03
C GLU G 596 21.66 -19.95 -8.55
N LYS G 597 22.90 -20.23 -8.19
CA LYS G 597 24.06 -19.45 -8.62
C LYS G 597 23.94 -17.99 -8.20
N GLU G 598 23.53 -17.75 -6.96
CA GLU G 598 23.51 -16.41 -6.37
C GLU G 598 24.00 -16.47 -4.93
N LEU G 599 24.42 -15.32 -4.43
CA LEU G 599 24.97 -15.20 -3.08
C LEU G 599 23.87 -14.87 -2.07
N ARG G 600 23.88 -15.59 -0.95
CA ARG G 600 22.91 -15.41 0.13
C ARG G 600 23.66 -15.21 1.45
N THR G 601 23.30 -14.16 2.16
CA THR G 601 23.97 -13.81 3.41
C THR G 601 23.60 -14.79 4.51
N GLU G 602 24.61 -15.25 5.25
CA GLU G 602 24.34 -16.12 6.40
C GLU G 602 24.46 -15.39 7.73
N CYS G 603 25.62 -14.80 8.02
CA CYS G 603 25.87 -14.12 9.31
C CYS G 603 26.75 -12.91 9.07
N ASN G 604 26.65 -11.94 9.98
CA ASN G 604 27.34 -10.66 9.86
C ASN G 604 28.01 -10.31 11.18
N HIS G 605 29.10 -9.53 11.08
CA HIS G 605 29.75 -8.95 12.24
C HIS G 605 29.98 -7.46 11.99
N TYR G 606 29.62 -6.62 12.96
CA TYR G 606 29.63 -5.18 12.73
C TYR G 606 30.62 -4.39 13.58
N ASN G 607 31.31 -5.00 14.54
CA ASN G 607 32.14 -4.24 15.48
C ASN G 607 33.52 -3.99 14.86
N ASN G 608 33.54 -3.15 13.84
CA ASN G 608 34.77 -2.74 13.18
C ASN G 608 34.60 -1.30 12.74
N ILE G 609 35.67 -0.51 12.81
CA ILE G 609 35.62 0.83 12.24
C ILE G 609 35.71 0.75 10.72
N MET G 610 36.61 -0.07 10.19
CA MET G 610 36.72 -0.29 8.74
C MET G 610 37.48 -1.60 8.55
N ALA G 611 36.76 -2.64 8.16
CA ALA G 611 37.32 -3.99 8.04
C ALA G 611 38.11 -4.08 6.74
N LEU G 612 39.39 -3.72 6.82
CA LEU G 612 40.18 -3.56 5.61
C LEU G 612 40.83 -4.85 5.14
N TYR G 613 41.08 -5.80 6.05
CA TYR G 613 41.85 -7.00 5.72
C TYR G 613 41.23 -8.23 6.34
N LEU G 614 41.20 -9.32 5.57
CA LEU G 614 40.69 -10.59 6.06
C LEU G 614 41.68 -11.70 5.74
N LYS G 615 41.84 -12.63 6.69
CA LYS G 615 42.54 -13.89 6.48
C LYS G 615 41.79 -14.95 7.28
N THR G 616 41.86 -16.21 6.82
CA THR G 616 41.15 -17.29 7.50
C THR G 616 42.05 -18.50 7.69
N LYS G 617 41.65 -19.35 8.64
CA LYS G 617 42.28 -20.64 8.88
C LYS G 617 41.22 -21.47 9.60
N GLY G 618 40.57 -22.36 8.87
CA GLY G 618 39.50 -23.15 9.45
C GLY G 618 38.25 -22.31 9.61
N ASP G 619 37.67 -22.32 10.82
CA ASP G 619 36.52 -21.49 11.14
C ASP G 619 36.94 -20.20 11.85
N PHE G 620 38.22 -19.85 11.78
CA PHE G 620 38.77 -18.65 12.39
C PHE G 620 39.04 -17.59 11.33
N ILE G 621 38.72 -16.34 11.66
CA ILE G 621 38.92 -15.20 10.77
C ILE G 621 39.72 -14.15 11.52
N LEU G 622 40.75 -13.59 10.87
CA LEU G 622 41.50 -12.46 11.42
C LEU G 622 41.11 -11.22 10.64
N VAL G 623 40.62 -10.20 11.35
CA VAL G 623 40.16 -8.96 10.73
C VAL G 623 41.15 -7.87 11.08
N GLY G 624 41.53 -7.07 10.08
CA GLY G 624 42.41 -5.94 10.31
C GLY G 624 41.66 -4.63 10.15
N ASP G 625 41.65 -3.80 11.19
CA ASP G 625 40.84 -2.59 11.21
C ASP G 625 41.72 -1.40 10.87
N LEU G 626 41.06 -0.32 10.45
CA LEU G 626 41.82 0.87 10.08
C LEU G 626 42.59 1.43 11.26
N MET G 627 42.01 1.35 12.45
CA MET G 627 42.61 1.99 13.62
C MET G 627 42.56 1.14 14.88
N ARG G 628 41.92 -0.02 14.86
CA ARG G 628 41.72 -0.84 16.04
C ARG G 628 42.52 -2.14 16.03
N SER G 629 43.61 -2.20 15.26
CA SER G 629 44.52 -3.34 15.28
C SER G 629 43.78 -4.56 14.74
N VAL G 630 43.81 -5.70 15.43
CA VAL G 630 43.32 -6.96 14.87
C VAL G 630 42.31 -7.64 15.82
N LEU G 631 41.32 -8.32 15.23
CA LEU G 631 40.30 -9.05 15.96
C LEU G 631 40.22 -10.47 15.43
N LEU G 632 40.28 -11.44 16.34
CA LEU G 632 40.08 -12.86 16.00
C LEU G 632 38.61 -13.23 16.14
N LEU G 633 38.02 -13.71 15.04
CA LEU G 633 36.62 -14.06 14.94
C LEU G 633 36.48 -15.55 14.63
N ALA G 634 35.41 -16.15 15.14
CA ALA G 634 35.15 -17.57 14.90
C ALA G 634 33.75 -17.75 14.33
N TYR G 635 33.63 -18.66 13.37
CA TYR G 635 32.34 -19.05 12.84
C TYR G 635 31.84 -20.20 13.72
N LYS G 636 30.72 -19.98 14.40
CA LYS G 636 30.16 -21.02 15.25
C LYS G 636 29.17 -21.83 14.41
N PRO G 637 29.61 -23.00 13.93
CA PRO G 637 28.81 -23.72 12.92
C PRO G 637 27.44 -24.13 13.39
N MET G 638 27.31 -24.47 14.67
CA MET G 638 26.03 -24.99 15.16
C MET G 638 24.93 -23.94 15.07
N GLU G 639 25.28 -22.67 15.30
CA GLU G 639 24.31 -21.59 15.38
C GLU G 639 24.28 -20.73 14.14
N GLY G 640 25.29 -20.82 13.28
CA GLY G 640 25.28 -20.04 12.06
C GLY G 640 25.55 -18.57 12.27
N ASN G 641 26.50 -18.24 13.15
CA ASN G 641 26.81 -16.87 13.48
C ASN G 641 28.31 -16.78 13.78
N PHE G 642 28.75 -15.59 14.13
CA PHE G 642 30.13 -15.30 14.44
C PHE G 642 30.26 -15.14 15.96
N GLU G 643 31.45 -15.42 16.49
CA GLU G 643 31.75 -15.13 17.88
C GLU G 643 33.12 -14.48 17.97
N GLU G 644 33.25 -13.50 18.85
CA GLU G 644 34.49 -12.76 19.01
C GLU G 644 35.38 -13.50 19.99
N ILE G 645 36.44 -14.11 19.47
CA ILE G 645 37.34 -14.87 20.34
C ILE G 645 38.19 -13.91 21.18
N ALA G 646 38.86 -12.98 20.52
CA ALA G 646 39.79 -12.08 21.21
C ALA G 646 40.14 -10.92 20.30
N ARG G 647 40.22 -9.73 20.87
CA ARG G 647 40.60 -8.51 20.17
C ARG G 647 41.84 -7.93 20.84
N ASP G 648 42.78 -7.46 20.01
CA ASP G 648 43.88 -6.64 20.49
C ASP G 648 43.34 -5.23 20.76
N PHE G 649 43.59 -4.72 21.96
CA PHE G 649 43.05 -3.42 22.34
C PHE G 649 44.07 -2.29 22.22
N ASN G 650 45.20 -2.53 21.54
CA ASN G 650 46.19 -1.48 21.29
C ASN G 650 45.89 -0.81 19.95
N PRO G 651 45.81 0.52 19.90
CA PRO G 651 45.35 1.18 18.66
C PRO G 651 46.47 1.25 17.63
N ASN G 652 46.30 0.51 16.53
CA ASN G 652 47.28 0.50 15.45
C ASN G 652 46.57 0.70 14.13
N TRP G 653 47.21 1.43 13.23
CA TRP G 653 46.72 1.63 11.87
C TRP G 653 47.31 0.53 11.00
N MET G 654 46.45 -0.38 10.54
CA MET G 654 46.93 -1.59 9.88
C MET G 654 47.22 -1.33 8.40
N SER G 655 48.27 -1.97 7.91
CA SER G 655 48.57 -2.05 6.49
C SER G 655 48.38 -3.44 5.92
N ALA G 656 48.52 -4.49 6.73
CA ALA G 656 48.28 -5.87 6.29
C ALA G 656 48.27 -6.78 7.52
N VAL G 657 47.59 -7.93 7.41
CA VAL G 657 47.53 -8.91 8.49
C VAL G 657 47.77 -10.29 7.92
N GLU G 658 48.34 -11.18 8.74
CA GLU G 658 48.51 -12.59 8.38
C GLU G 658 48.35 -13.50 9.60
N ILE G 659 47.85 -14.71 9.34
CA ILE G 659 47.75 -15.74 10.37
C ILE G 659 48.98 -16.63 10.30
N LEU G 660 49.71 -16.75 11.40
CA LEU G 660 50.89 -17.62 11.44
C LEU G 660 50.51 -19.05 11.83
N ASP G 661 49.73 -19.21 12.89
CA ASP G 661 49.22 -20.50 13.35
C ASP G 661 47.99 -20.23 14.19
N ASP G 662 47.42 -21.30 14.75
CA ASP G 662 46.13 -21.17 15.43
C ASP G 662 46.16 -20.20 16.60
N ASP G 663 47.35 -19.86 17.12
CA ASP G 663 47.47 -18.98 18.28
C ASP G 663 48.21 -17.67 18.01
N ASN G 664 49.05 -17.61 16.98
CA ASN G 664 49.87 -16.42 16.70
C ASN G 664 49.36 -15.69 15.47
N PHE G 665 49.35 -14.35 15.54
CA PHE G 665 48.85 -13.50 14.47
C PHE G 665 49.81 -12.35 14.21
N LEU G 666 50.09 -12.08 12.93
CA LEU G 666 51.10 -11.13 12.50
C LEU G 666 50.46 -9.90 11.87
N GLY G 667 51.00 -8.72 12.19
CA GLY G 667 50.47 -7.48 11.65
C GLY G 667 51.55 -6.49 11.26
N ALA G 668 51.18 -5.61 10.32
CA ALA G 668 52.03 -4.54 9.83
C ALA G 668 51.25 -3.23 9.83
N GLU G 669 51.82 -2.19 10.43
CA GLU G 669 51.16 -0.90 10.61
C GLU G 669 51.83 0.22 9.81
N ASN G 670 51.10 1.34 9.70
CA ASN G 670 51.56 2.49 8.93
C ASN G 670 52.79 3.16 9.53
N ALA G 671 53.23 2.75 10.71
CA ALA G 671 54.44 3.28 11.32
C ALA G 671 55.69 2.48 10.96
N PHE G 672 55.56 1.53 10.04
CA PHE G 672 56.65 0.65 9.62
C PHE G 672 57.02 -0.35 10.72
N ASN G 673 56.03 -0.85 11.45
CA ASN G 673 56.30 -1.80 12.51
C ASN G 673 55.59 -3.13 12.25
N LEU G 674 56.18 -4.21 12.76
CA LEU G 674 55.57 -5.52 12.76
C LEU G 674 55.26 -5.86 14.21
N PHE G 675 54.18 -6.58 14.45
CA PHE G 675 53.85 -7.04 15.79
C PHE G 675 53.12 -8.37 15.68
N VAL G 676 53.19 -9.16 16.76
CA VAL G 676 52.54 -10.46 16.80
C VAL G 676 51.69 -10.53 18.06
N CYS G 677 50.46 -10.99 17.90
CA CYS G 677 49.51 -11.12 18.99
C CYS G 677 49.18 -12.60 19.21
N GLN G 678 49.08 -13.01 20.47
CA GLN G 678 48.81 -14.40 20.83
C GLN G 678 47.58 -14.45 21.71
N LYS G 679 46.71 -15.44 21.46
CA LYS G 679 45.62 -15.69 22.38
C LYS G 679 46.16 -16.04 23.76
N ASP G 680 45.52 -15.52 24.80
CA ASP G 680 46.01 -15.80 26.15
C ASP G 680 45.81 -17.27 26.51
N SER G 681 46.32 -18.17 25.67
CA SER G 681 46.24 -19.62 25.89
C SER G 681 44.77 -19.98 26.05
N ALA G 682 44.40 -20.72 27.10
CA ALA G 682 43.02 -21.05 27.42
C ALA G 682 42.72 -20.65 28.86
N ALA G 683 43.14 -19.43 29.23
CA ALA G 683 42.95 -18.93 30.57
C ALA G 683 41.48 -18.99 30.96
N THR G 684 41.23 -19.24 32.25
CA THR G 684 39.85 -19.35 32.73
C THR G 684 39.10 -18.03 32.70
N THR G 685 39.78 -16.90 32.91
CA THR G 685 39.09 -15.62 32.91
C THR G 685 38.58 -15.33 31.51
N ASP G 686 37.30 -14.97 31.39
CA ASP G 686 36.77 -14.64 30.07
C ASP G 686 37.46 -13.40 29.52
N GLU G 687 37.79 -12.46 30.39
CA GLU G 687 38.48 -11.24 29.97
C GLU G 687 39.85 -11.56 29.39
N GLU G 688 40.57 -12.49 30.01
CA GLU G 688 41.89 -12.84 29.51
C GLU G 688 41.80 -13.53 28.15
N ARG G 689 40.82 -14.44 27.99
CA ARG G 689 40.68 -15.10 26.69
C ARG G 689 40.36 -14.09 25.58
N GLN G 690 39.46 -13.14 25.85
CA GLN G 690 39.05 -12.14 24.86
C GLN G 690 40.07 -11.02 24.72
N HIS G 691 41.28 -11.23 25.24
CA HIS G 691 42.39 -10.30 25.11
C HIS G 691 43.50 -10.93 24.29
N LEU G 692 43.92 -10.23 23.24
CA LEU G 692 45.09 -10.59 22.44
C LEU G 692 46.29 -9.82 22.96
N GLN G 693 47.32 -10.53 23.40
CA GLN G 693 48.50 -9.87 23.94
C GLN G 693 49.53 -9.67 22.82
N GLU G 694 49.88 -8.40 22.55
CA GLU G 694 51.02 -8.16 21.67
C GLU G 694 52.28 -8.74 22.30
N VAL G 695 52.81 -9.76 21.65
CA VAL G 695 53.91 -10.52 22.20
C VAL G 695 55.20 -10.36 21.40
N GLY G 696 55.11 -9.89 20.17
CA GLY G 696 56.28 -9.62 19.37
C GLY G 696 56.19 -8.24 18.80
N LEU G 697 57.28 -7.47 18.94
CA LEU G 697 57.36 -6.11 18.46
C LEU G 697 58.68 -5.92 17.74
N PHE G 698 58.65 -5.29 16.57
CA PHE G 698 59.83 -5.16 15.73
C PHE G 698 59.61 -4.00 14.77
N HIS G 699 60.59 -3.10 14.69
CA HIS G 699 60.53 -2.00 13.72
C HIS G 699 61.14 -2.50 12.43
N LEU G 700 60.29 -2.73 11.42
CA LEU G 700 60.79 -3.23 10.15
C LEU G 700 61.49 -2.14 9.34
N GLY G 701 60.93 -0.93 9.32
CA GLY G 701 61.44 0.13 8.49
C GLY G 701 60.86 0.16 7.10
N GLU G 702 59.94 -0.74 6.77
CA GLU G 702 59.28 -0.78 5.48
C GLU G 702 57.78 -0.80 5.66
N PHE G 703 57.07 -0.43 4.60
CA PHE G 703 55.62 -0.41 4.59
C PHE G 703 55.13 -1.69 3.90
N VAL G 704 54.52 -2.58 4.68
CA VAL G 704 54.14 -3.91 4.20
C VAL G 704 52.72 -3.84 3.68
N ASN G 705 52.56 -4.00 2.37
CA ASN G 705 51.24 -4.01 1.73
C ASN G 705 50.59 -5.39 1.72
N VAL G 706 51.37 -6.45 1.63
CA VAL G 706 50.81 -7.79 1.43
C VAL G 706 51.61 -8.84 2.21
N PHE G 707 50.90 -9.73 2.90
CA PHE G 707 51.45 -10.92 3.54
C PHE G 707 50.99 -12.15 2.78
N CYS G 708 51.92 -13.05 2.48
CA CYS G 708 51.62 -14.26 1.70
C CYS G 708 52.37 -15.49 2.22
N HIS G 709 51.64 -16.59 2.36
CA HIS G 709 52.22 -17.86 2.78
C HIS G 709 52.90 -18.54 1.60
N GLY G 710 54.17 -18.90 1.77
CA GLY G 710 54.90 -19.59 0.73
C GLY G 710 56.39 -19.37 0.91
N SER G 711 57.16 -20.01 0.02
CA SER G 711 58.59 -19.78 -0.02
C SER G 711 59.06 -19.89 -1.47
N LEU G 712 60.14 -19.16 -1.77
CA LEU G 712 60.75 -19.22 -3.10
C LEU G 712 61.88 -20.25 -3.21
N VAL G 713 62.24 -20.90 -2.12
CA VAL G 713 63.23 -21.96 -2.10
C VAL G 713 62.54 -23.29 -2.35
N MET G 714 63.32 -24.29 -2.75
CA MET G 714 62.76 -25.60 -3.06
C MET G 714 62.27 -26.29 -1.80
N GLN G 715 61.04 -26.82 -1.86
CA GLN G 715 60.41 -27.46 -0.71
C GLN G 715 60.85 -28.91 -0.72
N ASN G 716 61.31 -29.43 0.41
CA ASN G 716 61.72 -30.83 0.43
C ASN G 716 60.55 -31.69 0.86
N LEU G 717 60.34 -32.79 0.13
CA LEU G 717 59.25 -33.71 0.43
C LEU G 717 59.62 -34.58 1.62
N GLY G 718 60.89 -34.95 1.74
CA GLY G 718 61.35 -35.68 2.91
C GLY G 718 61.40 -34.80 4.15
N GLU G 719 61.13 -35.44 5.28
CA GLU G 719 61.16 -34.75 6.57
C GLU G 719 62.55 -34.25 6.92
N THR G 720 62.62 -32.97 7.30
CA THR G 720 63.85 -32.30 7.68
C THR G 720 63.55 -31.50 8.94
N SER G 721 64.35 -31.69 9.99
CA SER G 721 64.11 -31.00 11.27
C SER G 721 64.73 -29.59 11.20
N THR G 722 64.04 -28.72 10.47
CA THR G 722 64.61 -27.40 10.29
C THR G 722 64.34 -26.59 11.55
N PRO G 723 65.19 -25.61 11.88
CA PRO G 723 64.86 -24.73 13.02
C PRO G 723 63.64 -23.86 12.78
N THR G 724 63.57 -23.22 11.61
CA THR G 724 62.45 -22.37 11.24
C THR G 724 61.24 -23.20 10.87
N GLN G 725 60.06 -22.75 11.26
CA GLN G 725 58.79 -23.38 10.90
C GLN G 725 57.89 -22.35 10.23
N GLY G 726 57.46 -22.64 9.02
CA GLY G 726 56.57 -21.74 8.31
C GLY G 726 57.33 -20.79 7.40
N SER G 727 56.60 -20.21 6.45
CA SER G 727 57.20 -19.22 5.56
C SER G 727 56.12 -18.24 5.12
N VAL G 728 56.21 -17.01 5.61
CA VAL G 728 55.37 -15.90 5.18
C VAL G 728 56.26 -14.93 4.43
N LEU G 729 55.92 -14.68 3.17
CA LEU G 729 56.60 -13.71 2.32
C LEU G 729 55.80 -12.41 2.35
N PHE G 730 56.49 -11.28 2.45
CA PHE G 730 55.79 -10.00 2.51
C PHE G 730 56.41 -9.01 1.56
N GLY G 731 55.55 -8.20 0.93
CA GLY G 731 55.97 -7.18 -0.02
C GLY G 731 55.77 -5.78 0.52
N THR G 732 56.61 -4.85 0.08
CA THR G 732 56.66 -3.51 0.64
C THR G 732 56.56 -2.44 -0.44
N VAL G 733 56.44 -1.18 0.02
CA VAL G 733 56.32 -0.05 -0.91
C VAL G 733 57.63 0.21 -1.64
N ASN G 734 58.75 0.03 -0.96
CA ASN G 734 60.05 0.32 -1.54
C ASN G 734 60.61 -0.86 -2.33
N GLY G 735 59.79 -1.88 -2.58
CA GLY G 735 60.19 -3.03 -3.35
C GLY G 735 60.86 -4.14 -2.56
N MET G 736 61.11 -3.92 -1.27
CA MET G 736 61.75 -4.92 -0.43
C MET G 736 60.78 -6.09 -0.25
N ILE G 737 61.29 -7.31 -0.41
CA ILE G 737 60.55 -8.55 -0.15
C ILE G 737 61.23 -9.29 1.01
N GLY G 738 60.41 -9.78 1.95
CA GLY G 738 60.94 -10.37 3.18
C GLY G 738 60.17 -11.60 3.61
N LEU G 739 60.70 -12.28 4.62
CA LEU G 739 60.17 -13.56 5.09
C LEU G 739 60.01 -13.52 6.60
N VAL G 740 58.88 -14.01 7.08
CA VAL G 740 58.61 -14.14 8.52
C VAL G 740 58.46 -15.63 8.80
N THR G 741 59.25 -16.13 9.75
CA THR G 741 59.19 -17.53 10.16
C THR G 741 59.27 -17.62 11.68
N SER G 742 58.83 -18.76 12.20
CA SER G 742 58.77 -19.01 13.63
C SER G 742 59.96 -19.83 14.08
N LEU G 743 60.27 -19.74 15.38
CA LEU G 743 61.40 -20.44 15.96
C LEU G 743 60.94 -21.18 17.22
N SER G 744 61.73 -22.19 17.63
CA SER G 744 61.55 -22.79 18.94
C SER G 744 62.20 -21.91 19.99
N GLU G 745 61.73 -22.04 21.24
CA GLU G 745 62.27 -21.19 22.29
C GLU G 745 63.79 -21.32 22.38
N SER G 746 64.31 -22.55 22.27
CA SER G 746 65.76 -22.74 22.33
C SER G 746 66.45 -21.98 21.21
N TRP G 747 65.86 -22.00 20.01
CA TRP G 747 66.48 -21.35 18.88
C TRP G 747 66.46 -19.84 19.01
N TYR G 748 65.37 -19.29 19.56
CA TYR G 748 65.29 -17.85 19.76
C TYR G 748 66.37 -17.37 20.71
N ASN G 749 66.47 -17.98 21.88
CA ASN G 749 67.44 -17.54 22.87
C ASN G 749 68.87 -17.69 22.37
N LEU G 750 69.14 -18.75 21.61
CA LEU G 750 70.47 -18.90 21.05
C LEU G 750 70.80 -17.75 20.10
N LEU G 751 69.85 -17.40 19.22
CA LEU G 751 70.05 -16.37 18.23
C LEU G 751 69.99 -14.96 18.83
N LEU G 752 69.17 -14.76 19.86
CA LEU G 752 69.12 -13.47 20.53
C LEU G 752 70.45 -13.20 21.23
N ASP G 753 70.96 -14.20 21.96
CA ASP G 753 72.27 -14.07 22.57
C ASP G 753 73.34 -13.74 21.52
N MET G 754 73.20 -14.30 20.32
CA MET G 754 74.17 -14.01 19.27
C MET G 754 74.03 -12.57 18.79
N GLN G 755 72.79 -12.08 18.68
CA GLN G 755 72.59 -10.70 18.25
C GLN G 755 73.27 -9.73 19.21
N ASN G 756 72.90 -9.82 20.50
CA ASN G 756 73.49 -8.93 21.51
C ASN G 756 75.00 -9.06 21.51
N ARG G 757 75.52 -10.24 21.18
CA ARG G 757 76.97 -10.40 21.01
C ARG G 757 77.44 -9.78 19.70
N LEU G 758 76.68 -9.99 18.62
CA LEU G 758 77.08 -9.44 17.33
C LEU G 758 77.09 -7.91 17.37
N ASN G 759 76.16 -7.31 18.10
CA ASN G 759 76.07 -5.86 18.14
C ASN G 759 77.28 -5.23 18.82
N LYS G 760 77.88 -5.91 19.80
CA LYS G 760 79.08 -5.38 20.43
C LYS G 760 80.27 -5.42 19.46
N VAL G 761 80.21 -6.31 18.47
CA VAL G 761 81.31 -6.53 17.54
C VAL G 761 81.21 -5.65 16.30
N ILE G 762 80.01 -5.53 15.74
CA ILE G 762 79.83 -4.95 14.41
C ILE G 762 79.72 -3.44 14.51
N LYS G 763 80.44 -2.74 13.63
CA LYS G 763 80.36 -1.28 13.54
C LYS G 763 79.32 -0.89 12.48
N SER G 764 78.35 -0.08 12.88
CA SER G 764 77.29 0.40 12.01
C SER G 764 77.67 1.77 11.45
N VAL G 765 77.17 2.07 10.25
CA VAL G 765 77.36 3.40 9.70
C VAL G 765 76.57 4.41 10.52
N GLY G 766 77.22 5.50 10.92
CA GLY G 766 76.62 6.48 11.78
C GLY G 766 76.64 6.14 13.26
N LYS G 767 77.24 5.01 13.65
CA LYS G 767 77.30 4.60 15.05
C LYS G 767 75.89 4.55 15.65
N ILE G 768 74.96 3.95 14.91
CA ILE G 768 73.58 3.81 15.35
C ILE G 768 73.39 2.48 16.09
N GLU G 769 72.90 2.55 17.33
CA GLU G 769 72.62 1.35 18.11
C GLU G 769 71.55 0.50 17.42
N HIS G 770 71.86 -0.79 17.22
CA HIS G 770 70.90 -1.68 16.58
C HIS G 770 69.61 -1.80 17.39
N SER G 771 69.73 -1.92 18.72
CA SER G 771 68.54 -2.01 19.56
C SER G 771 67.61 -0.81 19.34
N PHE G 772 68.19 0.38 19.13
CA PHE G 772 67.40 1.57 18.87
C PHE G 772 66.67 1.46 17.54
N TRP G 773 67.39 1.12 16.46
CA TRP G 773 66.80 1.04 15.13
C TRP G 773 65.62 0.11 15.09
N ARG G 774 65.78 -1.10 15.64
CA ARG G 774 64.72 -2.09 15.60
C ARG G 774 63.66 -1.90 16.69
N SER G 775 63.82 -0.92 17.58
CA SER G 775 62.78 -0.66 18.56
C SER G 775 61.51 -0.16 17.89
N PHE G 776 60.38 -0.70 18.33
CA PHE G 776 59.05 -0.29 17.86
C PHE G 776 58.90 1.22 17.97
N HIS G 777 58.41 1.85 16.91
CA HIS G 777 58.38 3.31 16.93
C HIS G 777 57.21 3.91 16.19
N THR G 778 56.39 4.67 16.93
CA THR G 778 55.41 5.60 16.40
C THR G 778 55.79 6.97 16.92
N GLU G 779 55.12 8.02 16.44
CA GLU G 779 55.42 9.35 16.96
C GLU G 779 55.11 9.47 18.44
N ARG G 780 54.27 8.57 18.99
CA ARG G 780 53.82 8.63 20.36
C ARG G 780 54.28 7.48 21.24
N LYS G 781 54.85 6.42 20.67
CA LYS G 781 55.35 5.27 21.41
C LYS G 781 56.71 4.88 20.85
N THR G 782 57.61 4.44 21.74
CA THR G 782 58.87 3.83 21.32
C THR G 782 59.22 2.77 22.36
N GLU G 783 59.14 1.50 21.98
CA GLU G 783 59.40 0.38 22.87
C GLU G 783 60.45 -0.53 22.28
N PRO G 784 61.27 -1.20 23.10
CA PRO G 784 62.30 -2.08 22.55
C PRO G 784 61.69 -3.31 21.88
N ALA G 785 62.37 -3.80 20.84
CA ALA G 785 61.85 -4.94 20.09
C ALA G 785 61.82 -6.18 20.98
N THR G 786 60.81 -7.02 20.75
CA THR G 786 60.67 -8.26 21.50
C THR G 786 60.07 -9.33 20.60
N GLY G 787 60.55 -10.57 20.75
CA GLY G 787 59.98 -11.69 20.03
C GLY G 787 60.43 -11.80 18.60
N PHE G 788 61.41 -11.01 18.18
CA PHE G 788 61.85 -10.97 16.79
C PHE G 788 63.36 -11.00 16.71
N ILE G 789 63.88 -11.85 15.80
CA ILE G 789 65.30 -11.94 15.49
C ILE G 789 65.55 -11.27 14.15
N ASP G 790 66.43 -10.26 14.13
CA ASP G 790 66.80 -9.60 12.89
C ASP G 790 67.65 -10.56 12.06
N GLY G 791 67.03 -11.21 11.07
CA GLY G 791 67.75 -12.22 10.32
C GLY G 791 69.03 -11.72 9.68
N ASP G 792 69.04 -10.45 9.25
CA ASP G 792 70.22 -9.89 8.61
C ASP G 792 71.37 -9.71 9.60
N LEU G 793 71.07 -9.50 10.89
CA LEU G 793 72.13 -9.50 11.88
C LEU G 793 72.70 -10.90 12.07
N ILE G 794 71.83 -11.91 12.17
CA ILE G 794 72.29 -13.29 12.32
C ILE G 794 73.07 -13.73 11.07
N GLU G 795 72.57 -13.39 9.89
CA GLU G 795 73.23 -13.81 8.65
C GLU G 795 74.48 -13.00 8.33
N SER G 796 74.80 -11.98 9.13
CA SER G 796 76.04 -11.23 8.95
C SER G 796 77.23 -11.89 9.64
N PHE G 797 76.98 -12.85 10.54
CA PHE G 797 78.04 -13.61 11.19
C PHE G 797 79.00 -14.25 10.18
N LEU G 798 78.49 -14.70 9.04
CA LEU G 798 79.32 -15.39 8.05
C LEU G 798 80.27 -14.46 7.30
N ASP G 799 80.09 -13.14 7.41
CA ASP G 799 80.92 -12.16 6.70
C ASP G 799 81.87 -11.41 7.60
N ILE G 800 81.89 -11.71 8.90
CA ILE G 800 82.77 -11.02 9.83
C ILE G 800 84.12 -11.72 9.86
N SER G 801 85.14 -11.00 10.30
CA SER G 801 86.48 -11.57 10.33
C SER G 801 86.54 -12.72 11.33
N ARG G 802 87.49 -13.63 11.11
CA ARG G 802 87.65 -14.76 12.02
C ARG G 802 87.87 -14.29 13.46
N PRO G 803 88.74 -13.31 13.73
CA PRO G 803 88.92 -12.86 15.13
C PRO G 803 87.61 -12.52 15.81
N LYS G 804 86.69 -11.90 15.09
CA LYS G 804 85.42 -11.52 15.69
C LYS G 804 84.53 -12.75 15.90
N MET G 805 84.62 -13.74 15.01
CA MET G 805 83.82 -14.95 15.22
C MET G 805 84.11 -15.58 16.57
N GLN G 806 85.39 -15.60 16.97
CA GLN G 806 85.74 -16.18 18.26
C GLN G 806 85.16 -15.37 19.41
N GLU G 807 85.12 -14.05 19.30
CA GLU G 807 84.52 -13.25 20.37
C GLU G 807 83.04 -13.59 20.53
N VAL G 808 82.34 -13.80 19.42
CA VAL G 808 80.90 -14.06 19.48
C VAL G 808 80.63 -15.43 20.11
N VAL G 809 81.44 -16.44 19.76
CA VAL G 809 81.19 -17.80 20.25
C VAL G 809 81.81 -18.04 21.63
N ALA G 810 82.57 -17.07 22.15
CA ALA G 810 83.17 -17.18 23.48
C ALA G 810 82.12 -17.23 24.58
N ASN G 811 82.33 -18.14 25.53
CA ASN G 811 81.46 -18.25 26.70
C ASN G 811 80.03 -18.55 26.30
N LEU G 812 79.86 -19.30 25.21
CA LEU G 812 78.56 -19.63 24.66
C LEU G 812 78.29 -21.13 24.71
N GLN G 813 77.05 -21.49 25.04
CA GLN G 813 76.64 -22.89 25.13
C GLN G 813 75.56 -23.19 24.08
N TYR G 814 75.83 -24.18 23.22
CA TYR G 814 74.91 -24.65 22.19
C TYR G 814 74.62 -26.12 22.44
N ASP G 815 73.43 -26.55 22.05
CA ASP G 815 72.95 -27.88 22.41
C ASP G 815 72.79 -28.69 21.14
N ASP G 816 73.93 -29.14 20.60
CA ASP G 816 73.91 -30.08 19.49
C ASP G 816 73.41 -31.41 20.03
N GLY G 817 72.45 -32.01 19.32
CA GLY G 817 71.76 -33.16 19.87
C GLY G 817 70.74 -32.66 20.89
N SER G 818 70.54 -33.45 21.95
CA SER G 818 69.71 -33.03 23.09
C SER G 818 70.44 -33.39 24.37
N GLY G 819 70.70 -32.38 25.20
CA GLY G 819 71.38 -32.59 26.45
C GLY G 819 72.89 -32.64 26.35
N MET G 820 73.43 -32.61 25.15
CA MET G 820 74.88 -32.71 24.91
C MET G 820 75.49 -31.31 24.99
N LYS G 821 75.06 -30.54 25.99
CA LYS G 821 75.51 -29.17 26.15
C LYS G 821 77.03 -29.03 26.05
N ARG G 822 77.45 -28.21 25.10
CA ARG G 822 78.86 -27.97 24.84
C ARG G 822 79.08 -26.52 24.47
N GLU G 823 80.22 -25.95 24.89
CA GLU G 823 80.53 -24.62 24.40
C GLU G 823 80.46 -24.64 22.88
N ALA G 824 79.87 -23.59 22.32
CA ALA G 824 79.65 -23.58 20.89
C ALA G 824 80.97 -23.28 20.22
N THR G 825 81.27 -24.03 19.17
CA THR G 825 82.47 -23.76 18.41
C THR G 825 82.11 -22.76 17.31
N ALA G 826 83.12 -22.06 16.80
CA ALA G 826 82.85 -21.10 15.74
C ALA G 826 82.20 -21.80 14.54
N ASP G 827 82.62 -23.04 14.28
CA ASP G 827 82.01 -23.78 13.18
C ASP G 827 80.60 -24.24 13.53
N ASP G 828 80.31 -24.51 14.81
CA ASP G 828 78.96 -24.89 15.18
C ASP G 828 77.98 -23.76 14.86
N LEU G 829 78.35 -22.52 15.20
CA LEU G 829 77.47 -21.40 14.87
C LEU G 829 77.48 -21.11 13.37
N ILE G 830 78.62 -21.30 12.69
CA ILE G 830 78.64 -21.11 11.25
C ILE G 830 77.67 -22.05 10.56
N LYS G 831 77.49 -23.26 11.10
CA LYS G 831 76.49 -24.17 10.56
C LYS G 831 75.08 -23.66 10.83
N VAL G 832 74.84 -23.14 12.04
CA VAL G 832 73.52 -22.63 12.39
C VAL G 832 73.12 -21.49 11.45
N VAL G 833 74.04 -20.54 11.21
CA VAL G 833 73.71 -19.43 10.34
C VAL G 833 73.53 -19.88 8.90
N GLU G 834 74.44 -20.74 8.41
CA GLU G 834 74.35 -21.21 7.03
C GLU G 834 73.07 -21.98 6.77
N GLU G 835 72.56 -22.72 7.75
CA GLU G 835 71.26 -23.38 7.56
C GLU G 835 70.16 -22.35 7.36
N LEU G 836 70.16 -21.30 8.16
CA LEU G 836 69.11 -20.29 8.11
C LEU G 836 69.14 -19.50 6.80
N THR G 837 70.30 -19.38 6.16
CA THR G 837 70.38 -18.66 4.89
C THR G 837 69.65 -19.37 3.76
N ARG G 838 69.06 -20.54 4.01
CA ARG G 838 68.48 -21.31 2.91
C ARG G 838 67.12 -20.80 2.51
N ILE G 839 66.31 -20.32 3.46
CA ILE G 839 64.97 -19.83 3.10
C ILE G 839 65.06 -18.49 2.40
N HIS G 840 66.06 -17.68 2.74
CA HIS G 840 66.23 -16.33 2.23
C HIS G 840 66.66 -16.45 0.77
N THR H 7 8.68 2.63 34.75
CA THR H 7 9.18 4.00 34.76
C THR H 7 10.67 4.12 34.50
N GLU H 8 11.11 5.35 34.20
CA GLU H 8 12.52 5.62 33.95
C GLU H 8 13.37 5.46 35.20
N SER H 9 12.75 5.52 36.37
CA SER H 9 13.50 5.55 37.62
C SER H 9 13.89 4.19 38.11
N ASP H 10 13.16 3.15 37.71
CA ASP H 10 13.31 1.82 38.29
C ASP H 10 14.48 1.10 37.63
N TRP H 11 15.68 1.53 38.01
CA TRP H 11 16.90 0.95 37.43
C TRP H 11 17.18 -0.41 38.05
N GLY H 12 17.96 -1.19 37.32
CA GLY H 12 18.41 -2.48 37.81
C GLY H 12 17.44 -3.61 37.61
N LYS H 13 16.24 -3.34 37.12
CA LYS H 13 15.21 -4.36 36.96
C LYS H 13 15.14 -4.88 35.53
N ARG H 14 15.14 -3.98 34.55
CA ARG H 14 15.09 -4.39 33.15
C ARG H 14 16.29 -5.25 32.79
N CYS H 15 16.02 -6.25 31.94
CA CYS H 15 17.03 -7.24 31.59
C CYS H 15 17.85 -6.79 30.40
N VAL H 16 19.10 -7.24 30.35
CA VAL H 16 19.98 -6.93 29.23
C VAL H 16 19.55 -7.61 27.95
N ASP H 17 18.55 -8.49 28.01
CA ASP H 17 17.99 -9.07 26.78
C ASP H 17 17.51 -7.97 25.82
N LYS H 18 17.16 -6.80 26.34
CA LYS H 18 16.63 -5.71 25.53
C LYS H 18 17.69 -5.06 24.65
N PHE H 19 18.94 -5.51 24.73
CA PHE H 19 20.02 -5.01 23.89
C PHE H 19 20.63 -6.13 23.06
N ASP H 20 20.86 -5.87 21.77
CA ASP H 20 21.63 -6.76 20.92
C ASP H 20 23.11 -6.41 21.04
N ILE H 21 23.91 -7.34 21.55
CA ILE H 21 25.33 -7.08 21.74
C ILE H 21 26.04 -7.11 20.39
N ILE H 22 26.76 -6.04 20.07
CA ILE H 22 27.44 -5.91 18.79
C ILE H 22 28.87 -6.46 18.84
N GLY H 23 29.59 -6.14 19.90
CA GLY H 23 30.95 -6.58 20.04
C GLY H 23 31.53 -6.03 21.33
N ILE H 24 32.83 -6.23 21.54
CA ILE H 24 33.49 -5.74 22.75
C ILE H 24 34.33 -4.53 22.35
N ILE H 25 34.03 -3.37 22.95
CA ILE H 25 34.69 -2.12 22.59
C ILE H 25 35.80 -1.75 23.57
N GLY H 26 36.12 -2.59 24.54
CA GLY H 26 37.27 -2.27 25.37
C GLY H 26 37.25 -2.94 26.72
N GLU H 27 38.45 -3.00 27.31
CA GLU H 27 38.65 -3.52 28.66
C GLU H 27 38.54 -2.41 29.69
N GLY H 28 37.68 -2.64 30.70
CA GLY H 28 37.51 -1.73 31.80
C GLY H 28 38.07 -2.24 33.12
N THR H 29 37.88 -1.41 34.14
CA THR H 29 38.41 -1.73 35.48
C THR H 29 37.61 -2.84 36.12
N TYR H 30 36.28 -2.67 36.17
CA TYR H 30 35.40 -3.62 36.85
C TYR H 30 34.87 -4.70 35.92
N GLY H 31 35.04 -4.55 34.61
CA GLY H 31 34.53 -5.52 33.66
C GLY H 31 34.84 -5.07 32.26
N GLN H 32 34.28 -5.78 31.29
CA GLN H 32 34.42 -5.41 29.88
C GLN H 32 33.33 -4.43 29.47
N VAL H 33 33.64 -3.62 28.46
CA VAL H 33 32.70 -2.65 27.89
C VAL H 33 32.28 -3.17 26.53
N TYR H 34 30.97 -3.23 26.30
CA TYR H 34 30.41 -3.77 25.06
C TYR H 34 29.59 -2.69 24.37
N LYS H 35 29.72 -2.62 23.03
CA LYS H 35 28.82 -1.83 22.19
C LYS H 35 27.55 -2.61 21.96
N ALA H 36 26.41 -1.93 21.89
CA ALA H 36 25.16 -2.65 21.73
C ALA H 36 24.13 -1.75 21.07
N LYS H 37 23.07 -2.39 20.57
CA LYS H 37 21.93 -1.70 19.97
C LYS H 37 20.69 -2.02 20.79
N ASP H 38 19.93 -0.98 21.13
CA ASP H 38 18.66 -1.15 21.82
C ASP H 38 17.63 -1.71 20.84
N LYS H 39 16.98 -2.81 21.24
CA LYS H 39 16.02 -3.45 20.34
C LYS H 39 14.77 -2.60 20.09
N ASP H 40 14.32 -1.82 21.09
CA ASP H 40 13.09 -1.05 20.93
C ASP H 40 13.32 0.25 20.17
N THR H 41 14.40 0.96 20.50
CA THR H 41 14.62 2.30 19.98
C THR H 41 15.66 2.35 18.88
N GLY H 42 16.53 1.35 18.79
CA GLY H 42 17.62 1.35 17.84
C GLY H 42 18.85 2.13 18.25
N GLU H 43 18.81 2.78 19.41
CA GLU H 43 19.92 3.61 19.84
C GLU H 43 21.15 2.76 20.11
N LEU H 44 22.32 3.25 19.67
CA LEU H 44 23.56 2.61 20.06
C LEU H 44 23.92 3.05 21.47
N VAL H 45 24.29 2.08 22.30
CA VAL H 45 24.63 2.31 23.70
C VAL H 45 25.96 1.61 23.97
N ALA H 46 26.50 1.83 25.15
CA ALA H 46 27.70 1.14 25.61
C ALA H 46 27.40 0.55 26.99
N LEU H 47 27.72 -0.73 27.16
CA LEU H 47 27.44 -1.45 28.39
C LEU H 47 28.74 -1.76 29.12
N LYS H 48 28.86 -1.28 30.36
CA LYS H 48 29.96 -1.66 31.24
C LYS H 48 29.49 -2.76 32.17
N LYS H 49 30.12 -3.93 32.09
CA LYS H 49 29.70 -5.08 32.88
C LYS H 49 30.33 -5.03 34.26
N VAL H 50 29.49 -5.18 35.28
CA VAL H 50 29.90 -5.29 36.67
C VAL H 50 29.66 -6.72 37.10
N ARG H 51 30.71 -7.38 37.55
CA ARG H 51 30.70 -8.79 37.91
C ARG H 51 30.74 -8.84 39.42
N LEU H 52 29.66 -9.31 40.03
CA LEU H 52 29.63 -9.42 41.48
C LEU H 52 30.02 -10.82 41.96
N ASP H 53 30.24 -11.77 41.05
CA ASP H 53 30.54 -13.12 41.49
C ASP H 53 31.92 -13.21 42.11
N ASN H 54 32.84 -12.28 41.76
CA ASN H 54 34.14 -12.33 42.45
C ASN H 54 33.88 -12.31 43.94
N GLU H 55 32.93 -11.48 44.36
CA GLU H 55 32.47 -11.45 45.76
C GLU H 55 33.63 -11.22 46.69
N LYS H 56 34.75 -10.73 46.14
CA LYS H 56 35.85 -10.30 46.99
C LYS H 56 35.33 -9.30 48.01
N GLU H 57 34.61 -8.29 47.52
CA GLU H 57 33.94 -7.32 48.36
C GLU H 57 32.61 -6.91 47.76
N GLY H 58 31.98 -7.81 47.01
CA GLY H 58 30.68 -7.53 46.41
C GLY H 58 30.76 -6.52 45.28
N PHE H 59 29.71 -5.71 45.17
CA PHE H 59 29.64 -4.70 44.11
C PHE H 59 30.88 -3.81 44.18
N PRO H 60 31.60 -3.60 43.08
CA PRO H 60 32.84 -2.82 43.15
C PRO H 60 32.56 -1.36 43.49
N ILE H 61 33.45 -0.80 44.31
CA ILE H 61 33.29 0.60 44.66
C ILE H 61 33.58 1.47 43.44
N THR H 62 34.48 1.02 42.55
CA THR H 62 34.75 1.75 41.32
C THR H 62 33.46 2.02 40.56
N ALA H 63 32.55 1.04 40.52
CA ALA H 63 31.26 1.23 39.86
C ALA H 63 30.29 2.01 40.75
N ILE H 64 30.34 1.80 42.07
CA ILE H 64 29.46 2.56 42.95
C ILE H 64 29.73 4.04 42.81
N ARG H 65 31.00 4.41 42.66
CA ARG H 65 31.31 5.81 42.45
C ARG H 65 30.73 6.32 41.14
N GLU H 66 30.86 5.54 40.06
CA GLU H 66 30.36 6.03 38.78
C GLU H 66 28.84 6.10 38.75
N ILE H 67 28.17 5.21 39.49
CA ILE H 67 26.72 5.29 39.57
C ILE H 67 26.28 6.44 40.47
N LYS H 68 26.96 6.58 41.61
CA LYS H 68 26.62 7.62 42.56
C LYS H 68 26.82 8.99 41.95
N ILE H 69 27.92 9.17 41.22
CA ILE H 69 28.31 10.49 40.74
C ILE H 69 27.60 10.85 39.45
N LEU H 70 27.58 9.94 38.48
CA LEU H 70 27.03 10.32 37.18
C LEU H 70 25.51 10.45 37.18
N ARG H 71 24.82 9.91 38.18
CA ARG H 71 23.39 10.21 38.32
C ARG H 71 23.14 11.57 38.96
N GLN H 72 24.19 12.20 39.46
CA GLN H 72 24.07 13.57 39.95
C GLN H 72 24.43 14.59 38.87
N LEU H 73 25.34 14.22 37.96
CA LEU H 73 25.89 15.15 36.98
C LEU H 73 25.13 15.09 35.66
N ILE H 74 24.68 16.24 35.20
CA ILE H 74 23.94 16.37 33.95
C ILE H 74 24.60 17.52 33.20
N HIS H 75 25.53 17.18 32.30
CA HIS H 75 26.16 18.21 31.46
C HIS H 75 26.46 17.64 30.09
N ARG H 76 26.50 18.53 29.09
CA ARG H 76 26.71 18.10 27.72
C ARG H 76 28.07 17.46 27.54
N SER H 77 29.04 17.82 28.38
CA SER H 77 30.40 17.31 28.26
C SER H 77 30.73 16.28 29.35
N VAL H 78 29.72 15.68 29.97
CA VAL H 78 29.90 14.65 30.97
C VAL H 78 29.06 13.46 30.53
N VAL H 79 29.68 12.28 30.40
CA VAL H 79 28.99 11.15 29.82
C VAL H 79 27.74 10.84 30.61
N ASN H 80 26.66 10.50 29.92
CA ASN H 80 25.37 10.29 30.54
C ASN H 80 25.13 8.79 30.73
N MET H 81 24.96 8.38 31.98
CA MET H 81 24.50 7.03 32.29
C MET H 81 22.99 6.97 32.13
N LYS H 82 22.53 6.09 31.25
CA LYS H 82 21.13 6.02 30.87
C LYS H 82 20.30 5.13 31.78
N GLU H 83 20.80 3.95 32.12
CA GLU H 83 20.07 3.07 33.04
C GLU H 83 21.03 1.95 33.44
N ILE H 84 20.52 1.04 34.27
CA ILE H 84 21.26 -0.14 34.71
C ILE H 84 20.37 -1.35 34.47
N VAL H 85 20.92 -2.37 33.81
CA VAL H 85 20.20 -3.57 33.44
C VAL H 85 20.97 -4.77 33.99
N THR H 86 20.31 -5.91 34.03
CA THR H 86 20.84 -7.09 34.70
C THR H 86 20.80 -8.30 33.76
N ASP H 87 21.65 -9.28 34.07
CA ASP H 87 21.54 -10.59 33.43
C ASP H 87 20.24 -11.28 33.85
N LYS H 88 19.75 -12.14 32.98
CA LYS H 88 18.51 -12.84 33.26
C LYS H 88 18.60 -13.59 34.58
N GLN H 89 17.71 -13.25 35.53
CA GLN H 89 17.67 -13.90 36.83
C GLN H 89 17.00 -15.28 36.71
N ASP H 90 17.62 -16.13 35.90
CA ASP H 90 17.06 -17.47 35.66
C ASP H 90 17.08 -18.33 36.92
N ALA H 91 17.96 -18.05 37.86
CA ALA H 91 18.05 -18.84 39.08
C ALA H 91 16.78 -18.64 39.91
N LEU H 92 16.17 -19.75 40.33
CA LEU H 92 14.96 -19.63 41.14
C LEU H 92 15.23 -18.92 42.46
N ASP H 93 16.32 -19.28 43.14
CA ASP H 93 16.75 -18.62 44.36
C ASP H 93 17.77 -17.54 44.02
N PHE H 94 17.57 -16.33 44.56
CA PHE H 94 18.52 -15.27 44.24
C PHE H 94 19.89 -15.55 44.85
N LYS H 95 19.95 -16.38 45.91
CA LYS H 95 21.26 -16.79 46.43
C LYS H 95 22.08 -17.46 45.35
N LYS H 96 21.41 -18.26 44.50
CA LYS H 96 22.07 -18.92 43.38
C LYS H 96 22.53 -17.90 42.34
N ASP H 97 21.75 -16.83 42.14
CA ASP H 97 22.03 -15.86 41.08
C ASP H 97 23.46 -15.37 41.16
N LYS H 98 24.22 -15.62 40.10
CA LYS H 98 25.57 -15.11 39.93
C LYS H 98 25.62 -14.13 38.76
N GLY H 99 24.46 -13.65 38.34
CA GLY H 99 24.37 -12.74 37.22
C GLY H 99 25.09 -11.44 37.47
N ALA H 100 25.38 -10.75 36.36
CA ALA H 100 26.09 -9.49 36.40
C ALA H 100 25.12 -8.33 36.16
N PHE H 101 25.60 -7.12 36.44
CA PHE H 101 24.84 -5.90 36.17
C PHE H 101 25.59 -5.16 35.06
N TYR H 102 24.83 -4.48 34.19
CA TYR H 102 25.42 -3.70 33.10
C TYR H 102 24.99 -2.25 33.25
N LEU H 103 25.94 -1.34 33.11
CA LEU H 103 25.67 0.10 33.16
C LEU H 103 25.49 0.62 31.74
N VAL H 104 24.30 1.11 31.41
CA VAL H 104 24.02 1.60 30.08
C VAL H 104 24.52 3.04 29.98
N PHE H 105 25.27 3.33 28.91
CA PHE H 105 25.79 4.66 28.64
C PHE H 105 25.48 5.02 27.20
N GLU H 106 25.43 6.32 26.92
CA GLU H 106 25.36 6.78 25.54
C GLU H 106 26.64 6.39 24.79
N TYR H 107 26.50 5.84 23.59
CA TYR H 107 27.67 5.46 22.81
C TYR H 107 28.32 6.70 22.20
N MET H 108 29.64 6.75 22.26
CA MET H 108 30.44 7.79 21.63
C MET H 108 31.30 7.16 20.56
N ASP H 109 31.41 7.83 19.42
CA ASP H 109 32.02 7.18 18.26
C ASP H 109 33.50 6.90 18.48
N HIS H 110 34.22 7.81 19.12
CA HIS H 110 35.68 7.66 19.24
C HIS H 110 36.18 8.16 20.59
N ASP H 111 37.43 7.82 20.88
CA ASP H 111 38.19 8.34 22.01
C ASP H 111 39.43 9.05 21.47
N LEU H 112 39.90 10.05 22.21
CA LEU H 112 41.00 10.88 21.69
C LEU H 112 42.25 10.05 21.46
N MET H 113 42.59 9.17 22.41
CA MET H 113 43.80 8.36 22.26
C MET H 113 43.73 7.52 20.98
N GLY H 114 42.59 6.89 20.72
CA GLY H 114 42.48 6.07 19.52
C GLY H 114 42.68 6.87 18.25
N LEU H 115 42.16 8.11 18.22
CA LEU H 115 42.27 8.95 17.03
C LEU H 115 43.69 9.48 16.86
N LEU H 116 44.33 9.86 17.96
CA LEU H 116 45.68 10.43 17.88
C LEU H 116 46.73 9.33 17.70
N GLU H 117 46.58 8.21 18.41
CA GLU H 117 47.56 7.12 18.32
C GLU H 117 47.66 6.57 16.90
N SER H 118 46.52 6.40 16.22
CA SER H 118 46.56 5.91 14.85
C SER H 118 47.09 6.94 13.86
N GLY H 119 47.26 8.18 14.29
CA GLY H 119 47.70 9.23 13.38
C GLY H 119 46.62 9.67 12.42
N LEU H 120 45.36 9.40 12.74
CA LEU H 120 44.24 9.55 11.84
C LEU H 120 43.52 10.87 12.05
N VAL H 121 44.08 11.78 12.86
CA VAL H 121 43.44 13.07 13.11
C VAL H 121 44.37 14.23 12.77
N HIS H 122 43.74 15.38 12.55
CA HIS H 122 44.46 16.66 12.52
C HIS H 122 43.58 17.69 13.23
N PHE H 123 44.16 18.43 14.17
CA PHE H 123 43.45 19.48 14.88
C PHE H 123 43.99 20.83 14.46
N SER H 124 43.12 21.67 13.92
CA SER H 124 43.46 23.07 13.72
C SER H 124 43.25 23.84 15.01
N GLU H 125 43.71 25.09 15.04
CA GLU H 125 43.46 25.91 16.23
C GLU H 125 41.97 25.96 16.54
N ASP H 126 41.13 26.14 15.53
CA ASP H 126 39.71 26.25 15.82
C ASP H 126 39.14 24.94 16.34
N HIS H 127 39.72 23.80 15.93
CA HIS H 127 39.28 22.52 16.49
C HIS H 127 39.67 22.41 17.95
N ILE H 128 40.91 22.77 18.28
CA ILE H 128 41.37 22.69 19.66
C ILE H 128 40.54 23.60 20.55
N LYS H 129 40.18 24.79 20.04
CA LYS H 129 39.31 25.67 20.81
C LYS H 129 37.99 24.99 21.16
N SER H 130 37.33 24.39 20.16
CA SER H 130 36.05 23.75 20.42
C SER H 130 36.22 22.59 21.39
N PHE H 131 37.30 21.82 21.24
CA PHE H 131 37.56 20.69 22.13
C PHE H 131 37.77 21.16 23.57
N MET H 132 38.65 22.15 23.77
CA MET H 132 38.99 22.52 25.14
C MET H 132 37.87 23.27 25.83
N LYS H 133 37.09 24.06 25.09
CA LYS H 133 35.99 24.76 25.74
C LYS H 133 35.01 23.75 26.33
N GLN H 134 34.68 22.72 25.55
CA GLN H 134 33.80 21.67 26.06
C GLN H 134 34.45 20.94 27.22
N LEU H 135 35.71 20.53 27.05
CA LEU H 135 36.35 19.77 28.12
C LEU H 135 36.36 20.57 29.41
N MET H 136 36.78 21.83 29.35
CA MET H 136 36.88 22.60 30.58
C MET H 136 35.51 22.99 31.12
N GLU H 137 34.53 23.18 30.25
CA GLU H 137 33.16 23.39 30.73
C GLU H 137 32.67 22.18 31.51
N GLY H 138 32.94 20.98 31.00
CA GLY H 138 32.57 19.80 31.76
C GLY H 138 33.31 19.71 33.08
N LEU H 139 34.61 19.99 33.06
CA LEU H 139 35.36 19.91 34.30
C LEU H 139 34.86 20.95 35.29
N GLU H 140 34.50 22.14 34.81
CA GLU H 140 34.02 23.17 35.70
C GLU H 140 32.71 22.75 36.37
N TYR H 141 31.79 22.14 35.59
CA TYR H 141 30.54 21.65 36.17
C TYR H 141 30.84 20.69 37.32
N CYS H 142 31.77 19.77 37.10
CA CYS H 142 32.13 18.78 38.12
C CYS H 142 32.81 19.44 39.31
N HIS H 143 33.75 20.35 39.06
CA HIS H 143 34.40 21.02 40.18
C HIS H 143 33.37 21.83 40.98
N LYS H 144 32.41 22.45 40.29
CA LYS H 144 31.35 23.16 41.00
C LYS H 144 30.51 22.22 41.85
N LYS H 145 30.33 20.97 41.42
CA LYS H 145 29.61 20.01 42.24
C LYS H 145 30.56 19.30 43.21
N ASN H 146 31.81 19.80 43.33
CA ASN H 146 32.77 19.32 44.32
C ASN H 146 33.16 17.86 44.11
N PHE H 147 33.47 17.53 42.86
CA PHE H 147 33.95 16.20 42.46
C PHE H 147 35.31 16.31 41.77
N LEU H 148 36.19 15.34 42.04
CA LEU H 148 37.51 15.28 41.43
C LEU H 148 37.53 14.09 40.47
N HIS H 149 37.91 14.33 39.22
CA HIS H 149 37.89 13.23 38.24
C HIS H 149 38.96 12.17 38.56
N ARG H 150 40.22 12.61 38.62
CA ARG H 150 41.36 11.87 39.09
C ARG H 150 41.82 10.81 38.12
N ASP H 151 41.22 10.71 36.92
CA ASP H 151 41.72 9.78 35.92
C ASP H 151 41.54 10.42 34.55
N ILE H 152 42.14 11.60 34.37
CA ILE H 152 42.06 12.31 33.10
C ILE H 152 43.20 11.85 32.21
N LYS H 153 42.86 11.27 31.06
CA LYS H 153 43.82 10.82 30.07
C LYS H 153 43.12 10.92 28.73
N CYS H 154 43.89 10.83 27.64
CA CYS H 154 43.28 10.95 26.33
C CYS H 154 42.22 9.88 26.11
N SER H 155 42.43 8.70 26.69
CA SER H 155 41.48 7.59 26.55
C SER H 155 40.10 7.93 27.15
N ASN H 156 40.07 8.59 28.30
CA ASN H 156 38.81 8.87 28.98
C ASN H 156 38.05 10.07 28.42
N ILE H 157 38.55 10.74 27.39
CA ILE H 157 37.86 11.83 26.72
C ILE H 157 37.20 11.27 25.47
N LEU H 158 35.89 11.11 25.50
CA LEU H 158 35.16 10.58 24.35
C LEU H 158 34.71 11.68 23.40
N LEU H 159 34.66 11.34 22.11
CA LEU H 159 34.33 12.28 21.05
C LEU H 159 33.48 11.56 20.01
N ASN H 160 32.29 12.11 19.73
CA ASN H 160 31.50 11.60 18.61
C ASN H 160 31.75 12.48 17.37
N ASN H 161 31.29 11.97 16.21
CA ASN H 161 31.69 12.59 14.95
C ASN H 161 31.17 14.01 14.78
N SER H 162 30.15 14.42 15.54
CA SER H 162 29.66 15.79 15.40
C SER H 162 30.64 16.82 15.94
N GLY H 163 31.55 16.41 16.81
CA GLY H 163 32.43 17.31 17.49
C GLY H 163 32.12 17.53 18.94
N GLN H 164 31.27 16.70 19.54
CA GLN H 164 30.89 16.85 20.94
C GLN H 164 31.85 16.02 21.80
N ILE H 165 32.35 16.63 22.85
CA ILE H 165 33.29 16.01 23.78
C ILE H 165 32.56 15.63 25.06
N LYS H 166 32.86 14.44 25.58
CA LYS H 166 32.34 13.99 26.88
C LYS H 166 33.45 13.31 27.69
N LEU H 167 33.52 13.65 28.99
CA LEU H 167 34.44 13.03 29.94
C LEU H 167 33.85 11.71 30.42
N ALA H 168 34.74 10.71 30.78
CA ALA H 168 34.09 9.39 30.80
C ALA H 168 34.37 8.45 31.95
N ASP H 169 35.58 8.37 32.46
CA ASP H 169 35.87 7.32 33.45
C ASP H 169 35.82 7.92 34.85
N PHE H 170 34.63 7.89 35.45
CA PHE H 170 34.38 8.41 36.79
C PHE H 170 34.47 7.33 37.87
N GLY H 171 35.34 6.34 37.67
CA GLY H 171 35.51 5.29 38.66
C GLY H 171 36.41 5.69 39.82
N LEU H 172 37.33 6.62 39.58
CA LEU H 172 38.23 7.10 40.63
C LEU H 172 37.80 8.45 41.18
N ALA H 173 36.55 8.84 40.98
CA ALA H 173 36.08 10.16 41.38
C ALA H 173 35.65 10.21 42.84
N ARG H 174 35.99 11.30 43.50
CA ARG H 174 35.68 11.46 44.92
C ARG H 174 35.24 12.90 45.18
N LEU H 175 34.49 13.09 46.27
CA LEU H 175 34.05 14.42 46.66
C LEU H 175 35.17 15.15 47.40
N TYR H 176 35.22 16.46 47.24
CA TYR H 176 36.27 17.30 47.81
C TYR H 176 35.66 18.37 48.70
N ASN H 177 36.19 18.50 49.91
CA ASN H 177 35.82 19.58 50.82
C ASN H 177 37.04 20.47 51.07
N SER H 178 36.87 21.78 50.84
CA SER H 178 37.96 22.72 51.07
C SER H 178 38.20 22.96 52.55
N GLU H 179 37.17 22.74 53.38
CA GLU H 179 37.31 22.92 54.82
C GLU H 179 37.89 21.68 55.49
N GLU H 180 37.64 20.51 54.95
CA GLU H 180 38.12 19.24 55.47
C GLU H 180 39.33 18.72 54.68
N SER H 181 40.50 18.79 55.28
CA SER H 181 41.65 18.09 54.71
C SER H 181 41.54 16.60 55.05
N ARG H 182 41.20 15.78 54.08
CA ARG H 182 41.05 14.37 54.36
C ARG H 182 42.13 13.64 53.58
N PRO H 183 42.75 12.60 54.15
CA PRO H 183 43.81 11.90 53.40
C PRO H 183 43.20 11.19 52.21
N TYR H 184 43.87 11.32 51.07
CA TYR H 184 43.39 10.70 49.84
C TYR H 184 44.48 9.74 49.38
N ASN H 186 47.57 8.88 47.09
CA ASN H 186 48.66 9.63 46.45
C ASN H 186 48.87 9.38 44.97
N LYS H 187 48.69 8.14 44.56
CA LYS H 187 48.91 7.71 43.18
C LYS H 187 47.58 7.59 42.44
N VAL H 188 47.08 8.71 41.91
CA VAL H 188 45.76 8.62 41.30
C VAL H 188 45.60 8.84 39.78
N ILE H 189 46.47 9.59 39.13
CA ILE H 189 46.34 9.78 37.69
C ILE H 189 47.45 9.02 36.97
N THR H 190 47.21 8.70 35.68
CA THR H 190 48.26 8.03 34.90
C THR H 190 49.48 8.93 34.84
N LEU H 191 50.67 8.31 34.85
CA LEU H 191 51.89 9.07 35.11
C LEU H 191 52.07 10.19 34.09
N TRP H 192 51.75 9.93 32.84
CA TRP H 192 51.93 10.93 31.78
C TRP H 192 51.13 12.20 32.04
N TYR H 193 50.00 12.08 32.75
CA TYR H 193 49.12 13.20 33.02
C TYR H 193 48.99 13.47 34.52
N ARG H 194 50.01 13.12 35.30
CA ARG H 194 49.88 13.26 36.74
C ARG H 194 50.49 14.59 37.16
N PRO H 195 49.90 15.28 38.14
CA PRO H 195 50.40 16.61 38.49
C PRO H 195 51.68 16.50 39.29
N PRO H 196 52.52 17.55 39.24
CA PRO H 196 53.79 17.51 40.00
C PRO H 196 53.60 17.34 41.49
N GLU H 197 52.52 17.92 42.02
CA GLU H 197 52.25 17.80 43.45
C GLU H 197 52.10 16.35 43.87
N LEU H 198 51.33 15.57 43.11
CA LEU H 198 51.09 14.16 43.45
C LEU H 198 52.33 13.31 43.26
N LEU H 199 53.26 13.75 42.43
CA LEU H 199 54.53 13.04 42.32
C LEU H 199 55.39 13.29 43.55
N LEU H 200 55.34 14.50 44.11
CA LEU H 200 56.08 14.87 45.30
C LEU H 200 55.37 14.46 46.58
N GLY H 201 54.35 13.61 46.46
CA GLY H 201 53.77 12.87 47.58
C GLY H 201 52.67 13.58 48.34
N GLU H 202 51.93 14.47 47.69
CA GLU H 202 50.79 15.10 48.34
C GLU H 202 49.65 14.10 48.45
N GLU H 203 48.96 14.12 49.58
CA GLU H 203 47.82 13.26 49.81
C GLU H 203 46.54 14.03 50.07
N ARG H 204 46.63 15.35 50.22
CA ARG H 204 45.49 16.24 50.46
C ARG H 204 45.40 17.22 49.30
N TYR H 205 45.09 16.71 48.12
CA TYR H 205 45.18 17.48 46.88
C TYR H 205 43.93 18.30 46.56
N THR H 206 44.14 19.31 45.74
CA THR H 206 43.10 20.20 45.27
C THR H 206 42.43 19.61 44.04
N PRO H 207 41.36 20.25 43.54
CA PRO H 207 40.82 19.82 42.25
C PRO H 207 41.71 20.20 41.09
N ALA H 208 42.78 20.96 41.36
CA ALA H 208 43.69 21.36 40.30
C ALA H 208 44.57 20.21 39.83
N ILE H 209 44.42 19.02 40.42
CA ILE H 209 45.10 17.85 39.86
C ILE H 209 44.56 17.59 38.46
N ASP H 210 43.24 17.76 38.28
CA ASP H 210 42.63 17.51 36.98
C ASP H 210 42.99 18.60 36.00
N VAL H 211 43.17 19.83 36.48
CA VAL H 211 43.53 20.91 35.55
C VAL H 211 44.87 20.62 34.92
N TRP H 212 45.83 20.15 35.70
CA TRP H 212 47.13 19.78 35.14
C TRP H 212 46.97 18.77 34.00
N SER H 213 46.19 17.72 34.23
CA SER H 213 46.01 16.70 33.20
C SER H 213 45.46 17.32 31.92
N CYS H 214 44.39 18.12 32.04
CA CYS H 214 43.79 18.72 30.87
C CYS H 214 44.79 19.65 30.17
N GLY H 215 45.68 20.27 30.95
CA GLY H 215 46.71 21.08 30.33
C GLY H 215 47.67 20.23 29.51
N CYS H 216 48.05 19.06 30.01
CA CYS H 216 48.85 18.14 29.22
C CYS H 216 48.16 17.82 27.89
N ILE H 217 46.83 17.67 27.93
CA ILE H 217 46.07 17.40 26.71
C ILE H 217 46.10 18.60 25.79
N LEU H 218 45.97 19.80 26.34
CA LEU H 218 46.06 20.98 25.49
C LEU H 218 47.35 20.98 24.68
N GLY H 219 48.49 20.80 25.35
CA GLY H 219 49.75 20.73 24.64
C GLY H 219 49.79 19.59 23.64
N GLU H 220 49.31 18.41 24.03
CA GLU H 220 49.36 17.24 23.15
C GLU H 220 48.60 17.49 21.85
N LEU H 221 47.53 18.30 21.89
CA LEU H 221 46.77 18.57 20.68
C LEU H 221 47.56 19.44 19.70
N PHE H 222 48.57 20.15 20.18
CA PHE H 222 49.39 20.98 19.30
C PHE H 222 50.61 20.24 18.82
N THR H 223 50.98 19.13 19.46
CA THR H 223 52.08 18.29 19.00
C THR H 223 51.62 16.93 18.50
N LYS H 224 50.44 16.46 18.92
CA LYS H 224 49.92 15.13 18.62
C LYS H 224 50.69 14.04 19.35
N LYS H 225 51.56 14.42 20.29
CA LYS H 225 52.35 13.53 21.13
C LYS H 225 52.28 14.00 22.59
N PRO H 226 52.11 13.10 23.54
CA PRO H 226 52.11 13.52 24.95
C PRO H 226 53.37 14.31 25.29
N ILE H 227 53.25 15.19 26.28
CA ILE H 227 54.33 16.12 26.58
C ILE H 227 55.39 15.46 27.46
N PHE H 228 54.94 14.72 28.47
CA PHE H 228 55.81 14.15 29.50
C PHE H 228 55.67 12.64 29.49
N GLN H 229 56.51 11.96 28.71
CA GLN H 229 56.46 10.51 28.63
C GLN H 229 57.66 9.91 29.35
N ALA H 230 57.38 9.24 30.45
CA ALA H 230 58.39 8.56 31.25
C ALA H 230 57.71 7.37 31.89
N ASN H 231 58.51 6.44 32.39
CA ASN H 231 58.00 5.21 32.97
C ASN H 231 58.01 5.17 34.48
N LEU H 232 58.83 6.00 35.13
CA LEU H 232 58.91 6.01 36.58
C LEU H 232 58.70 7.42 37.12
N GLU H 233 58.17 7.46 38.34
CA GLU H 233 57.67 8.69 38.94
C GLU H 233 58.76 9.74 39.02
N LEU H 234 60.00 9.32 39.32
CA LEU H 234 61.10 10.28 39.32
C LEU H 234 61.43 10.77 37.91
N ALA H 235 61.52 9.85 36.94
CA ALA H 235 61.81 10.25 35.57
C ALA H 235 60.77 11.24 35.07
N GLN H 236 59.52 11.07 35.52
CA GLN H 236 58.46 12.00 35.12
C GLN H 236 58.69 13.39 35.70
N LEU H 237 59.01 13.48 37.00
CA LEU H 237 59.29 14.77 37.61
C LEU H 237 60.43 15.49 36.91
N GLU H 238 61.45 14.74 36.47
CA GLU H 238 62.55 15.34 35.73
C GLU H 238 62.05 15.96 34.43
N LEU H 239 61.20 15.25 33.70
CA LEU H 239 60.68 15.78 32.45
C LEU H 239 59.80 17.00 32.71
N ILE H 240 58.92 16.93 33.71
CA ILE H 240 58.11 18.08 34.06
C ILE H 240 59.01 19.27 34.38
N SER H 241 60.10 19.01 35.10
CA SER H 241 60.98 20.10 35.55
C SER H 241 61.74 20.74 34.39
N ARG H 242 62.22 19.93 33.44
CA ARG H 242 63.00 20.48 32.33
C ARG H 242 62.21 21.53 31.56
N LEU H 243 60.89 21.38 31.53
CA LEU H 243 60.00 22.26 30.80
C LEU H 243 59.44 23.35 31.67
N CYS H 244 58.91 23.00 32.84
CA CYS H 244 58.22 23.93 33.71
C CYS H 244 59.14 24.63 34.69
N GLY H 245 60.36 24.14 34.86
CA GLY H 245 61.20 24.58 35.95
C GLY H 245 61.13 23.59 37.10
N SER H 246 62.17 23.55 37.88
CA SER H 246 62.19 22.59 38.98
C SER H 246 61.30 23.07 40.12
N PRO H 247 60.61 22.16 40.81
CA PRO H 247 59.91 22.55 42.05
C PRO H 247 60.88 23.12 43.07
N CYS H 248 60.65 24.36 43.47
CA CYS H 248 61.50 25.01 44.47
C CYS H 248 60.67 26.04 45.21
N PRO H 249 61.03 26.38 46.45
CA PRO H 249 60.21 27.34 47.21
C PRO H 249 60.08 28.70 46.54
N ALA H 250 60.99 29.07 45.63
CA ALA H 250 60.91 30.38 45.01
C ALA H 250 59.64 30.55 44.19
N VAL H 251 59.18 29.47 43.54
CA VAL H 251 57.98 29.52 42.71
C VAL H 251 56.80 28.75 43.31
N TRP H 252 57.05 27.87 44.27
CA TRP H 252 56.03 26.97 44.85
C TRP H 252 56.33 26.98 46.34
N PRO H 253 55.90 28.02 47.04
CA PRO H 253 56.46 28.29 48.39
C PRO H 253 56.23 27.18 49.38
N ASP H 254 55.13 26.43 49.26
CA ASP H 254 54.78 25.39 50.22
C ASP H 254 55.29 24.03 49.81
N VAL H 255 56.14 23.94 48.79
CA VAL H 255 56.64 22.65 48.35
C VAL H 255 57.44 21.98 49.47
N ILE H 256 58.09 22.76 50.32
CA ILE H 256 58.91 22.23 51.40
C ILE H 256 58.11 21.36 52.36
N ARG H 257 56.78 21.52 52.36
CA ARG H 257 55.91 20.68 53.17
C ARG H 257 55.65 19.31 52.57
N LEU H 258 55.92 19.13 51.28
CA LEU H 258 55.58 17.88 50.64
C LEU H 258 56.54 16.77 51.07
N PRO H 259 56.04 15.55 51.25
CA PRO H 259 56.89 14.49 51.84
C PRO H 259 58.18 14.28 51.07
N TYR H 260 58.11 14.22 49.74
CA TYR H 260 59.23 13.80 48.92
C TYR H 260 59.99 14.98 48.33
N PHE H 261 59.81 16.18 48.88
CA PHE H 261 60.47 17.34 48.29
C PHE H 261 61.99 17.19 48.35
N ASN H 262 62.53 16.78 49.51
CA ASN H 262 63.97 16.54 49.58
C ASN H 262 64.34 15.27 48.83
N THR H 263 63.48 14.25 48.91
CA THR H 263 63.76 12.94 48.32
C THR H 263 63.86 13.00 46.81
N MET H 264 62.83 13.48 46.14
CA MET H 264 62.77 13.46 44.69
C MET H 264 63.31 14.80 44.21
N LYS H 265 64.62 14.84 44.01
CA LYS H 265 65.13 16.09 43.50
C LYS H 265 65.48 15.91 42.04
N PRO H 266 65.19 16.90 41.19
CA PRO H 266 65.59 16.79 39.79
C PRO H 266 67.10 16.89 39.63
N LYS H 267 67.58 16.41 38.47
CA LYS H 267 69.01 16.44 38.17
C LYS H 267 69.61 17.80 38.48
N LYS H 268 68.90 18.87 38.10
CA LYS H 268 69.33 20.25 38.31
C LYS H 268 68.19 21.06 38.90
N GLN H 269 68.46 22.33 39.15
CA GLN H 269 67.43 23.35 39.41
C GLN H 269 67.16 24.05 38.08
N TYR H 270 66.24 23.49 37.30
CA TYR H 270 65.99 23.98 35.94
C TYR H 270 65.18 25.28 35.95
N ARG H 271 65.47 26.14 34.98
CA ARG H 271 64.61 27.29 34.73
C ARG H 271 63.42 26.86 33.88
N ARG H 272 62.34 27.64 33.97
CA ARG H 272 61.14 27.36 33.19
C ARG H 272 61.41 27.66 31.71
N ARG H 273 61.02 26.72 30.84
CA ARG H 273 61.21 26.88 29.41
C ARG H 273 59.92 26.70 28.63
N LEU H 274 58.78 26.62 29.33
CA LEU H 274 57.55 26.22 28.68
C LEU H 274 57.24 27.10 27.48
N ARG H 275 57.30 28.42 27.66
CA ARG H 275 56.99 29.31 26.54
C ARG H 275 58.03 29.21 25.44
N GLU H 276 59.26 28.86 25.80
CA GLU H 276 60.30 28.72 24.79
C GLU H 276 60.10 27.47 23.96
N GLU H 277 59.87 26.32 24.62
CA GLU H 277 59.74 25.05 23.92
C GLU H 277 58.40 24.89 23.22
N PHE H 278 57.37 25.67 23.58
CA PHE H 278 56.11 25.69 22.87
C PHE H 278 55.90 27.00 22.11
N SER H 279 56.99 27.66 21.70
CA SER H 279 56.86 28.93 21.00
C SER H 279 56.15 28.82 19.66
N PHE H 280 55.84 27.60 19.20
CA PHE H 280 55.11 27.40 17.96
C PHE H 280 53.60 27.40 18.17
N ILE H 281 53.13 27.68 19.39
CA ILE H 281 51.71 27.68 19.73
C ILE H 281 51.19 29.11 19.69
N PRO H 282 49.93 29.31 19.28
CA PRO H 282 49.33 30.65 19.32
C PRO H 282 49.38 31.29 20.70
N SER H 283 49.51 32.63 20.71
CA SER H 283 49.74 33.33 21.97
C SER H 283 48.60 33.08 22.96
N ALA H 284 47.36 33.21 22.51
CA ALA H 284 46.23 33.00 23.41
C ALA H 284 46.30 31.62 24.04
N ALA H 285 46.76 30.63 23.27
CA ALA H 285 46.85 29.27 23.77
C ALA H 285 48.05 29.08 24.69
N LEU H 286 49.21 29.62 24.31
CA LEU H 286 50.39 29.44 25.14
C LEU H 286 50.16 29.98 26.55
N ASP H 287 49.43 31.09 26.67
CA ASP H 287 49.11 31.62 27.99
C ASP H 287 48.28 30.61 28.79
N LEU H 288 47.34 29.94 28.11
CA LEU H 288 46.54 28.92 28.79
C LEU H 288 47.43 27.78 29.28
N LEU H 289 48.30 27.30 28.38
CA LEU H 289 49.18 26.18 28.73
C LEU H 289 50.13 26.55 29.88
N ASP H 290 50.76 27.72 29.79
CA ASP H 290 51.68 28.16 30.83
C ASP H 290 50.97 28.18 32.19
N HIS H 291 49.69 28.55 32.19
CA HIS H 291 48.91 28.67 33.42
C HIS H 291 48.37 27.32 33.91
N MET H 292 48.01 26.42 32.99
CA MET H 292 47.54 25.11 33.41
C MET H 292 48.71 24.25 33.89
N LEU H 293 49.90 24.44 33.31
CA LEU H 293 51.09 23.71 33.73
C LEU H 293 51.98 24.54 34.66
N THR H 294 51.35 25.23 35.61
CA THR H 294 52.04 25.93 36.70
C THR H 294 52.22 24.94 37.85
N LEU H 295 53.42 24.93 38.44
CA LEU H 295 53.78 23.91 39.41
C LEU H 295 52.94 24.01 40.69
N ASP H 296 52.77 25.21 41.22
CA ASP H 296 52.10 25.36 42.51
C ASP H 296 50.59 25.22 42.32
N PRO H 297 49.94 24.18 42.88
CA PRO H 297 48.48 24.05 42.66
C PRO H 297 47.71 25.28 43.14
N SER H 298 48.29 26.08 44.04
CA SER H 298 47.65 27.31 44.49
C SER H 298 47.83 28.44 43.50
N LYS H 299 48.70 28.26 42.50
CA LYS H 299 48.86 29.20 41.41
C LYS H 299 48.34 28.66 40.09
N ARG H 300 48.09 27.36 39.99
CA ARG H 300 47.50 26.81 38.77
C ARG H 300 46.10 27.35 38.57
N CYS H 301 45.77 27.67 37.33
CA CYS H 301 44.47 28.25 37.06
C CYS H 301 43.36 27.24 37.31
N THR H 302 42.16 27.76 37.52
CA THR H 302 40.99 26.93 37.70
C THR H 302 40.32 26.62 36.37
N ALA H 303 39.33 25.72 36.41
CA ALA H 303 38.57 25.46 35.20
C ALA H 303 37.82 26.71 34.75
N GLU H 304 37.18 27.40 35.70
CA GLU H 304 36.46 28.61 35.32
C GLU H 304 37.41 29.60 34.65
N GLN H 305 38.61 29.76 35.21
CA GLN H 305 39.53 30.74 34.65
C GLN H 305 39.92 30.36 33.23
N THR H 306 40.04 29.06 32.95
CA THR H 306 40.36 28.64 31.59
C THR H 306 39.25 29.06 30.63
N LEU H 307 38.00 28.97 31.06
CA LEU H 307 36.88 29.40 30.22
C LEU H 307 36.88 30.91 30.05
N GLN H 308 37.46 31.64 31.01
CA GLN H 308 37.64 33.07 30.88
C GLN H 308 39.05 33.41 30.40
N SER H 309 39.55 32.61 29.47
CA SER H 309 40.84 32.81 28.84
C SER H 309 40.58 33.48 27.50
N ASP H 310 41.55 34.23 27.01
CA ASP H 310 41.40 34.79 25.67
C ASP H 310 41.17 33.68 24.65
N PHE H 311 41.65 32.47 24.93
CA PHE H 311 41.58 31.38 23.98
C PHE H 311 40.15 30.83 23.88
N LEU H 312 39.47 30.66 25.02
CA LEU H 312 38.17 30.02 25.06
C LEU H 312 37.02 30.96 25.38
N LYS H 313 37.31 32.16 25.90
CA LYS H 313 36.26 33.06 26.33
C LYS H 313 35.27 33.35 25.20
N ASP H 314 35.76 33.60 24.00
CA ASP H 314 34.92 34.00 22.89
C ASP H 314 34.65 32.86 21.92
N VAL H 315 34.97 31.63 22.30
CA VAL H 315 34.61 30.48 21.49
C VAL H 315 33.11 30.22 21.58
N GLU H 316 32.47 30.11 20.44
CA GLU H 316 31.04 29.78 20.33
C GLU H 316 30.90 28.34 19.88
N LEU H 317 30.23 27.52 20.70
CA LEU H 317 30.06 26.11 20.38
C LEU H 317 28.94 25.89 19.35
N SER H 318 28.14 26.92 19.08
CA SER H 318 27.16 26.83 17.98
C SER H 318 27.86 26.54 16.66
N LYS H 319 28.99 27.18 16.42
CA LYS H 319 29.84 26.84 15.27
C LYS H 319 30.77 25.70 15.68
N MET H 320 30.13 24.58 16.08
CA MET H 320 30.90 23.41 16.43
C MET H 320 31.65 22.92 15.21
N ALA H 321 32.87 22.46 15.43
CA ALA H 321 33.73 22.08 14.33
C ALA H 321 34.02 20.60 14.41
N PRO H 322 33.44 19.77 13.54
CA PRO H 322 33.88 18.37 13.50
C PRO H 322 35.36 18.33 13.13
N PRO H 323 36.16 17.49 13.81
CA PRO H 323 37.57 17.36 13.42
C PRO H 323 37.70 16.72 12.05
N ASP H 324 38.92 16.76 11.53
CA ASP H 324 39.17 16.31 10.16
C ASP H 324 38.78 14.85 9.99
N LEU H 325 39.28 13.97 10.84
CA LEU H 325 38.83 12.57 10.90
C LEU H 325 38.72 11.95 9.52
N PRO H 326 39.84 11.68 8.83
CA PRO H 326 39.75 11.04 7.49
C PRO H 326 39.01 9.71 7.49
N HIS H 327 38.14 9.53 6.48
CA HIS H 327 37.42 8.27 6.32
C HIS H 327 37.63 7.54 4.99
N TRP H 328 38.30 8.16 4.01
CA TRP H 328 38.64 7.54 2.73
C TRP H 328 39.99 8.13 2.30
N GLN H 329 40.61 7.51 1.32
CA GLN H 329 41.99 7.76 0.91
C GLN H 329 42.99 7.31 1.97
N ASP H 330 42.48 6.64 3.01
CA ASP H 330 43.25 5.86 3.96
C ASP H 330 43.25 4.37 3.62
N CYS H 331 42.29 3.92 2.81
CA CYS H 331 42.28 2.56 2.32
C CYS H 331 43.51 2.26 1.48
N HIS H 332 43.83 3.13 0.52
CA HIS H 332 44.99 2.98 -0.33
C HIS H 332 45.82 4.27 -0.30
N GLU H 333 47.14 4.09 -0.16
CA GLU H 333 48.06 5.22 -0.13
C GLU H 333 48.18 5.88 -1.50
N LEU H 334 48.19 7.20 -1.49
CA LEU H 334 48.36 8.00 -2.70
C LEU H 334 49.83 8.13 -3.09
N TRP H 335 50.10 7.99 -4.37
CA TRP H 335 51.47 8.13 -4.86
C TRP H 335 51.77 9.58 -5.26
N THR I 24 13.15 10.70 35.71
CA THR I 24 14.59 10.82 35.95
C THR I 24 15.06 9.97 37.13
N LYS I 25 14.93 10.50 38.36
CA LYS I 25 15.29 9.83 39.61
C LYS I 25 14.03 9.57 40.44
N PRO I 26 14.00 8.48 41.19
CA PRO I 26 12.74 8.04 41.81
C PRO I 26 12.25 8.92 42.95
N CYS I 27 10.96 8.72 43.27
CA CYS I 27 10.31 9.35 44.41
C CYS I 27 10.40 8.43 45.63
N TRP I 28 11.01 8.91 46.70
CA TRP I 28 11.26 8.10 47.88
C TRP I 28 10.45 8.53 49.09
N TYR I 29 9.28 9.12 48.88
CA TYR I 29 8.46 9.58 49.98
C TYR I 29 7.02 9.12 49.83
N TRP I 30 6.46 8.66 50.95
CA TRP I 30 5.11 8.15 51.03
C TRP I 30 4.33 8.99 52.03
N ASP I 31 3.04 8.72 52.13
CA ASP I 31 2.20 9.35 53.15
C ASP I 31 2.02 8.37 54.30
N LYS I 32 1.92 8.92 55.52
CA LYS I 32 1.75 8.09 56.69
C LYS I 32 0.69 7.03 56.46
N LYS I 33 -0.41 7.40 55.81
CA LYS I 33 -1.49 6.45 55.54
C LYS I 33 -0.98 5.26 54.75
N ASP I 34 0.06 5.44 53.94
CA ASP I 34 0.55 4.38 53.07
C ASP I 34 1.27 3.27 53.82
N LEU I 35 1.73 3.54 55.04
CA LEU I 35 2.46 2.52 55.78
C LEU I 35 1.56 1.41 56.29
N ALA I 36 0.24 1.58 56.13
CA ALA I 36 -0.69 0.51 56.45
C ALA I 36 -0.69 -0.56 55.39
N HIS I 37 0.05 -0.36 54.29
CA HIS I 37 0.03 -1.27 53.15
C HIS I 37 1.44 -1.68 52.74
N THR I 38 2.37 -1.74 53.67
CA THR I 38 3.68 -2.28 53.33
C THR I 38 3.56 -3.79 53.13
N PRO I 39 4.51 -4.38 52.40
CA PRO I 39 4.50 -5.85 52.28
C PRO I 39 4.36 -6.54 53.63
N SER I 40 4.98 -5.97 54.66
CA SER I 40 4.93 -6.60 55.98
C SER I 40 3.52 -6.59 56.55
N GLN I 41 2.84 -5.44 56.48
CA GLN I 41 1.47 -5.39 56.98
C GLN I 41 0.59 -6.40 56.26
N LEU I 42 0.76 -6.52 54.94
CA LEU I 42 -0.10 -7.36 54.12
C LEU I 42 0.22 -8.84 54.27
N GLU I 43 1.35 -9.19 54.87
CA GLU I 43 1.64 -10.57 55.23
C GLU I 43 1.23 -10.90 56.66
N GLY I 44 0.45 -10.04 57.32
CA GLY I 44 -0.09 -10.33 58.63
C GLY I 44 0.67 -9.76 59.81
N LEU I 45 1.73 -9.00 59.55
CA LEU I 45 2.42 -8.29 60.63
C LEU I 45 1.61 -7.08 61.03
N ASP I 46 1.44 -6.87 62.35
CA ASP I 46 0.63 -5.75 62.82
C ASP I 46 1.47 -4.48 62.92
N PRO I 47 0.82 -3.31 62.98
CA PRO I 47 1.58 -2.05 62.94
C PRO I 47 2.61 -1.92 64.06
N ALA I 48 2.28 -2.32 65.28
CA ALA I 48 3.26 -2.21 66.35
C ALA I 48 4.50 -3.04 66.06
N THR I 49 4.31 -4.26 65.52
CA THR I 49 5.45 -5.14 65.29
C THR I 49 6.36 -4.58 64.22
N GLU I 50 5.80 -4.09 63.10
CA GLU I 50 6.67 -3.56 62.07
C GLU I 50 7.42 -2.34 62.59
N ALA I 51 6.75 -1.47 63.34
CA ALA I 51 7.44 -0.35 63.95
C ALA I 51 8.58 -0.82 64.84
N ARG I 52 8.33 -1.87 65.65
CA ARG I 52 9.37 -2.41 66.50
C ARG I 52 10.55 -2.93 65.68
N TYR I 53 10.27 -3.70 64.64
CA TYR I 53 11.33 -4.22 63.78
C TYR I 53 12.16 -3.10 63.17
N ARG I 54 11.52 -1.99 62.79
CA ARG I 54 12.25 -0.87 62.22
C ARG I 54 13.18 -0.24 63.25
N ARG I 55 12.72 -0.11 64.50
CA ARG I 55 13.58 0.44 65.54
C ARG I 55 14.74 -0.51 65.83
N GLU I 56 14.45 -1.80 65.93
CA GLU I 56 15.50 -2.77 66.23
C GLU I 56 16.53 -2.79 65.10
N GLY I 57 16.05 -2.82 63.85
CA GLY I 57 16.97 -2.79 62.74
C GLY I 57 17.75 -1.50 62.66
N ALA I 58 17.07 -0.36 62.84
CA ALA I 58 17.76 0.91 62.79
C ALA I 58 18.83 1.00 63.88
N ARG I 59 18.47 0.66 65.12
CA ARG I 59 19.43 0.74 66.21
C ARG I 59 20.56 -0.28 66.04
N PHE I 60 20.26 -1.46 65.50
CA PHE I 60 21.31 -2.42 65.18
C PHE I 60 22.34 -1.81 64.24
N ILE I 61 21.88 -1.18 63.15
CA ILE I 61 22.78 -0.52 62.22
C ILE I 61 23.59 0.56 62.94
N PHE I 62 22.91 1.36 63.77
CA PHE I 62 23.59 2.43 64.49
C PHE I 62 24.67 1.88 65.40
N ASP I 63 24.33 0.84 66.17
CA ASP I 63 25.28 0.30 67.15
C ASP I 63 26.45 -0.37 66.47
N VAL I 64 26.17 -1.18 65.44
CA VAL I 64 27.25 -1.88 64.75
C VAL I 64 28.22 -0.88 64.14
N GLY I 65 27.69 0.14 63.47
CA GLY I 65 28.56 1.10 62.83
C GLY I 65 29.31 1.97 63.81
N THR I 66 28.69 2.30 64.94
CA THR I 66 29.39 3.09 65.95
C THR I 66 30.60 2.35 66.50
N ARG I 67 30.48 1.06 66.77
CA ARG I 67 31.64 0.31 67.23
C ARG I 67 32.76 0.31 66.19
N LEU I 68 32.41 0.32 64.91
CA LEU I 68 33.41 0.33 63.86
C LEU I 68 34.02 1.70 63.65
N GLY I 69 33.53 2.72 64.36
CA GLY I 69 34.09 4.05 64.23
C GLY I 69 33.60 4.80 63.01
N LEU I 70 32.40 4.50 62.53
CA LEU I 70 31.94 5.03 61.26
C LEU I 70 31.36 6.43 61.42
N HIS I 71 31.52 7.24 60.36
CA HIS I 71 30.96 8.57 60.31
C HIS I 71 29.44 8.51 60.48
N TYR I 72 28.87 9.62 60.97
CA TYR I 72 27.42 9.62 61.23
C TYR I 72 26.63 9.48 59.94
N ASP I 73 27.12 10.06 58.83
CA ASP I 73 26.40 9.97 57.57
C ASP I 73 26.32 8.53 57.09
N THR I 74 27.39 7.76 57.30
CA THR I 74 27.38 6.37 56.87
C THR I 74 26.31 5.58 57.58
N LEU I 75 26.15 5.83 58.88
CA LEU I 75 25.09 5.15 59.63
C LEU I 75 23.71 5.51 59.08
N ALA I 76 23.47 6.80 58.83
CA ALA I 76 22.16 7.21 58.37
C ALA I 76 21.87 6.65 56.99
N THR I 77 22.87 6.68 56.11
CA THR I 77 22.67 6.14 54.78
C THR I 77 22.24 4.68 54.84
N GLY I 78 22.94 3.88 55.64
CA GLY I 78 22.53 2.50 55.79
C GLY I 78 21.11 2.39 56.30
N ILE I 79 20.75 3.23 57.28
CA ILE I 79 19.42 3.14 57.87
C ILE I 79 18.34 3.51 56.86
N ILE I 80 18.60 4.52 56.01
CA ILE I 80 17.60 4.86 55.00
C ILE I 80 17.50 3.77 53.96
N TYR I 81 18.64 3.19 53.55
CA TYR I 81 18.57 1.99 52.72
C TYR I 81 17.67 0.95 53.39
N PHE I 82 17.89 0.73 54.69
CA PHE I 82 17.09 -0.23 55.44
C PHE I 82 15.62 0.12 55.39
N HIS I 83 15.25 1.35 55.78
CA HIS I 83 13.83 1.70 55.83
C HIS I 83 13.18 1.55 54.47
N ARG I 84 13.85 2.00 53.42
CA ARG I 84 13.30 1.89 52.08
C ARG I 84 13.12 0.44 51.69
N PHE I 85 14.09 -0.40 52.04
CA PHE I 85 14.01 -1.82 51.69
C PHE I 85 12.68 -2.42 52.09
N TYR I 86 12.21 -2.14 53.31
CA TYR I 86 10.99 -2.76 53.81
C TYR I 86 9.74 -2.02 53.41
N MET I 87 9.87 -1.05 52.50
CA MET I 87 8.74 -0.57 51.72
C MET I 87 8.53 -1.41 50.47
N PHE I 88 9.50 -2.29 50.17
CA PHE I 88 9.47 -3.16 49.00
C PHE I 88 9.50 -4.63 49.34
N HIS I 89 9.73 -4.99 50.60
CA HIS I 89 9.81 -6.39 51.01
C HIS I 89 9.16 -6.55 52.36
N SER I 90 8.92 -7.80 52.72
CA SER I 90 8.32 -8.13 54.00
C SER I 90 9.40 -8.51 55.00
N PHE I 91 9.21 -8.09 56.25
CA PHE I 91 10.11 -8.52 57.30
C PHE I 91 10.05 -10.03 57.50
N LYS I 92 8.95 -10.68 57.10
CA LYS I 92 8.82 -12.12 57.26
C LYS I 92 9.64 -12.89 56.24
N GLN I 93 10.06 -12.25 55.15
CA GLN I 93 10.85 -12.91 54.12
C GLN I 93 12.33 -12.53 54.17
N PHE I 94 12.66 -11.41 54.81
CA PHE I 94 14.03 -10.94 54.92
C PHE I 94 14.35 -10.61 56.38
N PRO I 95 15.06 -11.50 57.09
CA PRO I 95 15.40 -11.20 58.49
C PRO I 95 16.11 -9.87 58.62
N ARG I 96 15.69 -9.08 59.61
CA ARG I 96 16.02 -7.66 59.62
C ARG I 96 17.51 -7.42 59.88
N TYR I 97 18.13 -8.20 60.75
CA TYR I 97 19.51 -7.91 61.10
C TYR I 97 20.48 -8.29 59.98
N VAL I 98 20.13 -9.24 59.12
CA VAL I 98 20.93 -9.48 57.93
C VAL I 98 20.79 -8.30 56.97
N THR I 99 19.56 -7.90 56.68
CA THR I 99 19.33 -6.71 55.85
C THR I 99 20.09 -5.51 56.40
N GLY I 100 19.97 -5.28 57.71
CA GLY I 100 20.70 -4.17 58.31
C GLY I 100 22.18 -4.25 58.01
N ALA I 101 22.79 -5.41 58.30
CA ALA I 101 24.22 -5.57 58.03
C ALA I 101 24.54 -5.30 56.56
N CYS I 102 23.69 -5.79 55.66
CA CYS I 102 23.91 -5.56 54.24
C CYS I 102 23.81 -4.08 53.89
N CYS I 103 22.83 -3.38 54.47
CA CYS I 103 22.71 -1.95 54.22
C CYS I 103 23.96 -1.21 54.65
N LEU I 104 24.46 -1.49 55.86
CA LEU I 104 25.66 -0.79 56.31
C LEU I 104 26.84 -1.11 55.42
N PHE I 105 26.97 -2.39 55.03
CA PHE I 105 28.06 -2.78 54.16
C PHE I 105 28.04 -1.96 52.86
N LEU I 106 26.86 -1.84 52.24
CA LEU I 106 26.78 -1.05 51.02
C LEU I 106 27.00 0.43 51.34
N ALA I 107 26.41 0.91 52.43
CA ALA I 107 26.55 2.32 52.81
C ALA I 107 28.00 2.71 52.92
N GLY I 108 28.82 1.85 53.53
CA GLY I 108 30.24 2.18 53.69
C GLY I 108 30.94 2.42 52.37
N LYS I 109 30.63 1.59 51.38
CA LYS I 109 31.22 1.80 50.06
C LYS I 109 30.64 3.04 49.40
N VAL I 110 29.35 3.27 49.61
CA VAL I 110 28.72 4.43 49.00
C VAL I 110 29.31 5.71 49.58
N GLU I 111 29.46 5.78 50.91
CA GLU I 111 29.91 6.99 51.58
C GLU I 111 31.44 7.09 51.72
N GLU I 112 32.19 6.20 51.08
CA GLU I 112 33.65 6.23 51.13
C GLU I 112 34.16 6.04 52.55
N THR I 113 33.49 5.19 53.31
CA THR I 113 33.98 4.73 54.62
C THR I 113 33.89 3.21 54.66
N PRO I 114 34.53 2.52 53.72
CA PRO I 114 34.27 1.09 53.57
C PRO I 114 34.79 0.25 54.73
N LYS I 115 34.06 -0.85 54.99
CA LYS I 115 34.44 -1.84 55.98
C LYS I 115 34.28 -3.22 55.36
N LYS I 116 35.08 -4.17 55.82
CA LYS I 116 35.01 -5.52 55.30
C LYS I 116 33.76 -6.22 55.82
N CYS I 117 33.10 -6.98 54.95
CA CYS I 117 31.93 -7.70 55.41
C CYS I 117 32.29 -8.57 56.61
N LYS I 118 33.52 -9.09 56.62
CA LYS I 118 34.01 -9.88 57.74
C LYS I 118 33.94 -9.11 59.05
N ASP I 119 34.29 -7.82 59.02
CA ASP I 119 34.30 -7.04 60.25
C ASP I 119 32.88 -6.75 60.73
N ILE I 120 31.95 -6.51 59.79
CA ILE I 120 30.57 -6.22 60.17
C ILE I 120 29.94 -7.43 60.84
N ILE I 121 30.20 -8.62 60.30
CA ILE I 121 29.65 -9.83 60.94
C ILE I 121 30.21 -9.97 62.34
N LYS I 122 31.54 -9.87 62.48
CA LYS I 122 32.16 -9.98 63.79
C LYS I 122 31.50 -9.03 64.78
N THR I 123 31.36 -7.75 64.41
CA THR I 123 30.75 -6.77 65.32
C THR I 123 29.30 -7.13 65.60
N ALA I 124 28.56 -7.57 64.57
CA ALA I 124 27.17 -7.97 64.78
C ALA I 124 27.08 -9.10 65.80
N ARG I 125 28.05 -10.02 65.78
CA ARG I 125 28.05 -11.11 66.75
C ARG I 125 28.22 -10.57 68.17
N SER I 126 29.06 -9.54 68.35
CA SER I 126 29.24 -8.97 69.68
C SER I 126 27.93 -8.43 70.21
N LEU I 127 27.12 -7.79 69.36
CA LEU I 127 25.94 -7.08 69.82
C LEU I 127 24.67 -7.92 69.82
N LEU I 128 24.64 -9.01 69.08
CA LEU I 128 23.45 -9.84 68.97
C LEU I 128 23.60 -11.07 69.84
N ASN I 129 22.51 -11.49 70.46
CA ASN I 129 22.49 -12.74 71.21
C ASN I 129 22.40 -13.92 70.25
N ASP I 130 22.38 -15.13 70.81
CA ASP I 130 22.41 -16.33 69.96
C ASP I 130 21.12 -16.46 69.15
N VAL I 131 19.97 -16.17 69.76
CA VAL I 131 18.70 -16.25 69.04
C VAL I 131 18.71 -15.28 67.87
N GLN I 132 19.13 -14.04 68.14
CA GLN I 132 19.15 -13.01 67.10
C GLN I 132 20.13 -13.37 65.99
N PHE I 133 21.33 -13.78 66.36
CA PHE I 133 22.34 -14.15 65.38
C PHE I 133 21.95 -15.39 64.57
N GLY I 134 20.92 -16.13 64.99
CA GLY I 134 20.44 -17.23 64.19
C GLY I 134 20.02 -16.79 62.80
N GLN I 135 19.58 -15.53 62.67
CA GLN I 135 19.18 -15.02 61.36
C GLN I 135 20.30 -15.16 60.33
N PHE I 136 21.56 -15.07 60.75
CA PHE I 136 22.67 -15.16 59.79
C PHE I 136 22.97 -16.58 59.36
N GLY I 137 22.33 -17.58 59.96
CA GLY I 137 22.48 -18.90 59.43
C GLY I 137 23.90 -19.46 59.51
N ASP I 138 24.15 -20.41 58.61
CA ASP I 138 25.40 -21.17 58.66
C ASP I 138 26.59 -20.37 58.17
N ASP I 139 26.38 -19.44 57.25
CA ASP I 139 27.44 -18.64 56.67
C ASP I 139 27.02 -17.18 56.72
N PRO I 140 27.31 -16.47 57.82
CA PRO I 140 26.83 -15.08 57.92
C PRO I 140 27.27 -14.19 56.76
N LYS I 141 28.55 -14.24 56.37
CA LYS I 141 29.02 -13.37 55.31
C LYS I 141 28.25 -13.56 54.02
N GLU I 142 28.03 -14.82 53.62
CA GLU I 142 27.33 -15.10 52.37
C GLU I 142 25.91 -14.54 52.42
N GLU I 143 25.21 -14.79 53.53
CA GLU I 143 23.85 -14.29 53.66
C GLU I 143 23.80 -12.79 53.40
N VAL I 144 24.83 -12.08 53.83
CA VAL I 144 24.88 -10.64 53.59
C VAL I 144 25.25 -10.35 52.14
N MET I 145 26.35 -10.94 51.66
CA MET I 145 26.80 -10.62 50.30
C MET I 145 25.74 -10.97 49.26
N VAL I 146 25.04 -12.09 49.46
CA VAL I 146 24.02 -12.50 48.51
C VAL I 146 22.89 -11.47 48.46
N LEU I 147 22.63 -10.78 49.56
CA LEU I 147 21.55 -9.80 49.61
C LEU I 147 21.88 -8.51 48.87
N GLU I 148 23.18 -8.19 48.71
CA GLU I 148 23.57 -6.91 48.14
C GLU I 148 22.89 -6.69 46.79
N ARG I 149 22.80 -7.74 45.98
CA ARG I 149 22.17 -7.63 44.67
C ARG I 149 20.72 -7.16 44.80
N ILE I 150 19.98 -7.77 45.73
CA ILE I 150 18.59 -7.38 45.95
C ILE I 150 18.52 -5.98 46.56
N LEU I 151 19.44 -5.64 47.46
CA LEU I 151 19.43 -4.28 48.01
C LEU I 151 19.61 -3.24 46.89
N LEU I 152 20.65 -3.42 46.07
CA LEU I 152 20.92 -2.49 44.98
C LEU I 152 19.73 -2.38 44.05
N GLN I 153 19.12 -3.51 43.69
CA GLN I 153 17.95 -3.45 42.83
C GLN I 153 16.79 -2.77 43.54
N THR I 154 16.62 -3.03 44.83
CA THR I 154 15.48 -2.50 45.58
C THR I 154 15.53 -0.97 45.66
N ILE I 155 16.69 -0.43 45.99
CA ILE I 155 16.85 1.02 46.10
C ILE I 155 17.08 1.62 44.72
N LYS I 156 16.88 0.81 43.68
CA LYS I 156 16.87 1.29 42.30
C LYS I 156 18.19 1.95 41.92
N PHE I 157 19.27 1.49 42.54
CA PHE I 157 20.62 2.01 42.28
C PHE I 157 20.68 3.52 42.48
N ASP I 158 19.71 4.08 43.19
CA ASP I 158 19.75 5.50 43.57
C ASP I 158 20.52 5.58 44.87
N LEU I 159 21.84 5.67 44.77
CA LEU I 159 22.68 5.53 45.96
C LEU I 159 22.89 6.83 46.71
N GLN I 160 22.80 7.97 46.04
CA GLN I 160 23.02 9.25 46.71
C GLN I 160 21.86 9.59 47.64
N VAL I 161 22.18 9.88 48.90
CA VAL I 161 21.21 10.23 49.91
C VAL I 161 21.71 11.43 50.70
N GLU I 162 20.77 12.34 51.04
CA GLU I 162 21.04 13.50 51.87
C GLU I 162 20.39 13.29 53.25
N HIS I 163 21.01 13.84 54.30
CA HIS I 163 20.51 13.60 55.65
C HIS I 163 20.28 14.90 56.39
N PRO I 164 19.37 14.88 57.39
CA PRO I 164 19.07 16.13 58.11
C PRO I 164 20.28 16.81 58.73
N TYR I 165 21.36 16.07 59.03
CA TYR I 165 22.46 16.67 59.77
C TYR I 165 23.04 17.87 59.05
N GLN I 166 23.32 17.70 57.75
CA GLN I 166 23.98 18.78 57.02
C GLN I 166 23.14 20.04 57.00
N PHE I 167 21.82 19.89 56.90
CA PHE I 167 20.94 21.06 56.88
C PHE I 167 20.82 21.66 58.27
N LEU I 168 20.83 20.82 59.30
CA LEU I 168 20.87 21.33 60.67
C LEU I 168 22.07 22.24 60.86
N LEU I 169 23.21 21.88 60.28
CA LEU I 169 24.40 22.72 60.38
C LEU I 169 24.33 23.91 59.44
N LYS I 170 23.90 23.69 58.19
CA LYS I 170 23.80 24.79 57.24
C LYS I 170 22.88 25.88 57.74
N TYR I 171 21.74 25.49 58.33
CA TYR I 171 20.77 26.48 58.79
C TYR I 171 21.22 27.14 60.08
N ALA I 172 21.78 26.38 61.02
CA ALA I 172 22.23 26.97 62.27
C ALA I 172 23.39 27.93 62.02
N LYS I 173 24.18 27.68 60.98
CA LYS I 173 25.31 28.55 60.66
C LYS I 173 24.86 29.96 60.27
N GLN I 174 23.61 30.12 59.85
CA GLN I 174 23.05 31.42 59.52
C GLN I 174 22.39 32.08 60.73
N LEU I 175 22.42 31.44 61.89
CA LEU I 175 21.93 32.05 63.12
C LEU I 175 23.07 32.77 63.82
N LYS I 176 22.78 33.99 64.31
CA LYS I 176 23.73 34.81 65.07
C LYS I 176 23.11 35.21 66.39
N GLY I 177 23.86 35.00 67.47
CA GLY I 177 23.35 35.31 68.80
C GLY I 177 24.27 34.71 69.85
N ASP I 178 23.73 34.53 71.05
CA ASP I 178 24.52 33.89 72.10
C ASP I 178 24.95 32.52 71.59
N LYS I 179 26.27 32.34 71.43
CA LYS I 179 26.73 31.09 70.84
C LYS I 179 26.32 29.90 71.68
N ASN I 180 26.35 30.03 73.00
CA ASN I 180 26.01 28.89 73.84
C ASN I 180 24.54 28.51 73.68
N LYS I 181 23.66 29.50 73.56
CA LYS I 181 22.25 29.16 73.35
C LYS I 181 22.04 28.46 72.01
N ILE I 182 22.72 28.92 70.95
CA ILE I 182 22.55 28.28 69.66
C ILE I 182 23.09 26.86 69.69
N GLN I 183 24.25 26.68 70.33
CA GLN I 183 24.85 25.35 70.40
C GLN I 183 23.92 24.36 71.10
N LYS I 184 23.25 24.79 72.17
CA LYS I 184 22.31 23.90 72.84
C LYS I 184 21.19 23.49 71.88
N LEU I 185 20.74 24.41 71.05
CA LEU I 185 19.74 24.08 70.04
C LEU I 185 20.27 23.00 69.11
N VAL I 186 21.46 23.22 68.55
CA VAL I 186 22.01 22.27 67.58
C VAL I 186 22.15 20.89 68.18
N GLN I 187 22.69 20.82 69.40
CA GLN I 187 22.94 19.54 70.04
C GLN I 187 21.63 18.79 70.29
N MET I 188 20.62 19.51 70.80
CA MET I 188 19.33 18.89 71.03
C MET I 188 18.72 18.43 69.70
N ALA I 189 18.81 19.27 68.67
CA ALA I 189 18.31 18.88 67.36
C ALA I 189 19.07 17.69 66.83
N TRP I 190 20.40 17.68 66.99
CA TRP I 190 21.19 16.54 66.55
C TRP I 190 20.71 15.27 67.24
N THR I 191 20.46 15.36 68.54
CA THR I 191 19.93 14.21 69.27
C THR I 191 18.58 13.80 68.70
N PHE I 192 17.73 14.77 68.34
CA PHE I 192 16.43 14.43 67.78
C PHE I 192 16.56 13.77 66.41
N VAL I 193 17.55 14.20 65.62
CA VAL I 193 17.77 13.57 64.32
C VAL I 193 18.14 12.11 64.52
N ASN I 194 19.09 11.84 65.43
CA ASN I 194 19.50 10.48 65.69
C ASN I 194 18.30 9.62 66.08
N ASP I 195 17.35 10.20 66.80
CA ASP I 195 16.16 9.46 67.23
C ASP I 195 15.20 9.24 66.07
N SER I 196 15.08 10.23 65.18
CA SER I 196 14.15 10.10 64.07
C SER I 196 14.55 8.99 63.11
N LEU I 197 15.80 8.53 63.19
CA LEU I 197 16.24 7.45 62.33
C LEU I 197 15.58 6.13 62.68
N CYS I 198 15.07 5.99 63.91
CA CYS I 198 14.34 4.79 64.27
C CYS I 198 12.92 4.81 63.72
N THR I 199 12.50 5.92 63.14
CA THR I 199 11.14 6.11 62.67
C THR I 199 11.11 6.18 61.16
N THR I 200 9.89 6.16 60.61
CA THR I 200 9.67 6.24 59.18
C THR I 200 9.63 7.68 58.69
N LEU I 201 9.97 8.65 59.54
CA LEU I 201 10.05 10.02 59.07
C LEU I 201 11.01 10.12 57.90
N SER I 202 12.06 9.29 57.88
CA SER I 202 12.98 9.28 56.76
C SER I 202 12.27 8.98 55.46
N LEU I 203 11.10 8.35 55.52
CA LEU I 203 10.34 7.98 54.34
C LEU I 203 9.16 8.92 54.06
N GLN I 204 8.93 9.92 54.91
CA GLN I 204 7.76 10.76 54.73
C GLN I 204 8.10 12.19 54.31
N TRP I 205 9.24 12.73 54.75
CA TRP I 205 9.58 14.13 54.56
C TRP I 205 11.02 14.28 54.12
N GLU I 206 11.26 15.25 53.24
CA GLU I 206 12.62 15.52 52.81
C GLU I 206 13.50 15.85 54.01
N PRO I 207 14.82 15.61 53.91
CA PRO I 207 15.68 15.87 55.07
C PRO I 207 15.68 17.32 55.50
N GLU I 208 15.63 18.25 54.54
CA GLU I 208 15.57 19.66 54.89
C GLU I 208 14.42 19.93 55.86
N ILE I 209 13.26 19.30 55.62
CA ILE I 209 12.11 19.50 56.49
C ILE I 209 12.36 18.91 57.87
N ILE I 210 12.98 17.73 57.92
CA ILE I 210 13.34 17.13 59.21
C ILE I 210 14.27 18.07 59.98
N ALA I 211 15.28 18.60 59.31
CA ALA I 211 16.24 19.48 59.98
C ALA I 211 15.54 20.66 60.61
N VAL I 212 14.60 21.28 59.89
CA VAL I 212 13.84 22.38 60.47
C VAL I 212 13.00 21.90 61.64
N ALA I 213 12.32 20.75 61.47
CA ALA I 213 11.44 20.27 62.53
C ALA I 213 12.19 20.11 63.84
N VAL I 214 13.39 19.54 63.80
CA VAL I 214 14.13 19.33 65.04
C VAL I 214 14.62 20.64 65.61
N MET I 215 15.01 21.60 64.75
CA MET I 215 15.30 22.93 65.26
C MET I 215 14.05 23.53 65.89
N TYR I 216 12.91 23.38 65.23
CA TYR I 216 11.63 23.84 65.74
C TYR I 216 11.32 23.22 67.09
N LEU I 217 11.51 21.90 67.21
CA LEU I 217 11.27 21.25 68.49
C LEU I 217 12.24 21.73 69.57
N ALA I 218 13.54 21.68 69.27
CA ALA I 218 14.52 22.12 70.26
C ALA I 218 14.24 23.54 70.73
N GLY I 219 13.84 24.40 69.79
CA GLY I 219 13.49 25.77 70.17
C GLY I 219 12.34 25.80 71.15
N ARG I 220 11.29 25.03 70.88
CA ARG I 220 10.17 24.99 71.80
C ARG I 220 10.61 24.52 73.18
N LEU I 221 11.39 23.43 73.23
CA LEU I 221 11.78 22.88 74.52
C LEU I 221 12.70 23.84 75.28
N CYS I 222 13.60 24.53 74.56
CA CYS I 222 14.53 25.46 75.19
C CYS I 222 13.96 26.86 75.36
N LYS I 223 12.71 27.09 74.97
CA LYS I 223 12.07 28.39 75.10
C LYS I 223 12.91 29.47 74.39
N PHE I 224 13.34 29.14 73.18
CA PHE I 224 14.11 30.08 72.35
C PHE I 224 13.21 30.65 71.26
N GLU I 225 13.42 31.93 70.92
CA GLU I 225 12.71 32.56 69.81
C GLU I 225 13.71 32.62 68.64
N ILE I 226 13.69 31.55 67.83
CA ILE I 226 14.74 31.40 66.82
C ILE I 226 14.72 32.53 65.80
N GLN I 227 13.56 33.14 65.56
CA GLN I 227 13.52 34.17 64.53
C GLN I 227 14.54 35.26 64.85
N GLU I 228 14.78 35.51 66.15
CA GLU I 228 15.64 36.62 66.55
C GLU I 228 17.07 36.44 66.09
N TRP I 229 17.53 35.20 65.93
CA TRP I 229 18.90 34.97 65.46
C TRP I 229 19.03 35.03 63.95
N THR I 230 17.92 35.09 63.21
CA THR I 230 17.97 35.09 61.77
C THR I 230 18.18 36.50 61.22
N SER I 231 18.49 36.58 59.92
CA SER I 231 18.64 37.87 59.28
C SER I 231 17.35 38.68 59.29
N LYS I 232 16.20 37.98 59.39
CA LYS I 232 14.91 38.64 59.45
C LYS I 232 14.28 38.44 60.83
N PRO I 233 14.63 39.27 61.81
CA PRO I 233 14.20 38.99 63.19
C PRO I 233 12.70 39.20 63.44
N MET I 234 11.96 39.87 62.57
CA MET I 234 10.54 40.09 62.79
C MET I 234 9.64 39.20 61.92
N TYR I 235 10.23 38.21 61.23
CA TYR I 235 9.53 37.18 60.47
C TYR I 235 9.34 35.95 61.36
N ARG I 236 8.17 35.83 61.99
CA ARG I 236 7.99 34.82 63.03
C ARG I 236 8.04 33.40 62.51
N ARG I 237 7.67 33.17 61.24
CA ARG I 237 7.85 31.85 60.63
C ARG I 237 9.25 31.84 60.03
N TRP I 238 10.23 31.67 60.93
CA TRP I 238 11.64 31.84 60.59
C TRP I 238 12.12 30.84 59.55
N TRP I 239 11.60 29.62 59.57
CA TRP I 239 12.16 28.57 58.70
C TRP I 239 11.91 28.82 57.22
N GLU I 240 10.92 29.64 56.86
CA GLU I 240 10.57 29.77 55.45
C GLU I 240 11.74 30.31 54.64
N GLN I 241 12.71 30.96 55.28
CA GLN I 241 13.91 31.41 54.57
C GLN I 241 14.93 30.28 54.38
N PHE I 242 14.70 29.11 54.95
CA PHE I 242 15.54 27.94 54.77
C PHE I 242 14.86 26.86 53.95
N VAL I 243 13.56 26.67 54.18
CA VAL I 243 12.77 25.64 53.51
C VAL I 243 11.46 26.28 53.09
N GLN I 244 11.29 26.49 51.79
CA GLN I 244 10.08 27.14 51.31
C GLN I 244 8.90 26.19 51.35
N ASP I 245 7.73 26.76 51.64
CA ASP I 245 6.45 26.04 51.54
C ASP I 245 6.31 24.92 52.58
N VAL I 246 6.71 25.15 53.82
CA VAL I 246 6.50 24.13 54.82
C VAL I 246 5.47 24.65 55.82
N PRO I 247 4.28 24.07 55.87
CA PRO I 247 3.28 24.50 56.87
C PRO I 247 3.61 23.97 58.27
N VAL I 248 3.09 24.69 59.26
CA VAL I 248 3.30 24.33 60.67
C VAL I 248 2.73 22.95 60.97
N ASP I 249 1.59 22.59 60.37
CA ASP I 249 1.04 21.25 60.63
C ASP I 249 2.11 20.20 60.45
N VAL I 250 2.90 20.30 59.39
CA VAL I 250 3.94 19.31 59.13
C VAL I 250 4.95 19.31 60.28
N LEU I 251 5.48 20.50 60.62
CA LEU I 251 6.45 20.58 61.69
C LEU I 251 5.87 20.04 62.99
N GLU I 252 4.55 20.15 63.17
CA GLU I 252 3.94 19.61 64.38
C GLU I 252 3.74 18.10 64.26
N ASP I 253 3.40 17.62 63.06
CA ASP I 253 3.33 16.18 62.85
C ASP I 253 4.67 15.51 63.12
N ILE I 254 5.75 16.11 62.64
CA ILE I 254 7.08 15.52 62.82
C ILE I 254 7.49 15.57 64.29
N CYS I 255 7.36 16.74 64.93
CA CYS I 255 7.76 16.86 66.32
C CYS I 255 6.99 15.86 67.17
N HIS I 256 5.69 15.73 66.90
CA HIS I 256 4.88 14.79 67.64
C HIS I 256 5.46 13.39 67.62
N GLN I 257 5.92 12.93 66.45
CA GLN I 257 6.43 11.57 66.37
C GLN I 257 7.65 11.38 67.25
N ILE I 258 8.54 12.37 67.30
CA ILE I 258 9.71 12.25 68.15
C ILE I 258 9.29 12.23 69.61
N LEU I 259 8.37 13.12 69.97
CA LEU I 259 7.92 13.17 71.36
C LEU I 259 7.22 11.88 71.77
N ASP I 260 6.57 11.20 70.80
CA ASP I 260 5.91 9.94 71.12
C ASP I 260 6.92 8.86 71.46
N LEU I 261 8.03 8.79 70.72
CA LEU I 261 9.05 7.79 71.01
C LEU I 261 9.56 7.93 72.44
N TYR I 262 9.83 9.17 72.84
CA TYR I 262 10.39 9.43 74.16
C TYR I 262 9.42 9.05 75.27
N SER I 263 8.13 9.35 75.09
CA SER I 263 7.14 9.05 76.13
C SER I 263 6.87 7.55 76.20
N GLN I 264 6.76 6.89 75.05
CA GLN I 264 6.53 5.44 75.03
C GLN I 264 7.68 4.69 75.69
N GLY I 265 8.91 4.94 75.24
CA GLY I 265 10.04 4.29 75.86
C GLY I 265 10.32 4.82 77.25
N LYS I 266 9.73 5.97 77.59
CA LYS I 266 9.93 6.66 78.86
C LYS I 266 11.32 7.26 78.96
N GLN I 267 12.17 7.13 77.93
CA GLN I 267 13.45 7.82 77.91
C GLN I 267 13.13 9.32 77.99
N GLN I 268 14.01 10.09 78.61
CA GLN I 268 13.64 11.46 78.97
C GLN I 268 14.12 12.45 77.92
N MET I 269 13.31 13.49 77.72
CA MET I 269 13.62 14.50 76.71
C MET I 269 15.01 15.09 76.94
N PRO I 270 15.71 15.48 75.87
CA PRO I 270 17.11 15.91 76.07
C PRO I 270 17.24 17.12 76.97
N HIS I 271 16.35 18.10 76.83
CA HIS I 271 16.46 19.38 77.55
C HIS I 271 17.46 19.39 78.70
#